data_3N83
#
_entry.id   3N83
#
_cell.length_a   145.129
_cell.length_b   150.993
_cell.length_c   177.695
_cell.angle_alpha   90.000
_cell.angle_beta   90.000
_cell.angle_gamma   90.000
#
_symmetry.space_group_name_H-M   'P 21 21 21'
#
loop_
_entity.id
_entity.type
_entity.pdbx_description
1 polymer 'Aldehyde dehydrogenase, mitochondrial'
2 non-polymer 'SODIUM ION'
3 non-polymer GUANIDINE
4 non-polymer 1,2-ETHANEDIOL
5 non-polymer "ADENOSINE-5'-DIPHOSPHATE"
6 water water
#
_entity_poly.entity_id   1
_entity_poly.type   'polypeptide(L)'
_entity_poly.pdbx_seq_one_letter_code
;SAAATQAVPAPNQQPEVFCNQIFINNEWHDAVSRKTFPTVNPSTGEVICQVAEGDKEDVDKAVKAARAAFQLGSPWRRMD
ASHRGRLLNRLADLIERDRTYLAALETLDNGKPYVISYLVDLDMVLKCLRYYAGWADKYHGKTIPIDGDFFSYTRHEPVG
VCGQIIPWNFPLLMQAWKLGPALATGNVVVMKVAEQTPLTALYVANLIKEAGFPPGVVNIVPGFGPTAGAAIASHEDVDK
VAFAGSTEIGRVIQVAAGSSNLKRVTLELGGKSPNIIMSDADMDWAVEQAHFALFFNQGQCCCAGSRTFVQEDIYDEFVE
RSVARAKSRVVGNPFDSKTEQGPQVDETQFKKILGYINTGKQEGAKLLCGGGIAADRGYFIQPTVFGDVQDGMTIAKEEI
FGPVMQILKFKTIEEVVGRANNSTYGLAAAVFTKDLDKANYLSQALQAGTVWVNCYDVFGAQSPFGGYKMSGSGRELGEY
GLQAYTEVKTVTVKVPQKNS
;
_entity_poly.pdbx_strand_id   A,B,C,D,E,F,G,H
#
# COMPACT_ATOMS: atom_id res chain seq x y z
N ALA A 7 2.64 -20.67 -10.44
CA ALA A 7 3.05 -20.58 -9.01
C ALA A 7 4.56 -20.34 -8.93
N VAL A 8 5.03 -20.06 -7.71
CA VAL A 8 6.44 -19.88 -7.45
C VAL A 8 6.77 -20.75 -6.24
N PRO A 9 7.80 -21.62 -6.33
CA PRO A 9 8.20 -22.44 -5.18
C PRO A 9 8.64 -21.57 -4.01
N ALA A 10 8.34 -22.04 -2.79
CA ALA A 10 8.70 -21.34 -1.57
C ALA A 10 10.20 -21.20 -1.50
N PRO A 11 10.69 -20.00 -1.19
CA PRO A 11 12.13 -19.82 -1.15
C PRO A 11 12.75 -20.31 0.16
N ASN A 12 14.00 -20.75 0.10
CA ASN A 12 14.81 -20.84 1.28
C ASN A 12 15.29 -19.41 1.53
N GLN A 13 14.95 -18.87 2.69
CA GLN A 13 15.22 -17.46 2.96
C GLN A 13 16.61 -17.22 3.53
N GLN A 14 17.33 -18.30 3.82
CA GLN A 14 18.73 -18.25 4.24
C GLN A 14 19.56 -19.31 3.52
N PRO A 15 19.68 -19.18 2.16
CA PRO A 15 20.35 -20.22 1.38
C PRO A 15 21.84 -20.39 1.69
N GLU A 16 22.28 -21.64 1.76
CA GLU A 16 23.67 -21.96 2.01
C GLU A 16 24.54 -21.53 0.83
N VAL A 17 25.65 -20.87 1.15
CA VAL A 17 26.65 -20.45 0.16
C VAL A 17 27.69 -21.56 -0.01
N PHE A 18 27.97 -21.93 -1.26
CA PHE A 18 28.90 -23.04 -1.56
C PHE A 18 30.13 -22.56 -2.29
N CYS A 19 30.02 -21.42 -2.97
CA CYS A 19 31.11 -20.92 -3.80
C CYS A 19 31.44 -19.47 -3.42
N ASN A 20 32.70 -19.25 -3.04
CA ASN A 20 33.13 -17.92 -2.58
C ASN A 20 34.61 -17.63 -2.85
N GLN A 21 35.16 -18.30 -3.86
CA GLN A 21 36.58 -18.22 -4.19
C GLN A 21 36.79 -17.78 -5.64
N ILE A 22 38.04 -17.77 -6.10
CA ILE A 22 38.38 -17.49 -7.50
C ILE A 22 38.30 -18.77 -8.32
N PHE A 23 37.60 -18.68 -9.45
CA PHE A 23 37.38 -19.85 -10.30
C PHE A 23 38.33 -19.77 -11.49
N ILE A 24 39.32 -20.65 -11.52
CA ILE A 24 40.30 -20.70 -12.61
C ILE A 24 40.53 -22.17 -12.93
N ASN A 25 40.45 -22.52 -14.23
CA ASN A 25 40.68 -23.91 -14.67
C ASN A 25 39.75 -24.94 -14.04
N ASN A 26 38.50 -24.52 -13.82
CA ASN A 26 37.47 -25.37 -13.18
C ASN A 26 37.79 -25.77 -11.74
N GLU A 27 38.64 -24.98 -11.09
CA GLU A 27 38.98 -25.22 -9.70
C GLU A 27 38.79 -23.93 -8.89
N TRP A 28 38.65 -24.08 -7.57
CA TRP A 28 38.50 -22.93 -6.69
C TRP A 28 39.83 -22.59 -6.01
N HIS A 29 40.14 -21.30 -6.00
CA HIS A 29 41.41 -20.77 -5.54
C HIS A 29 41.12 -19.62 -4.56
N ASP A 30 41.89 -19.54 -3.48
CA ASP A 30 41.96 -18.30 -2.71
C ASP A 30 42.71 -17.27 -3.53
N ALA A 31 42.52 -15.99 -3.21
CA ALA A 31 43.35 -14.94 -3.79
C ALA A 31 44.81 -15.17 -3.39
N VAL A 32 45.74 -14.78 -4.26
CA VAL A 32 47.16 -14.96 -3.98
C VAL A 32 47.52 -14.26 -2.65
N SER A 33 46.91 -13.10 -2.39
CA SER A 33 47.10 -12.35 -1.14
C SER A 33 46.44 -13.02 0.08
N ARG A 34 45.58 -14.01 -0.17
CA ARG A 34 44.77 -14.67 0.88
C ARG A 34 43.68 -13.76 1.45
N LYS A 35 43.57 -12.55 0.92
CA LYS A 35 42.53 -11.61 1.35
C LYS A 35 41.13 -12.04 0.96
N THR A 36 40.16 -11.67 1.80
CA THR A 36 38.75 -11.79 1.48
C THR A 36 38.02 -10.47 1.73
N PHE A 37 36.90 -10.26 1.05
CA PHE A 37 36.04 -9.12 1.33
C PHE A 37 34.61 -9.61 1.66
N PRO A 38 33.90 -8.90 2.55
CA PRO A 38 32.54 -9.32 2.90
C PRO A 38 31.51 -9.00 1.82
N THR A 39 30.53 -9.88 1.65
CA THR A 39 29.37 -9.51 0.86
C THR A 39 28.15 -9.42 1.77
N VAL A 40 27.43 -8.33 1.61
CA VAL A 40 26.38 -7.92 2.53
C VAL A 40 24.99 -8.24 2.00
N ASN A 41 24.09 -8.64 2.90
CA ASN A 41 22.67 -8.71 2.60
C ASN A 41 22.02 -7.32 2.79
N PRO A 42 21.59 -6.65 1.69
CA PRO A 42 21.04 -5.28 1.72
C PRO A 42 19.66 -5.12 2.39
N SER A 43 18.97 -6.23 2.66
CA SER A 43 17.73 -6.16 3.43
C SER A 43 18.00 -6.02 4.93
N THR A 44 19.15 -6.51 5.39
CA THR A 44 19.46 -6.52 6.82
C THR A 44 20.71 -5.72 7.18
N GLY A 45 21.55 -5.46 6.18
CA GLY A 45 22.83 -4.77 6.39
C GLY A 45 23.91 -5.66 6.96
N GLU A 46 23.59 -6.94 7.14
CA GLU A 46 24.49 -7.93 7.75
C GLU A 46 25.32 -8.71 6.72
N VAL A 47 26.55 -9.06 7.09
CA VAL A 47 27.43 -9.83 6.23
C VAL A 47 26.84 -11.21 5.95
N ILE A 48 26.85 -11.60 4.67
CA ILE A 48 26.45 -12.95 4.27
C ILE A 48 27.63 -13.91 4.45
N CYS A 49 28.78 -13.55 3.87
CA CYS A 49 30.01 -14.36 3.95
C CYS A 49 31.21 -13.59 3.40
N GLN A 50 32.41 -14.17 3.56
CA GLN A 50 33.61 -13.67 2.95
C GLN A 50 33.78 -14.30 1.55
N VAL A 51 34.37 -13.53 0.65
CA VAL A 51 34.62 -13.95 -0.74
C VAL A 51 36.07 -13.61 -1.00
N ALA A 52 36.77 -14.46 -1.75
CA ALA A 52 38.19 -14.22 -2.05
C ALA A 52 38.35 -12.90 -2.80
N GLU A 53 39.33 -12.09 -2.40
CA GLU A 53 39.54 -10.77 -2.99
C GLU A 53 40.61 -10.83 -4.08
N GLY A 54 40.17 -11.05 -5.31
CA GLY A 54 41.08 -11.14 -6.46
C GLY A 54 41.72 -9.81 -6.80
N ASP A 55 42.99 -9.85 -7.16
CA ASP A 55 43.72 -8.67 -7.60
C ASP A 55 44.43 -9.00 -8.93
N LYS A 56 45.31 -8.09 -9.36
CA LYS A 56 46.15 -8.27 -10.57
C LYS A 56 46.77 -9.68 -10.73
N GLU A 57 47.34 -10.23 -9.65
CA GLU A 57 48.02 -11.51 -9.75
C GLU A 57 47.06 -12.68 -10.06
N ASP A 58 45.86 -12.59 -9.49
CA ASP A 58 44.79 -13.57 -9.71
C ASP A 58 44.24 -13.51 -11.14
N VAL A 59 44.07 -12.29 -11.62
CA VAL A 59 43.71 -11.99 -13.01
C VAL A 59 44.77 -12.54 -13.97
N ASP A 60 46.04 -12.39 -13.62
CA ASP A 60 47.14 -12.93 -14.41
C ASP A 60 47.06 -14.42 -14.57
N LYS A 61 46.79 -15.12 -13.46
CA LYS A 61 46.56 -16.57 -13.47
C LYS A 61 45.39 -16.94 -14.37
N ALA A 62 44.33 -16.15 -14.26
CA ALA A 62 43.10 -16.37 -15.01
C ALA A 62 43.32 -16.23 -16.51
N VAL A 63 43.99 -15.16 -16.91
CA VAL A 63 44.30 -14.90 -18.33
C VAL A 63 45.17 -16.00 -18.94
N LYS A 64 46.18 -16.45 -18.19
CA LYS A 64 47.01 -17.59 -18.61
C LYS A 64 46.23 -18.88 -18.82
N ALA A 65 45.33 -19.21 -17.88
CA ALA A 65 44.42 -20.35 -18.03
C ALA A 65 43.55 -20.18 -19.29
N ALA A 66 43.08 -18.97 -19.52
CA ALA A 66 42.19 -18.67 -20.65
C ALA A 66 42.95 -18.79 -21.96
N ARG A 67 44.19 -18.28 -21.97
CA ARG A 67 45.05 -18.34 -23.15
C ARG A 67 45.41 -19.79 -23.52
N ALA A 68 45.70 -20.60 -22.50
CA ALA A 68 45.96 -22.02 -22.67
C ALA A 68 44.76 -22.73 -23.28
N ALA A 69 43.56 -22.44 -22.76
CA ALA A 69 42.36 -23.08 -23.27
C ALA A 69 42.09 -22.72 -24.74
N PHE A 70 42.65 -21.59 -25.18
CA PHE A 70 42.40 -21.05 -26.52
C PHE A 70 43.40 -21.53 -27.57
N GLN A 71 44.41 -22.28 -27.13
CA GLN A 71 45.47 -22.71 -28.04
C GLN A 71 44.96 -23.61 -29.15
N LEU A 72 45.45 -23.36 -30.36
CA LEU A 72 45.09 -24.16 -31.52
C LEU A 72 45.29 -25.64 -31.18
N GLY A 73 44.30 -26.45 -31.52
CA GLY A 73 44.33 -27.87 -31.20
C GLY A 73 43.88 -28.23 -29.79
N SER A 74 43.48 -27.25 -28.98
CA SER A 74 42.95 -27.56 -27.64
C SER A 74 41.56 -28.18 -27.77
N PRO A 75 41.05 -28.82 -26.70
CA PRO A 75 39.70 -29.40 -26.74
C PRO A 75 38.63 -28.35 -27.09
N TRP A 76 38.75 -27.13 -26.55
CA TRP A 76 37.78 -26.09 -26.82
C TRP A 76 37.86 -25.54 -28.26
N ARG A 77 39.07 -25.49 -28.80
CA ARG A 77 39.26 -24.99 -30.16
C ARG A 77 38.81 -26.03 -31.21
N ARG A 78 39.00 -27.33 -30.92
CA ARG A 78 38.67 -28.39 -31.89
C ARG A 78 37.20 -28.81 -31.86
N MET A 79 36.57 -28.59 -30.70
CA MET A 79 35.16 -28.90 -30.46
C MET A 79 34.23 -28.43 -31.59
N ASP A 80 33.29 -29.28 -32.01
CA ASP A 80 32.33 -28.84 -33.03
C ASP A 80 31.52 -27.67 -32.50
N ALA A 81 31.23 -26.71 -33.37
CA ALA A 81 30.36 -25.56 -33.04
C ALA A 81 28.99 -26.02 -32.50
N SER A 82 28.45 -27.08 -33.08
CA SER A 82 27.20 -27.67 -32.59
C SER A 82 27.34 -28.18 -31.14
N HIS A 83 28.49 -28.77 -30.82
CA HIS A 83 28.74 -29.21 -29.45
C HIS A 83 28.84 -28.07 -28.42
N ARG A 84 29.39 -26.92 -28.82
CA ARG A 84 29.31 -25.70 -27.98
C ARG A 84 27.85 -25.33 -27.69
N GLY A 85 26.99 -25.49 -28.70
CA GLY A 85 25.54 -25.36 -28.51
C GLY A 85 25.01 -26.31 -27.45
N ARG A 86 25.34 -27.59 -27.56
CA ARG A 86 24.93 -28.60 -26.58
C ARG A 86 25.39 -28.24 -25.16
N LEU A 87 26.63 -27.77 -25.04
CA LEU A 87 27.18 -27.37 -23.76
C LEU A 87 26.38 -26.21 -23.16
N LEU A 88 26.06 -25.21 -23.99
CA LEU A 88 25.26 -24.07 -23.54
C LEU A 88 23.88 -24.53 -23.12
N ASN A 89 23.29 -25.48 -23.85
CA ASN A 89 21.97 -26.04 -23.48
C ASN A 89 22.01 -26.89 -22.22
N ARG A 90 23.11 -27.60 -22.01
CA ARG A 90 23.32 -28.35 -20.76
C ARG A 90 23.38 -27.38 -19.58
N LEU A 91 24.18 -26.33 -19.71
CA LEU A 91 24.32 -25.31 -18.66
C LEU A 91 22.97 -24.70 -18.26
N ALA A 92 22.17 -24.33 -19.26
CA ALA A 92 20.81 -23.85 -19.04
C ALA A 92 19.94 -24.89 -18.30
N ASP A 93 20.03 -26.16 -18.70
CA ASP A 93 19.32 -27.22 -17.99
C ASP A 93 19.66 -27.28 -16.49
N LEU A 94 20.95 -27.10 -16.16
CA LEU A 94 21.42 -27.10 -14.78
C LEU A 94 20.97 -25.86 -14.02
N ILE A 95 21.03 -24.70 -14.67
CA ILE A 95 20.51 -23.47 -14.05
C ILE A 95 19.04 -23.66 -13.69
N GLU A 96 18.27 -24.17 -14.65
CA GLU A 96 16.86 -24.49 -14.41
C GLU A 96 16.64 -25.54 -13.30
N ARG A 97 17.49 -26.56 -13.26
CA ARG A 97 17.48 -27.51 -12.15
C ARG A 97 17.58 -26.76 -10.81
N ASP A 98 18.54 -25.85 -10.70
CA ASP A 98 18.80 -25.13 -9.45
C ASP A 98 18.13 -23.77 -9.38
N ARG A 99 17.03 -23.61 -10.11
CA ARG A 99 16.34 -22.33 -10.27
C ARG A 99 15.88 -21.74 -8.94
N THR A 100 15.24 -22.56 -8.10
CA THR A 100 14.69 -22.07 -6.81
C THR A 100 15.80 -21.55 -5.91
N TYR A 101 16.91 -22.28 -5.88
CA TYR A 101 18.08 -21.90 -5.10
C TYR A 101 18.74 -20.61 -5.59
N LEU A 102 18.96 -20.53 -6.91
CA LEU A 102 19.61 -19.37 -7.49
C LEU A 102 18.76 -18.11 -7.33
N ALA A 103 17.46 -18.23 -7.58
CA ALA A 103 16.53 -17.11 -7.34
C ALA A 103 16.63 -16.58 -5.90
N ALA A 104 16.63 -17.49 -4.92
CA ALA A 104 16.77 -17.12 -3.51
C ALA A 104 18.13 -16.48 -3.16
N LEU A 105 19.22 -17.08 -3.65
CA LEU A 105 20.56 -16.51 -3.49
C LEU A 105 20.68 -15.12 -4.14
N GLU A 106 20.12 -15.00 -5.34
CA GLU A 106 20.06 -13.72 -6.05
C GLU A 106 19.44 -12.63 -5.18
N THR A 107 18.30 -12.96 -4.55
CA THR A 107 17.58 -12.04 -3.69
C THR A 107 18.38 -11.71 -2.41
N LEU A 108 18.94 -12.74 -1.81
CA LEU A 108 19.77 -12.57 -0.60
C LEU A 108 20.88 -11.55 -0.80
N ASP A 109 21.61 -11.67 -1.90
CA ASP A 109 22.79 -10.84 -2.18
C ASP A 109 22.45 -9.47 -2.80
N ASN A 110 21.42 -9.40 -3.65
CA ASN A 110 21.10 -8.20 -4.43
C ASN A 110 20.00 -7.30 -3.83
N GLY A 111 18.94 -7.95 -3.31
CA GLY A 111 17.82 -7.25 -2.69
C GLY A 111 16.49 -7.39 -3.41
N LYS A 112 16.52 -7.74 -4.70
CA LYS A 112 15.27 -7.78 -5.50
C LYS A 112 14.29 -8.84 -4.99
N PRO A 113 12.96 -8.60 -5.16
CA PRO A 113 11.96 -9.56 -4.66
C PRO A 113 12.20 -10.95 -5.23
N TYR A 114 12.01 -11.97 -4.39
CA TYR A 114 12.28 -13.35 -4.80
C TYR A 114 11.40 -13.77 -5.99
N VAL A 115 10.14 -13.36 -5.96
CA VAL A 115 9.21 -13.70 -7.04
C VAL A 115 9.75 -13.19 -8.38
N ILE A 116 10.45 -12.06 -8.34
CA ILE A 116 11.03 -11.46 -9.54
C ILE A 116 12.33 -12.18 -9.94
N SER A 117 13.21 -12.45 -8.99
CA SER A 117 14.37 -13.29 -9.24
C SER A 117 13.92 -14.59 -9.95
N TYR A 118 12.86 -15.20 -9.43
CA TYR A 118 12.39 -16.48 -9.92
C TYR A 118 11.75 -16.41 -11.32
N LEU A 119 10.76 -15.54 -11.46
CA LEU A 119 9.95 -15.48 -12.68
C LEU A 119 10.55 -14.60 -13.78
N VAL A 120 11.34 -13.60 -13.38
CA VAL A 120 11.91 -12.66 -14.34
C VAL A 120 13.38 -12.96 -14.61
N ASP A 121 14.27 -12.67 -13.64
CA ASP A 121 15.72 -12.85 -13.84
C ASP A 121 16.12 -14.26 -14.30
N LEU A 122 15.66 -15.29 -13.58
CA LEU A 122 16.03 -16.66 -13.92
C LEU A 122 15.44 -17.12 -15.26
N ASP A 123 14.20 -16.72 -15.55
CA ASP A 123 13.57 -16.95 -16.87
C ASP A 123 14.39 -16.34 -18.02
N MET A 124 14.68 -15.05 -17.92
N MET A 124 14.70 -15.05 -17.91
CA MET A 124 15.54 -14.36 -18.89
CA MET A 124 15.53 -14.34 -18.89
C MET A 124 16.92 -15.01 -19.06
C MET A 124 16.98 -14.86 -19.03
N VAL A 125 17.54 -15.43 -17.95
CA VAL A 125 18.84 -16.14 -18.00
C VAL A 125 18.72 -17.43 -18.85
N LEU A 126 17.72 -18.26 -18.55
CA LEU A 126 17.48 -19.47 -19.31
C LEU A 126 17.29 -19.17 -20.81
N LYS A 127 16.45 -18.18 -21.09
CA LYS A 127 16.10 -17.79 -22.45
C LYS A 127 17.32 -17.29 -23.21
N CYS A 128 18.18 -16.53 -22.55
CA CYS A 128 19.39 -15.98 -23.18
C CYS A 128 20.38 -17.09 -23.55
N LEU A 129 20.68 -17.95 -22.59
CA LEU A 129 21.59 -19.07 -22.81
C LEU A 129 21.09 -20.05 -23.87
N ARG A 130 19.77 -20.29 -23.88
CA ARG A 130 19.20 -21.18 -24.88
C ARG A 130 19.14 -20.50 -26.24
N TYR A 131 18.93 -19.19 -26.27
CA TYR A 131 18.95 -18.46 -27.55
C TYR A 131 20.34 -18.61 -28.17
N TYR A 132 21.36 -18.34 -27.36
CA TYR A 132 22.73 -18.33 -27.87
C TYR A 132 23.27 -19.71 -28.22
N ALA A 133 22.83 -20.73 -27.49
CA ALA A 133 23.13 -22.13 -27.81
C ALA A 133 22.79 -22.37 -29.27
N GLY A 134 21.66 -21.81 -29.72
CA GLY A 134 21.18 -21.92 -31.10
C GLY A 134 22.06 -21.24 -32.14
N TRP A 135 22.77 -20.17 -31.76
CA TRP A 135 23.68 -19.44 -32.67
C TRP A 135 25.00 -20.13 -32.94
N ALA A 136 25.36 -21.07 -32.06
CA ALA A 136 26.71 -21.60 -32.01
C ALA A 136 27.23 -22.10 -33.36
N ASP A 137 26.38 -22.77 -34.14
CA ASP A 137 26.80 -23.34 -35.44
C ASP A 137 26.12 -22.66 -36.63
N LYS A 138 25.79 -21.39 -36.49
CA LYS A 138 24.93 -20.70 -37.46
C LYS A 138 25.43 -19.30 -37.87
N TYR A 139 26.56 -18.87 -37.34
CA TYR A 139 27.08 -17.53 -37.62
C TYR A 139 28.11 -17.55 -38.75
N HIS A 140 27.62 -17.70 -39.98
CA HIS A 140 28.45 -18.01 -41.15
C HIS A 140 29.38 -16.89 -41.57
N GLY A 141 30.55 -17.28 -42.06
CA GLY A 141 31.36 -16.37 -42.88
C GLY A 141 30.76 -16.28 -44.29
N LYS A 142 31.49 -15.68 -45.21
CA LYS A 142 31.00 -15.43 -46.57
C LYS A 142 31.91 -16.05 -47.60
N THR A 143 31.34 -16.43 -48.75
CA THR A 143 32.14 -16.62 -49.94
C THR A 143 31.87 -15.46 -50.88
N ILE A 144 32.94 -14.93 -51.45
CA ILE A 144 32.89 -13.57 -51.98
C ILE A 144 33.33 -13.49 -53.44
N PRO A 145 32.46 -12.93 -54.31
CA PRO A 145 32.78 -12.86 -55.74
C PRO A 145 33.74 -11.72 -56.12
N ILE A 146 34.96 -11.80 -55.59
CA ILE A 146 36.06 -10.85 -55.83
C ILE A 146 36.47 -10.83 -57.32
N ASP A 147 37.01 -9.70 -57.79
CA ASP A 147 37.54 -9.59 -59.16
C ASP A 147 38.71 -10.57 -59.39
N GLY A 148 38.88 -11.01 -60.63
CA GLY A 148 40.04 -11.83 -61.00
C GLY A 148 39.96 -13.30 -60.66
N ASP A 149 41.06 -14.00 -60.92
CA ASP A 149 41.14 -15.45 -60.78
C ASP A 149 41.47 -15.89 -59.36
N PHE A 150 40.49 -15.69 -58.48
CA PHE A 150 40.62 -15.95 -57.05
C PHE A 150 39.33 -16.49 -56.47
N PHE A 151 39.50 -17.36 -55.47
CA PHE A 151 38.46 -17.75 -54.51
C PHE A 151 38.72 -17.03 -53.20
N SER A 152 37.75 -16.21 -52.79
CA SER A 152 37.88 -15.37 -51.61
C SER A 152 36.72 -15.66 -50.66
N TYR A 153 37.07 -15.86 -49.40
CA TYR A 153 36.08 -16.18 -48.38
C TYR A 153 36.53 -15.63 -47.05
N THR A 154 35.60 -15.54 -46.11
CA THR A 154 35.91 -15.11 -44.74
C THR A 154 35.61 -16.24 -43.77
N ARG A 155 36.52 -16.43 -42.82
CA ARG A 155 36.30 -17.26 -41.64
C ARG A 155 35.85 -16.36 -40.49
N HIS A 156 34.79 -16.74 -39.81
CA HIS A 156 34.44 -16.05 -38.57
C HIS A 156 35.11 -16.79 -37.41
N GLU A 157 36.18 -16.20 -36.90
CA GLU A 157 36.97 -16.82 -35.83
C GLU A 157 36.60 -16.17 -34.51
N PRO A 158 36.99 -16.79 -33.38
CA PRO A 158 36.72 -16.12 -32.11
C PRO A 158 37.71 -14.98 -31.94
N VAL A 159 37.28 -13.97 -31.19
CA VAL A 159 38.15 -12.82 -30.92
C VAL A 159 39.30 -13.26 -29.99
N GLY A 160 39.04 -14.24 -29.13
CA GLY A 160 40.06 -14.82 -28.25
C GLY A 160 39.76 -14.68 -26.77
N VAL A 161 40.74 -14.14 -26.04
CA VAL A 161 40.59 -13.91 -24.60
C VAL A 161 39.74 -12.67 -24.32
N CYS A 162 38.52 -12.91 -23.84
CA CYS A 162 37.58 -11.83 -23.58
C CYS A 162 37.46 -11.52 -22.11
N GLY A 163 37.77 -10.26 -21.78
CA GLY A 163 37.52 -9.77 -20.44
C GLY A 163 36.09 -9.29 -20.33
N GLN A 164 35.40 -9.71 -19.28
CA GLN A 164 34.02 -9.29 -19.08
C GLN A 164 33.81 -8.79 -17.66
N ILE A 165 33.57 -7.48 -17.55
CA ILE A 165 33.40 -6.80 -16.26
C ILE A 165 31.94 -6.40 -16.12
N ILE A 166 31.27 -6.98 -15.12
CA ILE A 166 29.83 -6.81 -15.00
C ILE A 166 29.39 -6.11 -13.72
N PRO A 167 28.19 -5.48 -13.75
CA PRO A 167 27.69 -4.74 -12.59
C PRO A 167 26.74 -5.59 -11.73
N TRP A 168 26.17 -4.97 -10.70
CA TRP A 168 25.45 -5.67 -9.63
C TRP A 168 23.92 -5.68 -9.78
N ASN A 169 23.37 -4.96 -10.75
CA ASN A 169 21.90 -4.76 -10.81
C ASN A 169 21.08 -5.97 -11.27
N PHE A 170 21.64 -6.73 -12.21
CA PHE A 170 21.08 -8.01 -12.62
C PHE A 170 22.25 -8.99 -12.67
N PRO A 171 22.70 -9.47 -11.50
CA PRO A 171 23.96 -10.23 -11.43
C PRO A 171 23.96 -11.49 -12.32
N LEU A 172 22.90 -12.28 -12.27
CA LEU A 172 22.84 -13.50 -13.07
C LEU A 172 22.56 -13.22 -14.54
N LEU A 173 21.66 -12.28 -14.80
CA LEU A 173 21.29 -11.94 -16.18
C LEU A 173 22.48 -11.35 -16.95
N MET A 174 23.25 -10.46 -16.32
CA MET A 174 24.38 -9.82 -16.99
C MET A 174 25.49 -10.85 -17.22
N GLN A 175 25.60 -11.82 -16.33
CA GLN A 175 26.52 -12.93 -16.56
C GLN A 175 26.13 -13.69 -17.83
N ALA A 176 24.83 -14.02 -17.95
CA ALA A 176 24.30 -14.77 -19.10
C ALA A 176 24.42 -13.99 -20.41
N TRP A 177 24.17 -12.68 -20.35
CA TRP A 177 24.28 -11.81 -21.52
C TRP A 177 25.71 -11.79 -22.08
N LYS A 178 26.68 -11.94 -21.18
CA LYS A 178 28.11 -11.99 -21.53
C LYS A 178 28.53 -13.35 -22.03
N LEU A 179 28.21 -14.37 -21.25
CA LEU A 179 28.68 -15.71 -21.54
C LEU A 179 28.00 -16.31 -22.77
N GLY A 180 26.72 -16.02 -22.98
CA GLY A 180 25.97 -16.56 -24.12
C GLY A 180 26.67 -16.35 -25.46
N PRO A 181 26.87 -15.07 -25.88
CA PRO A 181 27.51 -14.81 -27.19
C PRO A 181 29.01 -15.19 -27.24
N ALA A 182 29.72 -14.94 -26.14
CA ALA A 182 31.14 -15.32 -26.06
C ALA A 182 31.38 -16.82 -26.28
N LEU A 183 30.67 -17.68 -25.53
CA LEU A 183 30.85 -19.13 -25.67
C LEU A 183 30.25 -19.70 -26.96
N ALA A 184 29.14 -19.13 -27.43
CA ALA A 184 28.54 -19.62 -28.68
C ALA A 184 29.53 -19.46 -29.86
N THR A 185 30.35 -18.42 -29.80
CA THR A 185 31.35 -18.16 -30.85
C THR A 185 32.76 -18.68 -30.53
N GLY A 186 32.88 -19.46 -29.45
CA GLY A 186 34.12 -20.19 -29.15
C GLY A 186 35.23 -19.38 -28.48
N ASN A 187 34.89 -18.27 -27.85
CA ASN A 187 35.88 -17.47 -27.12
C ASN A 187 36.17 -18.08 -25.76
N VAL A 188 37.14 -17.49 -25.07
CA VAL A 188 37.42 -17.83 -23.66
C VAL A 188 37.27 -16.58 -22.80
N VAL A 189 36.87 -16.76 -21.56
CA VAL A 189 36.37 -15.67 -20.72
C VAL A 189 37.14 -15.53 -19.40
N VAL A 190 37.49 -14.28 -19.09
CA VAL A 190 37.88 -13.87 -17.74
C VAL A 190 36.89 -12.80 -17.27
N MET A 191 36.07 -13.19 -16.31
CA MET A 191 34.94 -12.37 -15.89
C MET A 191 35.14 -11.80 -14.49
N LYS A 192 34.96 -10.49 -14.37
CA LYS A 192 35.04 -9.81 -13.10
C LYS A 192 33.63 -9.45 -12.66
N VAL A 193 33.15 -10.12 -11.62
CA VAL A 193 31.80 -9.84 -11.11
C VAL A 193 31.82 -8.71 -10.09
N ALA A 194 30.67 -8.08 -9.88
CA ALA A 194 30.55 -6.95 -8.97
C ALA A 194 30.79 -7.40 -7.52
N GLU A 195 31.49 -6.56 -6.75
CA GLU A 195 31.78 -6.88 -5.36
C GLU A 195 30.52 -6.99 -4.49
N GLN A 196 29.46 -6.28 -4.87
CA GLN A 196 28.19 -6.26 -4.14
C GLN A 196 27.36 -7.53 -4.30
N THR A 197 27.59 -8.26 -5.39
CA THR A 197 26.78 -9.42 -5.77
C THR A 197 27.64 -10.47 -6.49
N PRO A 198 28.70 -11.02 -5.83
CA PRO A 198 29.50 -12.03 -6.51
C PRO A 198 28.94 -13.45 -6.47
N LEU A 199 28.02 -13.70 -5.53
CA LEU A 199 27.67 -15.06 -5.14
C LEU A 199 26.99 -15.94 -6.22
N THR A 200 25.94 -15.44 -6.85
CA THR A 200 25.23 -16.25 -7.84
C THR A 200 26.10 -16.64 -9.04
N ALA A 201 26.92 -15.70 -9.49
CA ALA A 201 27.83 -15.93 -10.61
C ALA A 201 28.82 -17.04 -10.32
N LEU A 202 29.31 -17.09 -9.08
CA LEU A 202 30.23 -18.13 -8.61
C LEU A 202 29.60 -19.50 -8.53
N TYR A 203 28.34 -19.56 -8.09
CA TYR A 203 27.64 -20.83 -8.09
C TYR A 203 27.47 -21.35 -9.53
N VAL A 204 27.09 -20.45 -10.43
CA VAL A 204 26.95 -20.77 -11.87
C VAL A 204 28.27 -21.30 -12.47
N ALA A 205 29.41 -20.83 -11.98
CA ALA A 205 30.72 -21.39 -12.37
C ALA A 205 30.85 -22.87 -12.07
N ASN A 206 30.33 -23.29 -10.92
CA ASN A 206 30.21 -24.72 -10.59
C ASN A 206 29.37 -25.49 -11.61
N LEU A 207 28.34 -24.83 -12.13
CA LEU A 207 27.45 -25.44 -13.09
C LEU A 207 28.14 -25.53 -14.45
N ILE A 208 28.97 -24.54 -14.77
CA ILE A 208 29.80 -24.55 -15.97
C ILE A 208 30.70 -25.77 -15.98
N LYS A 209 31.40 -25.99 -14.86
CA LYS A 209 32.21 -27.17 -14.63
C LYS A 209 31.38 -28.46 -14.78
N GLU A 210 30.23 -28.53 -14.10
CA GLU A 210 29.35 -29.68 -14.19
C GLU A 210 28.86 -29.93 -15.62
N ALA A 211 28.54 -28.87 -16.35
CA ALA A 211 28.04 -28.99 -17.74
C ALA A 211 29.07 -29.57 -18.72
N GLY A 212 30.35 -29.45 -18.37
CA GLY A 212 31.42 -30.08 -19.14
C GLY A 212 32.26 -29.12 -19.98
N PHE A 213 32.23 -27.84 -19.67
CA PHE A 213 33.12 -26.89 -20.39
C PHE A 213 34.59 -27.19 -20.07
N PRO A 214 35.47 -27.22 -21.10
CA PRO A 214 36.88 -27.48 -20.75
C PRO A 214 37.42 -26.46 -19.75
N PRO A 215 38.40 -26.87 -18.91
CA PRO A 215 39.08 -25.99 -17.97
C PRO A 215 39.73 -24.80 -18.65
N GLY A 216 39.50 -23.61 -18.09
CA GLY A 216 40.12 -22.38 -18.60
C GLY A 216 39.26 -21.62 -19.60
N VAL A 217 38.15 -22.22 -20.03
CA VAL A 217 37.21 -21.57 -20.94
C VAL A 217 36.44 -20.43 -20.23
N VAL A 218 35.97 -20.68 -19.01
CA VAL A 218 35.38 -19.61 -18.18
C VAL A 218 36.13 -19.51 -16.86
N ASN A 219 36.69 -18.33 -16.59
CA ASN A 219 37.36 -18.05 -15.33
C ASN A 219 36.69 -16.85 -14.68
N ILE A 220 36.35 -16.96 -13.39
CA ILE A 220 35.73 -15.85 -12.66
C ILE A 220 36.66 -15.32 -11.52
N VAL A 221 36.88 -14.02 -11.50
CA VAL A 221 37.70 -13.38 -10.46
C VAL A 221 36.87 -12.36 -9.70
N PRO A 222 36.34 -12.72 -8.52
CA PRO A 222 35.65 -11.70 -7.72
C PRO A 222 36.67 -10.71 -7.14
N GLY A 223 36.23 -9.48 -6.88
CA GLY A 223 37.13 -8.46 -6.34
C GLY A 223 36.68 -7.04 -6.70
N PHE A 224 37.54 -6.09 -6.39
CA PHE A 224 37.21 -4.68 -6.58
C PHE A 224 37.54 -4.20 -7.99
N GLY A 225 36.99 -3.05 -8.36
CA GLY A 225 37.18 -2.50 -9.70
C GLY A 225 38.58 -2.02 -10.01
N PRO A 226 39.14 -1.13 -9.15
CA PRO A 226 40.44 -0.56 -9.47
C PRO A 226 41.57 -1.59 -9.38
N THR A 227 41.32 -2.71 -8.73
CA THR A 227 42.31 -3.76 -8.67
C THR A 227 42.04 -4.77 -9.78
N ALA A 228 41.03 -5.64 -9.59
CA ALA A 228 40.76 -6.74 -10.50
C ALA A 228 40.27 -6.27 -11.86
N GLY A 229 39.31 -5.34 -11.86
CA GLY A 229 38.77 -4.78 -13.10
C GLY A 229 39.77 -4.09 -14.01
N ALA A 230 40.56 -3.16 -13.43
CA ALA A 230 41.63 -2.48 -14.15
C ALA A 230 42.73 -3.44 -14.65
N ALA A 231 43.02 -4.48 -13.86
CA ALA A 231 43.99 -5.52 -14.26
C ALA A 231 43.58 -6.19 -15.59
N ILE A 232 42.29 -6.48 -15.73
CA ILE A 232 41.75 -7.09 -16.95
C ILE A 232 41.81 -6.12 -18.14
N ALA A 233 41.36 -4.89 -17.93
CA ALA A 233 41.27 -3.89 -19.00
C ALA A 233 42.65 -3.46 -19.54
N SER A 234 43.67 -3.54 -18.68
CA SER A 234 45.05 -3.18 -19.08
C SER A 234 45.95 -4.39 -19.35
N HIS A 235 45.36 -5.58 -19.35
CA HIS A 235 46.15 -6.79 -19.54
C HIS A 235 46.66 -6.93 -20.95
N GLU A 236 47.93 -7.26 -21.08
CA GLU A 236 48.58 -7.38 -22.37
C GLU A 236 48.10 -8.54 -23.25
N ASP A 237 47.41 -9.50 -22.64
CA ASP A 237 47.00 -10.71 -23.36
C ASP A 237 45.49 -10.96 -23.30
N VAL A 238 44.74 -9.91 -23.04
CA VAL A 238 43.29 -9.98 -23.14
C VAL A 238 43.04 -9.37 -24.53
N ASP A 239 42.35 -10.12 -25.38
CA ASP A 239 42.07 -9.69 -26.76
C ASP A 239 40.92 -8.70 -26.89
N LYS A 240 39.99 -8.75 -25.94
CA LYS A 240 38.74 -8.01 -26.03
C LYS A 240 38.20 -7.77 -24.62
N VAL A 241 37.70 -6.56 -24.37
CA VAL A 241 37.00 -6.27 -23.12
C VAL A 241 35.54 -5.81 -23.38
N ALA A 242 34.61 -6.38 -22.64
CA ALA A 242 33.23 -5.88 -22.60
C ALA A 242 32.95 -5.35 -21.20
N PHE A 243 32.45 -4.12 -21.12
CA PHE A 243 32.21 -3.49 -19.80
C PHE A 243 30.80 -2.95 -19.68
N ALA A 244 30.15 -3.30 -18.58
CA ALA A 244 28.83 -2.76 -18.26
C ALA A 244 28.91 -2.13 -16.87
N GLY A 245 28.47 -0.88 -16.79
CA GLY A 245 28.60 -0.11 -15.56
C GLY A 245 28.33 1.35 -15.84
N SER A 246 29.01 2.22 -15.09
CA SER A 246 28.76 3.66 -15.19
C SER A 246 29.49 4.24 -16.37
N THR A 247 28.94 5.32 -16.92
CA THR A 247 29.61 6.10 -17.96
C THR A 247 31.01 6.52 -17.51
N GLU A 248 31.14 6.87 -16.23
CA GLU A 248 32.41 7.30 -15.64
C GLU A 248 33.56 6.27 -15.76
N ILE A 249 33.28 5.01 -15.43
CA ILE A 249 34.27 3.92 -15.51
C ILE A 249 34.44 3.37 -16.94
N GLY A 250 33.44 3.63 -17.79
CA GLY A 250 33.55 3.31 -19.21
C GLY A 250 34.74 4.03 -19.82
N ARG A 251 34.88 5.30 -19.45
CA ARG A 251 36.01 6.15 -19.85
C ARG A 251 37.35 5.54 -19.47
N VAL A 252 37.41 5.04 -18.24
CA VAL A 252 38.61 4.38 -17.69
C VAL A 252 38.96 3.16 -18.54
N ILE A 253 37.95 2.39 -18.91
CA ILE A 253 38.11 1.14 -19.66
C ILE A 253 38.70 1.41 -21.06
N GLN A 254 38.11 2.37 -21.77
CA GLN A 254 38.57 2.69 -23.12
C GLN A 254 39.99 3.24 -23.12
N VAL A 255 40.29 4.11 -22.15
CA VAL A 255 41.67 4.61 -21.98
C VAL A 255 42.67 3.48 -21.68
N ALA A 256 42.27 2.54 -20.82
CA ALA A 256 43.12 1.38 -20.45
C ALA A 256 43.42 0.53 -21.68
N ALA A 257 42.37 0.18 -22.40
CA ALA A 257 42.50 -0.52 -23.68
C ALA A 257 43.51 0.15 -24.62
N GLY A 258 43.39 1.46 -24.80
CA GLY A 258 44.26 2.23 -25.70
C GLY A 258 45.69 2.38 -25.20
N SER A 259 45.83 2.49 -23.88
CA SER A 259 47.14 2.60 -23.22
C SER A 259 47.89 1.28 -23.17
N SER A 260 47.18 0.16 -23.37
CA SER A 260 47.82 -1.16 -23.27
C SER A 260 48.08 -1.84 -24.62
N ASN A 261 47.18 -2.72 -25.03
CA ASN A 261 47.41 -3.56 -26.20
C ASN A 261 46.40 -3.35 -27.34
N LEU A 262 45.64 -2.26 -27.27
CA LEU A 262 44.63 -1.95 -28.30
C LEU A 262 43.60 -3.08 -28.44
N LYS A 263 43.25 -3.71 -27.33
CA LYS A 263 42.15 -4.68 -27.30
C LYS A 263 40.84 -4.04 -27.75
N ARG A 264 39.98 -4.86 -28.34
CA ARG A 264 38.69 -4.41 -28.80
CA ARG A 264 38.67 -4.40 -28.79
C ARG A 264 37.79 -4.10 -27.57
N VAL A 265 36.96 -3.07 -27.68
CA VAL A 265 36.13 -2.63 -26.54
C VAL A 265 34.64 -2.45 -26.91
N THR A 266 33.75 -3.02 -26.09
CA THR A 266 32.33 -2.64 -26.08
C THR A 266 31.91 -2.17 -24.69
N LEU A 267 30.92 -1.29 -24.66
CA LEU A 267 30.48 -0.65 -23.43
C LEU A 267 28.97 -0.55 -23.36
N GLU A 268 28.43 -0.86 -22.19
CA GLU A 268 27.02 -0.66 -21.92
C GLU A 268 26.97 0.19 -20.66
N LEU A 269 26.60 1.46 -20.82
CA LEU A 269 26.73 2.43 -19.73
C LEU A 269 25.37 2.95 -19.23
N GLY A 270 25.37 4.12 -18.62
CA GLY A 270 24.14 4.64 -18.04
C GLY A 270 23.08 5.11 -19.03
N GLY A 271 22.02 5.68 -18.48
CA GLY A 271 20.98 6.32 -19.27
C GLY A 271 20.22 7.34 -18.45
N LYS A 272 19.49 8.18 -19.16
CA LYS A 272 18.44 9.00 -18.57
C LYS A 272 17.30 8.96 -19.59
N SER A 273 16.68 7.79 -19.73
CA SER A 273 15.80 7.49 -20.84
C SER A 273 14.46 8.20 -20.76
N PRO A 274 14.07 8.88 -21.85
CA PRO A 274 12.77 9.57 -21.86
C PRO A 274 11.62 8.63 -22.19
N ASN A 275 10.51 8.81 -21.47
CA ASN A 275 9.29 8.03 -21.69
C ASN A 275 8.22 9.05 -22.01
N ILE A 276 7.74 9.02 -23.26
CA ILE A 276 6.92 10.11 -23.78
C ILE A 276 5.46 9.70 -23.92
N ILE A 277 4.61 10.41 -23.18
CA ILE A 277 3.19 10.11 -23.14
C ILE A 277 2.41 11.16 -23.92
N MET A 278 1.90 10.75 -25.09
CA MET A 278 1.08 11.63 -25.90
C MET A 278 -0.33 11.67 -25.31
N SER A 279 -1.03 12.77 -25.54
CA SER A 279 -2.38 12.94 -25.00
C SER A 279 -3.38 11.86 -25.47
N ASP A 280 -3.09 11.20 -26.59
CA ASP A 280 -3.97 10.13 -27.09
C ASP A 280 -3.59 8.72 -26.60
N ALA A 281 -2.68 8.66 -25.62
CA ALA A 281 -2.30 7.38 -25.02
C ALA A 281 -3.47 6.71 -24.29
N ASP A 282 -3.42 5.39 -24.17
CA ASP A 282 -4.35 4.68 -23.28
C ASP A 282 -3.92 5.09 -21.87
N MET A 283 -4.73 5.89 -21.18
CA MET A 283 -4.31 6.48 -19.90
C MET A 283 -3.87 5.44 -18.85
N ASP A 284 -4.74 4.48 -18.55
CA ASP A 284 -4.47 3.50 -17.50
C ASP A 284 -3.23 2.68 -17.81
N TRP A 285 -3.10 2.24 -19.06
CA TRP A 285 -1.94 1.49 -19.50
C TRP A 285 -0.64 2.31 -19.38
N ALA A 286 -0.69 3.55 -19.89
CA ALA A 286 0.46 4.47 -19.86
C ALA A 286 0.91 4.76 -18.42
N VAL A 287 -0.04 4.95 -17.50
CA VAL A 287 0.29 5.16 -16.08
C VAL A 287 1.00 3.92 -15.50
N GLU A 288 0.42 2.74 -15.71
CA GLU A 288 1.04 1.51 -15.17
C GLU A 288 2.43 1.24 -15.74
N GLN A 289 2.57 1.42 -17.04
CA GLN A 289 3.85 1.19 -17.72
C GLN A 289 4.95 2.21 -17.32
N ALA A 290 4.57 3.47 -17.17
CA ALA A 290 5.51 4.52 -16.73
C ALA A 290 6.03 4.24 -15.30
N HIS A 291 5.15 3.70 -14.47
CA HIS A 291 5.50 3.28 -13.11
C HIS A 291 6.54 2.16 -13.16
N PHE A 292 6.19 1.06 -13.82
CA PHE A 292 7.13 -0.01 -14.17
C PHE A 292 8.45 0.49 -14.75
N ALA A 293 8.37 1.33 -15.79
CA ALA A 293 9.55 1.84 -16.51
C ALA A 293 10.55 2.52 -15.58
N LEU A 294 10.05 3.11 -14.51
CA LEU A 294 10.90 3.81 -13.57
C LEU A 294 11.28 2.95 -12.38
N PHE A 295 10.29 2.30 -11.77
CA PHE A 295 10.49 1.66 -10.47
C PHE A 295 11.02 0.22 -10.51
N PHE A 296 11.03 -0.39 -11.70
CA PHE A 296 11.51 -1.76 -11.87
C PHE A 296 12.91 -1.97 -11.27
N ASN A 297 13.10 -3.11 -10.60
CA ASN A 297 14.38 -3.48 -9.97
C ASN A 297 14.91 -2.40 -9.02
N GLN A 298 14.04 -1.82 -8.21
CA GLN A 298 14.42 -0.74 -7.25
C GLN A 298 14.97 0.51 -7.96
N GLY A 299 14.49 0.79 -9.17
CA GLY A 299 15.03 1.88 -9.99
C GLY A 299 16.44 1.60 -10.54
N GLN A 300 16.95 0.41 -10.26
CA GLN A 300 18.31 0.05 -10.62
C GLN A 300 18.36 -0.60 -12.02
N CYS A 301 18.01 0.19 -13.03
N CYS A 301 17.97 0.19 -13.02
CA CYS A 301 18.00 -0.29 -14.40
CA CYS A 301 17.98 -0.22 -14.42
C CYS A 301 18.62 0.75 -15.32
C CYS A 301 18.70 0.80 -15.26
N CYS A 302 19.64 0.35 -16.07
CA CYS A 302 20.34 1.22 -17.04
C CYS A 302 19.37 2.05 -17.88
N CYS A 303 18.28 1.43 -18.35
CA CYS A 303 17.35 2.06 -19.26
C CYS A 303 16.05 2.52 -18.58
N ALA A 304 16.10 2.77 -17.28
CA ALA A 304 14.92 3.28 -16.55
C ALA A 304 14.30 4.52 -17.23
N GLY A 305 12.96 4.50 -17.29
CA GLY A 305 12.16 5.63 -17.78
C GLY A 305 12.17 6.78 -16.78
N SER A 306 13.34 7.39 -16.64
CA SER A 306 13.61 8.40 -15.62
C SER A 306 13.31 9.84 -16.04
N ARG A 307 12.91 10.02 -17.29
CA ARG A 307 12.31 11.27 -17.73
C ARG A 307 10.95 10.97 -18.32
N THR A 308 9.90 11.23 -17.52
CA THR A 308 8.52 10.99 -17.94
C THR A 308 7.90 12.28 -18.49
N PHE A 309 7.84 12.39 -19.81
CA PHE A 309 7.26 13.54 -20.50
C PHE A 309 5.81 13.28 -20.75
N VAL A 310 4.94 14.18 -20.29
CA VAL A 310 3.49 14.01 -20.36
C VAL A 310 2.87 15.25 -21.02
N GLN A 311 2.09 15.03 -22.08
N GLN A 311 2.06 15.03 -22.06
CA GLN A 311 1.42 16.12 -22.80
CA GLN A 311 1.47 16.12 -22.84
C GLN A 311 0.58 16.89 -21.82
C GLN A 311 0.40 16.89 -22.02
N GLU A 312 0.55 18.21 -21.98
CA GLU A 312 -0.19 19.11 -21.06
C GLU A 312 -1.67 18.80 -20.78
N ASP A 313 -2.43 18.39 -21.80
CA ASP A 313 -3.85 18.08 -21.64
C ASP A 313 -4.14 16.91 -20.72
N ILE A 314 -3.21 15.98 -20.60
CA ILE A 314 -3.43 14.84 -19.73
C ILE A 314 -2.52 14.85 -18.51
N TYR A 315 -1.69 15.88 -18.39
CA TYR A 315 -0.70 15.97 -17.30
C TYR A 315 -1.28 15.75 -15.90
N ASP A 316 -2.30 16.54 -15.55
CA ASP A 316 -2.89 16.53 -14.21
C ASP A 316 -3.38 15.15 -13.79
N GLU A 317 -4.17 14.52 -14.66
CA GLU A 317 -4.72 13.20 -14.40
C GLU A 317 -3.64 12.12 -14.35
N PHE A 318 -2.66 12.23 -15.25
CA PHE A 318 -1.54 11.32 -15.30
C PHE A 318 -0.79 11.39 -13.98
N VAL A 319 -0.48 12.62 -13.55
CA VAL A 319 0.24 12.84 -12.30
C VAL A 319 -0.55 12.32 -11.10
N GLU A 320 -1.84 12.64 -11.02
CA GLU A 320 -2.69 12.07 -9.97
C GLU A 320 -2.62 10.55 -9.92
N ARG A 321 -2.77 9.91 -11.07
CA ARG A 321 -2.76 8.45 -11.13
C ARG A 321 -1.40 7.87 -10.79
N SER A 322 -0.34 8.55 -11.23
CA SER A 322 1.03 8.11 -10.95
C SER A 322 1.36 8.20 -9.46
N VAL A 323 0.84 9.22 -8.78
CA VAL A 323 1.07 9.40 -7.35
C VAL A 323 0.43 8.27 -6.57
N ALA A 324 -0.81 7.93 -6.92
CA ALA A 324 -1.57 6.91 -6.25
C ALA A 324 -0.88 5.56 -6.33
N ARG A 325 -0.32 5.26 -7.51
CA ARG A 325 0.40 4.02 -7.75
C ARG A 325 1.71 3.94 -6.98
N ALA A 326 2.47 5.04 -6.95
CA ALA A 326 3.70 5.10 -6.16
C ALA A 326 3.43 4.98 -4.66
N LYS A 327 2.36 5.65 -4.19
CA LYS A 327 1.91 5.53 -2.79
C LYS A 327 1.49 4.11 -2.39
N SER A 328 0.95 3.34 -3.34
CA SER A 328 0.54 1.97 -3.05
C SER A 328 1.56 0.88 -3.41
N ARG A 329 2.75 1.29 -3.83
CA ARG A 329 3.83 0.33 -4.14
C ARG A 329 4.42 -0.25 -2.83
N VAL A 330 4.46 -1.59 -2.73
CA VAL A 330 4.83 -2.24 -1.47
C VAL A 330 6.34 -2.44 -1.31
N VAL A 331 6.93 -1.67 -0.40
CA VAL A 331 8.35 -1.80 -0.03
C VAL A 331 8.46 -2.69 1.21
N GLY A 332 9.30 -3.71 1.14
CA GLY A 332 9.49 -4.61 2.28
C GLY A 332 10.47 -5.74 2.03
N ASN A 333 10.50 -6.69 2.97
CA ASN A 333 11.28 -7.92 2.87
C ASN A 333 11.08 -8.53 1.47
N PRO A 334 12.18 -8.66 0.68
CA PRO A 334 12.04 -9.18 -0.66
C PRO A 334 11.60 -10.65 -0.73
N PHE A 335 11.70 -11.39 0.40
CA PHE A 335 11.18 -12.78 0.45
C PHE A 335 9.64 -12.88 0.68
N ASP A 336 8.99 -11.78 1.05
CA ASP A 336 7.52 -11.75 1.16
C ASP A 336 6.92 -11.66 -0.23
N SER A 337 5.96 -12.51 -0.55
CA SER A 337 5.39 -12.54 -1.89
C SER A 337 4.74 -11.20 -2.28
N LYS A 338 4.31 -10.42 -1.30
CA LYS A 338 3.56 -9.20 -1.58
C LYS A 338 4.45 -8.01 -1.89
N THR A 339 5.75 -8.17 -1.64
CA THR A 339 6.72 -7.10 -1.80
C THR A 339 7.00 -6.81 -3.28
N GLU A 340 6.78 -5.56 -3.65
CA GLU A 340 7.07 -5.05 -4.99
C GLU A 340 8.48 -4.46 -5.09
N GLN A 341 8.97 -3.92 -3.97
CA GLN A 341 10.23 -3.20 -3.94
C GLN A 341 11.09 -3.62 -2.75
N GLY A 342 12.27 -4.19 -3.03
CA GLY A 342 13.23 -4.53 -1.98
C GLY A 342 14.11 -3.33 -1.60
N PRO A 343 15.25 -3.60 -0.96
CA PRO A 343 16.21 -2.56 -0.63
C PRO A 343 17.09 -2.19 -1.82
N GLN A 344 17.74 -1.03 -1.75
CA GLN A 344 18.81 -0.71 -2.69
C GLN A 344 20.02 -1.59 -2.36
N VAL A 345 20.92 -1.78 -3.33
CA VAL A 345 21.97 -2.82 -3.23
C VAL A 345 22.99 -2.64 -2.09
N ASP A 346 23.29 -1.39 -1.73
CA ASP A 346 24.22 -1.11 -0.63
C ASP A 346 24.07 0.30 -0.03
N GLU A 347 24.86 0.57 1.00
CA GLU A 347 24.83 1.84 1.69
C GLU A 347 25.23 3.02 0.80
N THR A 348 26.27 2.85 -0.01
CA THR A 348 26.73 3.91 -0.92
C THR A 348 25.62 4.36 -1.87
N GLN A 349 24.94 3.38 -2.46
CA GLN A 349 23.77 3.63 -3.30
C GLN A 349 22.64 4.32 -2.53
N PHE A 350 22.31 3.77 -1.37
CA PHE A 350 21.30 4.30 -0.45
C PHE A 350 21.52 5.79 -0.19
N LYS A 351 22.76 6.13 0.17
CA LYS A 351 23.13 7.51 0.51
C LYS A 351 23.07 8.42 -0.73
N LYS A 352 23.45 7.88 -1.87
CA LYS A 352 23.50 8.66 -3.11
C LYS A 352 22.11 9.03 -3.62
N ILE A 353 21.18 8.08 -3.54
CA ILE A 353 19.78 8.31 -3.93
C ILE A 353 19.14 9.36 -3.01
N LEU A 354 19.37 9.21 -1.70
CA LEU A 354 18.87 10.18 -0.72
C LEU A 354 19.49 11.57 -0.98
N GLY A 355 20.74 11.60 -1.41
CA GLY A 355 21.35 12.85 -1.87
C GLY A 355 20.61 13.49 -3.03
N TYR A 356 20.22 12.67 -4.01
CA TYR A 356 19.47 13.15 -5.18
C TYR A 356 18.08 13.70 -4.87
N ILE A 357 17.37 13.04 -3.94
CA ILE A 357 16.05 13.51 -3.50
C ILE A 357 16.20 14.90 -2.85
N ASN A 358 17.21 15.03 -2.00
CA ASN A 358 17.57 16.33 -1.43
C ASN A 358 17.76 17.43 -2.49
N THR A 359 18.59 17.15 -3.50
CA THR A 359 18.86 18.07 -4.60
C THR A 359 17.59 18.42 -5.37
N GLY A 360 16.73 17.41 -5.58
CA GLY A 360 15.43 17.60 -6.23
C GLY A 360 14.54 18.58 -5.51
N LYS A 361 14.36 18.37 -4.21
CA LYS A 361 13.63 19.30 -3.35
C LYS A 361 14.22 20.72 -3.39
N GLN A 362 15.54 20.82 -3.33
CA GLN A 362 16.26 22.09 -3.33
C GLN A 362 16.14 22.88 -4.63
N GLU A 363 16.24 22.19 -5.76
CA GLU A 363 16.20 22.83 -7.07
C GLU A 363 14.78 23.16 -7.55
N GLY A 364 13.79 23.00 -6.68
CA GLY A 364 12.44 23.46 -6.97
C GLY A 364 11.51 22.50 -7.69
N ALA A 365 11.87 21.23 -7.73
CA ALA A 365 10.95 20.19 -8.19
C ALA A 365 9.91 19.97 -7.10
N LYS A 366 8.67 19.72 -7.51
CA LYS A 366 7.58 19.48 -6.59
C LYS A 366 7.58 18.03 -6.10
N LEU A 367 7.92 17.84 -4.83
CA LEU A 367 7.86 16.52 -4.21
C LEU A 367 6.39 16.11 -3.97
N LEU A 368 5.92 15.12 -4.73
CA LEU A 368 4.52 14.69 -4.66
C LEU A 368 4.22 13.50 -3.75
N CYS A 369 5.21 12.64 -3.49
CA CYS A 369 5.09 11.53 -2.53
C CYS A 369 6.45 10.97 -2.18
N GLY A 370 6.53 10.20 -1.09
CA GLY A 370 7.76 9.57 -0.66
C GLY A 370 8.82 10.54 -0.18
N GLY A 371 10.03 10.40 -0.70
CA GLY A 371 11.12 11.31 -0.39
C GLY A 371 11.98 10.95 0.82
N GLY A 372 11.65 9.87 1.51
CA GLY A 372 12.46 9.45 2.67
C GLY A 372 12.87 7.99 2.74
N ILE A 373 13.56 7.65 3.82
CA ILE A 373 13.86 6.26 4.18
C ILE A 373 12.56 5.51 4.49
N ALA A 374 12.50 4.25 4.08
CA ALA A 374 11.28 3.44 4.24
C ALA A 374 11.29 2.47 5.42
N ALA A 375 12.47 2.10 5.90
CA ALA A 375 12.64 1.17 7.03
C ALA A 375 13.82 1.60 7.90
N ASP A 376 13.89 1.12 9.14
CA ASP A 376 15.04 1.47 10.00
C ASP A 376 16.21 0.49 9.92
N ARG A 377 16.04 -0.64 9.23
CA ARG A 377 17.18 -1.47 8.85
C ARG A 377 17.15 -1.88 7.38
N GLY A 378 18.34 -2.13 6.82
CA GLY A 378 18.48 -2.38 5.38
C GLY A 378 18.27 -1.09 4.62
N TYR A 379 18.50 -1.12 3.31
CA TYR A 379 18.59 0.13 2.55
C TYR A 379 17.31 0.43 1.77
N PHE A 380 16.21 0.61 2.49
CA PHE A 380 14.90 0.81 1.86
C PHE A 380 14.57 2.28 1.71
N ILE A 381 14.08 2.65 0.53
CA ILE A 381 13.71 4.02 0.23
C ILE A 381 12.27 4.08 -0.29
N GLN A 382 11.54 5.08 0.19
CA GLN A 382 10.18 5.32 -0.26
C GLN A 382 10.10 5.63 -1.75
N PRO A 383 9.13 5.01 -2.45
CA PRO A 383 8.88 5.38 -3.85
C PRO A 383 8.58 6.87 -3.93
N THR A 384 9.38 7.58 -4.71
CA THR A 384 9.37 9.05 -4.72
C THR A 384 9.00 9.58 -6.11
N VAL A 385 8.05 10.50 -6.15
CA VAL A 385 7.62 11.14 -7.42
C VAL A 385 7.80 12.66 -7.34
N PHE A 386 8.58 13.18 -8.29
CA PHE A 386 8.80 14.61 -8.46
C PHE A 386 8.04 15.12 -9.67
N GLY A 387 7.26 16.19 -9.46
CA GLY A 387 6.44 16.79 -10.51
C GLY A 387 7.02 18.12 -10.95
N ASP A 388 6.53 18.62 -12.09
CA ASP A 388 6.96 19.91 -12.65
C ASP A 388 8.48 19.99 -12.75
N VAL A 389 9.09 18.87 -13.13
CA VAL A 389 10.54 18.80 -13.32
C VAL A 389 10.88 19.61 -14.59
N GLN A 390 12.05 20.27 -14.56
CA GLN A 390 12.52 21.09 -15.67
C GLN A 390 13.83 20.52 -16.17
N ASP A 391 14.10 20.66 -17.47
CA ASP A 391 15.23 19.98 -18.13
C ASP A 391 16.58 20.33 -17.51
N GLY A 392 16.67 21.52 -16.94
CA GLY A 392 17.94 21.98 -16.37
C GLY A 392 18.22 21.44 -14.97
N MET A 393 17.21 20.84 -14.34
CA MET A 393 17.35 20.30 -13.00
C MET A 393 18.31 19.10 -12.98
N THR A 394 19.10 18.99 -11.91
CA THR A 394 20.02 17.86 -11.71
C THR A 394 19.32 16.50 -11.79
N ILE A 395 18.09 16.43 -11.26
CA ILE A 395 17.35 15.15 -11.26
C ILE A 395 16.78 14.83 -12.64
N ALA A 396 16.76 15.83 -13.52
CA ALA A 396 16.37 15.62 -14.91
C ALA A 396 17.56 15.23 -15.79
N LYS A 397 18.77 15.39 -15.28
CA LYS A 397 19.98 15.17 -16.09
C LYS A 397 20.80 13.94 -15.71
N GLU A 398 21.01 13.78 -14.40
CA GLU A 398 21.84 12.72 -13.86
C GLU A 398 21.05 11.45 -13.57
N GLU A 399 21.66 10.31 -13.85
CA GLU A 399 21.09 9.01 -13.56
C GLU A 399 21.06 8.78 -12.05
N ILE A 400 19.88 8.54 -11.50
CA ILE A 400 19.69 8.41 -10.06
C ILE A 400 19.87 6.96 -9.59
N PHE A 401 19.36 6.04 -10.39
CA PHE A 401 19.45 4.60 -10.11
C PHE A 401 18.71 4.23 -8.82
N GLY A 402 17.59 4.90 -8.58
CA GLY A 402 16.77 4.65 -7.41
C GLY A 402 15.32 4.87 -7.73
N PRO A 403 14.43 4.62 -6.74
CA PRO A 403 12.99 4.78 -6.92
C PRO A 403 12.54 6.26 -6.85
N VAL A 404 13.03 7.04 -7.82
CA VAL A 404 12.77 8.46 -7.90
C VAL A 404 12.30 8.82 -9.31
N MET A 405 11.00 9.08 -9.42
CA MET A 405 10.36 9.38 -10.70
C MET A 405 10.31 10.86 -11.03
N GLN A 406 10.69 11.20 -12.26
CA GLN A 406 10.60 12.57 -12.76
C GLN A 406 9.46 12.72 -13.77
N ILE A 407 8.51 13.61 -13.49
CA ILE A 407 7.47 13.94 -14.47
C ILE A 407 7.65 15.37 -14.98
N LEU A 408 7.68 15.52 -16.30
CA LEU A 408 7.89 16.79 -17.00
C LEU A 408 6.72 17.03 -17.93
N LYS A 409 6.32 18.28 -18.08
CA LYS A 409 5.21 18.67 -18.95
C LYS A 409 5.73 19.13 -20.31
N PHE A 410 5.02 18.79 -21.39
CA PHE A 410 5.30 19.34 -22.72
C PHE A 410 4.03 19.64 -23.50
N LYS A 411 4.17 20.42 -24.58
CA LYS A 411 3.05 20.77 -25.43
C LYS A 411 3.03 20.01 -26.75
N THR A 412 4.12 20.09 -27.51
CA THR A 412 4.14 19.57 -28.89
C THR A 412 5.06 18.39 -29.13
N ILE A 413 4.74 17.62 -30.17
CA ILE A 413 5.57 16.51 -30.61
C ILE A 413 6.97 16.98 -31.07
N GLU A 414 7.03 18.14 -31.74
CA GLU A 414 8.32 18.72 -32.15
C GLU A 414 9.18 19.14 -30.96
N GLU A 415 8.55 19.77 -29.98
CA GLU A 415 9.22 20.19 -28.75
C GLU A 415 9.81 19.01 -28.00
N VAL A 416 8.99 17.98 -27.77
CA VAL A 416 9.40 16.84 -26.95
C VAL A 416 10.55 16.02 -27.58
N VAL A 417 10.63 16.00 -28.92
CA VAL A 417 11.75 15.34 -29.60
C VAL A 417 13.06 16.03 -29.24
N GLY A 418 13.08 17.35 -29.38
CA GLY A 418 14.24 18.15 -29.03
C GLY A 418 14.66 17.94 -27.58
N ARG A 419 13.68 18.01 -26.68
CA ARG A 419 13.97 17.85 -25.24
C ARG A 419 14.45 16.45 -24.85
N ALA A 420 13.83 15.43 -25.45
CA ALA A 420 14.20 14.04 -25.21
C ALA A 420 15.61 13.76 -25.68
N ASN A 421 15.96 14.32 -26.83
CA ASN A 421 17.27 14.08 -27.46
C ASN A 421 18.38 14.91 -26.81
N ASN A 422 17.98 15.93 -26.06
CA ASN A 422 18.94 16.82 -25.40
C ASN A 422 19.57 16.19 -24.16
N SER A 423 20.47 15.24 -24.42
CA SER A 423 21.11 14.42 -23.40
C SER A 423 22.39 13.84 -23.97
N THR A 424 23.41 13.64 -23.13
CA THR A 424 24.59 12.85 -23.55
C THR A 424 24.35 11.33 -23.49
N TYR A 425 23.22 10.94 -22.91
CA TYR A 425 22.79 9.55 -22.83
C TYR A 425 21.88 9.20 -24.01
N GLY A 426 21.84 7.92 -24.38
CA GLY A 426 20.93 7.48 -25.45
C GLY A 426 20.67 5.99 -25.44
N LEU A 427 20.32 5.45 -24.28
CA LEU A 427 20.20 4.00 -24.12
C LEU A 427 18.86 3.48 -24.63
N ALA A 428 17.79 4.08 -24.16
CA ALA A 428 16.43 3.67 -24.52
C ALA A 428 15.50 4.87 -24.52
N ALA A 429 14.30 4.71 -25.07
CA ALA A 429 13.21 5.69 -24.98
C ALA A 429 11.91 4.93 -25.21
N ALA A 430 10.79 5.60 -24.98
CA ALA A 430 9.48 5.01 -25.28
C ALA A 430 8.44 6.06 -25.65
N VAL A 431 7.43 5.60 -26.38
CA VAL A 431 6.36 6.44 -26.88
C VAL A 431 5.04 5.75 -26.61
N PHE A 432 4.13 6.49 -25.95
CA PHE A 432 2.77 6.03 -25.70
C PHE A 432 1.77 6.86 -26.49
N THR A 433 1.15 6.21 -27.47
CA THR A 433 0.23 6.88 -28.41
C THR A 433 -0.61 5.83 -29.14
N LYS A 434 -1.83 6.20 -29.50
CA LYS A 434 -2.63 5.34 -30.33
C LYS A 434 -2.40 5.57 -31.83
N ASP A 435 -1.69 6.66 -32.18
CA ASP A 435 -1.60 7.16 -33.55
C ASP A 435 -0.43 6.55 -34.32
N LEU A 436 -0.70 6.05 -35.51
CA LEU A 436 0.33 5.37 -36.29
C LEU A 436 1.46 6.36 -36.64
N ASP A 437 1.11 7.52 -37.17
CA ASP A 437 2.13 8.48 -37.60
C ASP A 437 2.97 9.05 -36.46
N LYS A 438 2.35 9.26 -35.31
CA LYS A 438 3.09 9.73 -34.13
C LYS A 438 4.10 8.71 -33.67
N ALA A 439 3.72 7.43 -33.71
CA ALA A 439 4.60 6.36 -33.30
C ALA A 439 5.80 6.28 -34.23
N ASN A 440 5.56 6.38 -35.54
CA ASN A 440 6.63 6.28 -36.53
C ASN A 440 7.51 7.53 -36.54
N TYR A 441 6.90 8.70 -36.40
CA TYR A 441 7.63 9.96 -36.31
C TYR A 441 8.61 9.89 -35.15
N LEU A 442 8.09 9.56 -33.97
CA LEU A 442 8.89 9.59 -32.77
C LEU A 442 9.94 8.49 -32.73
N SER A 443 9.57 7.26 -33.07
CA SER A 443 10.56 6.17 -33.03
C SER A 443 11.76 6.44 -33.96
N GLN A 444 11.51 7.07 -35.10
CA GLN A 444 12.61 7.42 -36.03
C GLN A 444 13.44 8.59 -35.53
N ALA A 445 12.78 9.56 -34.90
CA ALA A 445 13.45 10.78 -34.43
C ALA A 445 14.25 10.60 -33.14
N LEU A 446 13.84 9.65 -32.30
CA LEU A 446 14.52 9.48 -31.01
C LEU A 446 15.92 8.89 -31.13
N GLN A 447 16.87 9.51 -30.44
CA GLN A 447 18.29 9.11 -30.49
C GLN A 447 18.61 8.16 -29.33
N ALA A 448 18.19 6.90 -29.51
CA ALA A 448 18.30 5.88 -28.47
C ALA A 448 18.42 4.49 -29.09
N GLY A 449 19.12 3.59 -28.39
CA GLY A 449 19.39 2.23 -28.86
C GLY A 449 18.14 1.38 -28.97
N THR A 450 17.22 1.56 -28.03
CA THR A 450 15.90 0.93 -28.08
C THR A 450 14.81 1.96 -27.92
N VAL A 451 13.83 1.91 -28.82
CA VAL A 451 12.60 2.67 -28.66
C VAL A 451 11.42 1.68 -28.49
N TRP A 452 10.76 1.75 -27.33
CA TRP A 452 9.57 0.95 -27.07
C TRP A 452 8.33 1.75 -27.40
N VAL A 453 7.36 1.11 -28.02
CA VAL A 453 6.12 1.79 -28.41
C VAL A 453 4.96 1.09 -27.70
N ASN A 454 4.30 1.86 -26.84
CA ASN A 454 3.22 1.38 -25.96
C ASN A 454 3.63 0.24 -25.03
N CYS A 455 4.92 0.20 -24.67
CA CYS A 455 5.44 -0.76 -23.70
C CYS A 455 6.75 -0.19 -23.15
N TYR A 456 7.39 -0.96 -22.28
CA TYR A 456 8.67 -0.55 -21.69
C TYR A 456 9.40 -1.77 -21.13
N ASP A 457 10.74 -1.72 -21.12
CA ASP A 457 11.57 -2.79 -20.57
C ASP A 457 11.21 -4.16 -21.16
N VAL A 458 10.87 -4.16 -22.46
CA VAL A 458 10.60 -5.39 -23.19
C VAL A 458 11.91 -5.86 -23.80
N PHE A 459 12.55 -6.80 -23.13
CA PHE A 459 13.80 -7.36 -23.58
C PHE A 459 13.51 -8.71 -24.16
N GLY A 460 14.23 -9.07 -25.20
CA GLY A 460 14.09 -10.40 -25.78
C GLY A 460 15.47 -10.77 -26.24
N ALA A 461 15.85 -12.03 -26.01
CA ALA A 461 17.16 -12.50 -26.43
C ALA A 461 17.39 -12.25 -27.93
N GLN A 462 16.30 -12.14 -28.69
CA GLN A 462 16.36 -12.01 -30.14
C GLN A 462 16.66 -10.58 -30.60
N SER A 463 16.37 -9.60 -29.75
CA SER A 463 16.50 -8.20 -30.18
C SER A 463 17.69 -7.53 -29.51
N PRO A 464 18.53 -6.83 -30.30
CA PRO A 464 19.72 -6.20 -29.74
C PRO A 464 19.39 -5.02 -28.82
N PHE A 465 20.33 -4.70 -27.94
CA PHE A 465 20.16 -3.66 -26.92
C PHE A 465 21.51 -2.98 -26.69
N GLY A 466 21.51 -1.65 -26.61
CA GLY A 466 22.75 -0.93 -26.32
C GLY A 466 22.62 0.53 -26.64
N GLY A 467 23.62 1.31 -26.27
CA GLY A 467 23.46 2.75 -26.25
C GLY A 467 23.90 3.50 -27.50
N TYR A 468 23.20 4.63 -27.73
CA TYR A 468 23.69 5.72 -28.56
C TYR A 468 24.50 6.63 -27.65
N LYS A 469 25.29 7.51 -28.25
CA LYS A 469 26.04 8.53 -27.51
C LYS A 469 26.88 7.95 -26.35
N MET A 470 26.80 8.54 -25.16
CA MET A 470 27.64 8.09 -24.02
C MET A 470 26.97 7.00 -23.16
N SER A 471 25.92 6.40 -23.73
CA SER A 471 25.29 5.23 -23.11
C SER A 471 26.03 3.95 -23.47
N GLY A 472 27.07 4.09 -24.31
CA GLY A 472 27.97 2.99 -24.66
C GLY A 472 28.09 2.83 -26.17
N SER A 473 28.65 1.69 -26.57
CA SER A 473 28.78 1.37 -27.99
C SER A 473 28.81 -0.15 -28.18
N GLY A 474 28.37 -0.58 -29.36
CA GLY A 474 28.21 -1.99 -29.65
C GLY A 474 26.85 -2.44 -29.13
N ARG A 475 26.42 -3.62 -29.55
CA ARG A 475 25.12 -4.15 -29.14
C ARG A 475 25.26 -5.49 -28.47
N GLU A 476 24.39 -5.74 -27.50
CA GLU A 476 24.24 -7.09 -26.93
C GLU A 476 22.91 -7.73 -27.35
N LEU A 477 22.82 -9.06 -27.24
CA LEU A 477 21.62 -9.81 -27.62
C LEU A 477 21.39 -9.85 -29.15
N GLY A 478 20.50 -10.73 -29.59
CA GLY A 478 20.27 -10.94 -31.02
C GLY A 478 21.50 -11.43 -31.76
N GLU A 479 21.40 -11.45 -33.08
CA GLU A 479 22.52 -11.82 -33.94
C GLU A 479 23.66 -10.83 -33.73
N TYR A 480 23.28 -9.56 -33.50
CA TYR A 480 24.21 -8.44 -33.31
C TYR A 480 25.22 -8.68 -32.20
N GLY A 481 24.77 -9.37 -31.15
CA GLY A 481 25.57 -9.65 -29.98
C GLY A 481 26.77 -10.56 -30.24
N LEU A 482 26.81 -11.16 -31.43
CA LEU A 482 27.96 -12.00 -31.83
C LEU A 482 29.09 -11.22 -32.54
N GLN A 483 28.77 -10.04 -33.03
N GLN A 483 28.78 -10.05 -33.05
CA GLN A 483 29.72 -9.24 -33.82
CA GLN A 483 29.75 -9.25 -33.82
C GLN A 483 30.98 -8.82 -33.04
C GLN A 483 31.01 -8.97 -33.00
N ALA A 484 30.83 -8.58 -31.74
CA ALA A 484 31.96 -8.14 -30.88
C ALA A 484 32.85 -9.32 -30.44
N TYR A 485 32.33 -10.53 -30.63
CA TYR A 485 32.97 -11.76 -30.23
C TYR A 485 33.54 -12.52 -31.41
N THR A 486 33.56 -11.86 -32.56
CA THR A 486 34.07 -12.45 -33.79
C THR A 486 35.26 -11.67 -34.37
N GLU A 487 36.32 -12.41 -34.74
CA GLU A 487 37.41 -11.84 -35.52
C GLU A 487 37.34 -12.36 -36.96
N VAL A 488 37.35 -11.46 -37.93
CA VAL A 488 37.10 -11.82 -39.32
C VAL A 488 38.42 -12.01 -40.06
N LYS A 489 38.60 -13.18 -40.67
CA LYS A 489 39.78 -13.41 -41.51
C LYS A 489 39.36 -13.61 -42.97
N THR A 490 40.03 -12.92 -43.87
CA THR A 490 39.81 -13.12 -45.29
C THR A 490 40.87 -14.06 -45.81
N VAL A 491 40.41 -15.10 -46.52
CA VAL A 491 41.32 -15.99 -47.25
C VAL A 491 41.06 -15.83 -48.74
N THR A 492 42.12 -15.45 -49.45
CA THR A 492 42.02 -15.23 -50.88
C THR A 492 43.03 -16.10 -51.57
N VAL A 493 42.50 -16.96 -52.43
CA VAL A 493 43.25 -18.07 -53.02
C VAL A 493 43.31 -17.91 -54.53
N LYS A 494 44.51 -18.01 -55.07
CA LYS A 494 44.67 -18.03 -56.51
C LYS A 494 44.07 -19.33 -57.09
N VAL A 495 43.22 -19.22 -58.12
CA VAL A 495 42.62 -20.37 -58.82
C VAL A 495 42.99 -20.32 -60.32
N PRO A 496 42.99 -21.48 -61.01
CA PRO A 496 43.32 -21.49 -62.45
C PRO A 496 42.44 -20.55 -63.29
N GLN A 497 41.12 -20.68 -63.14
CA GLN A 497 40.21 -19.84 -63.90
C GLN A 497 38.91 -19.63 -63.17
N LYS A 498 38.65 -18.40 -62.76
CA LYS A 498 37.44 -18.08 -62.01
C LYS A 498 36.24 -18.03 -62.95
N ASN A 499 35.19 -18.77 -62.60
CA ASN A 499 33.89 -18.69 -63.26
C ASN A 499 32.78 -18.37 -62.27
N SER A 500 31.69 -17.73 -62.73
CA SER A 500 30.50 -17.53 -61.90
C SER A 500 29.91 -18.84 -61.39
N ALA B 7 46.48 0.87 -72.80
CA ALA B 7 47.30 2.08 -73.11
C ALA B 7 47.17 3.15 -72.01
N VAL B 8 48.22 3.93 -71.81
CA VAL B 8 48.24 4.96 -70.76
C VAL B 8 48.50 6.35 -71.36
N PRO B 9 47.59 7.31 -71.12
CA PRO B 9 47.80 8.67 -71.63
C PRO B 9 49.08 9.27 -71.07
N ALA B 10 49.79 10.03 -71.92
CA ALA B 10 51.02 10.70 -71.51
C ALA B 10 50.71 11.66 -70.36
N PRO B 11 51.46 11.57 -69.25
CA PRO B 11 51.19 12.45 -68.12
C PRO B 11 51.65 13.89 -68.35
N ASN B 12 50.97 14.83 -67.71
CA ASN B 12 51.56 16.14 -67.51
C ASN B 12 52.48 16.00 -66.32
N GLN B 13 53.79 16.17 -66.53
CA GLN B 13 54.77 15.97 -65.47
C GLN B 13 54.85 17.13 -64.48
N GLN B 14 54.15 18.23 -64.80
CA GLN B 14 53.99 19.33 -63.86
C GLN B 14 52.51 19.73 -63.78
N PRO B 15 51.65 18.82 -63.27
CA PRO B 15 50.22 19.10 -63.29
C PRO B 15 49.89 20.32 -62.44
N GLU B 16 48.91 21.07 -62.91
CA GLU B 16 48.51 22.30 -62.25
C GLU B 16 47.77 22.00 -60.93
N VAL B 17 47.88 22.90 -59.95
CA VAL B 17 47.19 22.72 -58.66
C VAL B 17 46.06 23.74 -58.54
N PHE B 18 44.84 23.24 -58.34
CA PHE B 18 43.65 24.10 -58.24
C PHE B 18 43.10 24.23 -56.83
N CYS B 19 43.40 23.24 -55.99
CA CYS B 19 42.81 23.11 -54.65
C CYS B 19 43.89 22.92 -53.61
N ASN B 20 43.96 23.82 -52.63
CA ASN B 20 45.02 23.79 -51.62
C ASN B 20 44.55 24.44 -50.33
N GLN B 21 43.23 24.49 -50.16
CA GLN B 21 42.60 25.12 -49.00
C GLN B 21 41.81 24.10 -48.16
N ILE B 22 41.09 24.60 -47.16
CA ILE B 22 40.21 23.77 -46.33
C ILE B 22 38.81 23.75 -46.96
N PHE B 23 38.22 22.57 -47.08
CA PHE B 23 36.95 22.40 -47.78
C PHE B 23 35.86 22.20 -46.75
N ILE B 24 35.00 23.21 -46.61
CA ILE B 24 33.89 23.14 -45.65
C ILE B 24 32.65 23.71 -46.32
N ASN B 25 31.54 22.98 -46.23
CA ASN B 25 30.26 23.41 -46.81
C ASN B 25 30.34 23.68 -48.31
N ASN B 26 31.09 22.82 -48.99
CA ASN B 26 31.31 22.91 -50.44
C ASN B 26 31.96 24.23 -50.90
N GLU B 27 32.81 24.78 -50.05
CA GLU B 27 33.52 26.03 -50.32
C GLU B 27 34.93 25.95 -49.75
N TRP B 28 35.84 26.72 -50.32
CA TRP B 28 37.23 26.73 -49.93
C TRP B 28 37.52 27.87 -48.97
N HIS B 29 38.28 27.54 -47.93
CA HIS B 29 38.54 28.45 -46.81
C HIS B 29 40.03 28.45 -46.53
N ASP B 30 40.59 29.60 -46.20
CA ASP B 30 41.93 29.62 -45.60
C ASP B 30 41.80 29.15 -44.15
N ALA B 31 42.90 28.69 -43.55
CA ALA B 31 42.89 28.36 -42.13
C ALA B 31 42.52 29.61 -41.35
N VAL B 32 41.94 29.42 -40.17
CA VAL B 32 41.54 30.57 -39.32
C VAL B 32 42.79 31.42 -39.01
N SER B 33 43.92 30.74 -38.80
CA SER B 33 45.20 31.37 -38.53
C SER B 33 45.85 32.03 -39.75
N ARG B 34 45.32 31.74 -40.94
CA ARG B 34 45.90 32.16 -42.24
C ARG B 34 47.24 31.48 -42.57
N LYS B 35 47.63 30.50 -41.76
CA LYS B 35 48.87 29.76 -41.97
C LYS B 35 48.78 28.74 -43.11
N THR B 36 49.92 28.48 -43.75
CA THR B 36 50.04 27.43 -44.76
C THR B 36 51.30 26.58 -44.50
N PHE B 37 51.30 25.35 -45.02
CA PHE B 37 52.47 24.48 -44.96
C PHE B 37 52.90 24.04 -46.36
N PRO B 38 54.21 23.87 -46.58
CA PRO B 38 54.59 23.40 -47.91
C PRO B 38 54.27 21.91 -48.10
N THR B 39 53.78 21.55 -49.27
CA THR B 39 53.85 20.15 -49.66
C THR B 39 54.95 19.98 -50.72
N VAL B 40 55.75 18.93 -50.58
CA VAL B 40 56.99 18.72 -51.33
C VAL B 40 56.85 17.62 -52.38
N ASN B 41 57.48 17.80 -53.54
CA ASN B 41 57.67 16.74 -54.52
C ASN B 41 58.89 15.89 -54.15
N PRO B 42 58.66 14.64 -53.73
CA PRO B 42 59.71 13.73 -53.22
C PRO B 42 60.75 13.27 -54.25
N SER B 43 60.44 13.36 -55.55
CA SER B 43 61.43 13.06 -56.59
C SER B 43 62.51 14.14 -56.70
N THR B 44 62.18 15.36 -56.29
CA THR B 44 63.09 16.50 -56.47
C THR B 44 63.50 17.12 -55.15
N GLY B 45 62.62 17.05 -54.16
CA GLY B 45 62.84 17.71 -52.88
C GLY B 45 62.36 19.15 -52.91
N GLU B 46 61.67 19.53 -53.99
CA GLU B 46 61.19 20.89 -54.16
C GLU B 46 59.72 21.03 -53.77
N VAL B 47 59.37 22.22 -53.26
CA VAL B 47 58.02 22.53 -52.83
C VAL B 47 57.11 22.56 -54.07
N ILE B 48 55.98 21.88 -53.98
CA ILE B 48 54.96 21.94 -55.04
C ILE B 48 54.14 23.21 -54.87
N CYS B 49 53.60 23.41 -53.66
CA CYS B 49 52.81 24.58 -53.32
C CYS B 49 52.58 24.65 -51.83
N GLN B 50 51.96 25.75 -51.39
CA GLN B 50 51.51 25.91 -50.00
C GLN B 50 50.08 25.39 -49.88
N VAL B 51 49.76 24.84 -48.71
CA VAL B 51 48.43 24.30 -48.39
C VAL B 51 47.96 24.88 -47.05
N ALA B 52 46.68 25.24 -46.94
CA ALA B 52 46.14 25.78 -45.68
C ALA B 52 46.42 24.85 -44.48
N GLU B 53 46.98 25.40 -43.40
CA GLU B 53 47.36 24.60 -42.23
C GLU B 53 46.23 24.55 -41.21
N GLY B 54 45.33 23.57 -41.35
CA GLY B 54 44.19 23.44 -40.44
C GLY B 54 44.56 23.07 -39.02
N ASP B 55 43.83 23.63 -38.06
CA ASP B 55 44.03 23.39 -36.63
C ASP B 55 42.66 23.21 -35.99
N LYS B 56 42.61 23.10 -34.65
CA LYS B 56 41.35 22.90 -33.90
C LYS B 56 40.20 23.80 -34.32
N GLU B 57 40.49 25.09 -34.51
CA GLU B 57 39.44 26.03 -34.91
C GLU B 57 38.81 25.70 -36.27
N ASP B 58 39.60 25.15 -37.18
CA ASP B 58 39.08 24.80 -38.50
C ASP B 58 38.32 23.47 -38.44
N VAL B 59 38.85 22.55 -37.63
CA VAL B 59 38.17 21.31 -37.29
C VAL B 59 36.79 21.61 -36.69
N ASP B 60 36.75 22.54 -35.75
CA ASP B 60 35.48 22.95 -35.13
C ASP B 60 34.46 23.46 -36.16
N LYS B 61 34.92 24.28 -37.12
CA LYS B 61 34.03 24.80 -38.17
C LYS B 61 33.46 23.66 -39.02
N ALA B 62 34.31 22.69 -39.35
CA ALA B 62 33.95 21.53 -40.14
C ALA B 62 32.92 20.62 -39.44
N VAL B 63 33.18 20.30 -38.18
CA VAL B 63 32.27 19.47 -37.39
C VAL B 63 30.88 20.09 -37.29
N LYS B 64 30.81 21.41 -37.08
CA LYS B 64 29.54 22.12 -37.06
C LYS B 64 28.82 22.05 -38.40
N ALA B 65 29.60 22.15 -39.49
CA ALA B 65 29.08 21.94 -40.84
C ALA B 65 28.53 20.53 -41.04
N ALA B 66 29.31 19.52 -40.63
CA ALA B 66 28.90 18.13 -40.75
C ALA B 66 27.62 17.90 -39.93
N ARG B 67 27.62 18.38 -38.68
CA ARG B 67 26.47 18.28 -37.78
C ARG B 67 25.21 18.89 -38.36
N ALA B 68 25.31 20.08 -38.94
CA ALA B 68 24.12 20.70 -39.56
C ALA B 68 23.59 19.86 -40.74
N ALA B 69 24.51 19.37 -41.58
CA ALA B 69 24.12 18.54 -42.73
C ALA B 69 23.48 17.23 -42.28
N PHE B 70 23.78 16.80 -41.05
CA PHE B 70 23.21 15.58 -40.49
C PHE B 70 21.87 15.75 -39.77
N GLN B 71 21.41 16.98 -39.63
CA GLN B 71 20.18 17.25 -38.88
C GLN B 71 18.96 16.56 -39.47
N LEU B 72 18.14 15.97 -38.60
CA LEU B 72 16.88 15.37 -39.05
C LEU B 72 16.11 16.33 -39.97
N GLY B 73 15.73 15.82 -41.14
CA GLY B 73 15.02 16.60 -42.14
C GLY B 73 15.88 17.38 -43.14
N SER B 74 17.19 17.32 -42.99
CA SER B 74 18.08 17.99 -43.94
C SER B 74 18.04 17.23 -45.28
N PRO B 75 18.54 17.87 -46.37
CA PRO B 75 18.54 17.21 -47.67
C PRO B 75 19.27 15.86 -47.67
N TRP B 76 20.36 15.74 -46.92
CA TRP B 76 21.16 14.50 -46.93
C TRP B 76 20.48 13.39 -46.12
N ARG B 77 19.78 13.76 -45.04
CA ARG B 77 19.05 12.76 -44.24
C ARG B 77 17.80 12.23 -44.97
N ARG B 78 17.17 13.09 -45.76
CA ARG B 78 15.90 12.76 -46.42
C ARG B 78 16.09 12.10 -47.78
N MET B 79 17.31 12.21 -48.30
CA MET B 79 17.63 11.71 -49.62
C MET B 79 17.41 10.19 -49.64
N ASP B 80 16.81 9.68 -50.70
CA ASP B 80 16.64 8.22 -50.85
C ASP B 80 18.01 7.56 -50.80
N ALA B 81 18.10 6.41 -50.12
CA ALA B 81 19.34 5.63 -50.07
C ALA B 81 19.84 5.32 -51.48
N SER B 82 18.92 5.02 -52.38
CA SER B 82 19.25 4.76 -53.79
C SER B 82 19.88 6.00 -54.43
N HIS B 83 19.43 7.19 -54.04
CA HIS B 83 20.04 8.42 -54.56
C HIS B 83 21.45 8.71 -54.02
N ARG B 84 21.71 8.37 -52.75
CA ARG B 84 23.09 8.32 -52.25
C ARG B 84 23.97 7.45 -53.15
N GLY B 85 23.45 6.30 -53.59
CA GLY B 85 24.16 5.44 -54.51
C GLY B 85 24.45 6.10 -55.86
N ARG B 86 23.45 6.79 -56.41
CA ARG B 86 23.60 7.56 -57.66
C ARG B 86 24.68 8.65 -57.51
N LEU B 87 24.71 9.34 -56.37
CA LEU B 87 25.74 10.36 -56.17
C LEU B 87 27.13 9.74 -56.09
N LEU B 88 27.28 8.57 -55.46
CA LEU B 88 28.57 7.88 -55.45
C LEU B 88 29.03 7.45 -56.85
N ASN B 89 28.08 6.98 -57.66
CA ASN B 89 28.38 6.62 -59.05
C ASN B 89 28.77 7.84 -59.90
N ARG B 90 28.13 8.98 -59.63
CA ARG B 90 28.42 10.25 -60.31
C ARG B 90 29.84 10.72 -59.96
N LEU B 91 30.21 10.58 -58.69
CA LEU B 91 31.55 10.96 -58.24
C LEU B 91 32.62 10.11 -58.94
N ALA B 92 32.36 8.80 -59.04
CA ALA B 92 33.24 7.85 -59.73
C ALA B 92 33.41 8.23 -61.18
N ASP B 93 32.31 8.58 -61.83
CA ASP B 93 32.33 9.06 -63.22
C ASP B 93 33.22 10.29 -63.37
N LEU B 94 33.17 11.19 -62.40
CA LEU B 94 33.98 12.41 -62.44
C LEU B 94 35.48 12.17 -62.20
N ILE B 95 35.78 11.23 -61.30
CA ILE B 95 37.16 10.81 -61.07
C ILE B 95 37.71 10.11 -62.33
N GLU B 96 36.87 9.29 -62.98
CA GLU B 96 37.26 8.67 -64.25
C GLU B 96 37.50 9.68 -65.36
N ARG B 97 36.63 10.68 -65.49
CA ARG B 97 36.83 11.76 -66.46
C ARG B 97 38.19 12.44 -66.23
N ASP B 98 38.54 12.66 -64.97
CA ASP B 98 39.77 13.37 -64.59
C ASP B 98 40.93 12.46 -64.19
N ARG B 99 40.88 11.20 -64.63
CA ARG B 99 41.85 10.15 -64.29
C ARG B 99 43.31 10.46 -64.62
N THR B 100 43.55 10.99 -65.82
CA THR B 100 44.91 11.31 -66.25
C THR B 100 45.53 12.37 -65.34
N TYR B 101 44.76 13.41 -65.06
CA TYR B 101 45.19 14.50 -64.18
C TYR B 101 45.43 14.02 -62.76
N LEU B 102 44.43 13.34 -62.18
CA LEU B 102 44.56 12.83 -60.82
C LEU B 102 45.72 11.86 -60.63
N ALA B 103 45.96 10.99 -61.61
CA ALA B 103 47.08 10.05 -61.54
C ALA B 103 48.45 10.74 -61.52
N ALA B 104 48.58 11.81 -62.32
CA ALA B 104 49.82 12.61 -62.38
C ALA B 104 50.01 13.41 -61.09
N LEU B 105 48.92 13.99 -60.59
CA LEU B 105 48.96 14.70 -59.31
C LEU B 105 49.38 13.79 -58.14
N GLU B 106 48.89 12.54 -58.15
CA GLU B 106 49.21 11.53 -57.13
C GLU B 106 50.72 11.30 -57.13
N THR B 107 51.24 10.96 -58.30
CA THR B 107 52.66 10.76 -58.52
C THR B 107 53.51 11.97 -58.08
N LEU B 108 53.08 13.16 -58.50
CA LEU B 108 53.81 14.39 -58.18
C LEU B 108 53.98 14.58 -56.67
N ASP B 109 52.88 14.44 -55.93
CA ASP B 109 52.84 14.66 -54.48
C ASP B 109 53.38 13.47 -53.67
N ASN B 110 53.12 12.24 -54.13
CA ASN B 110 53.45 11.02 -53.38
C ASN B 110 54.74 10.33 -53.80
N GLY B 111 55.05 10.34 -55.10
CA GLY B 111 56.28 9.69 -55.58
C GLY B 111 56.08 8.42 -56.39
N LYS B 112 54.90 7.80 -56.32
CA LYS B 112 54.69 6.54 -57.01
C LYS B 112 54.70 6.65 -58.54
N PRO B 113 55.18 5.60 -59.23
CA PRO B 113 55.17 5.64 -60.70
C PRO B 113 53.81 6.04 -61.25
N TYR B 114 53.81 6.96 -62.24
CA TYR B 114 52.58 7.39 -62.89
C TYR B 114 51.79 6.21 -63.46
N VAL B 115 52.47 5.28 -64.13
CA VAL B 115 51.80 4.11 -64.69
C VAL B 115 50.96 3.39 -63.62
N ILE B 116 51.52 3.28 -62.42
CA ILE B 116 50.86 2.67 -61.27
C ILE B 116 49.70 3.51 -60.73
N SER B 117 49.94 4.80 -60.46
CA SER B 117 48.86 5.71 -60.11
C SER B 117 47.67 5.55 -61.05
N TYR B 118 47.97 5.47 -62.35
CA TYR B 118 46.94 5.46 -63.36
C TYR B 118 46.21 4.12 -63.44
N LEU B 119 46.97 3.03 -63.53
CA LEU B 119 46.39 1.70 -63.77
C LEU B 119 45.97 0.95 -62.50
N VAL B 120 46.59 1.28 -61.37
CA VAL B 120 46.32 0.58 -60.10
C VAL B 120 45.47 1.47 -59.19
N ASP B 121 46.06 2.52 -58.62
CA ASP B 121 45.38 3.36 -57.62
C ASP B 121 44.04 3.92 -58.12
N LEU B 122 44.06 4.57 -59.29
CA LEU B 122 42.85 5.15 -59.84
C LEU B 122 41.80 4.10 -60.18
N ASP B 123 42.25 2.96 -60.69
CA ASP B 123 41.36 1.86 -61.01
C ASP B 123 40.70 1.34 -59.74
N MET B 124 41.49 1.19 -58.68
N MET B 124 41.48 1.21 -58.66
CA MET B 124 41.01 0.74 -57.38
CA MET B 124 40.95 0.72 -57.39
C MET B 124 40.05 1.73 -56.70
C MET B 124 40.07 1.74 -56.65
N VAL B 125 40.34 3.03 -56.85
CA VAL B 125 39.46 4.12 -56.34
C VAL B 125 38.08 4.02 -57.00
N LEU B 126 38.07 3.93 -58.34
CA LEU B 126 36.85 3.78 -59.11
C LEU B 126 36.05 2.55 -58.68
N LYS B 127 36.74 1.40 -58.56
CA LYS B 127 36.11 0.14 -58.16
C LYS B 127 35.54 0.19 -56.74
N CYS B 128 36.26 0.82 -55.83
CA CYS B 128 35.80 1.01 -54.46
C CYS B 128 34.51 1.83 -54.40
N LEU B 129 34.52 3.02 -55.01
CA LEU B 129 33.34 3.90 -55.04
C LEU B 129 32.10 3.31 -55.71
N ARG B 130 32.31 2.61 -56.83
CA ARG B 130 31.20 1.97 -57.53
C ARG B 130 30.72 0.73 -56.76
N TYR B 131 31.64 0.07 -56.06
CA TYR B 131 31.22 -1.02 -55.15
C TYR B 131 30.23 -0.50 -54.09
N TYR B 132 30.63 0.55 -53.39
CA TYR B 132 29.83 1.08 -52.28
C TYR B 132 28.55 1.81 -52.70
N ALA B 133 28.56 2.39 -53.91
CA ALA B 133 27.34 2.93 -54.50
C ALA B 133 26.23 1.86 -54.47
N GLY B 134 26.61 0.64 -54.82
CA GLY B 134 25.69 -0.51 -54.83
C GLY B 134 25.14 -0.91 -53.47
N TRP B 135 25.91 -0.68 -52.40
CA TRP B 135 25.48 -0.98 -51.04
C TRP B 135 24.52 0.01 -50.44
N ALA B 136 24.48 1.23 -51.01
CA ALA B 136 23.69 2.33 -50.42
C ALA B 136 22.25 1.99 -50.00
N ASP B 137 21.51 1.25 -50.83
CA ASP B 137 20.13 0.83 -50.51
C ASP B 137 19.93 -0.68 -50.23
N LYS B 138 20.98 -1.37 -49.75
CA LYS B 138 20.88 -2.82 -49.53
C LYS B 138 21.31 -3.32 -48.14
N TYR B 139 21.67 -2.40 -47.25
CA TYR B 139 22.15 -2.82 -45.91
C TYR B 139 21.00 -2.89 -44.89
N HIS B 140 20.14 -3.87 -45.09
CA HIS B 140 18.89 -4.03 -44.34
C HIS B 140 19.05 -4.18 -42.83
N GLY B 141 18.07 -3.67 -42.10
CA GLY B 141 17.90 -4.02 -40.70
C GLY B 141 17.10 -5.30 -40.69
N LYS B 142 16.61 -5.71 -39.51
CA LYS B 142 15.89 -6.99 -39.39
C LYS B 142 14.49 -6.87 -38.76
N THR B 143 13.59 -7.79 -39.09
CA THR B 143 12.39 -7.99 -38.30
C THR B 143 12.60 -9.26 -37.48
N ILE B 144 12.28 -9.17 -36.20
CA ILE B 144 12.75 -10.13 -35.20
C ILE B 144 11.58 -10.80 -34.46
N PRO B 145 11.54 -12.15 -34.45
CA PRO B 145 10.40 -12.82 -33.79
C PRO B 145 10.60 -12.92 -32.26
N ILE B 146 10.60 -11.77 -31.59
CA ILE B 146 10.76 -11.68 -30.14
C ILE B 146 9.59 -12.38 -29.43
N ASP B 147 9.81 -12.93 -28.24
CA ASP B 147 8.70 -13.45 -27.41
C ASP B 147 7.65 -12.38 -27.11
N GLY B 148 6.40 -12.82 -26.93
CA GLY B 148 5.29 -11.95 -26.46
C GLY B 148 4.54 -11.28 -27.58
N ASP B 149 3.53 -10.47 -27.21
CA ASP B 149 2.70 -9.73 -28.17
C ASP B 149 3.37 -8.42 -28.61
N PHE B 150 4.41 -8.58 -29.42
CA PHE B 150 5.26 -7.48 -29.88
C PHE B 150 5.68 -7.67 -31.35
N PHE B 151 5.91 -6.55 -32.01
CA PHE B 151 6.58 -6.47 -33.31
C PHE B 151 7.88 -5.77 -33.02
N SER B 152 8.98 -6.50 -33.18
CA SER B 152 10.31 -5.93 -32.93
C SER B 152 11.10 -5.86 -34.25
N TYR B 153 11.76 -4.73 -34.47
CA TYR B 153 12.56 -4.55 -35.70
C TYR B 153 13.80 -3.70 -35.45
N THR B 154 14.79 -3.79 -36.32
CA THR B 154 15.94 -2.86 -36.23
C THR B 154 15.97 -1.86 -37.38
N ARG B 155 16.40 -0.63 -37.03
CA ARG B 155 16.75 0.39 -38.04
C ARG B 155 18.27 0.44 -38.09
N HIS B 156 18.82 0.34 -39.31
CA HIS B 156 20.24 0.61 -39.48
C HIS B 156 20.38 2.08 -39.85
N GLU B 157 20.70 2.89 -38.85
CA GLU B 157 20.87 4.31 -39.01
C GLU B 157 22.35 4.65 -39.22
N PRO B 158 22.65 5.88 -39.70
CA PRO B 158 24.08 6.25 -39.79
C PRO B 158 24.66 6.48 -38.40
N VAL B 159 25.94 6.18 -38.20
CA VAL B 159 26.58 6.49 -36.91
C VAL B 159 26.61 8.02 -36.64
N GLY B 160 26.75 8.83 -37.70
CA GLY B 160 26.67 10.30 -37.60
C GLY B 160 27.84 11.07 -38.20
N VAL B 161 28.40 11.99 -37.42
CA VAL B 161 29.61 12.74 -37.82
C VAL B 161 30.84 11.85 -37.64
N CYS B 162 31.49 11.58 -38.78
CA CYS B 162 32.63 10.65 -38.84
C CYS B 162 33.94 11.39 -39.11
N GLY B 163 34.82 11.37 -38.12
CA GLY B 163 36.21 11.82 -38.26
C GLY B 163 37.02 10.76 -38.99
N GLN B 164 37.64 11.12 -40.09
CA GLN B 164 38.45 10.14 -40.81
C GLN B 164 39.85 10.69 -41.00
N ILE B 165 40.83 10.00 -40.45
CA ILE B 165 42.21 10.46 -40.48
C ILE B 165 42.99 9.46 -41.32
N ILE B 166 43.53 9.90 -42.46
CA ILE B 166 44.17 8.97 -43.39
C ILE B 166 45.65 9.25 -43.70
N PRO B 167 46.42 8.19 -44.03
CA PRO B 167 47.85 8.38 -44.23
C PRO B 167 48.19 8.71 -45.69
N TRP B 168 49.49 8.67 -45.99
CA TRP B 168 50.02 9.23 -47.23
C TRP B 168 50.40 8.21 -48.30
N ASN B 169 50.35 6.91 -47.98
CA ASN B 169 50.91 5.89 -48.88
C ASN B 169 50.06 5.57 -50.12
N PHE B 170 48.74 5.62 -49.96
CA PHE B 170 47.80 5.53 -51.08
C PHE B 170 46.80 6.66 -50.88
N PRO B 171 47.20 7.90 -51.17
CA PRO B 171 46.33 9.05 -50.81
C PRO B 171 44.90 8.98 -51.36
N LEU B 172 44.74 8.71 -52.66
CA LEU B 172 43.40 8.66 -53.26
C LEU B 172 42.61 7.42 -52.86
N LEU B 173 43.29 6.27 -52.80
CA LEU B 173 42.65 5.03 -52.45
C LEU B 173 42.16 5.03 -51.00
N MET B 174 42.99 5.55 -50.07
CA MET B 174 42.61 5.59 -48.66
C MET B 174 41.40 6.49 -48.45
N GLN B 175 41.36 7.60 -49.19
CA GLN B 175 40.21 8.48 -49.19
C GLN B 175 38.94 7.75 -49.62
N ALA B 176 39.06 6.93 -50.67
CA ALA B 176 37.93 6.19 -51.22
C ALA B 176 37.44 5.11 -50.25
N TRP B 177 38.39 4.38 -49.66
CA TRP B 177 38.13 3.35 -48.65
C TRP B 177 37.32 3.93 -47.49
N LYS B 178 37.54 5.20 -47.19
CA LYS B 178 36.87 5.88 -46.09
C LYS B 178 35.50 6.42 -46.51
N LEU B 179 35.49 7.21 -47.60
CA LEU B 179 34.26 7.85 -48.07
C LEU B 179 33.20 6.88 -48.58
N GLY B 180 33.65 5.81 -49.27
CA GLY B 180 32.73 4.85 -49.88
C GLY B 180 31.69 4.34 -48.89
N PRO B 181 32.15 3.67 -47.81
CA PRO B 181 31.19 3.10 -46.86
C PRO B 181 30.46 4.15 -46.01
N ALA B 182 31.17 5.23 -45.67
CA ALA B 182 30.59 6.28 -44.85
C ALA B 182 29.43 6.95 -45.57
N LEU B 183 29.59 7.21 -46.86
CA LEU B 183 28.55 7.90 -47.63
C LEU B 183 27.44 6.94 -48.08
N ALA B 184 27.80 5.68 -48.36
CA ALA B 184 26.78 4.70 -48.74
C ALA B 184 25.72 4.59 -47.64
N THR B 185 26.16 4.71 -46.38
CA THR B 185 25.25 4.60 -45.24
C THR B 185 24.72 5.93 -44.66
N GLY B 186 24.94 7.04 -45.36
CA GLY B 186 24.26 8.28 -44.99
C GLY B 186 24.91 9.09 -43.89
N ASN B 187 26.17 8.78 -43.62
CA ASN B 187 26.97 9.51 -42.65
C ASN B 187 27.49 10.83 -43.22
N VAL B 188 28.01 11.67 -42.33
CA VAL B 188 28.73 12.89 -42.71
C VAL B 188 30.19 12.81 -42.20
N VAL B 189 31.09 13.45 -42.91
CA VAL B 189 32.52 13.23 -42.73
C VAL B 189 33.33 14.51 -42.50
N VAL B 190 34.25 14.43 -41.56
CA VAL B 190 35.33 15.38 -41.45
C VAL B 190 36.62 14.58 -41.62
N MET B 191 37.30 14.82 -42.75
CA MET B 191 38.48 14.06 -43.13
C MET B 191 39.76 14.87 -42.93
N LYS B 192 40.75 14.24 -42.30
CA LYS B 192 42.07 14.83 -42.16
C LYS B 192 43.07 14.04 -43.02
N VAL B 193 43.47 14.64 -44.13
CA VAL B 193 44.42 14.04 -45.05
C VAL B 193 45.86 14.31 -44.59
N ALA B 194 46.77 13.42 -45.01
CA ALA B 194 48.16 13.47 -44.63
C ALA B 194 48.80 14.74 -45.16
N GLU B 195 49.60 15.38 -44.31
CA GLU B 195 50.32 16.59 -44.68
C GLU B 195 51.29 16.37 -45.87
N GLN B 196 51.79 15.15 -46.02
CA GLN B 196 52.72 14.82 -47.09
C GLN B 196 52.01 14.76 -48.44
N THR B 197 50.72 14.42 -48.42
CA THR B 197 49.94 14.18 -49.64
C THR B 197 48.51 14.75 -49.62
N PRO B 198 48.37 16.08 -49.39
CA PRO B 198 47.02 16.62 -49.33
C PRO B 198 46.32 16.85 -50.67
N LEU B 199 47.11 17.01 -51.75
CA LEU B 199 46.58 17.61 -52.98
C LEU B 199 45.47 16.83 -53.71
N THR B 200 45.66 15.53 -53.93
CA THR B 200 44.65 14.76 -54.68
C THR B 200 43.26 14.71 -54.02
N ALA B 201 43.26 14.58 -52.70
CA ALA B 201 42.03 14.47 -51.92
C ALA B 201 41.28 15.80 -51.92
N LEU B 202 42.03 16.91 -51.91
CA LEU B 202 41.45 18.23 -52.05
C LEU B 202 40.80 18.40 -53.43
N TYR B 203 41.44 17.93 -54.50
CA TYR B 203 40.82 18.02 -55.82
C TYR B 203 39.53 17.18 -55.89
N VAL B 204 39.56 15.99 -55.29
CA VAL B 204 38.37 15.13 -55.21
C VAL B 204 37.19 15.80 -54.50
N ALA B 205 37.48 16.70 -53.56
CA ALA B 205 36.46 17.50 -52.87
C ALA B 205 35.71 18.44 -53.82
N ASN B 206 36.44 19.05 -54.77
CA ASN B 206 35.82 19.72 -55.91
C ASN B 206 34.85 18.83 -56.68
N LEU B 207 35.24 17.59 -56.91
CA LEU B 207 34.38 16.63 -57.63
C LEU B 207 33.14 16.25 -56.80
N ILE B 208 33.31 16.18 -55.48
CA ILE B 208 32.19 15.95 -54.55
C ILE B 208 31.13 17.06 -54.63
N LYS B 209 31.58 18.32 -54.65
CA LYS B 209 30.70 19.45 -54.92
C LYS B 209 30.03 19.32 -56.30
N GLU B 210 30.83 18.98 -57.32
CA GLU B 210 30.31 18.82 -58.68
C GLU B 210 29.32 17.67 -58.79
N ALA B 211 29.60 16.56 -58.10
CA ALA B 211 28.72 15.37 -58.08
C ALA B 211 27.31 15.67 -57.54
N GLY B 212 27.22 16.69 -56.68
CA GLY B 212 25.94 17.13 -56.12
C GLY B 212 25.70 16.74 -54.68
N PHE B 213 26.76 16.39 -53.94
CA PHE B 213 26.61 16.05 -52.51
C PHE B 213 26.28 17.34 -51.77
N PRO B 214 25.26 17.28 -50.90
CA PRO B 214 24.85 18.49 -50.17
C PRO B 214 26.01 19.05 -49.34
N PRO B 215 26.08 20.38 -49.18
CA PRO B 215 27.14 21.04 -48.45
C PRO B 215 27.26 20.56 -47.01
N GLY B 216 28.49 20.25 -46.60
CA GLY B 216 28.72 19.76 -45.24
C GLY B 216 28.72 18.25 -45.06
N VAL B 217 28.25 17.51 -46.07
CA VAL B 217 28.30 16.03 -46.07
C VAL B 217 29.75 15.52 -46.07
N VAL B 218 30.62 16.18 -46.85
CA VAL B 218 32.05 15.88 -46.81
C VAL B 218 32.84 17.18 -46.58
N ASN B 219 33.67 17.17 -45.53
CA ASN B 219 34.54 18.31 -45.20
C ASN B 219 35.97 17.82 -45.04
N ILE B 220 36.92 18.61 -45.53
CA ILE B 220 38.31 18.17 -45.56
C ILE B 220 39.22 19.24 -44.98
N VAL B 221 39.97 18.83 -43.97
CA VAL B 221 40.89 19.71 -43.26
C VAL B 221 42.31 19.19 -43.41
N PRO B 222 43.09 19.80 -44.32
CA PRO B 222 44.53 19.56 -44.33
C PRO B 222 45.14 20.25 -43.12
N GLY B 223 46.32 19.77 -42.71
CA GLY B 223 47.01 20.27 -41.52
C GLY B 223 47.81 19.12 -40.93
N PHE B 224 48.41 19.35 -39.77
CA PHE B 224 49.26 18.32 -39.13
C PHE B 224 48.48 17.41 -38.19
N GLY B 225 49.14 16.36 -37.71
CA GLY B 225 48.48 15.34 -36.88
C GLY B 225 48.19 15.77 -35.44
N PRO B 226 49.23 16.25 -34.73
CA PRO B 226 49.04 16.64 -33.32
C PRO B 226 48.06 17.80 -33.17
N THR B 227 47.78 18.50 -34.28
CA THR B 227 46.86 19.62 -34.26
C THR B 227 45.48 19.23 -34.80
N ALA B 228 45.38 19.06 -36.12
CA ALA B 228 44.09 18.82 -36.76
C ALA B 228 43.54 17.42 -36.47
N GLY B 229 44.39 16.40 -36.61
CA GLY B 229 44.01 15.02 -36.29
C GLY B 229 43.59 14.82 -34.84
N ALA B 230 44.36 15.40 -33.92
CA ALA B 230 44.04 15.29 -32.49
C ALA B 230 42.76 16.06 -32.16
N ALA B 231 42.52 17.16 -32.86
CA ALA B 231 41.29 17.92 -32.67
C ALA B 231 40.06 17.11 -33.08
N ILE B 232 40.21 16.30 -34.12
CA ILE B 232 39.15 15.38 -34.57
C ILE B 232 38.90 14.25 -33.56
N ALA B 233 39.97 13.57 -33.16
CA ALA B 233 39.89 12.49 -32.18
C ALA B 233 39.31 12.91 -30.81
N SER B 234 39.63 14.11 -30.36
CA SER B 234 39.19 14.60 -29.07
C SER B 234 37.88 15.38 -29.15
N HIS B 235 37.31 15.53 -30.33
CA HIS B 235 36.15 16.41 -30.49
C HIS B 235 34.92 15.81 -29.81
N GLU B 236 34.18 16.63 -29.09
CA GLU B 236 33.04 16.19 -28.30
C GLU B 236 31.74 15.98 -29.10
N ASP B 237 31.75 16.33 -30.39
CA ASP B 237 30.58 16.13 -31.24
C ASP B 237 30.92 15.31 -32.50
N VAL B 238 32.03 14.59 -32.43
CA VAL B 238 32.38 13.60 -33.44
C VAL B 238 31.95 12.24 -32.85
N ASP B 239 31.07 11.55 -33.56
CA ASP B 239 30.48 10.31 -33.10
C ASP B 239 31.37 9.09 -33.30
N LYS B 240 32.20 9.13 -34.34
CA LYS B 240 32.97 7.96 -34.75
C LYS B 240 34.26 8.48 -35.36
N VAL B 241 35.39 7.85 -35.03
CA VAL B 241 36.67 8.15 -35.68
C VAL B 241 37.23 6.89 -36.34
N ALA B 242 37.73 7.04 -37.56
CA ALA B 242 38.44 5.95 -38.25
C ALA B 242 39.80 6.48 -38.59
N PHE B 243 40.81 5.79 -38.09
CA PHE B 243 42.20 6.20 -38.25
C PHE B 243 43.00 5.13 -38.97
N ALA B 244 43.75 5.55 -39.98
CA ALA B 244 44.77 4.70 -40.60
C ALA B 244 46.15 5.35 -40.44
N GLY B 245 47.10 4.59 -39.90
CA GLY B 245 48.46 5.07 -39.72
C GLY B 245 49.27 4.15 -38.84
N SER B 246 50.20 4.72 -38.09
CA SER B 246 51.11 3.93 -37.24
C SER B 246 50.42 3.38 -36.00
N THR B 247 50.90 2.23 -35.53
CA THR B 247 50.41 1.61 -34.28
C THR B 247 50.57 2.59 -33.09
N GLU B 248 51.72 3.26 -33.02
CA GLU B 248 51.95 4.32 -32.02
C GLU B 248 50.83 5.37 -31.95
N ILE B 249 50.42 5.91 -33.09
CA ILE B 249 49.39 6.97 -33.09
C ILE B 249 47.97 6.39 -32.94
N GLY B 250 47.77 5.15 -33.37
CA GLY B 250 46.56 4.39 -33.05
C GLY B 250 46.23 4.42 -31.56
N ARG B 251 47.23 4.15 -30.72
CA ARG B 251 47.09 4.31 -29.25
C ARG B 251 46.53 5.66 -28.83
N VAL B 252 47.16 6.73 -29.33
CA VAL B 252 46.76 8.12 -29.04
C VAL B 252 45.29 8.37 -29.40
N ILE B 253 44.86 7.85 -30.55
CA ILE B 253 43.48 7.99 -31.02
C ILE B 253 42.49 7.37 -30.02
N GLN B 254 42.73 6.13 -29.63
CA GLN B 254 41.85 5.35 -28.73
C GLN B 254 41.74 5.99 -27.35
N VAL B 255 42.87 6.51 -26.85
CA VAL B 255 42.91 7.24 -25.57
C VAL B 255 42.10 8.53 -25.69
N ALA B 256 42.29 9.27 -26.79
CA ALA B 256 41.56 10.51 -27.04
C ALA B 256 40.04 10.31 -27.11
N ALA B 257 39.62 9.20 -27.68
CA ALA B 257 38.21 8.82 -27.78
C ALA B 257 37.55 8.50 -26.43
N GLY B 258 38.28 7.78 -25.57
CA GLY B 258 37.79 7.46 -24.24
C GLY B 258 37.91 8.62 -23.27
N SER B 259 38.84 9.54 -23.55
CA SER B 259 39.04 10.75 -22.74
C SER B 259 38.06 11.87 -23.09
N SER B 260 37.41 11.77 -24.25
CA SER B 260 36.44 12.77 -24.67
C SER B 260 34.99 12.29 -24.51
N ASN B 261 34.39 11.77 -25.58
CA ASN B 261 32.96 11.48 -25.59
C ASN B 261 32.60 10.01 -25.82
N LEU B 262 33.58 9.14 -25.60
CA LEU B 262 33.45 7.70 -25.89
C LEU B 262 32.95 7.42 -27.33
N LYS B 263 33.49 8.19 -28.28
CA LYS B 263 33.20 7.97 -29.70
C LYS B 263 33.64 6.59 -30.15
N ARG B 264 32.97 6.09 -31.17
CA ARG B 264 33.28 4.80 -31.78
CA ARG B 264 33.31 4.79 -31.74
C ARG B 264 34.62 4.87 -32.54
N VAL B 265 35.43 3.82 -32.41
CA VAL B 265 36.80 3.81 -32.97
C VAL B 265 37.05 2.56 -33.83
N THR B 266 37.56 2.75 -35.06
CA THR B 266 38.21 1.66 -35.80
C THR B 266 39.62 2.11 -36.18
N LEU B 267 40.55 1.15 -36.22
CA LEU B 267 41.97 1.44 -36.49
C LEU B 267 42.55 0.49 -37.54
N GLU B 268 43.29 1.06 -38.49
CA GLU B 268 44.11 0.26 -39.40
C GLU B 268 45.57 0.67 -39.23
N LEU B 269 46.35 -0.21 -38.63
CA LEU B 269 47.70 0.13 -38.18
C LEU B 269 48.78 -0.60 -38.98
N GLY B 270 49.98 -0.71 -38.42
CA GLY B 270 51.11 -1.30 -39.16
C GLY B 270 51.02 -2.81 -39.32
N GLY B 271 52.13 -3.41 -39.72
CA GLY B 271 52.25 -4.86 -39.82
C GLY B 271 53.68 -5.31 -40.06
N LYS B 272 53.90 -6.60 -39.91
CA LYS B 272 55.17 -7.19 -40.25
C LYS B 272 54.83 -8.56 -40.84
N SER B 273 54.13 -8.52 -41.97
CA SER B 273 53.41 -9.67 -42.52
C SER B 273 54.36 -10.75 -43.07
N PRO B 274 54.19 -12.01 -42.61
CA PRO B 274 54.95 -13.16 -43.08
C PRO B 274 54.46 -13.69 -44.44
N ASN B 275 55.42 -13.91 -45.35
CA ASN B 275 55.16 -14.53 -46.64
C ASN B 275 55.90 -15.86 -46.61
N ILE B 276 55.14 -16.95 -46.49
CA ILE B 276 55.70 -18.28 -46.27
C ILE B 276 55.76 -19.08 -47.59
N ILE B 277 56.99 -19.46 -47.98
CA ILE B 277 57.23 -20.19 -49.23
C ILE B 277 57.60 -21.63 -48.91
N MET B 278 56.66 -22.54 -49.18
CA MET B 278 56.85 -23.95 -48.91
C MET B 278 57.70 -24.57 -50.02
N SER B 279 58.35 -25.69 -49.74
CA SER B 279 59.29 -26.27 -50.72
C SER B 279 58.62 -26.67 -52.03
N ASP B 280 57.33 -27.01 -51.97
CA ASP B 280 56.58 -27.39 -53.17
C ASP B 280 55.98 -26.22 -53.96
N ALA B 281 56.26 -24.99 -53.54
CA ALA B 281 55.76 -23.81 -54.23
C ALA B 281 56.25 -23.74 -55.68
N ASP B 282 55.49 -23.08 -56.55
CA ASP B 282 55.98 -22.76 -57.90
C ASP B 282 57.09 -21.70 -57.74
N MET B 283 58.33 -22.06 -58.08
CA MET B 283 59.51 -21.23 -57.79
C MET B 283 59.49 -19.86 -58.46
N ASP B 284 59.36 -19.84 -59.79
CA ASP B 284 59.31 -18.59 -60.57
C ASP B 284 58.21 -17.65 -60.05
N TRP B 285 57.02 -18.20 -59.85
CA TRP B 285 55.86 -17.42 -59.41
C TRP B 285 56.08 -16.93 -57.99
N ALA B 286 56.58 -17.80 -57.11
CA ALA B 286 56.83 -17.39 -55.73
C ALA B 286 57.84 -16.25 -55.63
N VAL B 287 58.90 -16.31 -56.42
CA VAL B 287 59.94 -15.28 -56.41
C VAL B 287 59.38 -13.93 -56.86
N GLU B 288 58.63 -13.92 -57.96
CA GLU B 288 58.03 -12.69 -58.47
C GLU B 288 57.02 -12.10 -57.48
N GLN B 289 56.17 -12.96 -56.94
CA GLN B 289 55.18 -12.53 -55.93
C GLN B 289 55.80 -12.07 -54.61
N ALA B 290 56.88 -12.71 -54.16
CA ALA B 290 57.57 -12.27 -52.95
C ALA B 290 58.23 -10.90 -53.15
N HIS B 291 58.72 -10.64 -54.36
CA HIS B 291 59.26 -9.34 -54.72
C HIS B 291 58.16 -8.27 -54.73
N PHE B 292 57.07 -8.53 -55.46
CA PHE B 292 55.92 -7.64 -55.42
C PHE B 292 55.46 -7.42 -53.97
N ALA B 293 55.39 -8.52 -53.22
CA ALA B 293 54.84 -8.52 -51.84
C ALA B 293 55.56 -7.52 -50.95
N LEU B 294 56.88 -7.40 -51.13
CA LEU B 294 57.70 -6.49 -50.32
C LEU B 294 57.87 -5.10 -50.97
N PHE B 295 58.23 -5.07 -52.26
CA PHE B 295 58.56 -3.79 -52.93
C PHE B 295 57.42 -2.89 -53.46
N PHE B 296 56.20 -3.43 -53.54
CA PHE B 296 55.07 -2.63 -53.99
C PHE B 296 55.05 -1.26 -53.31
N ASN B 297 54.78 -0.23 -54.10
CA ASN B 297 54.59 1.13 -53.58
C ASN B 297 55.79 1.67 -52.78
N GLN B 298 57.00 1.44 -53.30
CA GLN B 298 58.25 1.84 -52.62
C GLN B 298 58.42 1.18 -51.25
N GLY B 299 57.78 0.02 -51.06
CA GLY B 299 57.73 -0.66 -49.79
C GLY B 299 56.74 -0.03 -48.80
N GLN B 300 55.98 0.98 -49.26
CA GLN B 300 55.09 1.75 -48.37
C GLN B 300 53.67 1.19 -48.30
N CYS B 301 53.58 -0.06 -47.86
N CYS B 301 53.61 -0.08 -47.89
CA CYS B 301 52.32 -0.78 -47.78
CA CYS B 301 52.38 -0.84 -47.73
C CYS B 301 52.18 -1.47 -46.43
C CYS B 301 52.27 -1.35 -46.31
N CYS B 302 51.11 -1.13 -45.72
CA CYS B 302 50.80 -1.67 -44.38
C CYS B 302 50.96 -3.19 -44.28
N CYS B 303 50.56 -3.89 -45.33
CA CYS B 303 50.57 -5.35 -45.35
C CYS B 303 51.74 -5.94 -46.13
N ALA B 304 52.78 -5.13 -46.38
CA ALA B 304 54.00 -5.62 -47.06
C ALA B 304 54.49 -6.97 -46.51
N GLY B 305 54.88 -7.86 -47.43
CA GLY B 305 55.47 -9.16 -47.07
C GLY B 305 56.89 -8.99 -46.59
N SER B 306 57.03 -8.43 -45.40
CA SER B 306 58.34 -7.99 -44.90
C SER B 306 59.08 -9.05 -44.09
N ARG B 307 58.47 -10.23 -43.95
CA ARG B 307 59.18 -11.40 -43.44
C ARG B 307 58.98 -12.55 -44.40
N THR B 308 60.00 -12.84 -45.20
CA THR B 308 59.88 -13.85 -46.25
C THR B 308 60.48 -15.15 -45.72
N PHE B 309 59.62 -16.05 -45.26
CA PHE B 309 60.06 -17.36 -44.73
C PHE B 309 60.16 -18.38 -45.84
N VAL B 310 61.33 -18.98 -46.00
CA VAL B 310 61.56 -19.90 -47.12
C VAL B 310 62.05 -21.24 -46.62
N GLN B 311 61.37 -22.32 -47.03
N GLN B 311 61.38 -22.31 -47.03
CA GLN B 311 61.76 -23.66 -46.58
CA GLN B 311 61.74 -23.65 -46.56
C GLN B 311 63.20 -23.89 -47.00
C GLN B 311 63.15 -24.00 -47.04
N GLU B 312 63.96 -24.57 -46.15
CA GLU B 312 65.41 -24.69 -46.36
C GLU B 312 65.89 -25.36 -47.66
N ASP B 313 65.09 -26.28 -48.18
CA ASP B 313 65.42 -27.02 -49.42
C ASP B 313 65.44 -26.13 -50.64
N ILE B 314 64.71 -25.02 -50.61
CA ILE B 314 64.64 -24.14 -51.77
C ILE B 314 65.28 -22.77 -51.45
N TYR B 315 65.74 -22.61 -50.21
CA TYR B 315 66.27 -21.33 -49.72
C TYR B 315 67.37 -20.75 -50.61
N ASP B 316 68.40 -21.54 -50.90
CA ASP B 316 69.53 -21.04 -51.71
C ASP B 316 69.09 -20.53 -53.07
N GLU B 317 68.33 -21.35 -53.81
CA GLU B 317 67.80 -20.94 -55.11
C GLU B 317 66.90 -19.73 -54.99
N PHE B 318 65.99 -19.74 -54.02
CA PHE B 318 65.02 -18.64 -53.88
C PHE B 318 65.72 -17.29 -53.67
N VAL B 319 66.74 -17.27 -52.81
CA VAL B 319 67.46 -16.04 -52.46
C VAL B 319 68.21 -15.53 -53.69
N GLU B 320 68.93 -16.44 -54.31
CA GLU B 320 69.67 -16.17 -55.55
C GLU B 320 68.77 -15.47 -56.57
N ARG B 321 67.60 -16.04 -56.84
CA ARG B 321 66.63 -15.42 -57.76
C ARG B 321 66.05 -14.10 -57.25
N SER B 322 65.84 -13.99 -55.93
CA SER B 322 65.28 -12.77 -55.33
C SER B 322 66.27 -11.63 -55.47
N VAL B 323 67.55 -11.94 -55.33
CA VAL B 323 68.61 -10.95 -55.45
C VAL B 323 68.68 -10.43 -56.89
N ALA B 324 68.63 -11.33 -57.86
CA ALA B 324 68.66 -10.95 -59.27
C ALA B 324 67.49 -10.04 -59.59
N ARG B 325 66.31 -10.39 -59.07
CA ARG B 325 65.10 -9.61 -59.32
C ARG B 325 65.15 -8.21 -58.71
N ALA B 326 65.68 -8.09 -57.50
CA ALA B 326 65.81 -6.78 -56.85
C ALA B 326 66.84 -5.90 -57.56
N LYS B 327 67.97 -6.49 -57.95
CA LYS B 327 68.99 -5.80 -58.76
C LYS B 327 68.45 -5.25 -60.08
N SER B 328 67.45 -5.92 -60.67
CA SER B 328 66.91 -5.49 -61.94
C SER B 328 65.77 -4.48 -61.81
N ARG B 329 65.34 -4.19 -60.58
CA ARG B 329 64.26 -3.24 -60.35
C ARG B 329 64.69 -1.80 -60.69
N VAL B 330 63.92 -1.13 -61.54
CA VAL B 330 64.29 0.23 -62.00
C VAL B 330 63.79 1.38 -61.10
N VAL B 331 64.74 2.11 -60.53
CA VAL B 331 64.47 3.27 -59.69
C VAL B 331 64.72 4.53 -60.51
N GLY B 332 63.78 5.47 -60.46
CA GLY B 332 64.01 6.75 -61.14
C GLY B 332 62.80 7.65 -61.16
N ASN B 333 62.84 8.62 -62.07
CA ASN B 333 61.72 9.52 -62.31
C ASN B 333 60.41 8.72 -62.44
N PRO B 334 59.46 8.93 -61.51
CA PRO B 334 58.22 8.13 -61.56
C PRO B 334 57.32 8.43 -62.78
N PHE B 335 57.58 9.53 -63.46
CA PHE B 335 56.87 9.88 -64.69
C PHE B 335 57.39 9.16 -65.95
N ASP B 336 58.56 8.54 -65.84
CA ASP B 336 59.19 7.77 -66.92
C ASP B 336 58.63 6.35 -66.93
N SER B 337 58.27 5.85 -68.12
CA SER B 337 57.52 4.59 -68.22
C SER B 337 58.32 3.35 -67.77
N LYS B 338 59.64 3.47 -67.77
CA LYS B 338 60.54 2.38 -67.35
C LYS B 338 60.68 2.23 -65.83
N THR B 339 60.21 3.23 -65.08
CA THR B 339 60.47 3.28 -63.64
C THR B 339 59.54 2.33 -62.92
N GLU B 340 60.11 1.42 -62.11
CA GLU B 340 59.29 0.55 -61.26
C GLU B 340 59.17 1.08 -59.83
N GLN B 341 60.16 1.87 -59.42
CA GLN B 341 60.23 2.41 -58.06
C GLN B 341 60.53 3.91 -58.10
N GLY B 342 59.66 4.70 -57.46
CA GLY B 342 59.93 6.13 -57.26
C GLY B 342 60.68 6.38 -55.97
N PRO B 343 60.65 7.64 -55.46
CA PRO B 343 61.24 7.92 -54.18
C PRO B 343 60.31 7.53 -53.04
N GLN B 344 60.85 7.50 -51.84
CA GLN B 344 60.05 7.45 -50.62
C GLN B 344 59.35 8.82 -50.46
N VAL B 345 58.31 8.86 -49.64
CA VAL B 345 57.38 9.98 -49.62
C VAL B 345 57.99 11.30 -49.11
N ASP B 346 58.93 11.21 -48.16
CA ASP B 346 59.53 12.40 -47.56
C ASP B 346 60.88 12.11 -46.92
N GLU B 347 61.51 13.14 -46.35
CA GLU B 347 62.85 13.00 -45.78
C GLU B 347 62.90 12.23 -44.48
N THR B 348 61.86 12.37 -43.66
CA THR B 348 61.75 11.59 -42.42
C THR B 348 61.76 10.08 -42.70
N GLN B 349 60.93 9.64 -43.65
CA GLN B 349 60.84 8.23 -44.06
C GLN B 349 62.17 7.74 -44.68
N PHE B 350 62.69 8.54 -45.61
CA PHE B 350 64.04 8.39 -46.14
C PHE B 350 65.07 8.07 -45.05
N LYS B 351 65.17 8.96 -44.07
CA LYS B 351 66.14 8.83 -42.98
C LYS B 351 65.88 7.59 -42.09
N LYS B 352 64.60 7.34 -41.82
CA LYS B 352 64.20 6.21 -40.99
C LYS B 352 64.57 4.88 -41.63
N ILE B 353 64.42 4.79 -42.95
CA ILE B 353 64.74 3.56 -43.69
C ILE B 353 66.25 3.29 -43.76
N LEU B 354 67.03 4.32 -44.08
CA LEU B 354 68.49 4.21 -44.01
C LEU B 354 68.93 3.77 -42.61
N GLY B 355 68.22 4.28 -41.59
CA GLY B 355 68.45 3.88 -40.20
C GLY B 355 68.24 2.38 -39.99
N TYR B 356 67.14 1.86 -40.54
CA TYR B 356 66.87 0.42 -40.45
C TYR B 356 67.90 -0.38 -41.24
N ILE B 357 68.30 0.13 -42.40
CA ILE B 357 69.34 -0.57 -43.17
C ILE B 357 70.63 -0.67 -42.33
N ASN B 358 70.98 0.42 -41.64
CA ASN B 358 72.16 0.38 -40.76
C ASN B 358 72.08 -0.64 -39.62
N THR B 359 70.91 -0.76 -38.99
N THR B 359 70.93 -0.78 -38.95
CA THR B 359 70.68 -1.71 -37.91
CA THR B 359 70.80 -1.79 -37.88
C THR B 359 70.84 -3.16 -38.42
C THR B 359 70.91 -3.20 -38.45
N GLY B 360 70.36 -3.40 -39.65
CA GLY B 360 70.47 -4.70 -40.32
C GLY B 360 71.92 -5.12 -40.50
N LYS B 361 72.77 -4.19 -40.95
CA LYS B 361 74.20 -4.47 -41.11
C LYS B 361 74.86 -4.70 -39.75
N GLN B 362 74.58 -3.81 -38.80
CA GLN B 362 75.11 -3.89 -37.44
C GLN B 362 74.79 -5.21 -36.72
N GLU B 363 73.57 -5.70 -36.87
CA GLU B 363 73.13 -6.91 -36.17
C GLU B 363 73.48 -8.23 -36.91
N GLY B 364 74.17 -8.12 -38.04
CA GLY B 364 74.76 -9.30 -38.67
C GLY B 364 73.89 -10.01 -39.70
N ALA B 365 72.83 -9.35 -40.18
CA ALA B 365 72.06 -9.86 -41.33
C ALA B 365 72.91 -9.70 -42.59
N LYS B 366 72.75 -10.63 -43.52
CA LYS B 366 73.58 -10.66 -44.71
C LYS B 366 73.02 -9.73 -45.78
N LEU B 367 73.68 -8.57 -45.98
CA LEU B 367 73.30 -7.63 -47.03
C LEU B 367 73.68 -8.21 -48.38
N LEU B 368 72.68 -8.44 -49.23
CA LEU B 368 72.90 -9.16 -50.48
C LEU B 368 72.90 -8.25 -51.70
N CYS B 369 72.20 -7.12 -51.60
CA CYS B 369 72.18 -6.10 -52.63
C CYS B 369 71.59 -4.81 -52.05
N GLY B 370 71.75 -3.71 -52.77
CA GLY B 370 71.35 -2.39 -52.32
C GLY B 370 72.04 -1.92 -51.06
N GLY B 371 71.26 -1.29 -50.17
CA GLY B 371 71.78 -0.85 -48.87
C GLY B 371 72.01 0.64 -48.75
N GLY B 372 71.93 1.38 -49.86
CA GLY B 372 72.16 2.82 -49.82
C GLY B 372 71.23 3.63 -50.72
N ILE B 373 71.53 4.92 -50.82
CA ILE B 373 70.71 5.83 -51.61
C ILE B 373 70.91 5.55 -53.10
N ALA B 374 69.89 5.80 -53.90
CA ALA B 374 69.94 5.45 -55.32
C ALA B 374 70.06 6.66 -56.26
N ALA B 375 70.14 7.86 -55.69
CA ALA B 375 70.22 9.12 -56.46
C ALA B 375 70.67 10.26 -55.56
N ASP B 376 71.27 11.28 -56.16
CA ASP B 376 71.77 12.47 -55.43
C ASP B 376 70.68 13.49 -55.14
N ARG B 377 69.54 13.31 -55.78
CA ARG B 377 68.40 14.21 -55.57
C ARG B 377 67.10 13.43 -55.42
N GLY B 378 66.22 13.92 -54.54
CA GLY B 378 65.00 13.21 -54.18
C GLY B 378 65.27 12.04 -53.24
N TYR B 379 64.21 11.44 -52.71
CA TYR B 379 64.37 10.45 -51.63
C TYR B 379 64.35 9.01 -52.12
N PHE B 380 65.28 8.70 -53.02
CA PHE B 380 65.36 7.39 -53.67
C PHE B 380 66.29 6.48 -52.89
N ILE B 381 65.83 5.24 -52.65
CA ILE B 381 66.59 4.22 -51.93
C ILE B 381 66.72 2.96 -52.79
N GLN B 382 67.90 2.34 -52.79
CA GLN B 382 68.13 1.12 -53.57
C GLN B 382 67.31 -0.05 -53.01
N PRO B 383 66.68 -0.85 -53.91
CA PRO B 383 66.10 -2.12 -53.51
C PRO B 383 67.14 -2.94 -52.77
N THR B 384 66.82 -3.20 -51.51
CA THR B 384 67.73 -3.78 -50.57
C THR B 384 67.18 -5.11 -50.09
N VAL B 385 68.03 -6.14 -50.13
CA VAL B 385 67.68 -7.48 -49.68
C VAL B 385 68.66 -7.94 -48.60
N PHE B 386 68.12 -8.34 -47.45
CA PHE B 386 68.91 -9.00 -46.41
C PHE B 386 68.61 -10.50 -46.36
N GLY B 387 69.65 -11.33 -46.33
CA GLY B 387 69.50 -12.76 -46.16
C GLY B 387 69.90 -13.22 -44.76
N ASP B 388 69.59 -14.49 -44.44
CA ASP B 388 69.89 -15.08 -43.12
C ASP B 388 69.32 -14.24 -41.96
N VAL B 389 68.16 -13.67 -42.19
CA VAL B 389 67.54 -12.86 -41.15
C VAL B 389 67.02 -13.77 -40.03
N GLN B 390 67.16 -13.31 -38.80
CA GLN B 390 66.83 -14.09 -37.60
C GLN B 390 65.71 -13.38 -36.88
N ASP B 391 64.91 -14.12 -36.12
CA ASP B 391 63.68 -13.55 -35.55
C ASP B 391 63.90 -12.40 -34.57
N GLY B 392 65.05 -12.41 -33.89
CA GLY B 392 65.38 -11.40 -32.90
C GLY B 392 65.87 -10.08 -33.46
N MET B 393 66.26 -10.06 -34.74
CA MET B 393 66.80 -8.83 -35.35
C MET B 393 65.74 -7.75 -35.47
N THR B 394 66.17 -6.49 -35.35
CA THR B 394 65.30 -5.32 -35.50
C THR B 394 64.55 -5.30 -36.84
N ILE B 395 65.27 -5.61 -37.92
CA ILE B 395 64.62 -5.61 -39.25
C ILE B 395 63.59 -6.74 -39.42
N ALA B 396 63.62 -7.73 -38.53
CA ALA B 396 62.63 -8.82 -38.53
C ALA B 396 61.43 -8.50 -37.66
N LYS B 397 61.57 -7.53 -36.76
CA LYS B 397 60.51 -7.21 -35.79
C LYS B 397 59.75 -5.93 -36.12
N GLU B 398 60.47 -4.89 -36.55
CA GLU B 398 59.87 -3.59 -36.77
C GLU B 398 59.55 -3.32 -38.22
N GLU B 399 58.40 -2.66 -38.43
CA GLU B 399 57.97 -2.26 -39.76
C GLU B 399 58.87 -1.14 -40.33
N ILE B 400 59.50 -1.44 -41.47
CA ILE B 400 60.46 -0.54 -42.11
C ILE B 400 59.80 0.45 -43.07
N PHE B 401 58.79 -0.02 -43.80
CA PHE B 401 57.99 0.83 -44.69
C PHE B 401 58.86 1.40 -45.83
N GLY B 402 59.81 0.58 -46.27
CA GLY B 402 60.73 0.93 -47.36
C GLY B 402 61.13 -0.31 -48.14
N PRO B 403 61.93 -0.12 -49.22
CA PRO B 403 62.34 -1.25 -50.08
C PRO B 403 63.44 -2.11 -49.46
N VAL B 404 63.12 -2.76 -48.34
CA VAL B 404 64.07 -3.57 -47.57
C VAL B 404 63.48 -4.96 -47.28
N MET B 405 64.06 -5.97 -47.91
CA MET B 405 63.52 -7.32 -47.88
C MET B 405 64.29 -8.20 -46.92
N GLN B 406 63.55 -8.95 -46.11
CA GLN B 406 64.10 -9.87 -45.13
C GLN B 406 63.75 -11.27 -45.56
N ILE B 407 64.78 -12.09 -45.75
CA ILE B 407 64.54 -13.49 -46.08
C ILE B 407 65.04 -14.38 -44.95
N LEU B 408 64.13 -15.20 -44.41
CA LEU B 408 64.39 -16.09 -43.27
C LEU B 408 64.22 -17.56 -43.69
N LYS B 409 64.98 -18.45 -43.04
CA LYS B 409 65.00 -19.87 -43.39
C LYS B 409 64.22 -20.66 -42.36
N PHE B 410 63.47 -21.66 -42.81
CA PHE B 410 62.80 -22.53 -41.86
C PHE B 410 62.82 -24.00 -42.33
N LYS B 411 62.54 -24.91 -41.40
CA LYS B 411 62.48 -26.32 -41.74
C LYS B 411 61.04 -26.83 -41.86
N THR B 412 60.27 -26.78 -40.76
CA THR B 412 58.96 -27.44 -40.70
C THR B 412 57.76 -26.50 -40.75
N ILE B 413 56.61 -27.03 -41.17
CA ILE B 413 55.37 -26.26 -41.20
C ILE B 413 54.97 -25.79 -39.79
N GLU B 414 55.17 -26.66 -38.79
CA GLU B 414 54.85 -26.36 -37.39
C GLU B 414 55.72 -25.25 -36.84
N GLU B 415 57.00 -25.32 -37.17
CA GLU B 415 57.96 -24.28 -36.80
C GLU B 415 57.52 -22.92 -37.35
N VAL B 416 57.19 -22.87 -38.64
CA VAL B 416 56.97 -21.58 -39.30
C VAL B 416 55.68 -20.92 -38.85
N VAL B 417 54.69 -21.72 -38.47
CA VAL B 417 53.45 -21.22 -37.89
C VAL B 417 53.75 -20.43 -36.62
N GLY B 418 54.47 -21.05 -35.69
CA GLY B 418 54.91 -20.40 -34.45
C GLY B 418 55.67 -19.11 -34.72
N ARG B 419 56.66 -19.18 -35.61
CA ARG B 419 57.48 -18.00 -35.92
C ARG B 419 56.66 -16.87 -36.59
N ALA B 420 55.81 -17.24 -37.55
CA ALA B 420 54.95 -16.27 -38.23
C ALA B 420 54.01 -15.57 -37.23
N ASN B 421 53.47 -16.35 -36.28
CA ASN B 421 52.50 -15.85 -35.29
C ASN B 421 53.15 -15.14 -34.09
N ASN B 422 54.46 -15.34 -33.92
CA ASN B 422 55.21 -14.66 -32.85
C ASN B 422 55.49 -13.20 -33.22
N SER B 423 54.43 -12.40 -33.16
CA SER B 423 54.49 -11.01 -33.55
C SER B 423 53.28 -10.33 -32.89
N THR B 424 53.42 -9.06 -32.57
CA THR B 424 52.29 -8.32 -32.03
C THR B 424 51.50 -7.67 -33.17
N TYR B 425 52.00 -7.83 -34.39
CA TYR B 425 51.28 -7.48 -35.61
C TYR B 425 50.48 -8.69 -36.14
N GLY B 426 49.47 -8.43 -36.97
CA GLY B 426 48.63 -9.51 -37.52
C GLY B 426 47.74 -9.01 -38.65
N LEU B 427 48.33 -8.23 -39.56
CA LEU B 427 47.56 -7.60 -40.63
C LEU B 427 47.30 -8.53 -41.80
N ALA B 428 48.36 -9.13 -42.33
CA ALA B 428 48.24 -10.07 -43.43
C ALA B 428 49.26 -11.18 -43.26
N ALA B 429 49.12 -12.21 -44.09
CA ALA B 429 50.10 -13.28 -44.24
C ALA B 429 49.84 -13.92 -45.59
N ALA B 430 50.83 -14.67 -46.08
CA ALA B 430 50.63 -15.42 -47.31
C ALA B 430 51.31 -16.76 -47.24
N VAL B 431 50.81 -17.68 -48.07
CA VAL B 431 51.30 -19.03 -48.17
C VAL B 431 51.44 -19.37 -49.66
N PHE B 432 52.62 -19.90 -50.02
CA PHE B 432 52.88 -20.41 -51.37
C PHE B 432 53.18 -21.92 -51.32
N THR B 433 52.28 -22.70 -51.91
CA THR B 433 52.32 -24.17 -51.88
C THR B 433 51.39 -24.72 -52.97
N LYS B 434 51.64 -25.94 -53.41
CA LYS B 434 50.72 -26.66 -54.32
C LYS B 434 49.79 -27.59 -53.55
N ASP B 435 50.10 -27.79 -52.27
CA ASP B 435 49.44 -28.80 -51.50
C ASP B 435 48.14 -28.30 -50.89
N LEU B 436 47.04 -28.97 -51.22
CA LEU B 436 45.73 -28.66 -50.62
C LEU B 436 45.81 -28.60 -49.08
N ASP B 437 46.28 -29.68 -48.46
CA ASP B 437 46.26 -29.77 -47.00
C ASP B 437 47.14 -28.72 -46.32
N LYS B 438 48.28 -28.41 -46.93
CA LYS B 438 49.16 -27.36 -46.40
C LYS B 438 48.52 -25.97 -46.48
N ALA B 439 47.85 -25.66 -47.59
CA ALA B 439 47.14 -24.39 -47.75
C ALA B 439 46.09 -24.23 -46.64
N ASN B 440 45.23 -25.24 -46.50
CA ASN B 440 44.17 -25.22 -45.47
C ASN B 440 44.71 -25.17 -44.03
N TYR B 441 45.73 -25.97 -43.76
CA TYR B 441 46.40 -25.99 -42.45
C TYR B 441 46.92 -24.59 -42.13
N LEU B 442 47.67 -24.00 -43.05
CA LEU B 442 48.26 -22.69 -42.81
C LEU B 442 47.26 -21.54 -42.72
N SER B 443 46.32 -21.45 -43.68
CA SER B 443 45.35 -20.32 -43.66
C SER B 443 44.52 -20.32 -42.37
N GLN B 444 44.33 -21.52 -41.77
CA GLN B 444 43.62 -21.61 -40.51
C GLN B 444 44.50 -21.17 -39.34
N ALA B 445 45.75 -21.63 -39.31
CA ALA B 445 46.64 -21.36 -38.17
C ALA B 445 47.20 -19.92 -38.09
N LEU B 446 47.34 -19.26 -39.23
CA LEU B 446 47.95 -17.93 -39.27
C LEU B 446 47.05 -16.87 -38.64
N GLN B 447 47.59 -16.13 -37.69
CA GLN B 447 46.83 -15.11 -36.96
C GLN B 447 46.90 -13.76 -37.69
N ALA B 448 46.22 -13.69 -38.83
CA ALA B 448 46.26 -12.51 -39.69
C ALA B 448 44.90 -12.20 -40.31
N GLY B 449 44.63 -10.90 -40.49
CA GLY B 449 43.33 -10.45 -41.02
C GLY B 449 43.07 -10.93 -42.44
N THR B 450 44.12 -10.99 -43.25
CA THR B 450 44.02 -11.54 -44.62
C THR B 450 45.10 -12.60 -44.80
N VAL B 451 44.73 -13.76 -45.33
CA VAL B 451 45.71 -14.76 -45.73
C VAL B 451 45.55 -15.00 -47.24
N TRP B 452 46.60 -14.63 -47.97
CA TRP B 452 46.71 -14.91 -49.42
C TRP B 452 47.35 -16.27 -49.66
N VAL B 453 46.78 -17.04 -50.58
CA VAL B 453 47.36 -18.34 -50.93
C VAL B 453 47.78 -18.31 -52.40
N ASN B 454 49.07 -18.52 -52.64
CA ASN B 454 49.67 -18.46 -53.98
C ASN B 454 49.51 -17.13 -54.68
N CYS B 455 49.44 -16.06 -53.87
CA CYS B 455 49.28 -14.70 -54.37
C CYS B 455 49.60 -13.71 -53.22
N TYR B 456 49.51 -12.41 -53.50
CA TYR B 456 49.79 -11.37 -52.51
C TYR B 456 49.21 -10.03 -52.93
N ASP B 457 48.72 -9.25 -51.96
CA ASP B 457 48.21 -7.89 -52.19
C ASP B 457 47.03 -7.91 -53.16
N VAL B 458 46.24 -8.97 -53.07
CA VAL B 458 45.01 -9.05 -53.87
C VAL B 458 43.90 -8.40 -53.06
N PHE B 459 43.63 -7.14 -53.39
CA PHE B 459 42.57 -6.41 -52.75
C PHE B 459 41.35 -6.42 -53.66
N GLY B 460 40.19 -6.61 -53.06
CA GLY B 460 38.95 -6.49 -53.78
C GLY B 460 38.01 -5.68 -52.93
N ALA B 461 37.25 -4.81 -53.56
CA ALA B 461 36.24 -4.01 -52.88
C ALA B 461 35.26 -4.93 -52.13
N GLN B 462 35.11 -6.16 -52.61
CA GLN B 462 34.18 -7.16 -52.05
C GLN B 462 34.71 -7.86 -50.79
N SER B 463 36.03 -7.96 -50.65
CA SER B 463 36.63 -8.69 -49.53
C SER B 463 37.15 -7.78 -48.43
N PRO B 464 36.78 -8.06 -47.17
CA PRO B 464 37.20 -7.21 -46.06
C PRO B 464 38.70 -7.31 -45.76
N PHE B 465 39.21 -6.26 -45.14
CA PHE B 465 40.63 -6.13 -44.87
C PHE B 465 40.78 -5.38 -43.55
N GLY B 466 41.71 -5.82 -42.71
CA GLY B 466 41.94 -5.18 -41.42
C GLY B 466 42.74 -6.10 -40.52
N GLY B 467 43.13 -5.60 -39.35
CA GLY B 467 44.14 -6.30 -38.57
C GLY B 467 43.65 -7.21 -37.47
N TYR B 468 44.49 -8.19 -37.13
CA TYR B 468 44.40 -8.90 -35.86
C TYR B 468 45.39 -8.18 -34.93
N LYS B 469 45.27 -8.42 -33.63
CA LYS B 469 46.26 -7.94 -32.64
C LYS B 469 46.47 -6.43 -32.75
N MET B 470 47.72 -5.97 -32.77
CA MET B 470 47.98 -4.52 -32.79
C MET B 470 48.11 -3.92 -34.19
N SER B 471 47.67 -4.69 -35.19
CA SER B 471 47.57 -4.21 -36.55
C SER B 471 46.26 -3.44 -36.75
N GLY B 472 45.44 -3.39 -35.70
CA GLY B 472 44.22 -2.58 -35.70
C GLY B 472 42.97 -3.35 -35.32
N SER B 473 41.80 -2.74 -35.54
CA SER B 473 40.53 -3.38 -35.25
C SER B 473 39.44 -2.92 -36.20
N GLY B 474 38.45 -3.79 -36.39
CA GLY B 474 37.41 -3.55 -37.39
C GLY B 474 37.89 -3.91 -38.79
N ARG B 475 36.97 -3.86 -39.74
CA ARG B 475 37.29 -4.20 -41.13
C ARG B 475 36.84 -3.10 -42.09
N GLU B 476 37.59 -2.93 -43.17
CA GLU B 476 37.16 -2.07 -44.26
C GLU B 476 36.92 -2.95 -45.47
N LEU B 477 36.26 -2.39 -46.48
CA LEU B 477 35.89 -3.10 -47.70
C LEU B 477 34.85 -4.20 -47.43
N GLY B 478 34.22 -4.69 -48.50
CA GLY B 478 33.14 -5.67 -48.40
C GLY B 478 31.95 -5.15 -47.63
N GLU B 479 31.02 -6.04 -47.33
CA GLU B 479 29.84 -5.73 -46.53
C GLU B 479 30.26 -5.33 -45.11
N TYR B 480 31.33 -5.95 -44.61
CA TYR B 480 31.85 -5.66 -43.26
C TYR B 480 32.22 -4.19 -43.02
N GLY B 481 32.65 -3.50 -44.09
CA GLY B 481 33.04 -2.10 -44.04
C GLY B 481 31.92 -1.12 -43.69
N LEU B 482 30.68 -1.60 -43.76
CA LEU B 482 29.49 -0.83 -43.39
C LEU B 482 29.18 -0.88 -41.89
N GLN B 483 29.65 -1.92 -41.20
N GLN B 483 29.64 -1.92 -41.21
CA GLN B 483 29.31 -2.15 -39.79
CA GLN B 483 29.28 -2.13 -39.79
C GLN B 483 29.70 -0.99 -38.87
C GLN B 483 29.67 -0.92 -38.93
N ALA B 484 30.92 -0.47 -39.06
CA ALA B 484 31.44 0.65 -38.24
C ALA B 484 30.74 1.98 -38.52
N TYR B 485 30.00 2.04 -39.64
CA TYR B 485 29.34 3.26 -40.07
C TYR B 485 27.82 3.24 -39.81
N THR B 486 27.39 2.24 -39.06
CA THR B 486 25.99 2.01 -38.75
C THR B 486 25.74 2.11 -37.26
N GLU B 487 24.66 2.79 -36.90
CA GLU B 487 24.14 2.71 -35.52
C GLU B 487 22.83 1.93 -35.55
N VAL B 488 22.73 0.90 -34.71
CA VAL B 488 21.57 -0.01 -34.69
C VAL B 488 20.55 0.45 -33.65
N LYS B 489 19.34 0.71 -34.12
CA LYS B 489 18.20 0.99 -33.24
C LYS B 489 17.20 -0.16 -33.26
N THR B 490 16.83 -0.63 -32.08
CA THR B 490 15.72 -1.57 -31.92
C THR B 490 14.45 -0.80 -31.66
N VAL B 491 13.41 -1.09 -32.43
CA VAL B 491 12.07 -0.58 -32.13
C VAL B 491 11.18 -1.78 -31.77
N THR B 492 10.59 -1.73 -30.58
CA THR B 492 9.75 -2.84 -30.12
C THR B 492 8.35 -2.30 -29.77
N VAL B 493 7.34 -2.78 -30.51
CA VAL B 493 5.99 -2.23 -30.52
C VAL B 493 5.00 -3.22 -29.92
N LYS B 494 4.23 -2.78 -28.93
CA LYS B 494 3.11 -3.59 -28.44
C LYS B 494 2.08 -3.82 -29.56
N VAL B 495 1.70 -5.08 -29.79
CA VAL B 495 0.66 -5.41 -30.79
C VAL B 495 -0.48 -6.17 -30.13
N PRO B 496 -1.69 -6.10 -30.73
CA PRO B 496 -2.87 -6.72 -30.14
C PRO B 496 -2.66 -8.21 -29.86
N GLN B 497 -2.17 -8.97 -30.83
CA GLN B 497 -1.88 -10.40 -30.63
C GLN B 497 -0.87 -10.90 -31.66
N LYS B 498 0.34 -11.24 -31.21
CA LYS B 498 1.39 -11.74 -32.10
C LYS B 498 1.04 -13.13 -32.65
N ASN B 499 1.15 -13.28 -33.96
CA ASN B 499 1.10 -14.60 -34.64
C ASN B 499 2.33 -14.80 -35.51
N SER B 500 2.71 -16.06 -35.71
CA SER B 500 3.81 -16.37 -36.65
C SER B 500 3.55 -15.84 -38.07
N ALA C 7 30.31 -47.45 -27.47
CA ALA C 7 29.72 -48.82 -27.44
C ALA C 7 28.26 -48.77 -27.86
N VAL C 8 27.80 -49.83 -28.51
CA VAL C 8 26.41 -49.90 -28.93
C VAL C 8 25.65 -50.84 -27.98
N PRO C 9 24.54 -50.36 -27.38
CA PRO C 9 23.69 -51.18 -26.53
C PRO C 9 23.15 -52.35 -27.34
N ALA C 10 23.04 -53.51 -26.70
CA ALA C 10 22.54 -54.70 -27.36
C ALA C 10 21.11 -54.45 -27.85
N PRO C 11 20.81 -54.85 -29.09
CA PRO C 11 19.46 -54.58 -29.61
C PRO C 11 18.43 -55.62 -29.16
N ASN C 12 17.18 -55.19 -29.05
CA ASN C 12 16.04 -56.10 -29.03
C ASN C 12 15.82 -56.49 -30.50
N GLN C 13 16.12 -57.74 -30.84
CA GLN C 13 16.04 -58.18 -32.24
C GLN C 13 14.62 -58.40 -32.74
N GLN C 14 13.65 -58.33 -31.82
CA GLN C 14 12.23 -58.39 -32.16
C GLN C 14 11.46 -57.33 -31.40
N PRO C 15 11.72 -56.04 -31.70
CA PRO C 15 11.09 -54.97 -30.92
C PRO C 15 9.57 -54.99 -31.10
N GLU C 16 8.85 -54.68 -30.04
CA GLU C 16 7.40 -54.57 -30.10
C GLU C 16 6.97 -53.36 -30.94
N VAL C 17 5.85 -53.49 -31.64
CA VAL C 17 5.25 -52.39 -32.39
C VAL C 17 4.07 -51.83 -31.59
N PHE C 18 4.16 -50.54 -31.28
CA PHE C 18 3.16 -49.83 -30.51
C PHE C 18 2.25 -48.98 -31.37
N CYS C 19 2.78 -48.51 -32.49
CA CYS C 19 2.08 -47.54 -33.31
C CYS C 19 1.93 -48.05 -34.74
N ASN C 20 0.71 -48.26 -35.19
CA ASN C 20 0.47 -48.78 -36.56
C ASN C 20 -0.80 -48.23 -37.24
N GLN C 21 -1.12 -46.98 -36.93
CA GLN C 21 -2.35 -46.36 -37.38
C GLN C 21 -2.08 -44.99 -38.01
N ILE C 22 -3.15 -44.28 -38.37
CA ILE C 22 -3.04 -42.92 -38.87
C ILE C 22 -3.04 -41.93 -37.71
N PHE C 23 -2.09 -41.00 -37.72
CA PHE C 23 -1.90 -40.02 -36.68
C PHE C 23 -2.51 -38.67 -37.08
N ILE C 24 -3.60 -38.28 -36.44
CA ILE C 24 -4.25 -36.99 -36.72
C ILE C 24 -4.67 -36.41 -35.38
N ASN C 25 -4.41 -35.12 -35.20
CA ASN C 25 -4.80 -34.41 -33.96
C ASN C 25 -4.29 -35.11 -32.69
N ASN C 26 -3.05 -35.63 -32.79
CA ASN C 26 -2.36 -36.33 -31.70
C ASN C 26 -3.05 -37.63 -31.30
N GLU C 27 -3.86 -38.18 -32.20
CA GLU C 27 -4.60 -39.39 -31.88
C GLU C 27 -4.44 -40.41 -32.97
N TRP C 28 -4.62 -41.69 -32.62
CA TRP C 28 -4.46 -42.78 -33.57
C TRP C 28 -5.82 -43.20 -34.14
N HIS C 29 -5.88 -43.37 -35.45
CA HIS C 29 -7.11 -43.65 -36.16
C HIS C 29 -6.92 -44.78 -37.15
N ASP C 30 -7.96 -45.59 -37.30
CA ASP C 30 -8.01 -46.52 -38.42
C ASP C 30 -8.29 -45.71 -39.67
N ALA C 31 -8.03 -46.30 -40.83
CA ALA C 31 -8.47 -45.74 -42.08
C ALA C 31 -9.99 -45.76 -42.10
N VAL C 32 -10.58 -44.78 -42.77
CA VAL C 32 -12.04 -44.73 -42.98
C VAL C 32 -12.53 -46.09 -43.52
N SER C 33 -11.76 -46.62 -44.46
CA SER C 33 -12.06 -47.92 -45.07
C SER C 33 -11.84 -49.14 -44.14
N ARG C 34 -11.17 -48.92 -42.99
CA ARG C 34 -10.68 -50.01 -42.11
C ARG C 34 -9.56 -50.87 -42.73
N LYS C 35 -9.06 -50.48 -43.89
CA LYS C 35 -8.04 -51.27 -44.58
C LYS C 35 -6.69 -51.18 -43.90
N THR C 36 -5.94 -52.28 -43.98
CA THR C 36 -4.58 -52.37 -43.42
C THR C 36 -3.66 -53.03 -44.45
N PHE C 37 -2.36 -52.74 -44.37
CA PHE C 37 -1.38 -53.35 -45.28
C PHE C 37 -0.22 -53.92 -44.47
N PRO C 38 0.28 -55.10 -44.89
CA PRO C 38 1.40 -55.68 -44.18
C PRO C 38 2.70 -54.93 -44.47
N THR C 39 3.51 -54.75 -43.44
CA THR C 39 4.87 -54.34 -43.67
C THR C 39 5.78 -55.52 -43.37
N VAL C 40 6.79 -55.71 -44.21
CA VAL C 40 7.63 -56.89 -44.25
C VAL C 40 9.03 -56.59 -43.67
N ASN C 41 9.57 -57.56 -42.96
CA ASN C 41 10.99 -57.59 -42.59
C ASN C 41 11.86 -58.15 -43.73
N PRO C 42 12.65 -57.26 -44.38
CA PRO C 42 13.47 -57.63 -45.54
C PRO C 42 14.59 -58.65 -45.26
N SER C 43 15.02 -58.81 -44.01
CA SER C 43 16.00 -59.86 -43.68
C SER C 43 15.37 -61.24 -43.74
N THR C 44 14.05 -61.34 -43.53
CA THR C 44 13.40 -62.65 -43.44
C THR C 44 12.31 -62.92 -44.47
N GLY C 45 11.81 -61.85 -45.10
CA GLY C 45 10.66 -61.93 -46.02
C GLY C 45 9.33 -62.16 -45.32
N GLU C 46 9.32 -62.01 -44.00
CA GLU C 46 8.15 -62.26 -43.17
C GLU C 46 7.46 -60.95 -42.75
N VAL C 47 6.13 -61.00 -42.66
CA VAL C 47 5.31 -59.88 -42.21
C VAL C 47 5.60 -59.52 -40.76
N ILE C 48 5.91 -58.25 -40.51
CA ILE C 48 6.12 -57.74 -39.15
C ILE C 48 4.76 -57.56 -38.48
N CYS C 49 3.92 -56.75 -39.10
CA CYS C 49 2.57 -56.45 -38.64
C CYS C 49 1.81 -55.76 -39.78
N GLN C 50 0.55 -55.44 -39.53
CA GLN C 50 -0.26 -54.66 -40.45
C GLN C 50 -0.36 -53.22 -39.98
N VAL C 51 -0.51 -52.32 -40.96
CA VAL C 51 -0.56 -50.87 -40.75
C VAL C 51 -1.80 -50.34 -41.45
N ALA C 52 -2.48 -49.37 -40.83
CA ALA C 52 -3.60 -48.66 -41.44
C ALA C 52 -3.24 -48.10 -42.81
N GLU C 53 -4.12 -48.33 -43.78
CA GLU C 53 -3.86 -47.93 -45.15
C GLU C 53 -4.62 -46.68 -45.50
N GLY C 54 -4.00 -45.53 -45.24
CA GLY C 54 -4.60 -44.23 -45.54
C GLY C 54 -4.77 -44.01 -47.02
N ASP C 55 -5.83 -43.30 -47.38
CA ASP C 55 -6.13 -42.94 -48.77
C ASP C 55 -6.65 -41.51 -48.74
N LYS C 56 -7.21 -41.04 -49.86
CA LYS C 56 -7.71 -39.68 -50.01
C LYS C 56 -8.55 -39.15 -48.83
N GLU C 57 -9.52 -39.94 -48.37
CA GLU C 57 -10.40 -39.52 -47.28
C GLU C 57 -9.64 -39.29 -45.98
N ASP C 58 -8.61 -40.10 -45.72
CA ASP C 58 -7.80 -39.95 -44.50
C ASP C 58 -6.90 -38.71 -44.61
N VAL C 59 -6.31 -38.52 -45.79
CA VAL C 59 -5.55 -37.32 -46.15
C VAL C 59 -6.41 -36.06 -45.98
N ASP C 60 -7.64 -36.07 -46.52
CA ASP C 60 -8.60 -34.99 -46.30
C ASP C 60 -8.78 -34.63 -44.84
N LYS C 61 -8.97 -35.63 -43.96
CA LYS C 61 -9.07 -35.38 -42.52
C LYS C 61 -7.79 -34.75 -41.94
N ALA C 62 -6.64 -35.31 -42.33
CA ALA C 62 -5.35 -34.81 -41.85
C ALA C 62 -5.12 -33.35 -42.29
N VAL C 63 -5.47 -33.02 -43.54
CA VAL C 63 -5.30 -31.64 -44.04
C VAL C 63 -6.22 -30.66 -43.32
N LYS C 64 -7.45 -31.10 -43.03
CA LYS C 64 -8.38 -30.26 -42.27
C LYS C 64 -7.86 -29.97 -40.87
N ALA C 65 -7.27 -30.99 -40.24
CA ALA C 65 -6.69 -30.84 -38.91
C ALA C 65 -5.51 -29.88 -38.91
N ALA C 66 -4.64 -29.97 -39.92
CA ALA C 66 -3.48 -29.07 -40.07
C ALA C 66 -3.92 -27.61 -40.32
N ARG C 67 -4.91 -27.45 -41.19
CA ARG C 67 -5.50 -26.16 -41.47
C ARG C 67 -6.05 -25.56 -40.17
N ALA C 68 -6.81 -26.35 -39.42
CA ALA C 68 -7.32 -25.91 -38.10
C ALA C 68 -6.19 -25.47 -37.15
N ALA C 69 -5.10 -26.23 -37.08
CA ALA C 69 -3.99 -25.91 -36.20
C ALA C 69 -3.25 -24.65 -36.65
N PHE C 70 -3.34 -24.35 -37.94
CA PHE C 70 -2.72 -23.16 -38.50
C PHE C 70 -3.57 -21.86 -38.43
N GLN C 71 -4.82 -21.95 -38.00
CA GLN C 71 -5.68 -20.76 -37.96
C GLN C 71 -5.09 -19.65 -37.10
N LEU C 72 -5.07 -18.41 -37.61
CA LEU C 72 -4.66 -17.24 -36.81
C LEU C 72 -5.25 -17.29 -35.39
N GLY C 73 -4.42 -17.00 -34.39
CA GLY C 73 -4.86 -17.07 -32.99
C GLY C 73 -4.82 -18.46 -32.35
N SER C 74 -4.45 -19.49 -33.12
CA SER C 74 -4.33 -20.84 -32.59
C SER C 74 -3.13 -20.94 -31.64
N PRO C 75 -3.12 -21.94 -30.72
CA PRO C 75 -1.93 -22.16 -29.91
C PRO C 75 -0.62 -22.19 -30.68
N TRP C 76 -0.60 -22.86 -31.84
CA TRP C 76 0.61 -23.02 -32.63
C TRP C 76 1.07 -21.73 -33.30
N ARG C 77 0.12 -20.89 -33.70
CA ARG C 77 0.44 -19.62 -34.38
C ARG C 77 0.84 -18.52 -33.37
N ARG C 78 0.26 -18.57 -32.18
CA ARG C 78 0.53 -17.57 -31.16
C ARG C 78 1.80 -17.88 -30.39
N MET C 79 2.19 -19.15 -30.39
CA MET C 79 3.39 -19.62 -29.70
C MET C 79 4.64 -18.80 -30.12
N ASP C 80 5.35 -18.28 -29.14
CA ASP C 80 6.70 -17.72 -29.30
C ASP C 80 7.58 -18.62 -30.16
N ALA C 81 8.32 -18.03 -31.10
CA ALA C 81 9.25 -18.79 -31.93
C ALA C 81 10.27 -19.56 -31.09
N SER C 82 10.75 -18.92 -30.02
CA SER C 82 11.71 -19.55 -29.10
C SER C 82 11.15 -20.84 -28.50
N HIS C 83 9.85 -20.84 -28.25
CA HIS C 83 9.18 -22.01 -27.70
C HIS C 83 9.00 -23.14 -28.72
N ARG C 84 8.80 -22.82 -30.01
CA ARG C 84 8.93 -23.84 -31.06
C ARG C 84 10.30 -24.53 -30.95
N GLY C 85 11.34 -23.74 -30.70
CA GLY C 85 12.69 -24.27 -30.46
C GLY C 85 12.73 -25.23 -29.27
N ARG C 86 12.13 -24.84 -28.15
CA ARG C 86 12.05 -25.70 -26.95
C ARG C 86 11.40 -27.03 -27.28
N LEU C 87 10.29 -26.98 -28.02
CA LEU C 87 9.55 -28.18 -28.42
C LEU C 87 10.34 -29.15 -29.30
N LEU C 88 11.04 -28.62 -30.31
CA LEU C 88 11.92 -29.44 -31.15
C LEU C 88 13.02 -30.06 -30.29
N ASN C 89 13.59 -29.25 -29.40
CA ASN C 89 14.59 -29.73 -28.44
C ASN C 89 14.08 -30.85 -27.54
N ARG C 90 12.81 -30.75 -27.12
CA ARG C 90 12.20 -31.77 -26.26
C ARG C 90 11.97 -33.07 -27.05
N LEU C 91 11.55 -32.93 -28.30
CA LEU C 91 11.40 -34.07 -29.19
C LEU C 91 12.73 -34.80 -29.41
N ALA C 92 13.79 -34.05 -29.67
CA ALA C 92 15.12 -34.67 -29.78
C ALA C 92 15.48 -35.42 -28.50
N ASP C 93 15.21 -34.82 -27.34
CA ASP C 93 15.43 -35.51 -26.06
C ASP C 93 14.69 -36.85 -25.93
N LEU C 94 13.43 -36.90 -26.38
CA LEU C 94 12.60 -38.11 -26.31
C LEU C 94 13.07 -39.20 -27.29
N ILE C 95 13.45 -38.79 -28.50
CA ILE C 95 14.04 -39.69 -29.48
C ILE C 95 15.34 -40.31 -28.94
N GLU C 96 16.14 -39.50 -28.26
CA GLU C 96 17.38 -40.00 -27.65
C GLU C 96 17.09 -40.95 -26.50
N ARG C 97 16.06 -40.64 -25.70
CA ARG C 97 15.61 -41.55 -24.65
C ARG C 97 15.26 -42.92 -25.25
N ASP C 98 14.58 -42.92 -26.40
CA ASP C 98 14.16 -44.16 -27.04
C ASP C 98 15.08 -44.62 -28.19
N ARG C 99 16.34 -44.20 -28.15
CA ARG C 99 17.33 -44.44 -29.23
C ARG C 99 17.57 -45.91 -29.59
N THR C 100 17.83 -46.73 -28.57
CA THR C 100 18.08 -48.16 -28.75
C THR C 100 16.86 -48.85 -29.36
N TYR C 101 15.67 -48.55 -28.84
CA TYR C 101 14.42 -49.06 -29.40
C TYR C 101 14.22 -48.64 -30.86
N LEU C 102 14.44 -47.35 -31.15
CA LEU C 102 14.18 -46.83 -32.47
C LEU C 102 15.17 -47.38 -33.49
N ALA C 103 16.44 -47.50 -33.10
CA ALA C 103 17.44 -48.06 -34.01
C ALA C 103 17.15 -49.53 -34.41
N ALA C 104 16.76 -50.35 -33.44
CA ALA C 104 16.29 -51.72 -33.70
C ALA C 104 15.02 -51.79 -34.58
N LEU C 105 14.03 -50.95 -34.28
CA LEU C 105 12.81 -50.93 -35.09
C LEU C 105 13.10 -50.51 -36.54
N GLU C 106 13.98 -49.50 -36.71
CA GLU C 106 14.50 -49.09 -38.05
C GLU C 106 15.12 -50.23 -38.86
N THR C 107 16.04 -50.93 -38.22
CA THR C 107 16.66 -52.14 -38.76
C THR C 107 15.64 -53.22 -39.12
N LEU C 108 14.70 -53.48 -38.23
CA LEU C 108 13.67 -54.51 -38.46
C LEU C 108 12.89 -54.26 -39.76
N ASP C 109 12.43 -53.02 -39.93
CA ASP C 109 11.54 -52.63 -41.04
C ASP C 109 12.35 -52.30 -42.31
N ASN C 110 13.56 -51.80 -42.16
CA ASN C 110 14.36 -51.32 -43.31
C ASN C 110 15.46 -52.27 -43.81
N GLY C 111 16.14 -52.94 -42.87
CA GLY C 111 17.20 -53.91 -43.19
C GLY C 111 18.61 -53.45 -42.87
N LYS C 112 18.81 -52.14 -42.70
CA LYS C 112 20.18 -51.62 -42.50
C LYS C 112 20.78 -52.16 -41.19
N PRO C 113 22.11 -52.30 -41.12
CA PRO C 113 22.71 -52.86 -39.90
C PRO C 113 22.33 -52.03 -38.66
N TYR C 114 22.04 -52.71 -37.57
CA TYR C 114 21.64 -52.05 -36.33
C TYR C 114 22.71 -51.08 -35.80
N VAL C 115 23.97 -51.45 -36.00
CA VAL C 115 25.08 -50.61 -35.53
C VAL C 115 25.05 -49.27 -36.27
N ILE C 116 24.70 -49.30 -37.56
CA ILE C 116 24.54 -48.07 -38.36
C ILE C 116 23.28 -47.30 -37.97
N SER C 117 22.14 -47.98 -37.81
CA SER C 117 20.91 -47.31 -37.33
C SER C 117 21.20 -46.51 -36.07
N TYR C 118 21.92 -47.15 -35.15
CA TYR C 118 22.19 -46.59 -33.83
C TYR C 118 23.19 -45.43 -33.86
N LEU C 119 24.35 -45.67 -34.50
CA LEU C 119 25.45 -44.71 -34.46
C LEU C 119 25.35 -43.64 -35.53
N VAL C 120 24.72 -43.98 -36.65
CA VAL C 120 24.60 -43.05 -37.76
C VAL C 120 23.19 -42.44 -37.81
N ASP C 121 22.19 -43.21 -38.26
CA ASP C 121 20.82 -42.67 -38.48
C ASP C 121 20.30 -41.90 -37.27
N LEU C 122 20.25 -42.55 -36.10
CA LEU C 122 19.72 -41.91 -34.91
C LEU C 122 20.54 -40.68 -34.53
N ASP C 123 21.87 -40.78 -34.61
CA ASP C 123 22.75 -39.64 -34.35
C ASP C 123 22.43 -38.42 -35.22
N MET C 124 22.29 -38.66 -36.54
N MET C 124 22.30 -38.64 -36.54
CA MET C 124 22.00 -37.64 -37.54
CA MET C 124 22.03 -37.55 -37.46
C MET C 124 20.60 -37.02 -37.35
C MET C 124 20.60 -37.00 -37.34
N VAL C 125 19.67 -37.83 -36.85
CA VAL C 125 18.30 -37.37 -36.55
C VAL C 125 18.35 -36.35 -35.40
N LEU C 126 19.09 -36.70 -34.35
CA LEU C 126 19.21 -35.86 -33.16
C LEU C 126 19.89 -34.54 -33.51
N LYS C 127 20.90 -34.63 -34.36
CA LYS C 127 21.65 -33.46 -34.75
C LYS C 127 20.82 -32.53 -35.62
N CYS C 128 20.02 -33.08 -36.57
CA CYS C 128 19.11 -32.29 -37.42
C CYS C 128 18.07 -31.49 -36.60
N LEU C 129 17.36 -32.21 -35.74
CA LEU C 129 16.32 -31.60 -34.90
C LEU C 129 16.88 -30.51 -33.98
N ARG C 130 18.03 -30.79 -33.36
CA ARG C 130 18.66 -29.81 -32.46
C ARG C 130 19.17 -28.59 -33.23
N TYR C 131 19.69 -28.83 -34.43
CA TYR C 131 20.14 -27.73 -35.26
C TYR C 131 18.95 -26.81 -35.60
N TYR C 132 17.85 -27.40 -36.08
CA TYR C 132 16.67 -26.58 -36.43
C TYR C 132 15.94 -25.95 -35.25
N ALA C 133 16.01 -26.57 -34.06
CA ALA C 133 15.49 -25.98 -32.82
C ALA C 133 16.04 -24.55 -32.68
N GLY C 134 17.35 -24.46 -32.93
CA GLY C 134 18.11 -23.21 -32.87
C GLY C 134 17.73 -22.17 -33.90
N TRP C 135 17.19 -22.58 -35.05
CA TRP C 135 16.74 -21.65 -36.09
C TRP C 135 15.39 -20.98 -35.78
N ALA C 136 14.61 -21.61 -34.92
CA ALA C 136 13.20 -21.26 -34.74
C ALA C 136 12.97 -19.74 -34.56
N ASP C 137 13.84 -19.06 -33.79
CA ASP C 137 13.66 -17.64 -33.49
C ASP C 137 14.74 -16.71 -34.11
N LYS C 138 15.33 -17.13 -35.23
CA LYS C 138 16.50 -16.45 -35.82
C LYS C 138 16.40 -16.15 -37.33
N TYR C 139 15.33 -16.60 -37.97
CA TYR C 139 15.20 -16.39 -39.41
C TYR C 139 14.51 -15.05 -39.69
N HIS C 140 15.27 -13.97 -39.52
CA HIS C 140 14.71 -12.62 -39.56
C HIS C 140 14.20 -12.20 -40.94
N GLY C 141 13.18 -11.35 -40.90
CA GLY C 141 12.84 -10.58 -42.07
C GLY C 141 13.78 -9.38 -42.10
N LYS C 142 13.39 -8.39 -42.89
CA LYS C 142 14.26 -7.26 -43.22
C LYS C 142 13.52 -5.96 -43.06
N THR C 143 14.23 -4.91 -42.66
CA THR C 143 13.72 -3.53 -42.84
C THR C 143 14.44 -2.90 -44.01
N ILE C 144 13.72 -2.18 -44.86
CA ILE C 144 14.20 -1.91 -46.22
C ILE C 144 14.17 -0.41 -46.59
N PRO C 145 15.32 0.14 -46.98
CA PRO C 145 15.44 1.58 -47.34
C PRO C 145 14.83 1.93 -48.70
N ILE C 146 13.53 1.70 -48.84
CA ILE C 146 12.76 2.03 -50.04
C ILE C 146 12.79 3.55 -50.33
N ASP C 147 12.69 3.93 -51.60
CA ASP C 147 12.47 5.34 -52.00
C ASP C 147 11.16 5.94 -51.44
N GLY C 148 11.19 7.24 -51.15
CA GLY C 148 10.00 7.98 -50.73
C GLY C 148 9.79 7.95 -49.23
N ASP C 149 8.72 8.60 -48.80
CA ASP C 149 8.36 8.66 -47.40
C ASP C 149 7.57 7.42 -47.00
N PHE C 150 8.31 6.32 -46.88
CA PHE C 150 7.75 5.05 -46.45
C PHE C 150 8.70 4.30 -45.52
N PHE C 151 8.11 3.47 -44.66
CA PHE C 151 8.80 2.46 -43.89
C PHE C 151 8.35 1.15 -44.53
N SER C 152 9.32 0.40 -45.03
CA SER C 152 9.05 -0.86 -45.70
C SER C 152 9.81 -1.97 -44.97
N TYR C 153 9.13 -3.08 -44.72
CA TYR C 153 9.76 -4.22 -44.09
C TYR C 153 9.14 -5.54 -44.57
N THR C 154 9.79 -6.65 -44.27
CA THR C 154 9.22 -7.94 -44.58
C THR C 154 9.01 -8.76 -43.32
N ARG C 155 7.92 -9.52 -43.33
CA ARG C 155 7.67 -10.58 -42.37
C ARG C 155 7.97 -11.92 -43.04
N HIS C 156 8.70 -12.76 -42.34
CA HIS C 156 8.83 -14.14 -42.75
C HIS C 156 7.76 -14.95 -42.02
N GLU C 157 6.71 -15.31 -42.75
CA GLU C 157 5.59 -16.09 -42.19
C GLU C 157 5.70 -17.56 -42.60
N PRO C 158 4.95 -18.45 -41.93
CA PRO C 158 4.98 -19.84 -42.42
C PRO C 158 4.29 -19.96 -43.79
N VAL C 159 4.77 -20.88 -44.63
CA VAL C 159 4.08 -21.16 -45.90
C VAL C 159 2.67 -21.76 -45.63
N GLY C 160 2.53 -22.49 -44.53
CA GLY C 160 1.23 -22.97 -44.09
C GLY C 160 1.16 -24.48 -43.99
N VAL C 161 0.19 -25.06 -44.70
CA VAL C 161 -0.04 -26.51 -44.64
C VAL C 161 0.92 -27.19 -45.60
N CYS C 162 1.87 -27.94 -45.04
CA CYS C 162 2.93 -28.57 -45.82
C CYS C 162 2.76 -30.08 -45.94
N GLY C 163 2.57 -30.53 -47.17
CA GLY C 163 2.58 -31.95 -47.48
C GLY C 163 4.00 -32.44 -47.66
N GLN C 164 4.33 -33.53 -47.00
CA GLN C 164 5.70 -34.04 -47.00
C GLN C 164 5.67 -35.55 -47.29
N ILE C 165 6.24 -35.94 -48.42
CA ILE C 165 6.18 -37.33 -48.87
C ILE C 165 7.61 -37.87 -48.83
N ILE C 166 7.85 -38.90 -48.05
CA ILE C 166 9.22 -39.34 -47.84
C ILE C 166 9.47 -40.80 -48.27
N PRO C 167 10.73 -41.14 -48.63
CA PRO C 167 11.07 -42.47 -49.12
C PRO C 167 11.48 -43.41 -48.00
N TRP C 168 11.97 -44.58 -48.37
CA TRP C 168 12.16 -45.67 -47.41
C TRP C 168 13.63 -45.90 -47.04
N ASN C 169 14.55 -45.18 -47.70
CA ASN C 169 15.97 -45.49 -47.53
C ASN C 169 16.56 -45.02 -46.18
N PHE C 170 16.14 -43.82 -45.72
CA PHE C 170 16.51 -43.32 -44.41
C PHE C 170 15.24 -42.85 -43.68
N PRO C 171 14.42 -43.82 -43.23
CA PRO C 171 13.08 -43.48 -42.73
C PRO C 171 13.07 -42.39 -41.63
N LEU C 172 13.80 -42.61 -40.53
CA LEU C 172 13.80 -41.62 -39.45
C LEU C 172 14.51 -40.33 -39.83
N LEU C 173 15.60 -40.44 -40.57
CA LEU C 173 16.37 -39.27 -40.98
C LEU C 173 15.61 -38.35 -41.94
N MET C 174 14.93 -38.95 -42.92
CA MET C 174 14.17 -38.19 -43.89
C MET C 174 12.97 -37.53 -43.19
N GLN C 175 12.37 -38.22 -42.23
CA GLN C 175 11.33 -37.60 -41.41
C GLN C 175 11.88 -36.35 -40.70
N ALA C 176 13.06 -36.49 -40.07
CA ALA C 176 13.69 -35.37 -39.33
C ALA C 176 14.08 -34.20 -40.24
N TRP C 177 14.65 -34.51 -41.41
CA TRP C 177 15.01 -33.51 -42.43
C TRP C 177 13.82 -32.65 -42.89
N LYS C 178 12.63 -33.27 -42.90
CA LYS C 178 11.40 -32.56 -43.25
C LYS C 178 10.78 -31.83 -42.06
N LEU C 179 10.67 -32.51 -40.91
CA LEU C 179 10.02 -31.91 -39.74
C LEU C 179 10.84 -30.74 -39.16
N GLY C 180 12.14 -30.94 -39.02
CA GLY C 180 13.05 -29.91 -38.51
C GLY C 180 12.76 -28.50 -39.02
N PRO C 181 12.96 -28.26 -40.32
CA PRO C 181 12.74 -26.91 -40.83
C PRO C 181 11.28 -26.49 -40.90
N ALA C 182 10.35 -27.41 -41.19
CA ALA C 182 8.94 -27.04 -41.21
C ALA C 182 8.47 -26.53 -39.84
N LEU C 183 8.78 -27.25 -38.77
CA LEU C 183 8.32 -26.87 -37.44
C LEU C 183 9.08 -25.65 -36.88
N ALA C 184 10.37 -25.51 -37.22
CA ALA C 184 11.14 -24.35 -36.77
C ALA C 184 10.55 -23.02 -37.28
N THR C 185 9.97 -23.07 -38.48
CA THR C 185 9.40 -21.89 -39.10
C THR C 185 7.88 -21.74 -38.90
N GLY C 186 7.28 -22.62 -38.11
CA GLY C 186 5.90 -22.48 -37.67
C GLY C 186 4.85 -23.03 -38.63
N ASN C 187 5.26 -23.93 -39.53
CA ASN C 187 4.31 -24.59 -40.41
C ASN C 187 3.59 -25.75 -39.74
N VAL C 188 2.62 -26.30 -40.46
CA VAL C 188 1.96 -27.53 -40.02
C VAL C 188 2.13 -28.54 -41.14
N VAL C 189 2.00 -29.81 -40.80
CA VAL C 189 2.49 -30.89 -41.69
C VAL C 189 1.51 -32.04 -41.83
N VAL C 190 1.34 -32.47 -43.06
CA VAL C 190 0.72 -33.74 -43.34
C VAL C 190 1.77 -34.58 -44.07
N MET C 191 2.26 -35.60 -43.39
CA MET C 191 3.38 -36.40 -43.88
C MET C 191 2.92 -37.80 -44.33
N LYS C 192 3.29 -38.16 -45.54
CA LYS C 192 3.04 -39.52 -46.03
C LYS C 192 4.37 -40.24 -45.98
N VAL C 193 4.44 -41.30 -45.16
CA VAL C 193 5.67 -42.07 -45.02
C VAL C 193 5.66 -43.23 -46.03
N ALA C 194 6.83 -43.79 -46.32
CA ALA C 194 6.93 -44.92 -47.26
C ALA C 194 6.20 -46.18 -46.77
N GLU C 195 5.42 -46.79 -47.67
CA GLU C 195 4.70 -48.04 -47.38
C GLU C 195 5.64 -49.18 -46.98
N GLN C 196 6.88 -49.13 -47.45
CA GLN C 196 7.91 -50.11 -47.09
C GLN C 196 8.43 -49.95 -45.66
N THR C 197 8.43 -48.71 -45.15
CA THR C 197 9.05 -48.43 -43.84
C THR C 197 8.22 -47.47 -42.97
N PRO C 198 6.96 -47.82 -42.63
CA PRO C 198 6.13 -46.84 -41.91
C PRO C 198 6.39 -46.74 -40.39
N LEU C 199 6.94 -47.79 -39.79
CA LEU C 199 6.84 -48.00 -38.36
C LEU C 199 7.57 -46.99 -37.50
N THR C 200 8.79 -46.66 -37.86
CA THR C 200 9.57 -45.76 -37.01
C THR C 200 9.01 -44.34 -36.97
N ALA C 201 8.58 -43.81 -38.11
CA ALA C 201 7.93 -42.50 -38.20
C ALA C 201 6.66 -42.40 -37.35
N LEU C 202 5.88 -43.48 -37.32
CA LEU C 202 4.67 -43.54 -36.49
C LEU C 202 5.02 -43.52 -35.02
N TYR C 203 6.04 -44.28 -34.60
CA TYR C 203 6.47 -44.20 -33.21
C TYR C 203 6.85 -42.76 -32.84
N VAL C 204 7.60 -42.11 -33.72
CA VAL C 204 8.01 -40.70 -33.48
C VAL C 204 6.80 -39.77 -33.32
N ALA C 205 5.69 -40.08 -34.00
CA ALA C 205 4.43 -39.36 -33.81
C ALA C 205 4.02 -39.42 -32.35
N ASN C 206 4.11 -40.59 -31.71
CA ASN C 206 3.86 -40.67 -30.25
C ASN C 206 4.71 -39.68 -29.43
N LEU C 207 5.96 -39.54 -29.83
CA LEU C 207 6.89 -38.62 -29.15
C LEU C 207 6.59 -37.16 -29.46
N ILE C 208 6.08 -36.87 -30.66
CA ILE C 208 5.57 -35.53 -30.99
C ILE C 208 4.43 -35.14 -30.03
N LYS C 209 3.49 -36.05 -29.79
CA LYS C 209 2.45 -35.78 -28.76
C LYS C 209 3.08 -35.62 -27.36
N GLU C 210 3.96 -36.55 -27.00
CA GLU C 210 4.61 -36.51 -25.68
C GLU C 210 5.42 -35.23 -25.45
N ALA C 211 6.06 -34.74 -26.52
CA ALA C 211 6.81 -33.47 -26.49
C ALA C 211 5.97 -32.24 -26.22
N GLY C 212 4.68 -32.29 -26.54
CA GLY C 212 3.78 -31.17 -26.29
C GLY C 212 3.31 -30.35 -27.49
N PHE C 213 3.53 -30.87 -28.70
CA PHE C 213 3.07 -30.19 -29.91
C PHE C 213 1.54 -30.18 -29.94
N PRO C 214 0.93 -29.01 -30.24
CA PRO C 214 -0.52 -28.91 -30.29
C PRO C 214 -1.10 -29.87 -31.33
N PRO C 215 -2.35 -30.31 -31.15
CA PRO C 215 -2.92 -31.24 -32.12
C PRO C 215 -3.10 -30.63 -33.50
N GLY C 216 -2.78 -31.45 -34.51
CA GLY C 216 -2.88 -31.06 -35.90
C GLY C 216 -1.62 -30.41 -36.49
N VAL C 217 -0.61 -30.20 -35.64
CA VAL C 217 0.64 -29.60 -36.09
C VAL C 217 1.42 -30.61 -36.94
N VAL C 218 1.41 -31.87 -36.51
CA VAL C 218 1.95 -32.96 -37.31
C VAL C 218 0.94 -34.09 -37.42
N ASN C 219 0.66 -34.48 -38.66
CA ASN C 219 -0.30 -35.53 -38.96
C ASN C 219 0.42 -36.47 -39.92
N ILE C 220 0.41 -37.76 -39.60
CA ILE C 220 1.10 -38.74 -40.42
C ILE C 220 0.10 -39.77 -41.00
N VAL C 221 0.12 -39.92 -42.33
CA VAL C 221 -0.73 -40.90 -42.99
C VAL C 221 0.11 -41.98 -43.67
N PRO C 222 0.16 -43.19 -43.07
CA PRO C 222 0.78 -44.29 -43.81
C PRO C 222 -0.18 -44.75 -44.91
N GLY C 223 0.36 -45.34 -45.97
CA GLY C 223 -0.42 -45.80 -47.11
C GLY C 223 0.44 -45.78 -48.36
N PHE C 224 -0.19 -45.93 -49.53
CA PHE C 224 0.57 -46.06 -50.78
C PHE C 224 0.69 -44.73 -51.51
N GLY C 225 1.46 -44.71 -52.60
CA GLY C 225 1.77 -43.45 -53.29
C GLY C 225 0.67 -42.91 -54.21
N PRO C 226 0.20 -43.74 -55.17
CA PRO C 226 -0.83 -43.25 -56.08
C PRO C 226 -2.14 -42.91 -55.36
N THR C 227 -2.25 -43.31 -54.09
CA THR C 227 -3.43 -43.07 -53.28
C THR C 227 -3.18 -41.91 -52.31
N ALA C 228 -2.55 -42.20 -51.17
CA ALA C 228 -2.32 -41.19 -50.16
C ALA C 228 -1.33 -40.09 -50.61
N GLY C 229 -0.22 -40.50 -51.23
CA GLY C 229 0.75 -39.52 -51.70
C GLY C 229 0.15 -38.58 -52.75
N ALA C 230 -0.52 -39.16 -53.74
CA ALA C 230 -1.14 -38.38 -54.78
C ALA C 230 -2.29 -37.51 -54.23
N ALA C 231 -2.96 -37.94 -53.17
CA ALA C 231 -4.01 -37.10 -52.57
C ALA C 231 -3.43 -35.83 -51.91
N ILE C 232 -2.24 -35.95 -51.31
CA ILE C 232 -1.54 -34.77 -50.78
C ILE C 232 -1.12 -33.80 -51.91
N ALA C 233 -0.48 -34.34 -52.95
CA ALA C 233 0.05 -33.55 -54.06
C ALA C 233 -1.02 -32.76 -54.82
N SER C 234 -2.23 -33.33 -54.91
CA SER C 234 -3.37 -32.72 -55.61
C SER C 234 -4.33 -31.94 -54.68
N HIS C 235 -4.03 -31.90 -53.39
CA HIS C 235 -4.97 -31.30 -52.46
C HIS C 235 -5.11 -29.79 -52.67
N GLU C 236 -6.36 -29.33 -52.66
CA GLU C 236 -6.63 -27.94 -52.92
C GLU C 236 -6.28 -27.01 -51.75
N ASP C 237 -6.05 -27.58 -50.57
CA ASP C 237 -5.71 -26.77 -49.40
C ASP C 237 -4.35 -27.07 -48.79
N VAL C 238 -3.51 -27.76 -49.56
CA VAL C 238 -2.12 -27.94 -49.19
C VAL C 238 -1.33 -26.82 -49.92
N ASP C 239 -0.61 -26.01 -49.16
CA ASP C 239 0.10 -24.83 -49.65
C ASP C 239 1.47 -25.13 -50.26
N LYS C 240 2.10 -26.23 -49.81
CA LYS C 240 3.48 -26.57 -50.16
C LYS C 240 3.60 -28.09 -50.11
N VAL C 241 4.29 -28.65 -51.08
CA VAL C 241 4.62 -30.07 -51.04
C VAL C 241 6.13 -30.26 -51.14
N ALA C 242 6.66 -31.13 -50.28
CA ALA C 242 8.05 -31.52 -50.31
C ALA C 242 8.11 -33.02 -50.59
N PHE C 243 8.80 -33.39 -51.65
CA PHE C 243 8.90 -34.81 -52.03
C PHE C 243 10.33 -35.28 -52.16
N ALA C 244 10.62 -36.46 -51.57
CA ALA C 244 11.85 -37.19 -51.84
C ALA C 244 11.55 -38.58 -52.36
N GLY C 245 12.20 -38.93 -53.47
CA GLY C 245 12.00 -40.23 -54.09
C GLY C 245 12.58 -40.26 -55.48
N SER C 246 11.96 -41.05 -56.35
CA SER C 246 12.40 -41.18 -57.74
C SER C 246 12.16 -39.90 -58.54
N THR C 247 13.03 -39.64 -59.51
CA THR C 247 12.83 -38.61 -60.53
C THR C 247 11.49 -38.80 -61.25
N GLU C 248 11.14 -40.07 -61.47
CA GLU C 248 9.91 -40.49 -62.14
C GLU C 248 8.67 -39.92 -61.42
N ILE C 249 8.59 -40.16 -60.11
CA ILE C 249 7.47 -39.65 -59.30
C ILE C 249 7.57 -38.14 -59.06
N GLY C 250 8.80 -37.62 -58.98
CA GLY C 250 9.03 -36.16 -58.94
C GLY C 250 8.26 -35.40 -60.01
N ARG C 251 8.36 -35.86 -61.25
CA ARG C 251 7.55 -35.33 -62.36
C ARG C 251 6.05 -35.33 -62.06
N VAL C 252 5.53 -36.46 -61.59
CA VAL C 252 4.11 -36.61 -61.22
C VAL C 252 3.68 -35.56 -60.17
N ILE C 253 4.53 -35.36 -59.16
CA ILE C 253 4.28 -34.37 -58.11
C ILE C 253 4.17 -32.94 -58.67
N GLN C 254 5.14 -32.52 -59.49
CA GLN C 254 5.13 -31.16 -60.06
C GLN C 254 3.92 -30.93 -60.97
N VAL C 255 3.54 -31.95 -61.74
CA VAL C 255 2.33 -31.92 -62.57
C VAL C 255 1.08 -31.80 -61.70
N ALA C 256 1.01 -32.61 -60.66
CA ALA C 256 -0.14 -32.62 -59.75
C ALA C 256 -0.31 -31.25 -59.07
N ALA C 257 0.83 -30.62 -58.73
CA ALA C 257 0.84 -29.28 -58.14
C ALA C 257 0.32 -28.20 -59.07
N GLY C 258 0.77 -28.27 -60.32
CA GLY C 258 0.36 -27.31 -61.35
C GLY C 258 -1.09 -27.46 -61.71
N SER C 259 -1.57 -28.70 -61.69
CA SER C 259 -2.94 -29.05 -62.09
C SER C 259 -3.95 -28.77 -60.97
N SER C 260 -3.46 -28.53 -59.76
CA SER C 260 -4.37 -28.31 -58.64
C SER C 260 -4.38 -26.84 -58.24
N ASN C 261 -3.74 -26.50 -57.12
CA ASN C 261 -3.82 -25.14 -56.58
C ASN C 261 -2.52 -24.34 -56.70
N LEU C 262 -1.59 -24.79 -57.54
CA LEU C 262 -0.30 -24.11 -57.71
C LEU C 262 0.51 -24.05 -56.42
N LYS C 263 0.39 -25.09 -55.59
CA LYS C 263 1.16 -25.20 -54.36
C LYS C 263 2.66 -25.18 -54.68
N ARG C 264 3.45 -24.70 -53.73
CA ARG C 264 4.90 -24.61 -53.88
CA ARG C 264 4.90 -24.62 -53.90
C ARG C 264 5.51 -26.01 -53.77
N VAL C 265 6.51 -26.28 -54.61
CA VAL C 265 7.09 -27.61 -54.68
C VAL C 265 8.59 -27.56 -54.46
N THR C 266 9.11 -28.52 -53.69
CA THR C 266 10.54 -28.86 -53.70
C THR C 266 10.68 -30.37 -53.91
N LEU C 267 11.81 -30.77 -54.48
CA LEU C 267 12.03 -32.16 -54.90
C LEU C 267 13.44 -32.63 -54.59
N GLU C 268 13.57 -33.80 -53.98
CA GLU C 268 14.86 -34.43 -53.73
C GLU C 268 14.80 -35.75 -54.46
N LEU C 269 15.53 -35.84 -55.56
CA LEU C 269 15.36 -36.97 -56.46
C LEU C 269 16.64 -37.79 -56.58
N GLY C 270 16.74 -38.59 -57.63
CA GLY C 270 17.86 -39.49 -57.81
C GLY C 270 19.20 -38.84 -58.10
N GLY C 271 20.19 -39.68 -58.35
CA GLY C 271 21.49 -39.23 -58.80
C GLY C 271 22.21 -40.36 -59.50
N LYS C 272 23.26 -40.00 -60.22
CA LYS C 272 24.28 -40.97 -60.67
C LYS C 272 25.64 -40.31 -60.45
N SER C 273 25.99 -40.14 -59.18
CA SER C 273 27.04 -39.20 -58.78
C SER C 273 28.44 -39.71 -59.09
N PRO C 274 29.25 -38.87 -59.76
CA PRO C 274 30.64 -39.20 -60.08
C PRO C 274 31.58 -39.00 -58.89
N ASN C 275 32.40 -40.01 -58.66
CA ASN C 275 33.45 -39.94 -57.67
C ASN C 275 34.80 -40.04 -58.40
N ILE C 276 35.50 -38.91 -58.49
CA ILE C 276 36.71 -38.78 -59.31
C ILE C 276 38.00 -38.98 -58.49
N ILE C 277 38.79 -39.97 -58.88
CA ILE C 277 40.05 -40.27 -58.21
C ILE C 277 41.19 -39.84 -59.13
N MET C 278 41.85 -38.74 -58.79
CA MET C 278 43.03 -38.30 -59.55
C MET C 278 44.22 -39.21 -59.20
N SER C 279 45.19 -39.29 -60.11
CA SER C 279 46.39 -40.13 -59.90
C SER C 279 47.19 -39.75 -58.63
N ASP C 280 47.09 -38.49 -58.20
CA ASP C 280 47.82 -38.06 -56.99
C ASP C 280 47.08 -38.24 -55.67
N ALA C 281 45.95 -38.97 -55.69
CA ALA C 281 45.17 -39.22 -54.48
C ALA C 281 45.88 -40.16 -53.51
N ASP C 282 45.61 -40.01 -52.22
CA ASP C 282 45.98 -41.02 -51.23
C ASP C 282 45.19 -42.27 -51.61
N MET C 283 45.89 -43.30 -52.09
CA MET C 283 45.26 -44.52 -52.63
C MET C 283 44.44 -45.29 -51.60
N ASP C 284 45.02 -45.53 -50.42
CA ASP C 284 44.33 -46.33 -49.39
C ASP C 284 43.04 -45.64 -48.97
N TRP C 285 43.13 -44.34 -48.71
CA TRP C 285 41.95 -43.51 -48.41
C TRP C 285 40.90 -43.56 -49.53
N ALA C 286 41.31 -43.27 -50.76
CA ALA C 286 40.40 -43.21 -51.90
C ALA C 286 39.69 -44.53 -52.19
N VAL C 287 40.38 -45.65 -51.99
CA VAL C 287 39.78 -46.98 -52.13
C VAL C 287 38.72 -47.20 -51.06
N GLU C 288 39.08 -46.94 -49.80
CA GLU C 288 38.13 -47.10 -48.70
C GLU C 288 36.90 -46.17 -48.82
N GLN C 289 37.12 -44.93 -49.24
CA GLN C 289 36.04 -43.97 -49.40
C GLN C 289 35.18 -44.26 -50.62
N ALA C 290 35.78 -44.75 -51.70
CA ALA C 290 35.02 -45.11 -52.90
C ALA C 290 34.10 -46.30 -52.63
N HIS C 291 34.58 -47.22 -51.79
CA HIS C 291 33.79 -48.36 -51.37
C HIS C 291 32.59 -47.85 -50.55
N PHE C 292 32.86 -47.09 -49.49
CA PHE C 292 31.80 -46.47 -48.72
C PHE C 292 30.80 -45.62 -49.56
N ALA C 293 31.33 -44.76 -50.44
CA ALA C 293 30.52 -43.90 -51.32
C ALA C 293 29.47 -44.68 -52.10
N LEU C 294 29.83 -45.89 -52.55
CA LEU C 294 28.88 -46.72 -53.31
C LEU C 294 28.03 -47.64 -52.42
N PHE C 295 28.68 -48.38 -51.53
CA PHE C 295 27.99 -49.47 -50.85
C PHE C 295 27.23 -49.09 -49.57
N PHE C 296 27.43 -47.86 -49.08
CA PHE C 296 26.71 -47.37 -47.91
C PHE C 296 25.20 -47.63 -48.00
N ASN C 297 24.61 -48.07 -46.90
CA ASN C 297 23.17 -48.30 -46.82
C ASN C 297 22.65 -49.25 -47.92
N GLN C 298 23.40 -50.32 -48.19
CA GLN C 298 23.00 -51.31 -49.20
C GLN C 298 22.92 -50.71 -50.59
N GLY C 299 23.68 -49.65 -50.83
CA GLY C 299 23.66 -48.92 -52.10
C GLY C 299 22.45 -48.03 -52.26
N GLN C 300 21.60 -48.00 -51.23
CA GLN C 300 20.32 -47.29 -51.31
C GLN C 300 20.48 -45.87 -50.79
N CYS C 301 21.25 -45.07 -51.52
N CYS C 301 21.27 -45.09 -51.54
CA CYS C 301 21.50 -43.69 -51.12
CA CYS C 301 21.57 -43.70 -51.22
C CYS C 301 21.45 -42.81 -52.37
C CYS C 301 21.37 -42.86 -52.46
N CYS C 302 20.65 -41.75 -52.30
CA CYS C 302 20.41 -40.84 -53.44
C CYS C 302 21.72 -40.34 -54.05
N CYS C 303 22.67 -40.00 -53.18
CA CYS C 303 23.97 -39.47 -53.63
C CYS C 303 25.09 -40.54 -53.72
N ALA C 304 24.74 -41.83 -53.82
CA ALA C 304 25.75 -42.89 -53.99
C ALA C 304 26.79 -42.54 -55.07
N GLY C 305 28.06 -42.78 -54.78
CA GLY C 305 29.13 -42.58 -55.78
C GLY C 305 29.11 -43.71 -56.78
N SER C 306 28.18 -43.65 -57.73
CA SER C 306 27.88 -44.76 -58.65
C SER C 306 28.60 -44.70 -60.00
N ARG C 307 29.46 -43.70 -60.17
CA ARG C 307 30.39 -43.65 -61.28
C ARG C 307 31.76 -43.28 -60.70
N THR C 308 32.62 -44.29 -60.52
CA THR C 308 33.95 -44.10 -59.92
C THR C 308 34.92 -43.96 -61.10
N PHE C 309 35.34 -42.72 -61.35
CA PHE C 309 36.28 -42.42 -62.42
C PHE C 309 37.65 -42.47 -61.82
N VAL C 310 38.51 -43.31 -62.39
CA VAL C 310 39.87 -43.49 -61.87
C VAL C 310 40.88 -43.15 -62.95
N GLN C 311 41.84 -42.27 -62.65
N GLN C 311 41.82 -42.26 -62.66
CA GLN C 311 42.86 -41.89 -63.62
CA GLN C 311 42.83 -41.86 -63.63
C GLN C 311 43.65 -43.14 -64.02
C GLN C 311 43.68 -43.09 -64.01
N GLU C 312 43.94 -43.24 -65.31
CA GLU C 312 44.54 -44.46 -65.89
C GLU C 312 45.79 -45.03 -65.25
N ASP C 313 46.69 -44.17 -64.75
CA ASP C 313 47.95 -44.62 -64.14
C ASP C 313 47.76 -45.36 -62.83
N ILE C 314 46.66 -45.10 -62.14
CA ILE C 314 46.36 -45.81 -60.92
C ILE C 314 45.17 -46.78 -61.07
N TYR C 315 44.61 -46.86 -62.28
CA TYR C 315 43.40 -47.66 -62.50
C TYR C 315 43.52 -49.12 -62.04
N ASP C 316 44.57 -49.80 -62.51
CA ASP C 316 44.70 -51.24 -62.30
C ASP C 316 44.80 -51.55 -60.82
N GLU C 317 45.62 -50.80 -60.10
CA GLU C 317 45.80 -50.99 -58.66
C GLU C 317 44.53 -50.63 -57.90
N PHE C 318 43.84 -49.58 -58.34
CA PHE C 318 42.64 -49.15 -57.66
C PHE C 318 41.55 -50.22 -57.79
N VAL C 319 41.38 -50.74 -59.00
CA VAL C 319 40.44 -51.84 -59.25
C VAL C 319 40.75 -53.09 -58.43
N GLU C 320 42.01 -53.53 -58.46
CA GLU C 320 42.48 -54.66 -57.65
C GLU C 320 42.05 -54.50 -56.18
N ARG C 321 42.40 -53.36 -55.59
CA ARG C 321 42.05 -53.06 -54.21
C ARG C 321 40.55 -52.94 -53.94
N SER C 322 39.80 -52.33 -54.87
CA SER C 322 38.35 -52.17 -54.74
C SER C 322 37.64 -53.53 -54.74
N VAL C 323 38.09 -54.42 -55.61
CA VAL C 323 37.54 -55.76 -55.72
C VAL C 323 37.79 -56.59 -54.45
N ALA C 324 39.02 -56.52 -53.90
CA ALA C 324 39.31 -57.20 -52.64
C ALA C 324 38.41 -56.68 -51.51
N ARG C 325 38.16 -55.37 -51.54
CA ARG C 325 37.36 -54.70 -50.51
C ARG C 325 35.88 -55.12 -50.57
N ALA C 326 35.35 -55.19 -51.79
CA ALA C 326 33.97 -55.64 -52.01
C ALA C 326 33.81 -57.10 -51.64
N LYS C 327 34.79 -57.93 -52.01
CA LYS C 327 34.77 -59.35 -51.61
C LYS C 327 34.83 -59.55 -50.10
N SER C 328 35.45 -58.61 -49.39
CA SER C 328 35.55 -58.74 -47.93
C SER C 328 34.31 -58.22 -47.20
N ARG C 329 33.39 -57.60 -47.92
CA ARG C 329 32.24 -56.96 -47.28
C ARG C 329 31.26 -58.03 -46.79
N VAL C 330 30.96 -57.97 -45.49
CA VAL C 330 30.15 -58.98 -44.81
C VAL C 330 28.64 -58.72 -44.97
N VAL C 331 27.98 -59.62 -45.68
CA VAL C 331 26.52 -59.56 -45.84
C VAL C 331 25.94 -60.57 -44.84
N GLY C 332 24.86 -60.18 -44.15
CA GLY C 332 24.19 -61.08 -43.20
C GLY C 332 23.10 -60.41 -42.37
N ASN C 333 22.73 -61.05 -41.27
CA ASN C 333 21.73 -60.54 -40.34
C ASN C 333 22.13 -59.14 -39.88
N PRO C 334 21.31 -58.11 -40.19
CA PRO C 334 21.70 -56.74 -39.78
C PRO C 334 21.79 -56.54 -38.26
N PHE C 335 21.20 -57.45 -37.48
CA PHE C 335 21.35 -57.44 -36.02
C PHE C 335 22.68 -58.06 -35.52
N ASP C 336 23.43 -58.70 -36.41
CA ASP C 336 24.78 -59.18 -36.06
C ASP C 336 25.77 -58.04 -36.22
N SER C 337 26.55 -57.78 -35.16
CA SER C 337 27.50 -56.66 -35.14
C SER C 337 28.59 -56.74 -36.19
N LYS C 338 28.88 -57.95 -36.65
CA LYS C 338 29.83 -58.22 -37.74
C LYS C 338 29.32 -57.75 -39.11
N THR C 339 28.00 -57.68 -39.26
CA THR C 339 27.39 -57.39 -40.56
C THR C 339 27.66 -55.96 -41.07
N GLU C 340 28.23 -55.87 -42.26
CA GLU C 340 28.37 -54.57 -42.94
C GLU C 340 27.19 -54.24 -43.86
N GLN C 341 26.56 -55.26 -44.43
CA GLN C 341 25.49 -55.06 -45.39
C GLN C 341 24.31 -55.97 -45.07
N GLY C 342 23.12 -55.38 -44.93
CA GLY C 342 21.91 -56.15 -44.75
C GLY C 342 21.20 -56.39 -46.08
N PRO C 343 19.89 -56.68 -46.02
CA PRO C 343 19.17 -56.92 -47.29
C PRO C 343 18.77 -55.62 -48.00
N GLN C 344 18.38 -55.73 -49.27
CA GLN C 344 17.68 -54.64 -49.93
C GLN C 344 16.29 -54.50 -49.29
N VAL C 345 15.66 -53.35 -49.47
CA VAL C 345 14.44 -53.01 -48.70
C VAL C 345 13.23 -53.92 -48.94
N ASP C 346 13.13 -54.46 -50.14
CA ASP C 346 11.92 -55.19 -50.57
C ASP C 346 12.14 -56.03 -51.82
N GLU C 347 11.13 -56.79 -52.23
CA GLU C 347 11.30 -57.71 -53.36
C GLU C 347 11.45 -56.97 -54.68
N THR C 348 10.66 -55.91 -54.83
CA THR C 348 10.71 -55.05 -56.01
C THR C 348 12.12 -54.52 -56.29
N GLN C 349 12.74 -53.94 -55.26
CA GLN C 349 14.07 -53.38 -55.39
C GLN C 349 15.09 -54.49 -55.65
N PHE C 350 14.97 -55.59 -54.90
CA PHE C 350 15.71 -56.82 -55.13
C PHE C 350 15.76 -57.22 -56.62
N LYS C 351 14.59 -57.33 -57.23
CA LYS C 351 14.42 -57.70 -58.66
C LYS C 351 14.96 -56.62 -59.60
N LYS C 352 14.73 -55.37 -59.23
CA LYS C 352 15.21 -54.25 -60.06
C LYS C 352 16.74 -54.28 -60.11
N ILE C 353 17.36 -54.55 -58.96
CA ILE C 353 18.83 -54.64 -58.91
C ILE C 353 19.39 -55.83 -59.71
N LEU C 354 18.74 -56.99 -59.59
CA LEU C 354 19.12 -58.18 -60.37
C LEU C 354 19.01 -57.91 -61.88
N GLY C 355 17.96 -57.19 -62.27
CA GLY C 355 17.82 -56.69 -63.64
C GLY C 355 18.99 -55.82 -64.11
N TYR C 356 19.39 -54.87 -63.29
CA TYR C 356 20.53 -53.99 -63.63
C TYR C 356 21.86 -54.76 -63.71
N ILE C 357 22.02 -55.75 -62.85
CA ILE C 357 23.22 -56.59 -62.85
C ILE C 357 23.29 -57.39 -64.16
N ASN C 358 22.17 -58.02 -64.53
CA ASN C 358 22.09 -58.72 -65.80
C ASN C 358 22.33 -57.78 -66.98
N THR C 359 21.82 -56.55 -66.87
CA THR C 359 21.98 -55.53 -67.90
C THR C 359 23.47 -55.21 -68.14
N GLY C 360 24.19 -54.92 -67.05
CA GLY C 360 25.64 -54.69 -67.13
C GLY C 360 26.38 -55.83 -67.82
N LYS C 361 26.03 -57.06 -67.48
CA LYS C 361 26.64 -58.23 -68.15
C LYS C 361 26.34 -58.29 -69.63
N GLN C 362 25.08 -58.04 -69.98
CA GLN C 362 24.60 -58.01 -71.37
C GLN C 362 25.31 -56.95 -72.22
N GLU C 363 25.49 -55.74 -71.68
CA GLU C 363 26.10 -54.67 -72.47
C GLU C 363 27.63 -54.65 -72.45
N GLY C 364 28.25 -55.57 -71.71
CA GLY C 364 29.68 -55.78 -71.84
C GLY C 364 30.57 -55.22 -70.74
N ALA C 365 30.00 -54.74 -69.65
CA ALA C 365 30.82 -54.31 -68.52
C ALA C 365 31.46 -55.53 -67.89
N LYS C 366 32.68 -55.37 -67.38
CA LYS C 366 33.44 -56.50 -66.88
C LYS C 366 33.04 -56.78 -65.44
N LEU C 367 32.46 -57.97 -65.21
CA LEU C 367 32.06 -58.40 -63.86
C LEU C 367 33.28 -58.88 -63.05
N LEU C 368 33.61 -58.16 -61.98
CA LEU C 368 34.85 -58.47 -61.26
C LEU C 368 34.62 -59.25 -59.99
N CYS C 369 33.40 -59.18 -59.47
CA CYS C 369 33.00 -59.91 -58.29
C CYS C 369 31.50 -59.75 -58.10
N GLY C 370 30.95 -60.60 -57.25
CA GLY C 370 29.51 -60.60 -56.97
C GLY C 370 28.68 -60.91 -58.19
N GLY C 371 27.55 -60.23 -58.33
CA GLY C 371 26.69 -60.40 -59.49
C GLY C 371 25.49 -61.32 -59.25
N GLY C 372 25.38 -61.85 -58.05
CA GLY C 372 24.28 -62.75 -57.70
C GLY C 372 23.62 -62.52 -56.34
N ILE C 373 22.67 -63.41 -56.05
CA ILE C 373 21.92 -63.42 -54.79
C ILE C 373 22.82 -63.98 -53.70
N ALA C 374 22.80 -63.36 -52.52
CA ALA C 374 23.74 -63.68 -51.47
C ALA C 374 23.21 -64.63 -50.40
N ALA C 375 21.89 -64.78 -50.33
CA ALA C 375 21.25 -65.61 -49.31
C ALA C 375 19.92 -66.12 -49.81
N ASP C 376 19.43 -67.18 -49.15
CA ASP C 376 18.18 -67.81 -49.52
C ASP C 376 16.98 -66.96 -49.08
N ARG C 377 16.91 -66.59 -47.81
CA ARG C 377 15.79 -65.82 -47.27
C ARG C 377 16.08 -64.32 -47.29
N GLY C 378 15.02 -63.51 -47.31
CA GLY C 378 15.17 -62.05 -47.38
C GLY C 378 15.61 -61.65 -48.77
N TYR C 379 16.18 -60.46 -48.89
CA TYR C 379 16.51 -59.89 -50.18
C TYR C 379 17.99 -59.44 -50.23
N PHE C 380 18.89 -60.41 -50.11
CA PHE C 380 20.33 -60.14 -50.04
C PHE C 380 21.00 -60.30 -51.37
N ILE C 381 21.79 -59.29 -51.76
CA ILE C 381 22.50 -59.28 -53.03
C ILE C 381 24.00 -59.10 -52.79
N GLN C 382 24.82 -59.85 -53.54
CA GLN C 382 26.27 -59.76 -53.42
C GLN C 382 26.78 -58.40 -53.80
N PRO C 383 27.75 -57.88 -53.02
CA PRO C 383 28.47 -56.70 -53.50
C PRO C 383 29.11 -56.98 -54.87
N THR C 384 28.75 -56.17 -55.85
CA THR C 384 29.09 -56.36 -57.25
C THR C 384 29.92 -55.19 -57.77
N VAL C 385 31.02 -55.50 -58.45
CA VAL C 385 31.86 -54.47 -59.05
C VAL C 385 31.98 -54.73 -60.55
N PHE C 386 31.66 -53.71 -61.34
CA PHE C 386 31.87 -53.71 -62.78
C PHE C 386 33.03 -52.80 -63.14
N GLY C 387 34.03 -53.35 -63.82
CA GLY C 387 35.14 -52.56 -64.33
C GLY C 387 35.01 -52.33 -65.82
N ASP C 388 35.84 -51.41 -66.33
CA ASP C 388 35.83 -51.00 -67.74
C ASP C 388 34.48 -50.48 -68.22
N VAL C 389 33.73 -49.88 -67.31
CA VAL C 389 32.44 -49.27 -67.65
C VAL C 389 32.61 -48.07 -68.60
N GLN C 390 31.70 -47.96 -69.56
CA GLN C 390 31.73 -46.85 -70.52
C GLN C 390 30.52 -45.96 -70.34
N ASP C 391 30.70 -44.67 -70.64
CA ASP C 391 29.64 -43.67 -70.48
C ASP C 391 28.31 -44.08 -71.07
N GLY C 392 28.34 -44.75 -72.23
CA GLY C 392 27.13 -45.06 -73.00
C GLY C 392 26.31 -46.19 -72.42
N MET C 393 26.87 -46.89 -71.44
CA MET C 393 26.24 -48.05 -70.86
C MET C 393 25.10 -47.64 -69.95
N THR C 394 24.04 -48.42 -69.96
CA THR C 394 22.90 -48.23 -69.08
C THR C 394 23.29 -48.23 -67.58
N ILE C 395 24.16 -49.16 -67.16
CA ILE C 395 24.61 -49.17 -65.75
C ILE C 395 25.48 -47.95 -65.39
N ALA C 396 25.98 -47.23 -66.42
CA ALA C 396 26.68 -45.94 -66.21
C ALA C 396 25.73 -44.74 -66.18
N LYS C 397 24.49 -44.92 -66.64
CA LYS C 397 23.57 -43.77 -66.75
C LYS C 397 22.49 -43.77 -65.69
N GLU C 398 21.93 -44.95 -65.42
CA GLU C 398 20.73 -45.05 -64.59
C GLU C 398 21.05 -45.41 -63.16
N GLU C 399 20.32 -44.78 -62.24
CA GLU C 399 20.38 -45.10 -60.82
C GLU C 399 19.95 -46.53 -60.54
N ILE C 400 20.88 -47.33 -60.00
CA ILE C 400 20.64 -48.72 -59.62
C ILE C 400 20.10 -48.88 -58.19
N PHE C 401 20.60 -48.10 -57.22
CA PHE C 401 20.10 -48.15 -55.82
C PHE C 401 20.34 -49.53 -55.17
N GLY C 402 21.46 -50.15 -55.53
CA GLY C 402 21.89 -51.38 -54.92
C GLY C 402 23.40 -51.44 -54.82
N PRO C 403 23.93 -52.56 -54.31
CA PRO C 403 25.38 -52.70 -54.09
C PRO C 403 26.08 -53.07 -55.39
N VAL C 404 26.08 -52.10 -56.31
CA VAL C 404 26.57 -52.30 -57.66
C VAL C 404 27.43 -51.12 -58.09
N MET C 405 28.73 -51.40 -58.16
CA MET C 405 29.77 -50.39 -58.38
C MET C 405 30.30 -50.37 -59.82
N GLN C 406 30.35 -49.17 -60.41
CA GLN C 406 30.88 -48.95 -61.75
C GLN C 406 32.25 -48.24 -61.66
N ILE C 407 33.29 -48.84 -62.23
CA ILE C 407 34.60 -48.21 -62.28
C ILE C 407 34.91 -47.86 -63.73
N LEU C 408 35.08 -46.56 -64.01
CA LEU C 408 35.40 -46.00 -65.33
C LEU C 408 36.82 -45.46 -65.32
N LYS C 409 37.50 -45.55 -66.47
CA LYS C 409 38.87 -45.08 -66.59
C LYS C 409 38.91 -43.77 -67.37
N PHE C 410 39.72 -42.82 -66.92
CA PHE C 410 39.91 -41.58 -67.70
C PHE C 410 41.40 -41.16 -67.74
N LYS C 411 41.73 -40.23 -68.61
CA LYS C 411 43.10 -39.75 -68.73
C LYS C 411 43.30 -38.34 -68.18
N THR C 412 42.44 -37.38 -68.56
CA THR C 412 42.72 -35.98 -68.22
C THR C 412 41.65 -35.31 -67.37
N ILE C 413 42.06 -34.27 -66.66
CA ILE C 413 41.14 -33.54 -65.77
C ILE C 413 40.03 -32.84 -66.58
N GLU C 414 40.40 -32.33 -67.76
CA GLU C 414 39.45 -31.64 -68.65
C GLU C 414 38.43 -32.64 -69.22
N GLU C 415 38.90 -33.82 -69.60
CA GLU C 415 38.05 -34.92 -70.07
C GLU C 415 37.04 -35.35 -69.00
N VAL C 416 37.52 -35.57 -67.76
CA VAL C 416 36.68 -36.13 -66.72
C VAL C 416 35.57 -35.18 -66.29
N VAL C 417 35.85 -33.87 -66.31
CA VAL C 417 34.82 -32.84 -66.10
C VAL C 417 33.64 -33.03 -67.04
N GLY C 418 33.95 -33.09 -68.34
CA GLY C 418 32.95 -33.30 -69.38
C GLY C 418 32.17 -34.58 -69.18
N ARG C 419 32.87 -35.67 -68.88
CA ARG C 419 32.22 -36.97 -68.67
C ARG C 419 31.39 -37.01 -67.38
N ALA C 420 31.90 -36.41 -66.30
CA ALA C 420 31.16 -36.38 -65.04
C ALA C 420 29.84 -35.59 -65.17
N ASN C 421 29.90 -34.49 -65.93
CA ASN C 421 28.76 -33.58 -66.11
C ASN C 421 27.73 -34.03 -67.16
N ASN C 422 28.12 -34.99 -68.00
CA ASN C 422 27.22 -35.54 -69.02
C ASN C 422 26.22 -36.52 -68.36
N SER C 423 25.22 -35.94 -67.70
CA SER C 423 24.20 -36.67 -66.99
C SER C 423 23.01 -35.72 -66.80
N THR C 424 21.79 -36.24 -66.83
CA THR C 424 20.65 -35.42 -66.42
C THR C 424 20.53 -35.38 -64.89
N TYR C 425 21.37 -36.15 -64.18
CA TYR C 425 21.47 -36.05 -62.72
C TYR C 425 22.54 -35.03 -62.32
N GLY C 426 22.43 -34.48 -61.10
CA GLY C 426 23.45 -33.58 -60.55
C GLY C 426 23.32 -33.40 -59.04
N LEU C 427 23.20 -34.51 -58.32
CA LEU C 427 22.97 -34.48 -56.87
C LEU C 427 24.25 -34.20 -56.10
N ALA C 428 25.29 -34.91 -56.46
CA ALA C 428 26.54 -34.87 -55.71
C ALA C 428 27.68 -35.27 -56.64
N ALA C 429 28.91 -35.09 -56.14
CA ALA C 429 30.13 -35.42 -56.84
C ALA C 429 31.24 -35.43 -55.79
N ALA C 430 32.36 -36.07 -56.11
CA ALA C 430 33.53 -35.96 -55.25
C ALA C 430 34.82 -35.96 -56.04
N VAL C 431 35.87 -35.43 -55.42
CA VAL C 431 37.20 -35.36 -56.00
C VAL C 431 38.23 -35.78 -54.95
N PHE C 432 39.10 -36.72 -55.32
CA PHE C 432 40.21 -37.10 -54.47
C PHE C 432 41.51 -36.71 -55.18
N THR C 433 42.28 -35.85 -54.52
CA THR C 433 43.52 -35.30 -55.05
C THR C 433 44.23 -34.59 -53.91
N LYS C 434 45.55 -34.45 -54.01
CA LYS C 434 46.33 -33.73 -53.01
C LYS C 434 46.61 -32.30 -53.45
N ASP C 435 46.26 -32.00 -54.70
CA ASP C 435 46.58 -30.75 -55.36
C ASP C 435 45.52 -29.69 -55.13
N LEU C 436 45.96 -28.55 -54.57
CA LEU C 436 45.10 -27.38 -54.40
C LEU C 436 44.33 -27.00 -55.66
N ASP C 437 45.05 -26.72 -56.77
CA ASP C 437 44.44 -26.27 -58.02
C ASP C 437 43.45 -27.26 -58.65
N LYS C 438 43.79 -28.55 -58.60
CA LYS C 438 42.92 -29.60 -59.11
C LYS C 438 41.63 -29.67 -58.31
N ALA C 439 41.75 -29.55 -56.98
CA ALA C 439 40.58 -29.48 -56.10
C ALA C 439 39.67 -28.33 -56.49
N ASN C 440 40.24 -27.12 -56.58
CA ASN C 440 39.47 -25.92 -56.87
C ASN C 440 38.90 -25.90 -58.29
N TYR C 441 39.69 -26.38 -59.24
CA TYR C 441 39.24 -26.50 -60.62
C TYR C 441 38.03 -27.47 -60.67
N LEU C 442 38.16 -28.63 -60.05
CA LEU C 442 37.07 -29.58 -60.14
C LEU C 442 35.80 -29.21 -59.36
N SER C 443 35.98 -28.75 -58.12
CA SER C 443 34.83 -28.32 -57.30
C SER C 443 34.03 -27.23 -58.01
N GLN C 444 34.72 -26.32 -58.70
CA GLN C 444 34.05 -25.29 -59.47
C GLN C 444 33.29 -25.83 -60.70
N ALA C 445 33.96 -26.70 -61.47
CA ALA C 445 33.43 -27.17 -62.75
C ALA C 445 32.31 -28.22 -62.65
N LEU C 446 32.26 -28.96 -61.55
CA LEU C 446 31.29 -30.07 -61.43
C LEU C 446 29.88 -29.52 -61.21
N GLN C 447 28.92 -29.99 -61.99
CA GLN C 447 27.53 -29.52 -61.88
C GLN C 447 26.79 -30.42 -60.91
N ALA C 448 26.98 -30.14 -59.62
CA ALA C 448 26.48 -30.99 -58.54
C ALA C 448 26.15 -30.14 -57.30
N GLY C 449 25.08 -30.51 -56.60
CA GLY C 449 24.63 -29.73 -55.46
C GLY C 449 25.61 -29.76 -54.30
N THR C 450 26.28 -30.90 -54.13
CA THR C 450 27.36 -31.07 -53.14
C THR C 450 28.60 -31.66 -53.80
N VAL C 451 29.76 -31.04 -53.58
CA VAL C 451 31.01 -31.61 -54.03
C VAL C 451 31.89 -31.88 -52.82
N TRP C 452 32.15 -33.16 -52.58
CA TRP C 452 33.05 -33.54 -51.52
C TRP C 452 34.48 -33.60 -52.06
N VAL C 453 35.44 -33.20 -51.22
CA VAL C 453 36.85 -33.19 -51.63
C VAL C 453 37.61 -34.04 -50.62
N ASN C 454 38.22 -35.13 -51.11
CA ASN C 454 38.89 -36.12 -50.24
C ASN C 454 37.98 -36.72 -49.16
N CYS C 455 36.68 -36.74 -49.46
CA CYS C 455 35.71 -37.35 -48.56
C CYS C 455 34.45 -37.72 -49.35
N TYR C 456 33.48 -38.33 -48.67
CA TYR C 456 32.22 -38.70 -49.30
C TYR C 456 31.13 -38.87 -48.23
N ASP C 457 29.88 -38.57 -48.60
CA ASP C 457 28.72 -38.71 -47.70
C ASP C 457 28.95 -38.03 -46.37
N VAL C 458 29.51 -36.83 -46.42
CA VAL C 458 29.74 -36.02 -45.26
C VAL C 458 28.61 -35.00 -45.23
N PHE C 459 27.63 -35.29 -44.40
CA PHE C 459 26.45 -34.46 -44.24
C PHE C 459 26.56 -33.69 -42.94
N GLY C 460 26.21 -32.42 -42.99
CA GLY C 460 26.10 -31.65 -41.77
C GLY C 460 24.75 -30.98 -41.79
N ALA C 461 24.08 -31.01 -40.64
CA ALA C 461 22.86 -30.23 -40.42
C ALA C 461 23.02 -28.75 -40.86
N GLN C 462 24.25 -28.25 -40.77
CA GLN C 462 24.60 -26.85 -41.09
C GLN C 462 24.77 -26.59 -42.59
N SER C 463 25.08 -27.64 -43.35
CA SER C 463 25.41 -27.48 -44.78
C SER C 463 24.28 -27.93 -45.69
N PRO C 464 23.88 -27.09 -46.66
CA PRO C 464 22.74 -27.48 -47.52
C PRO C 464 23.02 -28.67 -48.43
N PHE C 465 21.94 -29.33 -48.85
CA PHE C 465 22.02 -30.51 -49.68
C PHE C 465 20.81 -30.55 -50.64
N GLY C 466 21.06 -30.86 -51.90
CA GLY C 466 20.00 -30.85 -52.93
C GLY C 466 20.57 -30.93 -54.33
N GLY C 467 19.70 -31.16 -55.30
CA GLY C 467 20.15 -31.47 -56.65
C GLY C 467 20.21 -30.33 -57.64
N TYR C 468 21.12 -30.48 -58.60
CA TYR C 468 21.12 -29.77 -59.87
C TYR C 468 20.33 -30.63 -60.85
N LYS C 469 19.90 -30.00 -61.94
CA LYS C 469 19.25 -30.72 -63.06
C LYS C 469 18.07 -31.57 -62.58
N MET C 470 18.06 -32.86 -62.95
CA MET C 470 16.92 -33.74 -62.62
C MET C 470 17.10 -34.52 -61.31
N SER C 471 18.08 -34.10 -60.51
CA SER C 471 18.22 -34.58 -59.13
C SER C 471 17.32 -33.81 -58.17
N GLY C 472 16.64 -32.80 -58.67
CA GLY C 472 15.66 -32.07 -57.85
C GLY C 472 15.79 -30.58 -57.91
N SER C 473 15.09 -29.89 -57.00
CA SER C 473 15.26 -28.47 -56.80
C SER C 473 14.99 -28.07 -55.34
N GLY C 474 15.60 -26.96 -54.94
CA GLY C 474 15.55 -26.49 -53.58
C GLY C 474 16.65 -27.20 -52.81
N ARG C 475 16.89 -26.73 -51.60
CA ARG C 475 17.90 -27.30 -50.74
C ARG C 475 17.30 -27.65 -49.39
N GLU C 476 17.75 -28.76 -48.83
CA GLU C 476 17.50 -29.14 -47.45
C GLU C 476 18.75 -28.92 -46.61
N LEU C 477 18.55 -28.80 -45.30
CA LEU C 477 19.64 -28.54 -44.35
C LEU C 477 20.17 -27.10 -44.43
N GLY C 478 20.86 -26.68 -43.36
CA GLY C 478 21.32 -25.30 -43.21
C GLY C 478 20.25 -24.24 -43.17
N GLU C 479 20.69 -22.99 -43.27
CA GLU C 479 19.77 -21.86 -43.34
C GLU C 479 18.88 -21.99 -44.57
N TYR C 480 19.47 -22.49 -45.65
CA TYR C 480 18.76 -22.71 -46.91
C TYR C 480 17.51 -23.58 -46.79
N GLY C 481 17.57 -24.57 -45.89
CA GLY C 481 16.40 -25.42 -45.59
C GLY C 481 15.13 -24.69 -45.16
N LEU C 482 15.28 -23.45 -44.71
CA LEU C 482 14.15 -22.67 -44.18
C LEU C 482 13.40 -21.90 -45.27
N GLN C 483 14.09 -21.63 -46.39
CA GLN C 483 13.56 -20.78 -47.47
C GLN C 483 12.23 -21.32 -48.04
N ALA C 484 12.18 -22.64 -48.30
CA ALA C 484 11.01 -23.27 -48.90
C ALA C 484 9.82 -23.36 -47.95
N TYR C 485 10.06 -23.01 -46.68
CA TYR C 485 9.05 -23.12 -45.63
C TYR C 485 8.59 -21.74 -45.16
N THR C 486 9.00 -20.73 -45.88
CA THR C 486 8.72 -19.33 -45.53
C THR C 486 7.98 -18.67 -46.68
N GLU C 487 6.91 -17.97 -46.31
CA GLU C 487 6.22 -17.10 -47.23
C GLU C 487 6.51 -15.63 -46.86
N VAL C 488 6.96 -14.85 -47.85
CA VAL C 488 7.44 -13.48 -47.62
C VAL C 488 6.35 -12.45 -47.81
N LYS C 489 6.14 -11.60 -46.80
CA LYS C 489 5.20 -10.49 -46.88
C LYS C 489 5.91 -9.16 -46.72
N THR C 490 5.73 -8.28 -47.70
CA THR C 490 6.21 -6.92 -47.60
C THR C 490 5.07 -6.09 -47.03
N VAL C 491 5.41 -5.27 -46.02
CA VAL C 491 4.50 -4.27 -45.50
C VAL C 491 5.16 -2.92 -45.74
N THR C 492 4.46 -2.08 -46.49
CA THR C 492 4.95 -0.75 -46.86
C THR C 492 4.01 0.31 -46.35
N VAL C 493 4.52 1.13 -45.44
CA VAL C 493 3.73 2.03 -44.62
C VAL C 493 4.11 3.47 -44.92
N LYS C 494 3.14 4.30 -45.29
CA LYS C 494 3.38 5.74 -45.45
C LYS C 494 3.76 6.34 -44.09
N VAL C 495 4.79 7.20 -44.09
CA VAL C 495 5.28 7.87 -42.88
C VAL C 495 5.37 9.38 -43.13
N PRO C 496 5.25 10.20 -42.07
CA PRO C 496 5.30 11.66 -42.26
C PRO C 496 6.52 12.13 -43.06
N GLN C 497 7.71 11.66 -42.71
CA GLN C 497 8.92 12.07 -43.40
C GLN C 497 10.04 11.07 -43.16
N LYS C 498 10.43 10.37 -44.22
CA LYS C 498 11.48 9.37 -44.16
C LYS C 498 12.82 10.07 -43.99
N ASN C 499 13.61 9.59 -43.03
CA ASN C 499 14.98 10.03 -42.83
C ASN C 499 15.86 8.78 -42.72
N SER C 500 17.14 8.89 -43.10
CA SER C 500 18.05 7.75 -42.97
C SER C 500 18.20 7.37 -41.50
N ALA D 7 10.25 18.99 -66.46
CA ALA D 7 8.98 18.69 -67.20
C ALA D 7 9.20 17.63 -68.27
N VAL D 8 8.11 17.06 -68.76
CA VAL D 8 8.16 16.00 -69.76
C VAL D 8 8.47 16.55 -71.16
N PRO D 9 9.52 16.01 -71.82
CA PRO D 9 9.84 16.37 -73.20
C PRO D 9 8.69 16.01 -74.14
N ALA D 10 8.52 16.80 -75.20
CA ALA D 10 7.46 16.57 -76.17
C ALA D 10 7.64 15.22 -76.87
N PRO D 11 6.54 14.46 -77.03
CA PRO D 11 6.67 13.14 -77.62
C PRO D 11 6.66 13.16 -79.16
N ASN D 12 7.37 12.22 -79.75
CA ASN D 12 7.15 11.87 -81.15
C ASN D 12 5.92 10.97 -81.18
N GLN D 13 4.79 11.50 -81.64
CA GLN D 13 3.53 10.75 -81.61
C GLN D 13 3.44 9.64 -82.66
N GLN D 14 4.47 9.50 -83.48
CA GLN D 14 4.59 8.33 -84.37
C GLN D 14 6.04 7.89 -84.43
N PRO D 15 6.55 7.31 -83.33
CA PRO D 15 7.98 6.98 -83.31
C PRO D 15 8.33 5.89 -84.32
N GLU D 16 9.52 6.02 -84.93
CA GLU D 16 10.00 5.03 -85.88
C GLU D 16 10.30 3.69 -85.20
N VAL D 17 10.00 2.59 -85.88
CA VAL D 17 10.26 1.24 -85.37
C VAL D 17 11.54 0.69 -86.03
N PHE D 18 12.58 0.47 -85.22
CA PHE D 18 13.86 -0.02 -85.72
C PHE D 18 14.05 -1.53 -85.58
N CYS D 19 13.28 -2.16 -84.70
CA CYS D 19 13.51 -3.53 -84.28
C CYS D 19 12.22 -4.35 -84.29
N ASN D 20 12.16 -5.37 -85.14
CA ASN D 20 10.94 -6.16 -85.26
C ASN D 20 11.17 -7.62 -85.63
N GLN D 21 12.34 -8.12 -85.25
CA GLN D 21 12.72 -9.48 -85.53
C GLN D 21 13.04 -10.26 -84.26
N ILE D 22 13.52 -11.49 -84.44
CA ILE D 22 13.96 -12.34 -83.35
C ILE D 22 15.43 -11.98 -83.03
N PHE D 23 15.72 -11.84 -81.75
CA PHE D 23 17.05 -11.39 -81.30
C PHE D 23 17.83 -12.57 -80.71
N ILE D 24 18.84 -13.05 -81.43
CA ILE D 24 19.66 -14.20 -81.02
C ILE D 24 21.16 -13.95 -81.31
N ASN D 25 22.02 -14.18 -80.31
CA ASN D 25 23.46 -13.92 -80.45
C ASN D 25 23.75 -12.51 -80.94
N ASN D 26 23.00 -11.56 -80.39
CA ASN D 26 23.16 -10.14 -80.68
C ASN D 26 22.92 -9.77 -82.15
N GLU D 27 22.19 -10.63 -82.84
CA GLU D 27 21.80 -10.39 -84.22
C GLU D 27 20.28 -10.53 -84.38
N TRP D 28 19.75 -9.95 -85.46
CA TRP D 28 18.32 -9.98 -85.77
C TRP D 28 18.06 -11.06 -86.82
N HIS D 29 16.97 -11.81 -86.60
CA HIS D 29 16.63 -12.95 -87.43
C HIS D 29 15.16 -12.87 -87.83
N ASP D 30 14.83 -13.33 -89.03
CA ASP D 30 13.44 -13.66 -89.33
C ASP D 30 13.13 -14.95 -88.59
N ALA D 31 11.86 -15.23 -88.37
CA ALA D 31 11.45 -16.53 -87.88
C ALA D 31 11.84 -17.54 -88.95
N VAL D 32 12.11 -18.79 -88.56
CA VAL D 32 12.46 -19.85 -89.53
C VAL D 32 11.36 -20.09 -90.58
N SER D 33 10.10 -19.93 -90.16
CA SER D 33 8.95 -19.99 -91.07
C SER D 33 8.78 -18.74 -91.93
N ARG D 34 9.43 -17.65 -91.51
CA ARG D 34 9.37 -16.34 -92.16
C ARG D 34 8.00 -15.67 -91.99
N LYS D 35 7.16 -16.28 -91.16
CA LYS D 35 5.85 -15.73 -90.80
C LYS D 35 6.03 -14.51 -89.92
N THR D 36 5.11 -13.57 -90.03
CA THR D 36 5.10 -12.38 -89.18
C THR D 36 3.70 -12.22 -88.61
N PHE D 37 3.59 -11.53 -87.47
CA PHE D 37 2.28 -11.13 -86.92
C PHE D 37 2.18 -9.59 -86.76
N PRO D 38 0.97 -9.04 -86.94
CA PRO D 38 0.82 -7.61 -86.72
C PRO D 38 0.82 -7.22 -85.24
N THR D 39 1.42 -6.07 -84.93
CA THR D 39 1.15 -5.44 -83.64
C THR D 39 0.36 -4.14 -83.85
N VAL D 40 -0.65 -3.96 -83.00
CA VAL D 40 -1.69 -2.95 -83.20
C VAL D 40 -1.49 -1.77 -82.23
N ASN D 41 -1.82 -0.58 -82.72
CA ASN D 41 -1.92 0.60 -81.87
C ASN D 41 -3.32 0.63 -81.26
N PRO D 42 -3.43 0.45 -79.91
CA PRO D 42 -4.74 0.31 -79.27
C PRO D 42 -5.59 1.60 -79.24
N SER D 43 -4.95 2.75 -79.47
CA SER D 43 -5.65 4.03 -79.57
C SER D 43 -6.43 4.22 -80.89
N THR D 44 -6.11 3.42 -81.92
CA THR D 44 -6.72 3.56 -83.26
C THR D 44 -7.15 2.24 -83.90
N GLY D 45 -6.66 1.11 -83.38
CA GLY D 45 -6.99 -0.20 -83.94
C GLY D 45 -6.14 -0.56 -85.16
N GLU D 46 -5.28 0.36 -85.56
CA GLU D 46 -4.43 0.22 -86.74
C GLU D 46 -3.15 -0.56 -86.49
N VAL D 47 -2.70 -1.27 -87.53
CA VAL D 47 -1.41 -1.96 -87.49
C VAL D 47 -0.23 -0.97 -87.47
N ILE D 48 0.68 -1.17 -86.52
CA ILE D 48 1.94 -0.41 -86.41
C ILE D 48 3.00 -0.97 -87.37
N CYS D 49 3.18 -2.30 -87.32
CA CYS D 49 4.08 -3.04 -88.19
C CYS D 49 3.93 -4.54 -88.00
N GLN D 50 4.62 -5.29 -88.85
CA GLN D 50 4.72 -6.75 -88.72
C GLN D 50 5.89 -7.10 -87.80
N VAL D 51 5.79 -8.22 -87.09
CA VAL D 51 6.85 -8.69 -86.20
C VAL D 51 7.08 -10.18 -86.45
N ALA D 52 8.34 -10.60 -86.52
CA ALA D 52 8.65 -12.00 -86.75
C ALA D 52 7.89 -12.88 -85.74
N GLU D 53 7.27 -13.94 -86.25
CA GLU D 53 6.47 -14.82 -85.41
C GLU D 53 7.30 -16.02 -85.02
N GLY D 54 8.05 -15.85 -83.93
CA GLY D 54 8.85 -16.93 -83.34
C GLY D 54 7.98 -18.10 -82.91
N ASP D 55 8.47 -19.30 -83.19
CA ASP D 55 7.83 -20.55 -82.79
C ASP D 55 8.92 -21.46 -82.19
N LYS D 56 8.57 -22.72 -82.00
CA LYS D 56 9.46 -23.69 -81.40
C LYS D 56 10.88 -23.73 -82.02
N GLU D 57 10.97 -23.73 -83.34
CA GLU D 57 12.29 -23.76 -84.01
C GLU D 57 13.19 -22.57 -83.63
N ASP D 58 12.59 -21.39 -83.57
CA ASP D 58 13.30 -20.16 -83.18
C ASP D 58 13.73 -20.20 -81.72
N VAL D 59 12.84 -20.66 -80.85
CA VAL D 59 13.20 -20.90 -79.46
C VAL D 59 14.37 -21.88 -79.35
N ASP D 60 14.34 -22.97 -80.13
CA ASP D 60 15.45 -23.93 -80.10
C ASP D 60 16.80 -23.27 -80.44
N LYS D 61 16.80 -22.40 -81.44
CA LYS D 61 17.99 -21.61 -81.78
C LYS D 61 18.41 -20.72 -80.60
N ALA D 62 17.41 -20.05 -80.01
CA ALA D 62 17.67 -19.13 -78.90
C ALA D 62 18.32 -19.85 -77.72
N VAL D 63 17.78 -21.01 -77.34
CA VAL D 63 18.28 -21.79 -76.22
C VAL D 63 19.70 -22.30 -76.45
N LYS D 64 20.00 -22.71 -77.68
CA LYS D 64 21.34 -23.21 -77.98
C LYS D 64 22.37 -22.07 -77.87
N ALA D 65 21.97 -20.86 -78.27
CA ALA D 65 22.82 -19.69 -78.15
C ALA D 65 23.09 -19.32 -76.69
N ALA D 66 22.02 -19.37 -75.87
CA ALA D 66 22.11 -19.11 -74.44
C ALA D 66 23.00 -20.14 -73.73
N ARG D 67 22.81 -21.42 -74.08
CA ARG D 67 23.63 -22.52 -73.58
C ARG D 67 25.13 -22.36 -73.89
N ALA D 68 25.45 -22.00 -75.14
CA ALA D 68 26.83 -21.69 -75.53
C ALA D 68 27.42 -20.51 -74.74
N ALA D 69 26.63 -19.43 -74.59
CA ALA D 69 27.05 -18.27 -73.81
C ALA D 69 27.33 -18.62 -72.34
N PHE D 70 26.65 -19.66 -71.86
CA PHE D 70 26.76 -20.09 -70.48
C PHE D 70 27.88 -21.12 -70.21
N GLN D 71 28.52 -21.62 -71.27
CA GLN D 71 29.57 -22.64 -71.13
C GLN D 71 30.69 -22.17 -70.19
N LEU D 72 31.14 -23.08 -69.31
CA LEU D 72 32.28 -22.78 -68.42
C LEU D 72 33.46 -22.26 -69.27
N GLY D 73 34.04 -21.14 -68.84
CA GLY D 73 35.13 -20.50 -69.57
C GLY D 73 34.74 -19.47 -70.64
N SER D 74 33.43 -19.24 -70.85
CA SER D 74 32.99 -18.19 -71.79
C SER D 74 33.27 -16.79 -71.23
N PRO D 75 33.18 -15.74 -72.09
CA PRO D 75 33.32 -14.35 -71.60
C PRO D 75 32.30 -14.00 -70.52
N TRP D 76 31.07 -14.52 -70.64
CA TRP D 76 30.03 -14.26 -69.64
C TRP D 76 30.26 -14.99 -68.31
N ARG D 77 30.72 -16.23 -68.41
CA ARG D 77 31.03 -17.00 -67.21
C ARG D 77 32.27 -16.48 -66.49
N ARG D 78 33.22 -15.91 -67.23
CA ARG D 78 34.53 -15.51 -66.67
C ARG D 78 34.53 -14.07 -66.19
N MET D 79 33.60 -13.28 -66.73
CA MET D 79 33.48 -11.88 -66.38
C MET D 79 33.42 -11.68 -64.86
N ASP D 80 34.14 -10.68 -64.35
CA ASP D 80 34.04 -10.29 -62.93
C ASP D 80 32.59 -9.96 -62.59
N ALA D 81 32.14 -10.40 -61.42
CA ALA D 81 30.79 -10.03 -60.95
C ALA D 81 30.57 -8.51 -60.96
N SER D 82 31.56 -7.74 -60.51
CA SER D 82 31.51 -6.27 -60.55
C SER D 82 31.31 -5.74 -61.99
N HIS D 83 31.89 -6.44 -62.97
CA HIS D 83 31.73 -6.03 -64.35
C HIS D 83 30.30 -6.29 -64.87
N ARG D 84 29.63 -7.35 -64.40
CA ARG D 84 28.20 -7.52 -64.73
C ARG D 84 27.39 -6.32 -64.26
N GLY D 85 27.74 -5.81 -63.08
CA GLY D 85 27.21 -4.53 -62.56
C GLY D 85 27.49 -3.35 -63.47
N ARG D 86 28.72 -3.24 -63.96
CA ARG D 86 29.07 -2.18 -64.91
C ARG D 86 28.20 -2.23 -66.16
N LEU D 87 27.96 -3.43 -66.69
CA LEU D 87 27.16 -3.61 -67.92
C LEU D 87 25.69 -3.24 -67.70
N LEU D 88 25.14 -3.65 -66.55
CA LEU D 88 23.78 -3.29 -66.17
C LEU D 88 23.60 -1.78 -66.04
N ASN D 89 24.58 -1.11 -65.41
CA ASN D 89 24.57 0.36 -65.29
C ASN D 89 24.71 1.06 -66.64
N ARG D 90 25.47 0.45 -67.55
CA ARG D 90 25.64 1.00 -68.90
C ARG D 90 24.30 0.90 -69.64
N LEU D 91 23.65 -0.25 -69.52
CA LEU D 91 22.36 -0.47 -70.15
C LEU D 91 21.34 0.54 -69.65
N ALA D 92 21.36 0.77 -68.34
CA ALA D 92 20.48 1.79 -67.75
C ALA D 92 20.77 3.18 -68.32
N ASP D 93 22.06 3.51 -68.49
CA ASP D 93 22.44 4.79 -69.10
C ASP D 93 21.93 4.94 -70.54
N LEU D 94 22.06 3.88 -71.33
CA LEU D 94 21.51 3.87 -72.70
C LEU D 94 20.00 3.99 -72.73
N ILE D 95 19.32 3.30 -71.83
CA ILE D 95 17.86 3.44 -71.72
C ILE D 95 17.52 4.88 -71.34
N GLU D 96 18.25 5.44 -70.38
CA GLU D 96 18.06 6.88 -70.05
C GLU D 96 18.29 7.78 -71.29
N ARG D 97 19.38 7.53 -72.02
CA ARG D 97 19.64 8.30 -73.24
C ARG D 97 18.43 8.30 -74.17
N ASP D 98 17.80 7.13 -74.33
CA ASP D 98 16.69 6.93 -75.28
C ASP D 98 15.30 6.99 -74.62
N ARG D 99 15.22 7.69 -73.49
CA ARG D 99 14.02 7.73 -72.66
C ARG D 99 12.80 8.37 -73.36
N THR D 100 13.02 9.47 -74.06
CA THR D 100 11.92 10.12 -74.78
C THR D 100 11.34 9.21 -75.87
N TYR D 101 12.24 8.61 -76.66
CA TYR D 101 11.85 7.66 -77.70
C TYR D 101 11.09 6.44 -77.13
N LEU D 102 11.67 5.82 -76.10
CA LEU D 102 11.12 4.59 -75.53
C LEU D 102 9.74 4.75 -74.87
N ALA D 103 9.53 5.88 -74.18
CA ALA D 103 8.25 6.21 -73.56
C ALA D 103 7.15 6.36 -74.62
N ALA D 104 7.47 7.09 -75.68
CA ALA D 104 6.57 7.26 -76.81
C ALA D 104 6.26 5.94 -77.56
N LEU D 105 7.29 5.10 -77.82
CA LEU D 105 7.07 3.74 -78.34
C LEU D 105 6.21 2.86 -77.40
N GLU D 106 6.48 2.94 -76.11
CA GLU D 106 5.70 2.20 -75.11
C GLU D 106 4.22 2.55 -75.21
N THR D 107 3.96 3.85 -75.31
CA THR D 107 2.63 4.42 -75.42
C THR D 107 1.95 4.06 -76.73
N LEU D 108 2.71 4.08 -77.82
CA LEU D 108 2.18 3.68 -79.13
C LEU D 108 1.65 2.25 -79.14
N ASP D 109 2.42 1.34 -78.55
CA ASP D 109 2.16 -0.08 -78.65
C ASP D 109 1.23 -0.58 -77.54
N ASN D 110 1.23 0.10 -76.38
CA ASN D 110 0.48 -0.34 -75.21
C ASN D 110 -0.79 0.48 -74.94
N GLY D 111 -0.71 1.78 -75.15
CA GLY D 111 -1.86 2.65 -74.93
C GLY D 111 -1.80 3.53 -73.72
N LYS D 112 -0.92 3.23 -72.75
CA LYS D 112 -0.78 4.06 -71.55
C LYS D 112 -0.39 5.52 -71.88
N PRO D 113 -0.82 6.47 -71.03
CA PRO D 113 -0.43 7.89 -71.25
C PRO D 113 1.08 8.07 -71.33
N TYR D 114 1.53 8.81 -72.36
CA TYR D 114 2.94 9.10 -72.57
C TYR D 114 3.62 9.71 -71.33
N VAL D 115 2.93 10.63 -70.66
CA VAL D 115 3.45 11.25 -69.43
C VAL D 115 3.74 10.19 -68.34
N ILE D 116 2.86 9.19 -68.24
CA ILE D 116 3.06 8.08 -67.32
C ILE D 116 4.19 7.16 -67.83
N SER D 117 4.21 6.87 -69.13
CA SER D 117 5.30 6.09 -69.73
C SER D 117 6.65 6.70 -69.38
N TYR D 118 6.73 8.02 -69.51
CA TYR D 118 7.95 8.76 -69.30
C TYR D 118 8.35 8.85 -67.82
N LEU D 119 7.44 9.38 -67.00
CA LEU D 119 7.72 9.68 -65.60
C LEU D 119 7.63 8.46 -64.66
N VAL D 120 6.90 7.44 -65.09
CA VAL D 120 6.68 6.26 -64.23
C VAL D 120 7.39 5.02 -64.73
N ASP D 121 6.94 4.44 -65.86
CA ASP D 121 7.55 3.22 -66.39
C ASP D 121 9.05 3.38 -66.61
N LEU D 122 9.44 4.38 -67.40
CA LEU D 122 10.87 4.58 -67.70
C LEU D 122 11.71 4.80 -66.45
N ASP D 123 11.20 5.58 -65.50
CA ASP D 123 11.89 5.84 -64.22
C ASP D 123 12.09 4.55 -63.41
N MET D 124 11.03 3.76 -63.28
N MET D 124 11.04 3.75 -63.28
CA MET D 124 11.06 2.49 -62.56
CA MET D 124 11.10 2.51 -62.53
C MET D 124 11.98 1.48 -63.23
C MET D 124 11.95 1.43 -63.24
N VAL D 125 12.05 1.51 -64.56
CA VAL D 125 12.98 0.64 -65.32
C VAL D 125 14.45 0.94 -64.93
N LEU D 126 14.79 2.23 -64.94
CA LEU D 126 16.13 2.68 -64.65
C LEU D 126 16.49 2.32 -63.21
N LYS D 127 15.56 2.64 -62.30
CA LYS D 127 15.74 2.35 -60.89
C LYS D 127 15.93 0.85 -60.64
N CYS D 128 15.20 0.03 -61.37
CA CYS D 128 15.32 -1.43 -61.23
C CYS D 128 16.67 -1.98 -61.73
N LEU D 129 17.09 -1.52 -62.91
CA LEU D 129 18.38 -1.95 -63.49
C LEU D 129 19.57 -1.45 -62.66
N ARG D 130 19.47 -0.22 -62.17
CA ARG D 130 20.53 0.34 -61.33
C ARG D 130 20.63 -0.32 -59.95
N TYR D 131 19.49 -0.73 -59.40
CA TYR D 131 19.47 -1.45 -58.14
C TYR D 131 20.16 -2.82 -58.26
N TYR D 132 19.80 -3.57 -59.30
CA TYR D 132 20.33 -4.91 -59.48
C TYR D 132 21.78 -4.89 -59.93
N ALA D 133 22.17 -3.82 -60.63
CA ALA D 133 23.58 -3.62 -60.96
C ALA D 133 24.42 -3.67 -59.69
N GLY D 134 23.90 -3.06 -58.63
CA GLY D 134 24.55 -3.04 -57.33
C GLY D 134 24.63 -4.39 -56.64
N TRP D 135 23.71 -5.32 -56.93
CA TRP D 135 23.73 -6.68 -56.36
C TRP D 135 24.75 -7.65 -56.99
N ALA D 136 25.26 -7.27 -58.15
CA ALA D 136 26.00 -8.22 -58.98
C ALA D 136 27.14 -8.89 -58.22
N ASP D 137 27.85 -8.12 -57.38
CA ASP D 137 29.03 -8.66 -56.70
C ASP D 137 28.86 -8.75 -55.17
N LYS D 138 27.61 -8.94 -54.73
CA LYS D 138 27.25 -8.80 -53.32
C LYS D 138 26.37 -9.94 -52.75
N TYR D 139 25.97 -10.88 -53.60
CA TYR D 139 25.17 -12.02 -53.13
C TYR D 139 26.03 -13.22 -52.69
N HIS D 140 26.64 -13.10 -51.51
CA HIS D 140 27.65 -14.04 -51.01
C HIS D 140 27.09 -15.43 -50.72
N GLY D 141 27.91 -16.44 -51.01
CA GLY D 141 27.72 -17.76 -50.38
C GLY D 141 28.15 -17.71 -48.92
N LYS D 142 28.22 -18.87 -48.29
CA LYS D 142 28.56 -18.98 -46.86
C LYS D 142 29.75 -19.89 -46.59
N THR D 143 30.46 -19.63 -45.50
CA THR D 143 31.38 -20.62 -44.93
C THR D 143 30.74 -21.12 -43.65
N ILE D 144 30.76 -22.43 -43.47
CA ILE D 144 29.83 -23.12 -42.57
C ILE D 144 30.57 -24.00 -41.54
N PRO D 145 30.31 -23.79 -40.23
CA PRO D 145 31.01 -24.58 -39.21
C PRO D 145 30.41 -25.99 -39.00
N ILE D 146 30.56 -26.84 -40.01
CA ILE D 146 30.09 -28.23 -40.01
C ILE D 146 30.85 -29.07 -38.97
N ASP D 147 30.22 -30.13 -38.43
CA ASP D 147 30.92 -31.03 -37.51
C ASP D 147 32.09 -31.73 -38.19
N GLY D 148 33.11 -32.02 -37.40
CA GLY D 148 34.24 -32.88 -37.83
C GLY D 148 35.32 -32.09 -38.54
N ASP D 149 36.33 -32.81 -39.04
CA ASP D 149 37.49 -32.15 -39.66
C ASP D 149 37.27 -31.82 -41.12
N PHE D 150 36.47 -30.77 -41.34
CA PHE D 150 36.04 -30.32 -42.66
C PHE D 150 35.95 -28.79 -42.73
N PHE D 151 36.28 -28.27 -43.90
CA PHE D 151 35.98 -26.91 -44.35
C PHE D 151 34.78 -27.05 -45.28
N SER D 152 33.65 -26.46 -44.88
CA SER D 152 32.46 -26.53 -45.73
C SER D 152 32.04 -25.12 -46.13
N TYR D 153 31.68 -24.97 -47.40
CA TYR D 153 31.19 -23.68 -47.88
C TYR D 153 30.19 -23.83 -49.02
N THR D 154 29.50 -22.74 -49.32
CA THR D 154 28.61 -22.72 -50.49
C THR D 154 29.01 -21.69 -51.50
N ARG D 155 28.88 -22.08 -52.76
CA ARG D 155 28.97 -21.20 -53.91
C ARG D 155 27.54 -20.86 -54.37
N HIS D 156 27.32 -19.58 -54.62
CA HIS D 156 26.08 -19.16 -55.27
C HIS D 156 26.35 -19.03 -56.77
N GLU D 157 25.89 -20.02 -57.53
CA GLU D 157 26.16 -20.11 -58.95
C GLU D 157 24.89 -19.68 -59.69
N PRO D 158 25.02 -19.30 -60.97
CA PRO D 158 23.76 -19.00 -61.67
C PRO D 158 22.97 -20.27 -61.90
N VAL D 159 21.65 -20.14 -61.96
CA VAL D 159 20.74 -21.25 -62.29
CA VAL D 159 20.81 -21.29 -62.23
C VAL D 159 21.03 -21.77 -63.69
N GLY D 160 21.41 -20.85 -64.57
CA GLY D 160 21.78 -21.21 -65.95
C GLY D 160 20.94 -20.54 -67.01
N VAL D 161 20.36 -21.34 -67.91
CA VAL D 161 19.54 -20.81 -68.99
C VAL D 161 18.11 -20.52 -68.49
N CYS D 162 17.73 -19.25 -68.45
CA CYS D 162 16.45 -18.86 -67.87
C CYS D 162 15.44 -18.47 -68.92
N GLY D 163 14.33 -19.20 -68.94
CA GLY D 163 13.19 -18.84 -69.76
C GLY D 163 12.35 -17.79 -69.06
N GLN D 164 12.11 -16.67 -69.75
CA GLN D 164 11.33 -15.59 -69.16
C GLN D 164 10.15 -15.20 -70.06
N ILE D 165 8.94 -15.47 -69.59
CA ILE D 165 7.73 -15.21 -70.39
C ILE D 165 6.97 -14.05 -69.70
N ILE D 166 6.80 -12.94 -70.41
CA ILE D 166 6.27 -11.73 -69.79
C ILE D 166 5.00 -11.17 -70.46
N PRO D 167 4.17 -10.43 -69.69
CA PRO D 167 2.90 -9.93 -70.21
C PRO D 167 3.03 -8.53 -70.86
N TRP D 168 1.88 -7.98 -71.25
CA TRP D 168 1.81 -6.75 -72.00
C TRP D 168 1.50 -5.51 -71.16
N ASN D 169 1.19 -5.67 -69.88
CA ASN D 169 0.66 -4.52 -69.12
C ASN D 169 1.70 -3.44 -68.77
N PHE D 170 2.93 -3.88 -68.49
CA PHE D 170 4.06 -2.96 -68.32
C PHE D 170 5.23 -3.52 -69.12
N PRO D 171 5.21 -3.34 -70.46
CA PRO D 171 6.18 -4.08 -71.30
C PRO D 171 7.63 -3.89 -70.90
N LEU D 172 8.06 -2.64 -70.74
CA LEU D 172 9.43 -2.32 -70.37
C LEU D 172 9.80 -2.65 -68.93
N LEU D 173 8.88 -2.37 -68.00
CA LEU D 173 9.14 -2.63 -66.58
C LEU D 173 9.23 -4.12 -66.31
N MET D 174 8.37 -4.90 -66.96
CA MET D 174 8.40 -6.33 -66.77
C MET D 174 9.65 -6.94 -67.35
N GLN D 175 10.15 -6.36 -68.44
CA GLN D 175 11.43 -6.75 -68.98
C GLN D 175 12.57 -6.48 -67.99
N ALA D 176 12.60 -5.26 -67.41
CA ALA D 176 13.64 -4.90 -66.45
C ALA D 176 13.57 -5.75 -65.17
N TRP D 177 12.34 -6.01 -64.69
CA TRP D 177 12.13 -6.83 -63.50
C TRP D 177 12.72 -8.22 -63.70
N LYS D 178 12.64 -8.71 -64.93
CA LYS D 178 13.19 -10.04 -65.23
C LYS D 178 14.69 -10.02 -65.51
N LEU D 179 15.15 -9.07 -66.31
CA LEU D 179 16.56 -9.03 -66.68
C LEU D 179 17.51 -8.59 -65.57
N GLY D 180 17.09 -7.64 -64.74
CA GLY D 180 17.92 -7.16 -63.63
C GLY D 180 18.51 -8.26 -62.74
N PRO D 181 17.67 -9.09 -62.11
CA PRO D 181 18.21 -10.11 -61.18
C PRO D 181 18.86 -11.28 -61.91
N ALA D 182 18.32 -11.63 -63.07
CA ALA D 182 18.89 -12.70 -63.89
C ALA D 182 20.34 -12.35 -64.26
N LEU D 183 20.54 -11.12 -64.75
CA LEU D 183 21.87 -10.73 -65.27
C LEU D 183 22.82 -10.39 -64.15
N ALA D 184 22.32 -9.78 -63.08
CA ALA D 184 23.17 -9.54 -61.89
C ALA D 184 23.84 -10.82 -61.38
N THR D 185 23.12 -11.94 -61.49
CA THR D 185 23.60 -13.21 -60.97
C THR D 185 24.27 -14.13 -62.00
N GLY D 186 24.51 -13.61 -63.20
CA GLY D 186 25.32 -14.33 -64.18
C GLY D 186 24.57 -15.31 -65.07
N ASN D 187 23.24 -15.22 -65.08
CA ASN D 187 22.42 -16.10 -65.91
C ASN D 187 22.41 -15.68 -67.38
N VAL D 188 21.88 -16.56 -68.22
CA VAL D 188 21.56 -16.20 -69.60
C VAL D 188 20.05 -16.38 -69.81
N VAL D 189 19.52 -15.66 -70.78
CA VAL D 189 18.09 -15.47 -70.88
C VAL D 189 17.59 -15.78 -72.29
N VAL D 190 16.47 -16.50 -72.35
CA VAL D 190 15.62 -16.58 -73.54
C VAL D 190 14.28 -16.01 -73.11
N MET D 191 13.96 -14.83 -73.64
CA MET D 191 12.78 -14.08 -73.21
C MET D 191 11.68 -14.09 -74.29
N LYS D 192 10.46 -14.38 -73.86
CA LYS D 192 9.28 -14.35 -74.73
C LYS D 192 8.40 -13.15 -74.35
N VAL D 193 8.36 -12.16 -75.24
CA VAL D 193 7.56 -10.95 -75.00
C VAL D 193 6.11 -11.15 -75.48
N ALA D 194 5.20 -10.33 -74.95
CA ALA D 194 3.76 -10.40 -75.32
C ALA D 194 3.50 -9.92 -76.74
N GLU D 195 2.65 -10.65 -77.46
CA GLU D 195 2.30 -10.33 -78.85
C GLU D 195 1.65 -8.97 -78.96
N GLN D 196 0.99 -8.54 -77.89
CA GLN D 196 0.34 -7.22 -77.85
C GLN D 196 1.37 -6.11 -77.80
N THR D 197 2.54 -6.39 -77.20
CA THR D 197 3.51 -5.32 -76.96
C THR D 197 4.97 -5.76 -77.12
N PRO D 198 5.36 -6.19 -78.33
CA PRO D 198 6.72 -6.71 -78.47
C PRO D 198 7.80 -5.62 -78.69
N LEU D 199 7.38 -4.43 -79.10
CA LEU D 199 8.32 -3.47 -79.71
C LEU D 199 9.35 -2.86 -78.79
N THR D 200 8.95 -2.38 -77.61
CA THR D 200 9.92 -1.70 -76.75
C THR D 200 11.02 -2.64 -76.25
N ALA D 201 10.64 -3.89 -75.96
CA ALA D 201 11.60 -4.91 -75.49
C ALA D 201 12.63 -5.25 -76.57
N LEU D 202 12.18 -5.30 -77.83
CA LEU D 202 13.09 -5.49 -78.98
C LEU D 202 14.08 -4.34 -79.17
N TYR D 203 13.61 -3.11 -79.01
CA TYR D 203 14.51 -1.98 -79.04
C TYR D 203 15.50 -2.06 -77.91
N VAL D 204 15.05 -2.40 -76.70
CA VAL D 204 16.00 -2.63 -75.59
C VAL D 204 17.08 -3.68 -75.93
N ALA D 205 16.74 -4.74 -76.68
CA ALA D 205 17.76 -5.70 -77.15
C ALA D 205 18.92 -5.04 -77.93
N ASN D 206 18.59 -4.09 -78.80
CA ASN D 206 19.60 -3.28 -79.49
C ASN D 206 20.52 -2.59 -78.49
N LEU D 207 19.93 -2.12 -77.39
CA LEU D 207 20.70 -1.45 -76.33
C LEU D 207 21.57 -2.40 -75.53
N ILE D 208 21.08 -3.63 -75.33
CA ILE D 208 21.85 -4.68 -74.64
C ILE D 208 23.12 -4.96 -75.44
N LYS D 209 22.98 -5.11 -76.75
CA LYS D 209 24.14 -5.29 -77.63
C LYS D 209 25.08 -4.08 -77.54
N GLU D 210 24.51 -2.88 -77.57
CA GLU D 210 25.31 -1.64 -77.52
C GLU D 210 26.08 -1.50 -76.19
N ALA D 211 25.43 -1.90 -75.09
CA ALA D 211 26.04 -1.87 -73.76
C ALA D 211 27.26 -2.79 -73.63
N GLY D 212 27.31 -3.83 -74.45
CA GLY D 212 28.46 -4.73 -74.46
C GLY D 212 28.25 -6.13 -73.91
N PHE D 213 27.01 -6.54 -73.69
CA PHE D 213 26.74 -7.91 -73.22
C PHE D 213 27.13 -8.91 -74.32
N PRO D 214 27.88 -9.96 -73.93
CA PRO D 214 28.30 -11.02 -74.85
C PRO D 214 27.11 -11.63 -75.60
N PRO D 215 27.30 -11.96 -76.90
CA PRO D 215 26.19 -12.59 -77.63
C PRO D 215 25.68 -13.87 -76.96
N GLY D 216 24.36 -14.05 -76.97
CA GLY D 216 23.79 -15.26 -76.42
C GLY D 216 23.33 -15.06 -74.99
N VAL D 217 23.78 -13.96 -74.37
CA VAL D 217 23.44 -13.69 -72.96
C VAL D 217 21.95 -13.33 -72.83
N VAL D 218 21.46 -12.44 -73.69
CA VAL D 218 20.03 -12.20 -73.75
C VAL D 218 19.52 -12.51 -75.15
N ASN D 219 18.51 -13.36 -75.23
CA ASN D 219 17.88 -13.68 -76.49
C ASN D 219 16.39 -13.42 -76.34
N ILE D 220 15.78 -12.90 -77.41
CA ILE D 220 14.37 -12.50 -77.35
C ILE D 220 13.60 -13.08 -78.54
N VAL D 221 12.54 -13.81 -78.23
CA VAL D 221 11.67 -14.38 -79.25
C VAL D 221 10.25 -13.79 -79.14
N PRO D 222 9.91 -12.82 -80.02
CA PRO D 222 8.49 -12.47 -80.04
C PRO D 222 7.72 -13.59 -80.75
N GLY D 223 6.48 -13.80 -80.36
CA GLY D 223 5.65 -14.88 -80.91
C GLY D 223 4.40 -15.00 -80.07
N PHE D 224 3.63 -16.07 -80.28
CA PHE D 224 2.42 -16.30 -79.50
C PHE D 224 2.72 -17.16 -78.28
N GLY D 225 1.71 -17.38 -77.44
CA GLY D 225 1.90 -18.11 -76.20
C GLY D 225 1.95 -19.62 -76.38
N PRO D 226 0.90 -20.21 -76.97
CA PRO D 226 0.90 -21.67 -77.17
C PRO D 226 2.03 -22.18 -78.06
N THR D 227 2.70 -21.28 -78.78
CA THR D 227 3.80 -21.68 -79.66
C THR D 227 5.14 -21.37 -78.98
N ALA D 228 5.60 -20.12 -79.06
CA ALA D 228 6.91 -19.74 -78.47
C ALA D 228 6.97 -19.89 -76.96
N GLY D 229 5.94 -19.40 -76.25
CA GLY D 229 5.87 -19.55 -74.80
C GLY D 229 6.00 -20.98 -74.33
N ALA D 230 5.17 -21.86 -74.91
CA ALA D 230 5.15 -23.27 -74.50
C ALA D 230 6.40 -24.03 -74.91
N ALA D 231 7.04 -23.61 -76.00
CA ALA D 231 8.34 -24.16 -76.40
C ALA D 231 9.39 -23.91 -75.31
N ILE D 232 9.36 -22.72 -74.70
CA ILE D 232 10.26 -22.37 -73.61
C ILE D 232 9.96 -23.21 -72.35
N ALA D 233 8.67 -23.24 -71.98
CA ALA D 233 8.22 -23.91 -70.75
C ALA D 233 8.50 -25.41 -70.78
N SER D 234 8.45 -25.98 -71.98
CA SER D 234 8.62 -27.42 -72.16
C SER D 234 10.02 -27.79 -72.64
N HIS D 235 10.92 -26.82 -72.72
CA HIS D 235 12.25 -27.09 -73.32
C HIS D 235 13.13 -27.98 -72.45
N GLU D 236 13.81 -28.95 -73.07
CA GLU D 236 14.63 -29.90 -72.30
C GLU D 236 15.97 -29.31 -71.81
N ASP D 237 16.34 -28.12 -72.28
CA ASP D 237 17.62 -27.49 -71.90
C ASP D 237 17.49 -26.08 -71.26
N VAL D 238 16.26 -25.71 -70.94
CA VAL D 238 16.00 -24.53 -70.11
C VAL D 238 16.00 -24.99 -68.64
N ASP D 239 16.75 -24.28 -67.80
CA ASP D 239 16.95 -24.65 -66.40
C ASP D 239 15.94 -24.07 -65.42
N LYS D 240 15.30 -22.99 -65.86
CA LYS D 240 14.46 -22.19 -65.00
C LYS D 240 13.52 -21.37 -65.87
N VAL D 241 12.28 -21.32 -65.45
CA VAL D 241 11.29 -20.49 -66.11
C VAL D 241 10.62 -19.59 -65.08
N ALA D 242 10.53 -18.31 -65.44
CA ALA D 242 9.77 -17.30 -64.70
C ALA D 242 8.64 -16.88 -65.62
N PHE D 243 7.41 -17.08 -65.17
CA PHE D 243 6.24 -16.65 -65.91
C PHE D 243 5.44 -15.56 -65.19
N ALA D 244 5.06 -14.51 -65.92
CA ALA D 244 4.12 -13.51 -65.42
C ALA D 244 2.93 -13.37 -66.38
N GLY D 245 1.71 -13.51 -65.84
CA GLY D 245 0.53 -13.56 -66.67
C GLY D 245 -0.70 -13.97 -65.91
N SER D 246 -1.60 -14.67 -66.60
CA SER D 246 -2.85 -15.12 -66.01
C SER D 246 -2.59 -16.35 -65.13
N THR D 247 -3.43 -16.52 -64.12
CA THR D 247 -3.39 -17.73 -63.29
C THR D 247 -3.63 -18.97 -64.16
N GLU D 248 -4.49 -18.85 -65.18
CA GLU D 248 -4.76 -20.00 -66.06
C GLU D 248 -3.50 -20.56 -66.77
N ILE D 249 -2.70 -19.65 -67.33
CA ILE D 249 -1.46 -20.06 -68.01
C ILE D 249 -0.37 -20.47 -67.01
N GLY D 250 -0.39 -19.86 -65.83
CA GLY D 250 0.47 -20.29 -64.74
C GLY D 250 0.42 -21.80 -64.54
N ARG D 251 -0.80 -22.34 -64.48
CA ARG D 251 -1.04 -23.79 -64.40
C ARG D 251 -0.38 -24.55 -65.55
N VAL D 252 -0.57 -24.03 -66.76
CA VAL D 252 0.03 -24.59 -67.98
C VAL D 252 1.56 -24.67 -67.85
N ILE D 253 2.15 -23.57 -67.39
CA ILE D 253 3.60 -23.46 -67.21
C ILE D 253 4.15 -24.47 -66.21
N GLN D 254 3.53 -24.55 -65.03
CA GLN D 254 3.99 -25.48 -64.00
C GLN D 254 3.87 -26.95 -64.44
N VAL D 255 2.82 -27.27 -65.20
CA VAL D 255 2.63 -28.63 -65.75
C VAL D 255 3.68 -28.92 -66.84
N ALA D 256 3.96 -27.91 -67.67
CA ALA D 256 4.98 -28.03 -68.72
C ALA D 256 6.35 -28.35 -68.13
N ALA D 257 6.69 -27.70 -67.02
CA ALA D 257 7.96 -27.89 -66.33
C ALA D 257 8.06 -29.29 -65.74
N GLY D 258 7.00 -29.70 -65.03
CA GLY D 258 6.88 -31.05 -64.52
C GLY D 258 6.96 -32.12 -65.58
N SER D 259 6.30 -31.87 -66.72
CA SER D 259 6.26 -32.82 -67.83
C SER D 259 7.52 -32.88 -68.68
N SER D 260 8.41 -31.89 -68.51
CA SER D 260 9.66 -31.86 -69.28
C SER D 260 10.87 -32.28 -68.44
N ASN D 261 11.68 -31.31 -68.00
CA ASN D 261 12.96 -31.60 -67.35
C ASN D 261 13.03 -31.16 -65.89
N LEU D 262 11.86 -30.90 -65.31
CA LEU D 262 11.76 -30.43 -63.91
C LEU D 262 12.51 -29.12 -63.66
N LYS D 263 12.53 -28.26 -64.67
CA LYS D 263 13.06 -26.90 -64.56
C LYS D 263 12.39 -26.14 -63.41
N ARG D 264 13.16 -25.27 -62.77
CA ARG D 264 12.69 -24.46 -61.66
CA ARG D 264 12.67 -24.47 -61.65
C ARG D 264 11.67 -23.44 -62.17
N VAL D 265 10.61 -23.21 -61.39
CA VAL D 265 9.51 -22.33 -61.79
C VAL D 265 9.20 -21.27 -60.75
N THR D 266 9.00 -20.04 -61.21
CA THR D 266 8.34 -19.01 -60.42
C THR D 266 7.23 -18.40 -61.25
N LEU D 267 6.22 -17.88 -60.57
CA LEU D 267 5.01 -17.39 -61.20
C LEU D 267 4.54 -16.10 -60.53
N GLU D 268 4.25 -15.10 -61.35
CA GLU D 268 3.55 -13.91 -60.88
C GLU D 268 2.24 -13.86 -61.64
N LEU D 269 1.12 -14.06 -60.93
CA LEU D 269 -0.18 -14.28 -61.55
C LEU D 269 -1.17 -13.17 -61.20
N GLY D 270 -2.47 -13.42 -61.34
CA GLY D 270 -3.46 -12.35 -61.12
C GLY D 270 -3.70 -12.01 -59.67
N GLY D 271 -4.70 -11.16 -59.42
CA GLY D 271 -5.14 -10.90 -58.06
C GLY D 271 -6.56 -10.40 -58.05
N LYS D 272 -7.13 -10.27 -56.87
CA LYS D 272 -8.37 -9.50 -56.67
C LYS D 272 -8.20 -8.74 -55.34
N SER D 273 -7.26 -7.82 -55.35
CA SER D 273 -6.71 -7.25 -54.14
C SER D 273 -7.70 -6.34 -53.44
N PRO D 274 -7.87 -6.56 -52.12
CA PRO D 274 -8.74 -5.70 -51.31
C PRO D 274 -8.04 -4.45 -50.82
N ASN D 275 -8.75 -3.33 -50.92
CA ASN D 275 -8.27 -2.09 -50.41
C ASN D 275 -9.26 -1.66 -49.33
N ILE D 276 -8.80 -1.62 -48.08
CA ILE D 276 -9.67 -1.52 -46.91
C ILE D 276 -9.60 -0.11 -46.30
N ILE D 277 -10.75 0.55 -46.23
CA ILE D 277 -10.82 1.91 -45.74
C ILE D 277 -11.58 1.92 -44.44
N MET D 278 -10.85 2.01 -43.33
CA MET D 278 -11.42 2.12 -42.00
C MET D 278 -12.04 3.51 -41.82
N SER D 279 -13.02 3.63 -40.93
CA SER D 279 -13.76 4.88 -40.75
C SER D 279 -12.90 6.03 -40.18
N ASP D 280 -11.73 5.72 -39.61
CA ASP D 280 -10.81 6.75 -39.13
C ASP D 280 -9.77 7.17 -40.17
N ALA D 281 -9.95 6.73 -41.42
CA ALA D 281 -8.97 7.05 -42.46
C ALA D 281 -9.04 8.54 -42.81
N ASP D 282 -7.95 9.09 -43.32
CA ASP D 282 -7.97 10.44 -43.91
C ASP D 282 -8.78 10.29 -45.21
N MET D 283 -9.97 10.89 -45.23
CA MET D 283 -10.96 10.71 -46.30
C MET D 283 -10.46 11.14 -47.68
N ASP D 284 -9.94 12.37 -47.79
CA ASP D 284 -9.48 12.90 -49.08
C ASP D 284 -8.36 12.04 -49.65
N TRP D 285 -7.42 11.66 -48.79
CA TRP D 285 -6.30 10.79 -49.14
C TRP D 285 -6.78 9.41 -49.61
N ALA D 286 -7.64 8.79 -48.80
CA ALA D 286 -8.20 7.47 -49.08
C ALA D 286 -8.93 7.43 -50.41
N VAL D 287 -9.78 8.43 -50.68
CA VAL D 287 -10.51 8.48 -51.96
C VAL D 287 -9.57 8.57 -53.16
N GLU D 288 -8.60 9.49 -53.11
CA GLU D 288 -7.63 9.63 -54.18
C GLU D 288 -6.80 8.36 -54.38
N GLN D 289 -6.27 7.79 -53.30
CA GLN D 289 -5.51 6.55 -53.39
C GLN D 289 -6.34 5.34 -53.85
N ALA D 290 -7.59 5.22 -53.40
CA ALA D 290 -8.48 4.16 -53.91
C ALA D 290 -8.73 4.35 -55.42
N HIS D 291 -8.83 5.61 -55.87
CA HIS D 291 -8.98 5.87 -57.30
C HIS D 291 -7.74 5.33 -58.02
N PHE D 292 -6.57 5.80 -57.62
CA PHE D 292 -5.30 5.33 -58.18
C PHE D 292 -5.18 3.79 -58.13
N ALA D 293 -5.47 3.21 -56.97
CA ALA D 293 -5.33 1.76 -56.72
C ALA D 293 -6.09 0.94 -57.77
N LEU D 294 -7.26 1.41 -58.14
CA LEU D 294 -8.08 0.71 -59.11
C LEU D 294 -7.74 1.09 -60.56
N PHE D 295 -7.77 2.39 -60.87
CA PHE D 295 -7.70 2.85 -62.27
C PHE D 295 -6.30 2.97 -62.88
N PHE D 296 -5.26 2.90 -62.06
CA PHE D 296 -3.89 2.98 -62.57
C PHE D 296 -3.68 2.05 -63.76
N ASN D 297 -3.00 2.58 -64.79
CA ASN D 297 -2.67 1.80 -65.99
C ASN D 297 -3.90 1.18 -66.67
N GLN D 298 -4.96 1.97 -66.82
CA GLN D 298 -6.19 1.51 -67.46
C GLN D 298 -6.83 0.33 -66.71
N GLY D 299 -6.49 0.19 -65.42
CA GLY D 299 -6.94 -0.93 -64.59
C GLY D 299 -6.17 -2.22 -64.85
N GLN D 300 -5.08 -2.11 -65.60
CA GLN D 300 -4.32 -3.29 -66.08
C GLN D 300 -3.10 -3.54 -65.20
N CYS D 301 -3.38 -3.78 -63.92
N CYS D 301 -3.38 -3.73 -63.91
CA CYS D 301 -2.35 -3.98 -62.93
CA CYS D 301 -2.37 -4.00 -62.91
C CYS D 301 -2.72 -5.22 -62.14
C CYS D 301 -2.76 -5.28 -62.20
N CYS D 302 -1.77 -6.15 -62.06
CA CYS D 302 -1.94 -7.42 -61.35
C CYS D 302 -2.49 -7.20 -59.93
N CYS D 303 -2.01 -6.13 -59.28
CA CYS D 303 -2.42 -5.82 -57.89
C CYS D 303 -3.43 -4.68 -57.77
N ALA D 304 -4.24 -4.45 -58.81
CA ALA D 304 -5.31 -3.44 -58.74
C ALA D 304 -6.16 -3.64 -57.48
N GLY D 305 -6.48 -2.52 -56.82
CA GLY D 305 -7.33 -2.53 -55.62
C GLY D 305 -8.77 -2.63 -56.10
N SER D 306 -9.16 -3.84 -56.50
CA SER D 306 -10.41 -4.09 -57.22
C SER D 306 -11.57 -4.55 -56.33
N ARG D 307 -11.28 -4.71 -55.03
CA ARG D 307 -12.29 -4.83 -53.99
C ARG D 307 -12.07 -3.70 -52.96
N THR D 308 -12.79 -2.60 -53.10
CA THR D 308 -12.65 -1.46 -52.20
C THR D 308 -13.64 -1.62 -51.04
N PHE D 309 -13.15 -2.10 -49.90
CA PHE D 309 -13.99 -2.29 -48.70
C PHE D 309 -14.02 -0.98 -47.92
N VAL D 310 -15.22 -0.47 -47.65
CA VAL D 310 -15.36 0.84 -46.98
C VAL D 310 -16.27 0.73 -45.75
N GLN D 311 -15.82 1.26 -44.61
N GLN D 311 -15.82 1.26 -44.61
CA GLN D 311 -16.58 1.11 -43.37
CA GLN D 311 -16.55 1.09 -43.35
C GLN D 311 -17.90 1.84 -43.50
C GLN D 311 -17.87 1.86 -43.41
N GLU D 312 -18.95 1.22 -42.96
CA GLU D 312 -20.32 1.72 -43.12
C GLU D 312 -20.58 3.20 -42.75
N ASP D 313 -19.93 3.72 -41.71
CA ASP D 313 -20.11 5.12 -41.29
C ASP D 313 -19.56 6.14 -42.29
N ILE D 314 -18.66 5.70 -43.18
CA ILE D 314 -18.06 6.63 -44.13
C ILE D 314 -18.44 6.27 -45.57
N TYR D 315 -19.26 5.24 -45.71
CA TYR D 315 -19.55 4.66 -47.02
C TYR D 315 -20.15 5.66 -48.01
N ASP D 316 -21.23 6.34 -47.61
CA ASP D 316 -21.96 7.21 -48.54
C ASP D 316 -21.07 8.34 -49.03
N GLU D 317 -20.33 8.96 -48.11
CA GLU D 317 -19.38 10.02 -48.46
C GLU D 317 -18.24 9.51 -49.33
N PHE D 318 -17.67 8.36 -48.97
CA PHE D 318 -16.57 7.81 -49.75
C PHE D 318 -17.06 7.56 -51.18
N VAL D 319 -18.24 6.96 -51.30
CA VAL D 319 -18.84 6.61 -52.60
C VAL D 319 -19.09 7.84 -53.48
N GLU D 320 -19.67 8.88 -52.87
CA GLU D 320 -19.95 10.14 -53.53
C GLU D 320 -18.67 10.78 -54.07
N ARG D 321 -17.64 10.82 -53.23
CA ARG D 321 -16.35 11.38 -53.61
C ARG D 321 -15.70 10.56 -54.71
N SER D 322 -15.86 9.23 -54.62
CA SER D 322 -15.28 8.30 -55.60
C SER D 322 -15.91 8.40 -56.98
N VAL D 323 -17.23 8.60 -57.02
CA VAL D 323 -17.97 8.77 -58.26
C VAL D 323 -17.58 10.07 -58.95
N ALA D 324 -17.45 11.15 -58.17
CA ALA D 324 -17.00 12.44 -58.70
C ALA D 324 -15.61 12.33 -59.29
N ARG D 325 -14.72 11.61 -58.59
CA ARG D 325 -13.34 11.45 -59.06
C ARG D 325 -13.29 10.64 -60.38
N ALA D 326 -14.06 9.56 -60.46
CA ALA D 326 -14.13 8.75 -61.66
C ALA D 326 -14.70 9.51 -62.86
N LYS D 327 -15.71 10.34 -62.60
CA LYS D 327 -16.36 11.14 -63.64
C LYS D 327 -15.44 12.22 -64.21
N SER D 328 -14.51 12.72 -63.39
CA SER D 328 -13.58 13.77 -63.80
C SER D 328 -12.40 13.20 -64.60
N ARG D 329 -12.14 11.90 -64.44
CA ARG D 329 -11.01 11.24 -65.08
C ARG D 329 -11.04 11.34 -66.62
N VAL D 330 -10.03 12.02 -67.17
CA VAL D 330 -9.97 12.27 -68.62
C VAL D 330 -9.49 11.05 -69.42
N VAL D 331 -10.39 10.54 -70.27
CA VAL D 331 -10.12 9.44 -71.21
C VAL D 331 -9.84 10.05 -72.58
N GLY D 332 -8.79 9.60 -73.27
CA GLY D 332 -8.47 10.19 -74.57
C GLY D 332 -7.15 9.79 -75.17
N ASN D 333 -6.72 10.54 -76.19
CA ASN D 333 -5.44 10.32 -76.84
C ASN D 333 -4.27 10.26 -75.84
N PRO D 334 -3.58 9.09 -75.74
CA PRO D 334 -2.54 8.96 -74.71
C PRO D 334 -1.30 9.85 -74.92
N PHE D 335 -1.19 10.46 -76.11
CA PHE D 335 -0.12 11.46 -76.36
C PHE D 335 -0.52 12.88 -75.92
N ASP D 336 -1.80 13.09 -75.62
CA ASP D 336 -2.31 14.36 -75.07
C ASP D 336 -1.99 14.41 -73.57
N SER D 337 -1.33 15.49 -73.16
CA SER D 337 -0.83 15.63 -71.79
C SER D 337 -1.96 15.68 -70.75
N LYS D 338 -3.14 16.08 -71.19
CA LYS D 338 -4.33 16.13 -70.31
C LYS D 338 -4.94 14.75 -70.04
N THR D 339 -4.61 13.76 -70.87
CA THR D 339 -5.22 12.42 -70.77
C THR D 339 -4.71 11.67 -69.54
N GLU D 340 -5.62 11.07 -68.79
CA GLU D 340 -5.25 10.29 -67.59
C GLU D 340 -5.41 8.79 -67.86
N GLN D 341 -6.29 8.46 -68.81
CA GLN D 341 -6.58 7.06 -69.14
C GLN D 341 -6.54 6.84 -70.65
N GLY D 342 -5.64 5.97 -71.09
CA GLY D 342 -5.58 5.54 -72.49
C GLY D 342 -6.55 4.41 -72.79
N PRO D 343 -6.41 3.77 -73.96
CA PRO D 343 -7.30 2.67 -74.28
C PRO D 343 -6.87 1.38 -73.57
N GLN D 344 -7.74 0.38 -73.55
CA GLN D 344 -7.32 -0.98 -73.21
C GLN D 344 -6.40 -1.53 -74.31
N VAL D 345 -5.68 -2.60 -74.00
CA VAL D 345 -4.54 -3.04 -74.83
C VAL D 345 -4.96 -3.62 -76.19
N ASP D 346 -6.08 -4.32 -76.24
CA ASP D 346 -6.56 -4.96 -77.46
C ASP D 346 -8.06 -5.23 -77.43
N GLU D 347 -8.58 -5.74 -78.54
CA GLU D 347 -10.01 -5.98 -78.66
C GLU D 347 -10.52 -7.09 -77.73
N THR D 348 -9.67 -8.09 -77.49
CA THR D 348 -10.05 -9.18 -76.60
C THR D 348 -10.31 -8.65 -75.18
N GLN D 349 -9.43 -7.76 -74.73
CA GLN D 349 -9.53 -7.17 -73.38
C GLN D 349 -10.70 -6.19 -73.29
N PHE D 350 -10.80 -5.31 -74.28
CA PHE D 350 -11.96 -4.42 -74.52
C PHE D 350 -13.31 -5.15 -74.32
N LYS D 351 -13.52 -6.26 -75.04
CA LYS D 351 -14.78 -7.00 -75.00
C LYS D 351 -15.00 -7.75 -73.68
N LYS D 352 -13.91 -8.29 -73.11
CA LYS D 352 -13.96 -8.97 -71.81
C LYS D 352 -14.43 -8.01 -70.70
N ILE D 353 -13.83 -6.82 -70.68
CA ILE D 353 -14.19 -5.78 -69.70
C ILE D 353 -15.66 -5.34 -69.85
N LEU D 354 -16.12 -5.07 -71.06
CA LEU D 354 -17.55 -4.77 -71.29
C LEU D 354 -18.44 -5.94 -70.85
N GLY D 355 -17.96 -7.16 -71.09
CA GLY D 355 -18.65 -8.36 -70.63
C GLY D 355 -18.84 -8.31 -69.12
N TYR D 356 -17.75 -8.05 -68.40
CA TYR D 356 -17.78 -7.91 -66.94
C TYR D 356 -18.75 -6.81 -66.44
N ILE D 357 -18.78 -5.67 -67.13
CA ILE D 357 -19.72 -4.58 -66.80
C ILE D 357 -21.18 -5.04 -66.95
N ASN D 358 -21.47 -5.77 -68.02
CA ASN D 358 -22.84 -6.27 -68.24
C ASN D 358 -23.24 -7.32 -67.21
N THR D 359 -22.28 -8.13 -66.78
CA THR D 359 -22.45 -9.06 -65.66
C THR D 359 -22.73 -8.30 -64.35
N GLY D 360 -21.94 -7.25 -64.11
CA GLY D 360 -22.10 -6.38 -62.95
C GLY D 360 -23.51 -5.86 -62.80
N LYS D 361 -24.06 -5.33 -63.89
CA LYS D 361 -25.40 -4.76 -63.92
C LYS D 361 -26.46 -5.83 -63.72
N GLN D 362 -26.30 -6.95 -64.42
CA GLN D 362 -27.25 -8.06 -64.41
C GLN D 362 -27.34 -8.74 -63.05
N GLU D 363 -26.22 -8.77 -62.32
CA GLU D 363 -26.16 -9.41 -61.01
C GLU D 363 -26.56 -8.52 -59.82
N GLY D 364 -26.92 -7.27 -60.09
CA GLY D 364 -27.49 -6.44 -59.01
C GLY D 364 -26.54 -5.50 -58.30
N ALA D 365 -25.33 -5.35 -58.81
CA ALA D 365 -24.45 -4.28 -58.33
C ALA D 365 -25.03 -2.95 -58.79
N LYS D 366 -24.77 -1.87 -58.06
CA LYS D 366 -25.28 -0.55 -58.45
C LYS D 366 -24.29 0.21 -59.33
N LEU D 367 -24.68 0.43 -60.59
CA LEU D 367 -23.88 1.20 -61.55
C LEU D 367 -24.00 2.69 -61.25
N LEU D 368 -22.91 3.30 -60.81
CA LEU D 368 -22.94 4.68 -60.33
C LEU D 368 -22.36 5.68 -61.32
N CYS D 369 -21.53 5.20 -62.24
CA CYS D 369 -21.02 6.03 -63.35
C CYS D 369 -20.34 5.12 -64.40
N GLY D 370 -20.08 5.68 -65.58
CA GLY D 370 -19.50 4.93 -66.69
C GLY D 370 -20.39 3.79 -67.15
N GLY D 371 -19.77 2.65 -67.48
CA GLY D 371 -20.52 1.47 -67.87
C GLY D 371 -20.56 1.22 -69.38
N GLY D 372 -20.01 2.14 -70.15
CA GLY D 372 -19.99 1.97 -71.60
C GLY D 372 -18.66 2.23 -72.28
N ILE D 373 -18.71 2.15 -73.62
CA ILE D 373 -17.61 2.51 -74.52
C ILE D 373 -17.42 4.02 -74.48
N ALA D 374 -16.16 4.48 -74.46
CA ALA D 374 -15.83 5.89 -74.29
C ALA D 374 -15.46 6.63 -75.60
N ALA D 375 -15.20 5.89 -76.66
CA ALA D 375 -14.88 6.47 -77.97
C ALA D 375 -15.28 5.52 -79.07
N ASP D 376 -15.47 6.06 -80.27
CA ASP D 376 -15.89 5.26 -81.42
C ASP D 376 -14.72 4.65 -82.18
N ARG D 377 -13.50 4.92 -81.72
CA ARG D 377 -12.28 4.40 -82.31
C ARG D 377 -11.26 4.05 -81.21
N GLY D 378 -10.60 2.90 -81.35
CA GLY D 378 -9.66 2.43 -80.32
C GLY D 378 -10.39 1.83 -79.12
N TYR D 379 -9.67 1.24 -78.18
CA TYR D 379 -10.33 0.44 -77.13
C TYR D 379 -10.56 1.17 -75.81
N PHE D 380 -11.31 2.26 -75.87
CA PHE D 380 -11.56 3.13 -74.73
C PHE D 380 -12.84 2.79 -73.98
N ILE D 381 -12.74 2.71 -72.66
CA ILE D 381 -13.86 2.35 -71.79
C ILE D 381 -14.00 3.42 -70.71
N GLN D 382 -15.24 3.86 -70.46
CA GLN D 382 -15.48 4.89 -69.45
C GLN D 382 -15.11 4.34 -68.07
N PRO D 383 -14.47 5.17 -67.21
CA PRO D 383 -14.26 4.84 -65.79
C PRO D 383 -15.58 4.47 -65.13
N THR D 384 -15.67 3.22 -64.68
CA THR D 384 -16.93 2.63 -64.23
C THR D 384 -16.85 2.28 -62.73
N VAL D 385 -17.85 2.73 -61.96
CA VAL D 385 -17.88 2.44 -60.51
C VAL D 385 -19.15 1.67 -60.17
N PHE D 386 -18.98 0.54 -59.48
CA PHE D 386 -20.12 -0.21 -58.96
C PHE D 386 -20.18 -0.08 -57.44
N GLY D 387 -21.38 0.14 -56.92
CA GLY D 387 -21.60 0.22 -55.47
C GLY D 387 -22.45 -0.94 -55.00
N ASP D 388 -22.45 -1.16 -53.68
CA ASP D 388 -23.28 -2.19 -53.05
C ASP D 388 -22.91 -3.56 -53.62
N VAL D 389 -21.62 -3.72 -53.89
CA VAL D 389 -21.08 -4.97 -54.40
C VAL D 389 -21.09 -5.98 -53.25
N GLN D 390 -21.40 -7.24 -53.58
CA GLN D 390 -21.46 -8.34 -52.62
C GLN D 390 -20.42 -9.39 -52.99
N ASP D 391 -19.89 -10.08 -51.99
CA ASP D 391 -18.73 -10.97 -52.16
C ASP D 391 -18.99 -12.07 -53.18
N GLY D 392 -20.25 -12.50 -53.31
CA GLY D 392 -20.60 -13.61 -54.20
C GLY D 392 -20.76 -13.23 -55.66
N MET D 393 -20.73 -11.93 -55.95
CA MET D 393 -20.94 -11.42 -57.31
C MET D 393 -19.72 -11.69 -58.17
N THR D 394 -19.94 -11.91 -59.46
CA THR D 394 -18.85 -12.18 -60.39
C THR D 394 -17.78 -11.07 -60.35
N ILE D 395 -18.22 -9.81 -60.40
CA ILE D 395 -17.29 -8.68 -60.42
C ILE D 395 -16.49 -8.52 -59.12
N ALA D 396 -16.94 -9.17 -58.06
CA ALA D 396 -16.21 -9.19 -56.77
C ALA D 396 -15.18 -10.33 -56.71
N LYS D 397 -15.32 -11.29 -57.61
CA LYS D 397 -14.52 -12.53 -57.54
C LYS D 397 -13.46 -12.66 -58.64
N GLU D 398 -13.83 -12.29 -59.86
CA GLU D 398 -12.95 -12.46 -61.01
C GLU D 398 -12.18 -11.20 -61.33
N GLU D 399 -10.92 -11.39 -61.74
CA GLU D 399 -10.07 -10.27 -62.18
C GLU D 399 -10.60 -9.65 -63.47
N ILE D 400 -11.00 -8.38 -63.39
CA ILE D 400 -11.53 -7.67 -64.56
C ILE D 400 -10.41 -7.08 -65.45
N PHE D 401 -9.38 -6.51 -64.83
CA PHE D 401 -8.23 -5.99 -65.56
C PHE D 401 -8.65 -4.79 -66.44
N GLY D 402 -9.57 -4.01 -65.93
CA GLY D 402 -10.04 -2.81 -66.62
C GLY D 402 -10.47 -1.74 -65.65
N PRO D 403 -10.96 -0.60 -66.16
CA PRO D 403 -11.33 0.56 -65.34
C PRO D 403 -12.72 0.37 -64.68
N VAL D 404 -12.82 -0.63 -63.81
CA VAL D 404 -14.09 -1.05 -63.21
C VAL D 404 -13.85 -1.30 -61.71
N MET D 405 -14.33 -0.34 -60.92
CA MET D 405 -14.13 -0.30 -59.48
C MET D 405 -15.31 -0.96 -58.78
N GLN D 406 -15.01 -1.78 -57.77
CA GLN D 406 -16.04 -2.40 -56.90
C GLN D 406 -15.93 -1.80 -55.50
N ILE D 407 -17.04 -1.23 -55.03
CA ILE D 407 -17.11 -0.72 -53.65
C ILE D 407 -18.03 -1.59 -52.78
N LEU D 408 -17.46 -2.14 -51.69
CA LEU D 408 -18.17 -3.03 -50.77
C LEU D 408 -18.23 -2.42 -49.37
N LYS D 409 -19.39 -2.57 -48.73
CA LYS D 409 -19.62 -2.04 -47.38
C LYS D 409 -19.28 -3.09 -46.33
N PHE D 410 -18.65 -2.66 -45.23
CA PHE D 410 -18.46 -3.56 -44.08
C PHE D 410 -18.67 -2.81 -42.76
N LYS D 411 -18.84 -3.58 -41.69
CA LYS D 411 -18.97 -3.00 -40.35
C LYS D 411 -17.71 -3.13 -39.49
N THR D 412 -17.25 -4.36 -39.27
CA THR D 412 -16.21 -4.58 -38.25
C THR D 412 -14.84 -4.92 -38.86
N ILE D 413 -13.79 -4.77 -38.07
CA ILE D 413 -12.43 -5.15 -38.49
C ILE D 413 -12.27 -6.67 -38.72
N GLU D 414 -12.94 -7.50 -37.90
CA GLU D 414 -12.83 -8.97 -38.00
C GLU D 414 -13.55 -9.43 -39.25
N GLU D 415 -14.71 -8.82 -39.48
CA GLU D 415 -15.47 -9.01 -40.70
C GLU D 415 -14.61 -8.74 -41.95
N VAL D 416 -14.01 -7.55 -42.01
CA VAL D 416 -13.24 -7.16 -43.21
C VAL D 416 -12.01 -8.06 -43.46
N VAL D 417 -11.30 -8.45 -42.40
CA VAL D 417 -10.20 -9.42 -42.46
C VAL D 417 -10.60 -10.72 -43.17
N GLY D 418 -11.69 -11.32 -42.70
CA GLY D 418 -12.18 -12.58 -43.26
C GLY D 418 -12.69 -12.46 -44.68
N ARG D 419 -13.41 -11.38 -44.98
CA ARG D 419 -13.92 -11.18 -46.32
C ARG D 419 -12.79 -10.88 -47.29
N ALA D 420 -11.89 -9.97 -46.90
CA ALA D 420 -10.66 -9.73 -47.68
C ALA D 420 -9.90 -11.04 -47.97
N ASN D 421 -9.73 -11.87 -46.93
CA ASN D 421 -9.02 -13.13 -47.06
C ASN D 421 -9.77 -14.25 -47.80
N ASN D 422 -11.08 -14.11 -47.93
CA ASN D 422 -11.87 -15.16 -48.57
C ASN D 422 -11.77 -15.04 -50.10
N SER D 423 -10.66 -15.53 -50.63
CA SER D 423 -10.26 -15.33 -52.00
C SER D 423 -9.17 -16.34 -52.26
N THR D 424 -9.14 -16.91 -53.47
CA THR D 424 -8.02 -17.77 -53.85
C THR D 424 -6.81 -16.98 -54.34
N TYR D 425 -6.98 -15.67 -54.48
CA TYR D 425 -5.88 -14.75 -54.78
C TYR D 425 -5.30 -14.16 -53.48
N GLY D 426 -4.09 -13.63 -53.56
CA GLY D 426 -3.47 -12.93 -52.45
C GLY D 426 -2.22 -12.18 -52.86
N LEU D 427 -2.34 -11.37 -53.92
CA LEU D 427 -1.16 -10.70 -54.47
C LEU D 427 -0.80 -9.49 -53.61
N ALA D 428 -1.82 -8.70 -53.25
CA ALA D 428 -1.62 -7.47 -52.47
C ALA D 428 -2.87 -7.15 -51.66
N ALA D 429 -2.71 -6.23 -50.72
CA ALA D 429 -3.83 -5.66 -49.99
C ALA D 429 -3.41 -4.27 -49.47
N ALA D 430 -4.39 -3.45 -49.11
CA ALA D 430 -4.07 -2.15 -48.53
C ALA D 430 -5.04 -1.83 -47.39
N VAL D 431 -4.54 -1.05 -46.43
CA VAL D 431 -5.28 -0.66 -45.24
C VAL D 431 -5.18 0.87 -45.06
N PHE D 432 -6.32 1.55 -44.98
CA PHE D 432 -6.31 2.98 -44.69
C PHE D 432 -6.90 3.26 -43.32
N THR D 433 -6.05 3.75 -42.42
CA THR D 433 -6.40 3.99 -41.01
C THR D 433 -5.36 4.93 -40.37
N LYS D 434 -5.78 5.70 -39.37
CA LYS D 434 -4.84 6.47 -38.53
C LYS D 434 -4.37 5.72 -37.27
N ASP D 435 -4.97 4.57 -36.99
CA ASP D 435 -4.75 3.86 -35.73
C ASP D 435 -3.63 2.82 -35.81
N LEU D 436 -2.59 2.98 -34.99
CA LEU D 436 -1.46 2.02 -34.90
C LEU D 436 -1.89 0.56 -34.78
N ASP D 437 -2.75 0.25 -33.79
CA ASP D 437 -3.17 -1.12 -33.51
C ASP D 437 -3.99 -1.73 -34.64
N LYS D 438 -4.86 -0.95 -35.26
CA LYS D 438 -5.62 -1.42 -36.45
C LYS D 438 -4.68 -1.72 -37.63
N ALA D 439 -3.76 -0.79 -37.92
CA ALA D 439 -2.71 -1.05 -38.92
C ALA D 439 -1.99 -2.38 -38.72
N ASN D 440 -1.43 -2.57 -37.52
CA ASN D 440 -0.67 -3.78 -37.18
C ASN D 440 -1.51 -5.05 -37.19
N TYR D 441 -2.72 -4.98 -36.64
CA TYR D 441 -3.63 -6.13 -36.66
C TYR D 441 -3.88 -6.56 -38.12
N LEU D 442 -4.24 -5.59 -38.96
CA LEU D 442 -4.57 -5.89 -40.35
C LEU D 442 -3.38 -6.39 -41.18
N SER D 443 -2.23 -5.71 -41.09
CA SER D 443 -1.05 -6.11 -41.89
C SER D 443 -0.59 -7.51 -41.53
N GLN D 444 -0.76 -7.89 -40.27
CA GLN D 444 -0.44 -9.26 -39.87
C GLN D 444 -1.46 -10.26 -40.43
N ALA D 445 -2.74 -9.92 -40.28
CA ALA D 445 -3.84 -10.85 -40.58
C ALA D 445 -4.07 -11.08 -42.06
N LEU D 446 -3.78 -10.08 -42.89
CA LEU D 446 -4.05 -10.16 -44.33
C LEU D 446 -3.15 -11.18 -45.01
N GLN D 447 -3.76 -12.05 -45.81
CA GLN D 447 -3.03 -13.11 -46.50
C GLN D 447 -2.59 -12.62 -47.89
N ALA D 448 -1.57 -11.75 -47.93
CA ALA D 448 -1.14 -11.14 -49.21
C ALA D 448 0.34 -10.83 -49.25
N GLY D 449 0.94 -10.88 -50.44
CA GLY D 449 2.38 -10.69 -50.62
C GLY D 449 2.87 -9.29 -50.31
N THR D 450 2.02 -8.30 -50.53
CA THR D 450 2.31 -6.93 -50.11
C THR D 450 1.09 -6.31 -49.45
N VAL D 451 1.30 -5.75 -48.25
CA VAL D 451 0.29 -4.93 -47.61
C VAL D 451 0.78 -3.48 -47.56
N TRP D 452 0.02 -2.60 -48.21
CA TRP D 452 0.29 -1.18 -48.16
C TRP D 452 -0.53 -0.54 -47.05
N VAL D 453 0.12 0.34 -46.30
CA VAL D 453 -0.55 1.07 -45.22
C VAL D 453 -0.61 2.59 -45.51
N ASN D 454 -1.82 3.09 -45.76
CA ASN D 454 -2.07 4.50 -46.13
C ASN D 454 -1.40 4.90 -47.45
N CYS D 455 -1.20 3.92 -48.30
CA CYS D 455 -0.71 4.11 -49.66
C CYS D 455 -1.18 2.94 -50.53
N TYR D 456 -0.84 2.97 -51.82
CA TYR D 456 -1.14 1.86 -52.73
C TYR D 456 -0.14 1.88 -53.88
N ASP D 457 0.14 0.71 -54.45
CA ASP D 457 0.99 0.60 -55.65
C ASP D 457 2.35 1.28 -55.42
N VAL D 458 2.89 1.09 -54.22
CA VAL D 458 4.21 1.59 -53.89
C VAL D 458 5.21 0.44 -54.11
N PHE D 459 5.92 0.52 -55.23
CA PHE D 459 6.92 -0.48 -55.53
C PHE D 459 8.28 0.15 -55.30
N GLY D 460 9.20 -0.62 -54.75
CA GLY D 460 10.57 -0.16 -54.68
C GLY D 460 11.37 -1.31 -55.19
N ALA D 461 12.43 -1.04 -55.94
CA ALA D 461 13.35 -2.09 -56.36
C ALA D 461 13.91 -2.81 -55.14
N GLN D 462 13.92 -2.13 -54.01
CA GLN D 462 14.45 -2.65 -52.76
C GLN D 462 13.51 -3.69 -52.06
N SER D 463 12.22 -3.62 -52.33
CA SER D 463 11.24 -4.43 -51.58
C SER D 463 10.61 -5.51 -52.46
N PRO D 464 10.54 -6.75 -51.94
CA PRO D 464 10.05 -7.87 -52.74
C PRO D 464 8.56 -7.78 -53.02
N PHE D 465 8.14 -8.44 -54.10
CA PHE D 465 6.76 -8.40 -54.55
C PHE D 465 6.40 -9.77 -55.13
N GLY D 466 5.24 -10.30 -54.77
CA GLY D 466 4.79 -11.62 -55.24
C GLY D 466 3.56 -12.11 -54.49
N GLY D 467 2.99 -13.22 -54.97
CA GLY D 467 1.70 -13.68 -54.48
C GLY D 467 1.72 -14.73 -53.41
N TYR D 468 0.70 -14.66 -52.55
CA TYR D 468 0.26 -15.78 -51.75
C TYR D 468 -0.76 -16.56 -52.60
N LYS D 469 -1.06 -17.77 -52.19
CA LYS D 469 -2.14 -18.57 -52.78
C LYS D 469 -1.96 -18.71 -54.30
N MET D 470 -3.02 -18.44 -55.06
CA MET D 470 -2.98 -18.65 -56.52
C MET D 470 -2.57 -17.39 -57.32
N SER D 471 -2.02 -16.42 -56.61
CA SER D 471 -1.45 -15.22 -57.21
C SER D 471 0.00 -15.45 -57.63
N GLY D 472 0.51 -16.63 -57.31
CA GLY D 472 1.81 -17.08 -57.81
C GLY D 472 2.73 -17.51 -56.70
N SER D 473 4.00 -17.64 -57.03
CA SER D 473 4.98 -18.05 -56.03
C SER D 473 6.36 -17.52 -56.37
N GLY D 474 7.16 -17.32 -55.33
CA GLY D 474 8.44 -16.69 -55.51
C GLY D 474 8.26 -15.20 -55.35
N ARG D 475 9.38 -14.52 -55.24
CA ARG D 475 9.37 -13.08 -55.04
C ARG D 475 10.27 -12.42 -56.07
N GLU D 476 9.82 -11.29 -56.58
CA GLU D 476 10.62 -10.47 -57.46
C GLU D 476 11.03 -9.24 -56.69
N LEU D 477 12.08 -8.57 -57.16
CA LEU D 477 12.60 -7.35 -56.53
C LEU D 477 13.32 -7.61 -55.19
N GLY D 478 14.02 -6.59 -54.71
CA GLY D 478 14.90 -6.71 -53.54
C GLY D 478 15.94 -7.83 -53.61
N GLU D 479 16.49 -8.17 -52.45
CA GLU D 479 17.44 -9.25 -52.36
C GLU D 479 16.75 -10.56 -52.74
N TYR D 480 15.49 -10.71 -52.31
CA TYR D 480 14.69 -11.91 -52.57
C TYR D 480 14.65 -12.29 -54.03
N GLY D 481 14.57 -11.27 -54.89
CA GLY D 481 14.52 -11.44 -56.34
C GLY D 481 15.70 -12.21 -56.94
N LEU D 482 16.75 -12.40 -56.13
CA LEU D 482 17.95 -13.13 -56.54
C LEU D 482 17.89 -14.64 -56.30
N GLN D 483 17.07 -15.09 -55.36
N GLN D 483 17.07 -15.09 -55.36
CA GLN D 483 17.02 -16.49 -54.92
CA GLN D 483 17.02 -16.48 -54.91
C GLN D 483 16.70 -17.47 -56.04
C GLN D 483 16.70 -17.46 -56.04
N ALA D 484 15.71 -17.11 -56.86
CA ALA D 484 15.21 -17.97 -57.92
C ALA D 484 16.22 -18.09 -59.05
N TYR D 485 17.26 -17.25 -59.00
CA TYR D 485 18.26 -17.13 -60.06
C TYR D 485 19.63 -17.66 -59.66
N THR D 486 19.68 -18.28 -58.48
CA THR D 486 20.87 -18.85 -57.87
C THR D 486 20.72 -20.37 -57.69
N GLU D 487 21.76 -21.10 -58.08
CA GLU D 487 21.85 -22.51 -57.73
C GLU D 487 22.91 -22.65 -56.67
N VAL D 488 22.58 -23.33 -55.57
CA VAL D 488 23.49 -23.46 -54.44
C VAL D 488 24.33 -24.74 -54.51
N LYS D 489 25.65 -24.57 -54.48
CA LYS D 489 26.55 -25.68 -54.39
C LYS D 489 27.27 -25.68 -53.05
N THR D 490 27.17 -26.79 -52.32
CA THR D 490 28.00 -27.02 -51.15
C THR D 490 29.30 -27.73 -51.55
N VAL D 491 30.43 -27.20 -51.08
CA VAL D 491 31.72 -27.90 -51.19
C VAL D 491 32.23 -28.25 -49.79
N THR D 492 32.49 -29.53 -49.56
CA THR D 492 32.89 -29.99 -48.24
C THR D 492 34.22 -30.72 -48.33
N VAL D 493 35.21 -30.13 -47.69
CA VAL D 493 36.61 -30.46 -47.90
C VAL D 493 37.21 -31.07 -46.62
N LYS D 494 37.75 -32.28 -46.74
CA LYS D 494 38.52 -32.84 -45.67
C LYS D 494 39.72 -31.92 -45.36
N VAL D 495 39.92 -31.63 -44.08
CA VAL D 495 41.09 -30.84 -43.62
C VAL D 495 41.85 -31.61 -42.52
N PRO D 496 43.16 -31.34 -42.39
CA PRO D 496 43.93 -31.97 -41.31
C PRO D 496 43.31 -31.85 -39.90
N GLN D 497 42.91 -30.65 -39.50
CA GLN D 497 42.34 -30.45 -38.16
C GLN D 497 41.53 -29.17 -38.09
N LYS D 498 40.22 -29.35 -37.97
CA LYS D 498 39.30 -28.24 -37.83
C LYS D 498 39.46 -27.58 -36.45
N ASN D 499 39.60 -26.25 -36.47
CA ASN D 499 39.59 -25.43 -35.28
C ASN D 499 38.63 -24.29 -35.49
N SER D 500 38.07 -23.76 -34.40
CA SER D 500 37.18 -22.63 -34.48
C SER D 500 37.91 -21.39 -35.00
N ALA E 7 -40.13 46.04 31.58
CA ALA E 7 -39.37 47.33 31.53
C ALA E 7 -38.98 47.79 32.92
N VAL E 8 -37.73 48.22 33.05
CA VAL E 8 -37.17 48.74 34.30
C VAL E 8 -37.97 49.97 34.80
N PRO E 9 -38.52 49.89 36.03
CA PRO E 9 -39.29 51.02 36.61
C PRO E 9 -38.40 52.20 36.91
N ALA E 10 -38.98 53.41 36.92
CA ALA E 10 -38.26 54.60 37.32
C ALA E 10 -37.87 54.44 38.80
N PRO E 11 -36.60 54.77 39.14
CA PRO E 11 -36.21 54.60 40.53
C PRO E 11 -36.72 55.76 41.38
N ASN E 12 -36.86 55.50 42.67
CA ASN E 12 -36.99 56.55 43.65
C ASN E 12 -35.57 57.00 44.00
N GLN E 13 -35.21 58.22 43.60
CA GLN E 13 -33.83 58.70 43.77
C GLN E 13 -33.49 59.10 45.22
N GLN E 14 -34.53 59.20 46.07
CA GLN E 14 -34.36 59.44 47.50
C GLN E 14 -35.14 58.40 48.31
N PRO E 15 -34.72 57.12 48.26
CA PRO E 15 -35.51 56.10 48.95
C PRO E 15 -35.47 56.32 50.47
N GLU E 16 -36.59 56.07 51.13
CA GLU E 16 -36.65 56.20 52.57
C GLU E 16 -35.91 55.05 53.24
N VAL E 17 -35.22 55.34 54.34
CA VAL E 17 -34.49 54.32 55.11
C VAL E 17 -35.32 53.88 56.33
N PHE E 18 -35.65 52.59 56.39
CA PHE E 18 -36.45 52.03 57.49
C PHE E 18 -35.66 51.24 58.53
N CYS E 19 -34.49 50.72 58.15
CA CYS E 19 -33.71 49.86 59.03
C CYS E 19 -32.26 50.36 59.13
N ASN E 20 -31.83 50.68 60.35
CA ASN E 20 -30.49 51.23 60.56
C ASN E 20 -29.96 50.83 61.92
N GLN E 21 -30.53 49.77 62.45
CA GLN E 21 -30.14 49.27 63.75
C GLN E 21 -29.51 47.86 63.67
N ILE E 22 -29.18 47.32 64.84
CA ILE E 22 -28.72 45.95 65.01
C ILE E 22 -29.92 44.96 65.02
N PHE E 23 -29.81 43.91 64.24
CA PHE E 23 -30.90 42.95 64.10
C PHE E 23 -30.56 41.67 64.86
N ILE E 24 -31.25 41.44 65.98
CA ILE E 24 -31.03 40.23 66.80
C ILE E 24 -32.38 39.67 67.24
N ASN E 25 -32.60 38.36 67.05
CA ASN E 25 -33.87 37.74 67.49
C ASN E 25 -35.08 38.41 66.83
N ASN E 26 -34.92 38.78 65.55
CA ASN E 26 -35.97 39.41 64.75
C ASN E 26 -36.47 40.75 65.30
N GLU E 27 -35.63 41.40 66.11
CA GLU E 27 -35.93 42.70 66.73
C GLU E 27 -34.82 43.68 66.41
N TRP E 28 -35.14 44.96 66.41
CA TRP E 28 -34.15 46.00 66.17
C TRP E 28 -33.60 46.57 67.49
N HIS E 29 -32.28 46.72 67.55
CA HIS E 29 -31.58 47.19 68.75
C HIS E 29 -30.60 48.31 68.45
N ASP E 30 -30.56 49.32 69.32
CA ASP E 30 -29.39 50.20 69.36
C ASP E 30 -28.19 49.41 69.84
N ALA E 31 -26.99 49.90 69.53
CA ALA E 31 -25.76 49.38 70.14
C ALA E 31 -25.85 49.57 71.65
N VAL E 32 -25.17 48.71 72.39
CA VAL E 32 -25.10 48.85 73.84
C VAL E 32 -24.51 50.22 74.20
N SER E 33 -23.51 50.67 73.44
CA SER E 33 -22.87 51.97 73.65
C SER E 33 -23.76 53.16 73.25
N ARG E 34 -24.81 52.89 72.48
CA ARG E 34 -25.65 53.92 71.85
C ARG E 34 -24.93 54.71 70.73
N LYS E 35 -23.70 54.29 70.41
CA LYS E 35 -22.94 54.94 69.34
C LYS E 35 -23.56 54.65 67.98
N THR E 36 -23.38 55.59 67.06
CA THR E 36 -23.80 55.36 65.68
C THR E 36 -22.72 55.85 64.74
N PHE E 37 -22.76 55.39 63.48
CA PHE E 37 -21.85 55.89 62.46
C PHE E 37 -22.62 56.33 61.22
N PRO E 38 -22.12 57.36 60.51
CA PRO E 38 -22.73 57.81 59.27
C PRO E 38 -22.47 56.87 58.11
N THR E 39 -23.45 56.74 57.22
CA THR E 39 -23.20 56.11 55.94
C THR E 39 -23.44 57.16 54.84
N VAL E 40 -22.51 57.22 53.90
CA VAL E 40 -22.43 58.32 52.95
C VAL E 40 -22.98 57.88 51.60
N ASN E 41 -23.65 58.81 50.91
CA ASN E 41 -24.02 58.64 49.51
C ASN E 41 -22.82 59.04 48.67
N PRO E 42 -22.17 58.06 48.00
CA PRO E 42 -20.93 58.34 47.26
C PRO E 42 -21.08 59.23 46.04
N SER E 43 -22.31 59.41 45.56
CA SER E 43 -22.59 60.30 44.43
C SER E 43 -22.54 61.77 44.82
N THR E 44 -22.82 62.08 46.09
CA THR E 44 -22.89 63.48 46.57
C THR E 44 -21.89 63.74 47.67
N GLY E 45 -21.44 62.67 48.33
CA GLY E 45 -20.54 62.75 49.47
C GLY E 45 -21.25 63.23 50.72
N GLU E 46 -22.59 63.19 50.69
CA GLU E 46 -23.39 63.61 51.84
C GLU E 46 -23.95 62.42 52.62
N VAL E 47 -24.18 62.61 53.92
CA VAL E 47 -24.60 61.55 54.83
C VAL E 47 -26.05 61.13 54.52
N ILE E 48 -26.29 59.83 54.42
CA ILE E 48 -27.63 59.28 54.24
C ILE E 48 -28.34 59.25 55.61
N CYS E 49 -27.72 58.56 56.58
CA CYS E 49 -28.28 58.45 57.92
C CYS E 49 -27.22 57.89 58.86
N GLN E 50 -27.54 57.92 60.15
CA GLN E 50 -26.78 57.21 61.18
C GLN E 50 -27.19 55.73 61.21
N VAL E 51 -26.21 54.88 61.50
CA VAL E 51 -26.43 53.44 61.68
C VAL E 51 -25.82 52.97 63.01
N ALA E 52 -26.55 52.12 63.73
CA ALA E 52 -26.08 51.56 64.99
C ALA E 52 -24.66 50.98 64.84
N GLU E 53 -23.74 51.44 65.69
CA GLU E 53 -22.34 51.03 65.62
C GLU E 53 -22.09 49.86 66.56
N GLY E 54 -22.34 48.65 66.06
CA GLY E 54 -22.12 47.42 66.81
C GLY E 54 -20.66 47.17 67.11
N ASP E 55 -20.41 46.56 68.26
CA ASP E 55 -19.08 46.24 68.77
C ASP E 55 -19.19 44.89 69.52
N LYS E 56 -18.13 44.48 70.21
CA LYS E 56 -18.06 43.17 70.91
C LYS E 56 -19.30 42.78 71.74
N GLU E 57 -19.80 43.67 72.59
CA GLU E 57 -21.00 43.41 73.40
C GLU E 57 -22.23 43.08 72.56
N ASP E 58 -22.34 43.73 71.42
CA ASP E 58 -23.49 43.56 70.52
C ASP E 58 -23.35 42.23 69.77
N VAL E 59 -22.12 41.94 69.35
CA VAL E 59 -21.79 40.62 68.80
C VAL E 59 -22.06 39.48 69.81
N ASP E 60 -21.73 39.69 71.08
CA ASP E 60 -21.99 38.69 72.13
C ASP E 60 -23.48 38.33 72.25
N LYS E 61 -24.32 39.37 72.24
CA LYS E 61 -25.79 39.22 72.21
C LYS E 61 -26.25 38.39 71.00
N ALA E 62 -25.76 38.76 69.82
CA ALA E 62 -26.12 38.08 68.56
C ALA E 62 -25.75 36.59 68.57
N VAL E 63 -24.55 36.26 69.08
CA VAL E 63 -24.09 34.86 69.15
C VAL E 63 -24.92 34.07 70.15
N LYS E 64 -25.30 34.72 71.26
CA LYS E 64 -26.16 34.08 72.25
C LYS E 64 -27.50 33.70 71.64
N ALA E 65 -28.07 34.61 70.85
CA ALA E 65 -29.38 34.43 70.19
C ALA E 65 -29.30 33.37 69.12
N ALA E 66 -28.21 33.36 68.37
CA ALA E 66 -27.99 32.37 67.32
C ALA E 66 -27.83 30.96 67.93
N ARG E 67 -27.05 30.86 69.00
CA ARG E 67 -26.87 29.62 69.73
C ARG E 67 -28.16 29.06 70.30
N ALA E 68 -28.98 29.92 70.90
CA ALA E 68 -30.31 29.52 71.39
C ALA E 68 -31.15 28.99 70.23
N ALA E 69 -31.13 29.69 69.09
CA ALA E 69 -31.90 29.28 67.92
C ALA E 69 -31.41 27.92 67.35
N PHE E 70 -30.16 27.56 67.62
CA PHE E 70 -29.56 26.31 67.14
C PHE E 70 -29.71 25.13 68.12
N GLN E 71 -30.28 25.37 69.31
CA GLN E 71 -30.40 24.29 70.31
C GLN E 71 -31.19 23.11 69.76
N LEU E 72 -30.76 21.88 70.08
CA LEU E 72 -31.54 20.67 69.71
C LEU E 72 -32.98 20.83 70.18
N GLY E 73 -33.95 20.51 69.31
CA GLY E 73 -35.37 20.64 69.64
C GLY E 73 -36.00 22.00 69.37
N SER E 74 -35.18 22.97 68.98
CA SER E 74 -35.66 24.29 68.62
C SER E 74 -36.49 24.23 67.32
N PRO E 75 -37.31 25.25 67.07
CA PRO E 75 -38.10 25.27 65.83
C PRO E 75 -37.26 25.22 64.55
N TRP E 76 -36.10 25.88 64.54
CA TRP E 76 -35.22 25.85 63.38
C TRP E 76 -34.57 24.49 63.14
N ARG E 77 -34.23 23.79 64.23
CA ARG E 77 -33.54 22.51 64.15
C ARG E 77 -34.53 21.39 63.75
N ARG E 78 -35.79 21.56 64.16
CA ARG E 78 -36.83 20.55 63.96
C ARG E 78 -37.51 20.70 62.60
N MET E 79 -37.47 21.91 62.07
CA MET E 79 -38.05 22.24 60.79
C MET E 79 -37.64 21.22 59.71
N ASP E 80 -38.57 20.82 58.87
CA ASP E 80 -38.20 19.92 57.77
C ASP E 80 -37.21 20.64 56.86
N ALA E 81 -36.22 19.90 56.36
CA ALA E 81 -35.28 20.44 55.37
C ALA E 81 -36.04 21.10 54.21
N SER E 82 -37.07 20.44 53.71
CA SER E 82 -37.87 20.98 52.63
C SER E 82 -38.50 22.33 52.99
N HIS E 83 -38.81 22.52 54.28
CA HIS E 83 -39.42 23.77 54.72
C HIS E 83 -38.40 24.92 54.80
N ARG E 84 -37.15 24.63 55.14
CA ARG E 84 -36.07 25.63 55.05
C ARG E 84 -36.03 26.16 53.62
N GLY E 85 -36.25 25.25 52.66
CA GLY E 85 -36.34 25.62 51.24
C GLY E 85 -37.51 26.55 50.96
N ARG E 86 -38.67 26.20 51.51
CA ARG E 86 -39.87 27.02 51.35
C ARG E 86 -39.63 28.47 51.82
N LEU E 87 -39.00 28.60 52.99
CA LEU E 87 -38.68 29.93 53.56
C LEU E 87 -37.69 30.73 52.70
N LEU E 88 -36.70 30.05 52.12
CA LEU E 88 -35.75 30.72 51.22
C LEU E 88 -36.44 31.22 49.96
N ASN E 89 -37.36 30.41 49.43
CA ASN E 89 -38.23 30.81 48.32
C ASN E 89 -39.18 31.95 48.68
N ARG E 90 -39.67 31.96 49.93
CA ARG E 90 -40.51 33.06 50.41
C ARG E 90 -39.68 34.32 50.52
N LEU E 91 -38.46 34.20 51.08
CA LEU E 91 -37.57 35.35 51.14
C LEU E 91 -37.26 35.91 49.74
N ALA E 92 -36.98 35.02 48.78
CA ALA E 92 -36.75 35.51 47.40
C ALA E 92 -37.98 36.24 46.84
N ASP E 93 -39.18 35.71 47.09
CA ASP E 93 -40.42 36.37 46.66
C ASP E 93 -40.60 37.75 47.28
N LEU E 94 -40.26 37.90 48.58
CA LEU E 94 -40.34 39.20 49.24
C LEU E 94 -39.35 40.23 48.68
N ILE E 95 -38.11 39.77 48.43
CA ILE E 95 -37.10 40.63 47.79
C ILE E 95 -37.57 41.04 46.38
N GLU E 96 -38.19 40.10 45.66
CA GLU E 96 -38.75 40.43 44.36
C GLU E 96 -39.86 41.48 44.47
N ARG E 97 -40.79 41.31 45.41
CA ARG E 97 -41.80 42.35 45.65
C ARG E 97 -41.18 43.74 45.85
N ASP E 98 -40.03 43.78 46.52
CA ASP E 98 -39.41 45.03 46.92
C ASP E 98 -38.19 45.40 46.05
N ARG E 99 -38.15 44.88 44.83
CA ARG E 99 -36.98 44.97 43.95
C ARG E 99 -36.62 46.40 43.54
N THR E 100 -37.64 47.19 43.23
CA THR E 100 -37.44 48.55 42.72
C THR E 100 -36.82 49.40 43.84
N TYR E 101 -37.41 49.27 45.03
CA TYR E 101 -36.92 49.93 46.22
C TYR E 101 -35.50 49.46 46.59
N LEU E 102 -35.26 48.14 46.62
CA LEU E 102 -33.95 47.62 47.03
C LEU E 102 -32.85 48.03 46.07
N ALA E 103 -33.13 48.05 44.77
CA ALA E 103 -32.15 48.44 43.75
C ALA E 103 -31.79 49.92 43.89
N ALA E 104 -32.80 50.75 44.14
CA ALA E 104 -32.58 52.19 44.43
C ALA E 104 -31.77 52.45 45.71
N LEU E 105 -32.09 51.74 46.79
CA LEU E 105 -31.32 51.85 48.02
C LEU E 105 -29.88 51.38 47.85
N GLU E 106 -29.70 50.26 47.14
CA GLU E 106 -28.37 49.76 46.78
C GLU E 106 -27.55 50.81 46.04
N THR E 107 -28.13 51.41 45.01
CA THR E 107 -27.53 52.55 44.32
C THR E 107 -27.20 53.74 45.22
N LEU E 108 -28.14 54.12 46.09
CA LEU E 108 -27.93 55.26 46.98
C LEU E 108 -26.71 55.08 47.88
N ASP E 109 -26.58 53.88 48.47
CA ASP E 109 -25.56 53.56 49.45
C ASP E 109 -24.21 53.16 48.84
N ASN E 110 -24.22 52.50 47.67
CA ASN E 110 -22.99 51.93 47.08
C ASN E 110 -22.44 52.72 45.88
N GLY E 111 -23.34 53.26 45.06
CA GLY E 111 -22.97 54.15 43.95
C GLY E 111 -23.18 53.54 42.57
N LYS E 112 -23.34 52.22 42.51
CA LYS E 112 -23.51 51.54 41.23
C LYS E 112 -24.78 52.00 40.49
N PRO E 113 -24.76 51.98 39.15
CA PRO E 113 -25.95 52.44 38.41
C PRO E 113 -27.21 51.67 38.80
N TYR E 114 -28.32 52.42 38.95
CA TYR E 114 -29.59 51.80 39.29
C TYR E 114 -30.02 50.71 38.31
N VAL E 115 -29.86 50.93 37.00
CA VAL E 115 -30.26 49.90 36.03
C VAL E 115 -29.49 48.59 36.24
N ILE E 116 -28.23 48.69 36.66
CA ILE E 116 -27.39 47.52 36.96
C ILE E 116 -27.81 46.84 38.27
N SER E 117 -28.02 47.65 39.32
CA SER E 117 -28.59 47.17 40.59
C SER E 117 -29.86 46.36 40.35
N TYR E 118 -30.70 46.88 39.46
CA TYR E 118 -32.03 46.31 39.21
C TYR E 118 -31.93 45.03 38.35
N LEU E 119 -31.35 45.19 37.17
CA LEU E 119 -31.24 44.10 36.20
C LEU E 119 -30.20 43.03 36.53
N VAL E 120 -29.13 43.40 37.23
CA VAL E 120 -28.04 42.46 37.52
C VAL E 120 -27.98 42.03 38.99
N ASP E 121 -27.66 42.96 39.89
CA ASP E 121 -27.54 42.63 41.31
C ASP E 121 -28.78 41.93 41.85
N LEU E 122 -29.95 42.57 41.72
CA LEU E 122 -31.19 41.98 42.29
C LEU E 122 -31.57 40.69 41.60
N ASP E 123 -31.28 40.59 40.31
CA ASP E 123 -31.58 39.37 39.56
C ASP E 123 -30.71 38.21 40.07
N MET E 124 -29.42 38.49 40.26
N MET E 124 -29.42 38.50 40.26
CA MET E 124 -28.49 37.49 40.80
CA MET E 124 -28.47 37.51 40.80
C MET E 124 -28.81 37.11 42.26
C MET E 124 -28.74 37.14 42.26
N VAL E 125 -29.31 38.07 43.02
CA VAL E 125 -29.73 37.82 44.41
C VAL E 125 -30.86 36.80 44.41
N LEU E 126 -31.88 37.03 43.58
CA LEU E 126 -33.04 36.17 43.50
C LEU E 126 -32.61 34.77 43.06
N LYS E 127 -31.79 34.71 42.02
CA LYS E 127 -31.31 33.43 41.48
C LYS E 127 -30.51 32.61 42.50
N CYS E 128 -29.69 33.29 43.29
CA CYS E 128 -28.87 32.61 44.28
C CYS E 128 -29.72 31.97 45.40
N LEU E 129 -30.66 32.74 45.93
CA LEU E 129 -31.58 32.29 47.00
C LEU E 129 -32.48 31.17 46.52
N ARG E 130 -33.02 31.33 45.31
CA ARG E 130 -33.86 30.31 44.70
C ARG E 130 -33.07 29.03 44.39
N TYR E 131 -31.81 29.17 43.96
CA TYR E 131 -30.94 28.00 43.73
C TYR E 131 -30.75 27.21 45.01
N TYR E 132 -30.30 27.89 46.06
CA TYR E 132 -30.06 27.29 47.36
C TYR E 132 -31.30 26.76 48.07
N ALA E 133 -32.45 27.42 47.89
CA ALA E 133 -33.73 26.84 48.35
C ALA E 133 -33.90 25.39 47.84
N GLY E 134 -33.47 25.14 46.61
CA GLY E 134 -33.57 23.81 46.02
C GLY E 134 -32.66 22.79 46.66
N TRP E 135 -31.53 23.24 47.21
CA TRP E 135 -30.55 22.37 47.89
C TRP E 135 -30.98 21.91 49.27
N ALA E 136 -31.97 22.59 49.85
CA ALA E 136 -32.25 22.42 51.29
C ALA E 136 -32.45 20.97 51.68
N ASP E 137 -33.18 20.22 50.84
CA ASP E 137 -33.50 18.83 51.15
C ASP E 137 -32.80 17.79 50.28
N LYS E 138 -31.68 18.16 49.65
CA LYS E 138 -31.01 17.30 48.66
C LYS E 138 -29.53 16.99 48.94
N TYR E 139 -28.95 17.58 49.99
CA TYR E 139 -27.51 17.37 50.28
C TYR E 139 -27.28 16.12 51.14
N HIS E 140 -27.43 14.95 50.52
CA HIS E 140 -27.43 13.68 51.22
C HIS E 140 -26.15 13.29 51.91
N GLY E 141 -26.29 12.61 53.05
CA GLY E 141 -25.17 11.86 53.63
C GLY E 141 -25.08 10.56 52.86
N LYS E 142 -24.32 9.61 53.40
CA LYS E 142 -23.98 8.36 52.71
C LYS E 142 -24.24 7.13 53.58
N THR E 143 -24.56 6.00 52.94
CA THR E 143 -24.48 4.72 53.61
C THR E 143 -23.27 3.98 53.06
N ILE E 144 -22.53 3.33 53.97
CA ILE E 144 -21.15 2.90 53.69
C ILE E 144 -20.87 1.42 53.97
N PRO E 145 -20.40 0.70 52.94
CA PRO E 145 -20.09 -0.75 53.03
C PRO E 145 -18.76 -0.99 53.77
N ILE E 146 -18.70 -0.56 55.02
CA ILE E 146 -17.54 -0.79 55.89
C ILE E 146 -17.25 -2.30 56.08
N ASP E 147 -15.99 -2.65 56.39
CA ASP E 147 -15.68 -4.03 56.73
C ASP E 147 -16.42 -4.49 58.00
N GLY E 148 -16.74 -5.78 58.08
CA GLY E 148 -17.22 -6.39 59.34
C GLY E 148 -18.72 -6.30 59.51
N ASP E 149 -19.23 -6.78 60.65
CA ASP E 149 -20.69 -6.79 60.88
C ASP E 149 -21.18 -5.46 61.42
N PHE E 150 -21.20 -4.46 60.55
CA PHE E 150 -21.59 -3.09 60.89
C PHE E 150 -22.42 -2.45 59.82
N PHE E 151 -23.30 -1.55 60.26
CA PHE E 151 -23.99 -0.59 59.42
C PHE E 151 -23.34 0.76 59.70
N SER E 152 -22.68 1.32 58.71
CA SER E 152 -22.07 2.66 58.86
C SER E 152 -22.75 3.65 57.91
N TYR E 153 -23.04 4.85 58.40
CA TYR E 153 -23.58 5.93 57.57
C TYR E 153 -23.09 7.29 58.03
N THR E 154 -23.30 8.31 57.22
CA THR E 154 -23.00 9.67 57.66
C THR E 154 -24.26 10.51 57.72
N ARG E 155 -24.28 11.41 58.69
CA ARG E 155 -25.25 12.50 58.76
C ARG E 155 -24.54 13.77 58.34
N HIS E 156 -25.18 14.51 57.44
CA HIS E 156 -24.73 15.86 57.09
C HIS E 156 -25.51 16.85 57.95
N GLU E 157 -24.84 17.28 59.04
CA GLU E 157 -25.42 18.16 60.03
C GLU E 157 -24.98 19.60 59.76
N PRO E 158 -25.67 20.59 60.33
CA PRO E 158 -25.16 21.96 60.16
C PRO E 158 -23.88 22.16 60.98
N VAL E 159 -23.02 23.06 60.50
CA VAL E 159 -21.78 23.35 61.21
C VAL E 159 -22.08 24.14 62.52
N GLY E 160 -23.15 24.93 62.52
CA GLY E 160 -23.62 25.58 63.74
C GLY E 160 -23.76 27.09 63.63
N VAL E 161 -23.13 27.80 64.55
CA VAL E 161 -23.21 29.27 64.56
C VAL E 161 -22.13 29.79 63.61
N CYS E 162 -22.58 30.46 62.54
CA CYS E 162 -21.72 30.92 61.47
C CYS E 162 -21.56 32.42 61.48
N GLY E 163 -20.33 32.86 61.66
CA GLY E 163 -19.97 34.26 61.45
C GLY E 163 -19.74 34.55 59.98
N GLN E 164 -20.36 35.61 59.44
CA GLN E 164 -20.20 35.92 58.02
C GLN E 164 -19.89 37.40 57.88
N ILE E 165 -18.68 37.69 57.41
CA ILE E 165 -18.16 39.05 57.32
C ILE E 165 -18.05 39.37 55.83
N ILE E 166 -18.78 40.40 55.40
CA ILE E 166 -18.92 40.67 53.98
C ILE E 166 -18.50 42.10 53.58
N PRO E 167 -18.13 42.29 52.31
CA PRO E 167 -17.63 43.60 51.87
C PRO E 167 -18.73 44.47 51.22
N TRP E 168 -18.33 45.62 50.69
CA TRP E 168 -19.24 46.67 50.25
C TRP E 168 -19.52 46.70 48.74
N ASN E 169 -18.82 45.89 47.95
CA ASN E 169 -18.90 46.04 46.48
C ASN E 169 -20.13 45.47 45.82
N PHE E 170 -20.65 44.36 46.37
CA PHE E 170 -21.94 43.82 45.99
C PHE E 170 -22.72 43.56 47.27
N PRO E 171 -23.24 44.63 47.91
CA PRO E 171 -23.79 44.47 49.27
C PRO E 171 -24.88 43.41 49.35
N LEU E 172 -25.89 43.49 48.48
CA LEU E 172 -27.00 42.53 48.49
C LEU E 172 -26.63 41.15 48.00
N LEU E 173 -25.82 41.09 46.95
CA LEU E 173 -25.41 39.81 46.35
C LEU E 173 -24.55 39.01 47.32
N MET E 174 -23.59 39.69 47.93
CA MET E 174 -22.70 39.08 48.90
C MET E 174 -23.46 38.54 50.13
N GLN E 175 -24.46 39.30 50.58
CA GLN E 175 -25.38 38.78 51.60
C GLN E 175 -26.07 37.49 51.16
N ALA E 176 -26.58 37.47 49.93
CA ALA E 176 -27.26 36.27 49.41
C ALA E 176 -26.32 35.08 49.23
N TRP E 177 -25.08 35.34 48.76
CA TRP E 177 -24.05 34.31 48.58
C TRP E 177 -23.74 33.63 49.92
N LYS E 178 -23.83 34.40 51.00
CA LYS E 178 -23.60 33.90 52.35
C LYS E 178 -24.81 33.21 52.98
N LEU E 179 -25.99 33.85 52.92
CA LEU E 179 -27.17 33.28 53.57
C LEU E 179 -27.76 32.06 52.85
N GLY E 180 -27.75 32.07 51.52
CA GLY E 180 -28.29 30.96 50.74
C GLY E 180 -27.82 29.60 51.24
N PRO E 181 -26.51 29.33 51.14
CA PRO E 181 -25.97 28.02 51.57
C PRO E 181 -26.06 27.75 53.06
N ALA E 182 -25.80 28.77 53.87
CA ALA E 182 -25.84 28.65 55.33
C ALA E 182 -27.24 28.22 55.77
N LEU E 183 -28.26 28.89 55.26
CA LEU E 183 -29.64 28.61 55.68
C LEU E 183 -30.17 27.33 55.05
N ALA E 184 -29.75 27.02 53.82
CA ALA E 184 -30.22 25.79 53.15
C ALA E 184 -29.81 24.55 53.93
N THR E 185 -28.67 24.64 54.58
CA THR E 185 -28.11 23.56 55.39
C THR E 185 -28.49 23.61 56.90
N GLY E 186 -29.32 24.57 57.31
CA GLY E 186 -29.87 24.59 58.68
C GLY E 186 -28.96 25.24 59.72
N ASN E 187 -27.99 26.02 59.26
CA ASN E 187 -27.12 26.78 60.18
C ASN E 187 -27.83 28.01 60.73
N VAL E 188 -27.19 28.65 61.72
CA VAL E 188 -27.61 29.99 62.15
C VAL E 188 -26.49 31.01 61.91
N VAL E 189 -26.86 32.27 61.71
CA VAL E 189 -25.91 33.30 61.22
C VAL E 189 -25.78 34.53 62.11
N VAL E 190 -24.54 34.93 62.36
CA VAL E 190 -24.21 36.28 62.82
C VAL E 190 -23.39 36.97 61.72
N MET E 191 -24.01 37.96 61.08
CA MET E 191 -23.43 38.59 59.90
C MET E 191 -23.00 40.03 60.21
N LYS E 192 -21.77 40.34 59.85
CA LYS E 192 -21.22 41.68 59.95
C LYS E 192 -21.16 42.27 58.54
N VAL E 193 -22.00 43.26 58.27
CA VAL E 193 -22.03 43.94 56.96
C VAL E 193 -21.02 45.10 56.95
N ALA E 194 -20.60 45.51 55.75
CA ALA E 194 -19.60 46.59 55.62
C ALA E 194 -20.16 47.96 56.00
N GLU E 195 -19.37 48.70 56.78
CA GLU E 195 -19.72 50.05 57.23
C GLU E 195 -20.11 51.00 56.08
N GLN E 196 -19.53 50.77 54.90
CA GLN E 196 -19.79 51.62 53.74
C GLN E 196 -21.18 51.40 53.14
N THR E 197 -21.72 50.19 53.29
CA THR E 197 -22.97 49.80 52.63
C THR E 197 -23.80 48.89 53.53
N PRO E 198 -24.26 49.42 54.68
CA PRO E 198 -25.01 48.59 55.59
C PRO E 198 -26.51 48.48 55.27
N LEU E 199 -27.07 49.47 54.59
CA LEU E 199 -28.53 49.65 54.56
C LEU E 199 -29.36 48.56 53.90
N THR E 200 -28.96 48.07 52.72
CA THR E 200 -29.81 47.11 52.01
C THR E 200 -29.93 45.77 52.75
N ALA E 201 -28.80 45.31 53.34
CA ALA E 201 -28.74 44.09 54.13
C ALA E 201 -29.66 44.18 55.35
N LEU E 202 -29.68 45.34 55.99
CA LEU E 202 -30.55 45.57 57.14
C LEU E 202 -31.99 45.47 56.69
N TYR E 203 -32.33 46.04 55.54
CA TYR E 203 -33.70 45.96 55.06
C TYR E 203 -34.10 44.51 54.80
N VAL E 204 -33.18 43.73 54.24
CA VAL E 204 -33.41 42.32 53.99
C VAL E 204 -33.72 41.57 55.29
N ALA E 205 -33.06 41.95 56.39
CA ALA E 205 -33.37 41.40 57.71
C ALA E 205 -34.86 41.52 58.05
N ASN E 206 -35.45 42.68 57.75
CA ASN E 206 -36.90 42.84 57.88
C ASN E 206 -37.69 41.81 57.07
N LEU E 207 -37.21 41.53 55.85
CA LEU E 207 -37.84 40.53 54.99
C LEU E 207 -37.63 39.09 55.49
N ILE E 208 -36.47 38.85 56.13
CA ILE E 208 -36.17 37.56 56.77
C ILE E 208 -37.16 37.27 57.91
N LYS E 209 -37.50 38.31 58.67
CA LYS E 209 -38.54 38.23 59.68
C LYS E 209 -39.93 38.02 59.05
N GLU E 210 -40.28 38.84 58.06
CA GLU E 210 -41.54 38.70 57.33
C GLU E 210 -41.68 37.28 56.72
N ALA E 211 -40.61 36.76 56.13
CA ALA E 211 -40.63 35.42 55.50
C ALA E 211 -40.98 34.30 56.47
N GLY E 212 -40.70 34.50 57.76
CA GLY E 212 -41.05 33.54 58.79
C GLY E 212 -39.90 32.76 59.40
N PHE E 213 -38.66 33.20 59.20
CA PHE E 213 -37.51 32.52 59.84
C PHE E 213 -37.57 32.71 61.36
N PRO E 214 -37.38 31.62 62.16
CA PRO E 214 -37.39 31.77 63.62
C PRO E 214 -36.41 32.87 64.09
N PRO E 215 -36.74 33.56 65.20
CA PRO E 215 -35.84 34.56 65.79
C PRO E 215 -34.48 33.98 66.17
N GLY E 216 -33.41 34.70 65.83
CA GLY E 216 -32.06 34.25 66.13
C GLY E 216 -31.42 33.40 65.03
N VAL E 217 -32.19 33.01 64.02
CA VAL E 217 -31.64 32.29 62.86
C VAL E 217 -30.72 33.22 62.02
N VAL E 218 -31.12 34.47 61.82
CA VAL E 218 -30.24 35.42 61.15
C VAL E 218 -30.13 36.67 62.04
N ASN E 219 -28.90 37.02 62.38
CA ASN E 219 -28.63 38.22 63.18
C ASN E 219 -27.64 39.06 62.40
N ILE E 220 -27.88 40.37 62.34
CA ILE E 220 -26.99 41.26 61.60
C ILE E 220 -26.46 42.40 62.50
N VAL E 221 -25.15 42.52 62.56
CA VAL E 221 -24.48 43.53 63.35
C VAL E 221 -23.74 44.46 62.40
N PRO E 222 -24.30 45.64 62.10
CA PRO E 222 -23.49 46.67 61.46
C PRO E 222 -22.43 47.20 62.43
N GLY E 223 -21.30 47.66 61.90
CA GLY E 223 -20.21 48.16 62.73
C GLY E 223 -18.91 48.19 61.95
N PHE E 224 -17.81 48.40 62.66
CA PHE E 224 -16.48 48.43 62.00
C PHE E 224 -15.84 47.06 61.99
N GLY E 225 -14.79 46.91 61.20
CA GLY E 225 -14.09 45.64 61.11
C GLY E 225 -13.29 45.28 62.36
N PRO E 226 -12.41 46.20 62.80
CA PRO E 226 -11.55 45.92 63.94
C PRO E 226 -12.33 45.74 65.25
N THR E 227 -13.59 46.13 65.26
CA THR E 227 -14.41 45.99 66.46
C THR E 227 -15.36 44.80 66.30
N ALA E 228 -16.42 44.99 65.52
CA ALA E 228 -17.43 43.96 65.35
C ALA E 228 -16.94 42.75 64.53
N GLY E 229 -16.22 43.00 63.44
CA GLY E 229 -15.68 41.92 62.64
C GLY E 229 -14.76 41.03 63.44
N ALA E 230 -13.81 41.64 64.16
CA ALA E 230 -12.81 40.93 64.95
C ALA E 230 -13.46 40.14 66.09
N ALA E 231 -14.49 40.73 66.71
CA ALA E 231 -15.26 40.08 67.77
C ALA E 231 -15.85 38.76 67.30
N ILE E 232 -16.32 38.73 66.06
CA ILE E 232 -16.89 37.53 65.47
C ILE E 232 -15.80 36.49 65.19
N ALA E 233 -14.70 36.93 64.56
CA ALA E 233 -13.59 36.05 64.20
C ALA E 233 -12.95 35.39 65.42
N SER E 234 -12.95 36.14 66.53
CA SER E 234 -12.36 35.70 67.79
C SER E 234 -13.33 35.08 68.79
N HIS E 235 -14.60 34.95 68.42
CA HIS E 235 -15.61 34.54 69.39
C HIS E 235 -15.50 33.06 69.73
N GLU E 236 -15.55 32.74 71.02
CA GLU E 236 -15.39 31.38 71.49
C GLU E 236 -16.57 30.45 71.20
N ASP E 237 -17.70 31.00 70.75
CA ASP E 237 -18.88 30.17 70.49
C ASP E 237 -19.40 30.30 69.06
N VAL E 238 -18.54 30.82 68.18
CA VAL E 238 -18.80 30.86 66.74
C VAL E 238 -18.05 29.66 66.18
N ASP E 239 -18.78 28.77 65.50
CA ASP E 239 -18.23 27.51 65.00
C ASP E 239 -17.46 27.65 63.68
N LYS E 240 -17.78 28.69 62.93
CA LYS E 240 -17.29 28.83 61.55
C LYS E 240 -17.38 30.30 61.19
N VAL E 241 -16.40 30.77 60.43
CA VAL E 241 -16.41 32.14 59.93
C VAL E 241 -16.12 32.10 58.43
N ALA E 242 -16.89 32.90 57.69
CA ALA E 242 -16.66 33.08 56.27
C ALA E 242 -16.40 34.55 56.09
N PHE E 243 -15.22 34.86 55.59
CA PHE E 243 -14.84 36.22 55.34
C PHE E 243 -14.64 36.50 53.85
N ALA E 244 -15.22 37.59 53.37
CA ALA E 244 -14.89 38.12 52.05
C ALA E 244 -14.37 39.57 52.16
N GLY E 245 -13.22 39.82 51.53
CA GLY E 245 -12.59 41.13 51.57
C GLY E 245 -11.12 41.09 51.15
N SER E 246 -10.30 41.95 51.74
CA SER E 246 -8.87 42.03 51.41
C SER E 246 -8.07 40.82 51.89
N THR E 247 -7.04 40.47 51.11
CA THR E 247 -6.10 39.42 51.49
C THR E 247 -5.48 39.73 52.86
N GLU E 248 -5.14 41.01 53.08
CA GLU E 248 -4.61 41.51 54.35
C GLU E 248 -5.50 41.17 55.57
N ILE E 249 -6.80 41.37 55.44
CA ILE E 249 -7.72 41.07 56.55
C ILE E 249 -8.03 39.58 56.64
N GLY E 250 -7.94 38.88 55.51
CA GLY E 250 -8.04 37.42 55.49
C GLY E 250 -7.06 36.72 56.43
N ARG E 251 -5.84 37.24 56.49
CA ARG E 251 -4.79 36.76 57.39
C ARG E 251 -5.16 36.97 58.86
N VAL E 252 -5.65 38.17 59.18
CA VAL E 252 -6.13 38.53 60.51
C VAL E 252 -7.25 37.56 60.96
N ILE E 253 -8.17 37.23 60.04
CA ILE E 253 -9.26 36.27 60.32
C ILE E 253 -8.73 34.87 60.63
N GLN E 254 -7.89 34.31 59.76
CA GLN E 254 -7.31 32.97 60.00
C GLN E 254 -6.52 32.92 61.31
N VAL E 255 -5.76 33.99 61.60
CA VAL E 255 -4.99 34.05 62.86
C VAL E 255 -5.90 34.06 64.09
N ALA E 256 -6.96 34.89 64.02
CA ALA E 256 -7.93 35.02 65.11
C ALA E 256 -8.69 33.71 65.39
N ALA E 257 -8.95 32.95 64.33
CA ALA E 257 -9.63 31.65 64.42
C ALA E 257 -8.73 30.60 65.08
N GLY E 258 -7.46 30.56 64.69
CA GLY E 258 -6.46 29.69 65.35
C GLY E 258 -6.13 30.10 66.77
N SER E 259 -6.24 31.40 67.06
CA SER E 259 -5.96 31.97 68.40
C SER E 259 -7.13 31.81 69.38
N SER E 260 -8.32 31.56 68.85
CA SER E 260 -9.52 31.43 69.70
C SER E 260 -9.92 29.96 69.84
N ASN E 261 -10.97 29.54 69.13
CA ASN E 261 -11.59 28.22 69.38
C ASN E 261 -11.44 27.21 68.24
N LEU E 262 -10.48 27.45 67.34
CA LEU E 262 -10.25 26.66 66.13
C LEU E 262 -11.48 26.54 65.20
N LYS E 263 -12.28 27.60 65.16
CA LYS E 263 -13.43 27.67 64.25
C LYS E 263 -12.98 27.41 62.82
N ARG E 264 -13.91 26.88 62.03
CA ARG E 264 -13.66 26.59 60.62
CA ARG E 264 -13.63 26.60 60.62
C ARG E 264 -13.63 27.90 59.84
N VAL E 265 -12.76 27.98 58.83
CA VAL E 265 -12.54 29.23 58.09
C VAL E 265 -12.56 29.02 56.59
N THR E 266 -13.34 29.87 55.90
CA THR E 266 -13.24 30.06 54.45
C THR E 266 -13.02 31.55 54.16
N LEU E 267 -12.30 31.84 53.08
CA LEU E 267 -11.88 33.19 52.73
C LEU E 267 -12.05 33.45 51.24
N GLU E 268 -12.55 34.63 50.92
CA GLU E 268 -12.70 35.07 49.54
C GLU E 268 -12.05 36.43 49.51
N LEU E 269 -10.86 36.47 48.91
CA LEU E 269 -9.96 37.58 49.03
C LEU E 269 -9.74 38.29 47.68
N GLY E 270 -8.62 38.95 47.52
CA GLY E 270 -8.46 39.75 46.30
C GLY E 270 -8.01 38.95 45.09
N GLY E 271 -7.79 39.67 43.98
CA GLY E 271 -7.13 39.09 42.82
C GLY E 271 -6.37 40.13 42.02
N LYS E 272 -5.54 39.65 41.10
CA LYS E 272 -5.03 40.48 40.02
C LYS E 272 -5.17 39.63 38.76
N SER E 273 -6.41 39.38 38.36
CA SER E 273 -6.74 38.29 37.43
C SER E 273 -6.25 38.55 36.00
N PRO E 274 -5.57 37.57 35.39
CA PRO E 274 -5.18 37.84 34.00
C PRO E 274 -6.28 37.52 32.97
N ASN E 275 -6.41 38.38 31.98
CA ASN E 275 -7.33 38.19 30.87
C ASN E 275 -6.48 38.07 29.61
N ILE E 276 -6.37 36.85 29.07
CA ILE E 276 -5.43 36.57 27.97
C ILE E 276 -6.11 36.62 26.58
N ILE E 277 -5.62 37.53 25.74
CA ILE E 277 -6.14 37.72 24.38
C ILE E 277 -5.17 37.14 23.35
N MET E 278 -5.47 35.94 22.85
CA MET E 278 -4.66 35.29 21.82
C MET E 278 -4.92 35.93 20.46
N SER E 279 -3.93 35.88 19.57
CA SER E 279 -4.06 36.56 18.27
C SER E 279 -5.23 36.06 17.42
N ASP E 280 -5.69 34.82 17.63
CA ASP E 280 -6.85 34.30 16.89
C ASP E 280 -8.21 34.57 17.54
N ALA E 281 -8.24 35.48 18.53
CA ALA E 281 -9.51 35.84 19.18
C ALA E 281 -10.42 36.60 18.20
N ASP E 282 -11.73 36.54 18.45
CA ASP E 282 -12.68 37.46 17.83
C ASP E 282 -12.42 38.82 18.43
N MET E 283 -11.87 39.72 17.61
CA MET E 283 -11.34 40.98 18.09
C MET E 283 -12.39 41.84 18.78
N ASP E 284 -13.52 42.05 18.12
CA ASP E 284 -14.58 42.93 18.61
C ASP E 284 -15.19 42.42 19.91
N TRP E 285 -15.40 41.11 19.97
CA TRP E 285 -15.90 40.46 21.19
C TRP E 285 -14.87 40.59 22.30
N ALA E 286 -13.61 40.22 22.01
CA ALA E 286 -12.49 40.40 22.97
C ALA E 286 -12.39 41.80 23.54
N VAL E 287 -12.40 42.83 22.67
CA VAL E 287 -12.37 44.25 23.12
C VAL E 287 -13.53 44.61 24.10
N GLU E 288 -14.74 44.20 23.75
CA GLU E 288 -15.93 44.52 24.54
C GLU E 288 -15.93 43.74 25.86
N GLN E 289 -15.51 42.47 25.80
CA GLN E 289 -15.42 41.60 26.97
C GLN E 289 -14.27 41.99 27.89
N ALA E 290 -13.18 42.53 27.33
CA ALA E 290 -12.08 43.04 28.13
C ALA E 290 -12.41 44.32 28.87
N HIS E 291 -13.23 45.16 28.26
CA HIS E 291 -13.70 46.37 28.88
C HIS E 291 -14.59 46.03 30.08
N PHE E 292 -15.56 45.16 29.84
CA PHE E 292 -16.47 44.69 30.87
C PHE E 292 -15.70 44.03 32.01
N ALA E 293 -14.69 43.24 31.65
CA ALA E 293 -13.91 42.48 32.62
C ALA E 293 -13.24 43.36 33.64
N LEU E 294 -12.75 44.52 33.18
CA LEU E 294 -12.03 45.46 34.04
C LEU E 294 -12.98 46.46 34.69
N PHE E 295 -13.81 47.10 33.87
CA PHE E 295 -14.64 48.22 34.32
C PHE E 295 -15.94 47.91 35.09
N PHE E 296 -16.41 46.66 35.03
CA PHE E 296 -17.66 46.29 35.69
C PHE E 296 -17.67 46.74 37.14
N ASN E 297 -18.83 47.27 37.55
CA ASN E 297 -19.05 47.71 38.92
C ASN E 297 -18.02 48.74 39.40
N GLN E 298 -17.65 49.68 38.53
CA GLN E 298 -16.68 50.74 38.87
C GLN E 298 -15.28 50.17 39.12
N GLY E 299 -15.00 49.00 38.54
CA GLY E 299 -13.73 48.30 38.74
C GLY E 299 -13.64 47.59 40.09
N GLN E 300 -14.73 47.63 40.86
CA GLN E 300 -14.74 47.10 42.23
C GLN E 300 -15.20 45.66 42.27
N CYS E 301 -14.40 44.78 41.69
N CYS E 301 -14.41 44.80 41.64
CA CYS E 301 -14.76 43.36 41.57
CA CYS E 301 -14.68 43.38 41.55
C CYS E 301 -13.51 42.52 41.84
C CYS E 301 -13.43 42.62 41.96
N CYS E 302 -13.62 41.61 42.82
CA CYS E 302 -12.55 40.71 43.23
C CYS E 302 -11.83 40.05 42.05
N CYS E 303 -12.61 39.67 41.04
CA CYS E 303 -12.09 38.97 39.89
C CYS E 303 -11.96 39.89 38.65
N ALA E 304 -11.81 41.20 38.86
CA ALA E 304 -11.58 42.12 37.73
C ALA E 304 -10.42 41.62 36.85
N GLY E 305 -10.62 41.65 35.53
CA GLY E 305 -9.55 41.32 34.58
C GLY E 305 -8.57 42.48 34.50
N SER E 306 -7.68 42.55 35.49
CA SER E 306 -6.84 43.71 35.71
C SER E 306 -5.42 43.53 35.14
N ARG E 307 -5.11 42.37 34.58
CA ARG E 307 -3.93 42.25 33.72
C ARG E 307 -4.45 41.76 32.36
N THR E 308 -4.58 42.68 31.40
CA THR E 308 -5.05 42.33 30.04
C THR E 308 -3.81 42.02 29.18
N PHE E 309 -3.53 40.73 28.99
CA PHE E 309 -2.40 40.29 28.19
C PHE E 309 -2.85 40.18 26.75
N VAL E 310 -2.12 40.85 25.84
CA VAL E 310 -2.52 40.92 24.44
C VAL E 310 -1.33 40.52 23.53
N GLN E 311 -1.56 39.55 22.65
N GLN E 311 -1.55 39.53 22.66
CA GLN E 311 -0.53 39.02 21.76
CA GLN E 311 -0.49 38.99 21.80
C GLN E 311 -0.05 40.14 20.84
C GLN E 311 -0.05 40.08 20.82
N GLU E 312 1.26 40.20 20.63
CA GLU E 312 1.89 41.35 19.97
C GLU E 312 1.34 41.69 18.58
N ASP E 313 0.96 40.69 17.80
CA ASP E 313 0.46 40.90 16.42
C ASP E 313 -0.89 41.60 16.42
N ILE E 314 -1.64 41.50 17.52
CA ILE E 314 -2.95 42.17 17.59
C ILE E 314 -2.97 43.34 18.57
N TYR E 315 -1.81 43.65 19.16
CA TYR E 315 -1.72 44.60 20.25
C TYR E 315 -2.19 46.01 19.88
N ASP E 316 -1.72 46.55 18.75
CA ASP E 316 -2.03 47.94 18.38
C ASP E 316 -3.50 48.14 18.12
N GLU E 317 -4.11 47.23 17.36
CA GLU E 317 -5.56 47.27 17.11
C GLU E 317 -6.39 47.09 18.39
N PHE E 318 -6.03 46.09 19.19
CA PHE E 318 -6.73 45.86 20.46
C PHE E 318 -6.67 47.09 21.34
N VAL E 319 -5.50 47.72 21.42
CA VAL E 319 -5.32 48.91 22.26
C VAL E 319 -6.18 50.07 21.76
N GLU E 320 -6.11 50.40 20.46
CA GLU E 320 -6.90 51.52 19.92
C GLU E 320 -8.41 51.33 20.12
N ARG E 321 -8.90 50.10 19.88
CA ARG E 321 -10.31 49.79 20.13
C ARG E 321 -10.68 49.92 21.60
N SER E 322 -9.79 49.43 22.49
CA SER E 322 -10.00 49.53 23.93
C SER E 322 -10.06 50.99 24.43
N VAL E 323 -9.17 51.84 23.93
CA VAL E 323 -9.15 53.28 24.27
C VAL E 323 -10.44 53.97 23.83
N ALA E 324 -10.88 53.67 22.60
CA ALA E 324 -12.11 54.21 22.04
C ALA E 324 -13.29 53.81 22.93
N ARG E 325 -13.34 52.53 23.28
CA ARG E 325 -14.41 51.99 24.11
C ARG E 325 -14.44 52.61 25.50
N ALA E 326 -13.26 52.80 26.09
CA ALA E 326 -13.14 53.39 27.44
C ALA E 326 -13.63 54.84 27.44
N LYS E 327 -13.19 55.58 26.43
CA LYS E 327 -13.57 56.98 26.26
C LYS E 327 -15.07 57.19 26.10
N SER E 328 -15.76 56.24 25.49
CA SER E 328 -17.21 56.33 25.29
C SER E 328 -18.03 55.89 26.53
N ARG E 329 -17.38 55.31 27.55
CA ARG E 329 -18.06 54.93 28.80
C ARG E 329 -18.63 56.16 29.53
N VAL E 330 -19.94 56.16 29.79
CA VAL E 330 -20.65 57.33 30.34
C VAL E 330 -20.62 57.28 31.87
N VAL E 331 -19.97 58.27 32.46
CA VAL E 331 -19.89 58.43 33.92
C VAL E 331 -20.91 59.48 34.33
N GLY E 332 -21.76 59.17 35.32
CA GLY E 332 -22.75 60.16 35.77
C GLY E 332 -23.58 59.74 36.97
N ASN E 333 -24.61 60.53 37.25
CA ASN E 333 -25.59 60.20 38.30
C ASN E 333 -26.07 58.76 38.07
N PRO E 334 -25.86 57.87 39.06
CA PRO E 334 -26.23 56.46 38.87
C PRO E 334 -27.73 56.24 38.71
N PHE E 335 -28.53 57.26 39.08
CA PHE E 335 -29.96 57.21 38.83
C PHE E 335 -30.37 57.62 37.40
N ASP E 336 -29.43 58.14 36.61
CA ASP E 336 -29.75 58.49 35.21
C ASP E 336 -29.65 57.27 34.29
N SER E 337 -30.68 57.04 33.48
CA SER E 337 -30.70 55.90 32.54
C SER E 337 -29.47 55.81 31.59
N LYS E 338 -28.85 56.94 31.27
CA LYS E 338 -27.72 57.00 30.33
C LYS E 338 -26.39 56.56 30.99
N THR E 339 -26.38 56.54 32.31
CA THR E 339 -25.16 56.30 33.11
C THR E 339 -24.69 54.85 33.06
N GLU E 340 -23.43 54.65 32.70
CA GLU E 340 -22.81 53.32 32.71
C GLU E 340 -21.88 53.10 33.91
N GLN E 341 -21.39 54.20 34.49
CA GLN E 341 -20.45 54.13 35.60
C GLN E 341 -20.80 55.15 36.68
N GLY E 342 -20.96 54.67 37.91
CA GLY E 342 -21.22 55.55 39.03
C GLY E 342 -19.93 56.00 39.69
N PRO E 343 -20.06 56.54 40.92
CA PRO E 343 -18.92 56.88 41.75
C PRO E 343 -18.28 55.64 42.38
N GLN E 344 -17.06 55.80 42.88
CA GLN E 344 -16.47 54.80 43.77
C GLN E 344 -17.18 54.86 45.12
N VAL E 345 -17.02 53.81 45.93
CA VAL E 345 -17.85 53.62 47.14
C VAL E 345 -17.68 54.70 48.22
N ASP E 346 -16.45 55.21 48.36
CA ASP E 346 -16.12 56.21 49.38
C ASP E 346 -14.83 56.97 49.08
N GLU E 347 -14.59 58.03 49.85
CA GLU E 347 -13.46 58.93 49.65
C GLU E 347 -12.11 58.23 49.80
N THR E 348 -12.03 57.27 50.72
CA THR E 348 -10.79 56.52 50.92
C THR E 348 -10.42 55.79 49.63
N GLN E 349 -11.35 55.01 49.10
CA GLN E 349 -11.15 54.29 47.83
C GLN E 349 -10.88 55.25 46.67
N PHE E 350 -11.66 56.33 46.61
CA PHE E 350 -11.48 57.42 45.63
C PHE E 350 -10.03 57.90 45.55
N LYS E 351 -9.43 58.21 46.70
CA LYS E 351 -8.05 58.72 46.75
C LYS E 351 -7.00 57.64 46.49
N LYS E 352 -7.26 56.44 46.97
CA LYS E 352 -6.39 55.29 46.75
C LYS E 352 -6.24 54.96 45.26
N ILE E 353 -7.36 55.03 44.52
CA ILE E 353 -7.35 54.79 43.07
C ILE E 353 -6.57 55.90 42.35
N LEU E 354 -6.86 57.15 42.70
CA LEU E 354 -6.12 58.29 42.13
C LEU E 354 -4.63 58.20 42.43
N GLY E 355 -4.29 57.65 43.59
CA GLY E 355 -2.90 57.34 43.95
C GLY E 355 -2.23 56.30 43.07
N TYR E 356 -2.95 55.22 42.78
CA TYR E 356 -2.44 54.22 41.84
C TYR E 356 -2.25 54.78 40.42
N ILE E 357 -3.14 55.67 39.99
CA ILE E 357 -3.04 56.25 38.66
C ILE E 357 -1.74 57.06 38.53
N ASN E 358 -1.43 57.81 39.58
CA ASN E 358 -0.16 58.56 39.66
C ASN E 358 1.07 57.66 39.66
N THR E 359 0.97 56.55 40.38
CA THR E 359 2.03 55.55 40.43
C THR E 359 2.22 54.97 39.01
N GLY E 360 1.11 54.75 38.30
CA GLY E 360 1.16 54.19 36.94
C GLY E 360 1.96 55.05 35.98
N LYS E 361 1.67 56.34 36.01
CA LYS E 361 2.37 57.35 35.19
C LYS E 361 3.84 57.45 35.52
N GLN E 362 4.15 57.57 36.81
CA GLN E 362 5.51 57.71 37.27
C GLN E 362 6.39 56.51 36.96
N GLU E 363 5.83 55.31 37.04
CA GLU E 363 6.63 54.11 36.81
C GLU E 363 6.81 53.79 35.33
N GLY E 364 6.28 54.66 34.46
CA GLY E 364 6.59 54.58 33.03
C GLY E 364 5.58 53.82 32.16
N ALA E 365 4.41 53.52 32.71
CA ALA E 365 3.33 53.02 31.87
C ALA E 365 2.73 54.16 31.06
N LYS E 366 2.24 53.83 29.87
CA LYS E 366 1.72 54.81 28.94
C LYS E 366 0.25 55.09 29.21
N LEU E 367 -0.06 56.27 29.73
CA LEU E 367 -1.44 56.70 29.95
C LEU E 367 -2.10 56.95 28.59
N LEU E 368 -3.18 56.22 28.30
CA LEU E 368 -3.80 56.26 26.98
C LEU E 368 -5.12 57.03 26.97
N CYS E 369 -5.74 57.17 28.14
CA CYS E 369 -6.97 57.96 28.31
C CYS E 369 -7.33 58.05 29.79
N GLY E 370 -8.22 58.98 30.11
CA GLY E 370 -8.67 59.23 31.46
C GLY E 370 -7.52 59.70 32.34
N GLY E 371 -7.45 59.18 33.55
CA GLY E 371 -6.38 59.52 34.50
C GLY E 371 -6.73 60.54 35.58
N GLY E 372 -7.95 61.10 35.55
CA GLY E 372 -8.35 62.08 36.54
C GLY E 372 -9.75 61.92 37.14
N ILE E 373 -10.12 62.84 38.01
CA ILE E 373 -11.46 62.94 38.58
C ILE E 373 -12.45 63.29 37.46
N ALA E 374 -13.66 62.74 37.52
CA ALA E 374 -14.62 62.87 36.42
C ALA E 374 -15.76 63.85 36.66
N ALA E 375 -15.91 64.31 37.91
CA ALA E 375 -17.02 65.19 38.30
C ALA E 375 -16.60 66.07 39.47
N ASP E 376 -17.32 67.17 39.66
CA ASP E 376 -16.99 68.15 40.71
C ASP E 376 -17.40 67.64 42.10
N ARG E 377 -18.47 66.85 42.14
CA ARG E 377 -19.11 66.40 43.38
C ARG E 377 -19.18 64.86 43.37
N GLY E 378 -18.93 64.23 44.52
CA GLY E 378 -18.96 62.77 44.64
C GLY E 378 -17.67 62.11 44.16
N TYR E 379 -17.59 60.78 44.21
CA TYR E 379 -16.32 60.07 43.97
C TYR E 379 -16.18 59.46 42.57
N PHE E 380 -16.30 60.31 41.54
CA PHE E 380 -16.28 59.89 40.15
C PHE E 380 -14.88 59.97 39.56
N ILE E 381 -14.48 58.91 38.87
CA ILE E 381 -13.16 58.83 38.24
C ILE E 381 -13.33 58.46 36.75
N GLN E 382 -12.52 59.09 35.88
CA GLN E 382 -12.53 58.78 34.46
C GLN E 382 -12.03 57.36 34.19
N PRO E 383 -12.73 56.59 33.32
CA PRO E 383 -12.16 55.35 32.81
C PRO E 383 -10.76 55.60 32.29
N THR E 384 -9.80 54.83 32.83
CA THR E 384 -8.39 55.04 32.61
C THR E 384 -7.78 53.76 32.04
N VAL E 385 -7.04 53.92 30.94
CA VAL E 385 -6.31 52.81 30.33
C VAL E 385 -4.82 53.10 30.30
N PHE E 386 -4.01 52.14 30.75
CA PHE E 386 -2.55 52.19 30.64
C PHE E 386 -2.05 51.15 29.65
N GLY E 387 -1.11 51.54 28.80
CA GLY E 387 -0.49 50.65 27.83
C GLY E 387 0.97 50.35 28.15
N ASP E 388 1.53 49.36 27.45
CA ASP E 388 2.93 48.94 27.63
C ASP E 388 3.25 48.71 29.11
N VAL E 389 2.35 48.01 29.81
CA VAL E 389 2.54 47.70 31.23
C VAL E 389 3.50 46.51 31.34
N GLN E 390 4.36 46.54 32.34
CA GLN E 390 5.35 45.49 32.59
C GLN E 390 5.02 44.77 33.90
N ASP E 391 5.42 43.50 34.01
CA ASP E 391 5.04 42.67 35.18
C ASP E 391 5.45 43.28 36.53
N GLY E 392 6.61 43.98 36.55
CA GLY E 392 7.20 44.55 37.76
C GLY E 392 6.58 45.84 38.28
N MET E 393 5.72 46.46 37.47
CA MET E 393 5.10 47.73 37.82
C MET E 393 4.06 47.54 38.91
N THR E 394 3.94 48.53 39.80
CA THR E 394 2.95 48.49 40.87
C THR E 394 1.51 48.23 40.40
N ILE E 395 1.07 48.95 39.35
CA ILE E 395 -0.26 48.76 38.75
C ILE E 395 -0.48 47.38 38.10
N ALA E 396 0.60 46.63 37.87
CA ALA E 396 0.51 45.26 37.37
C ALA E 396 0.44 44.24 38.51
N LYS E 397 0.76 44.69 39.71
CA LYS E 397 0.91 43.78 40.85
C LYS E 397 -0.21 43.96 41.88
N GLU E 398 -0.51 45.21 42.23
CA GLU E 398 -1.48 45.49 43.29
C GLU E 398 -2.90 45.65 42.76
N GLU E 399 -3.86 45.14 43.53
CA GLU E 399 -5.29 45.30 43.23
C GLU E 399 -5.71 46.78 43.35
N ILE E 400 -6.08 47.38 42.23
CA ILE E 400 -6.47 48.79 42.23
C ILE E 400 -7.93 48.98 42.67
N PHE E 401 -8.83 48.11 42.18
CA PHE E 401 -10.25 48.13 42.59
C PHE E 401 -10.94 49.42 42.13
N GLY E 402 -10.59 49.87 40.93
CA GLY E 402 -11.20 51.05 40.33
C GLY E 402 -11.05 50.98 38.82
N PRO E 403 -11.60 51.99 38.10
CA PRO E 403 -11.63 51.91 36.64
C PRO E 403 -10.26 52.21 35.99
N VAL E 404 -9.29 51.34 36.23
CA VAL E 404 -7.90 51.47 35.76
C VAL E 404 -7.44 50.16 35.12
N MET E 405 -7.26 50.21 33.80
CA MET E 405 -6.96 49.05 32.96
C MET E 405 -5.45 48.96 32.65
N GLN E 406 -4.93 47.75 32.73
CA GLN E 406 -3.52 47.45 32.45
C GLN E 406 -3.47 46.58 31.20
N ILE E 407 -2.83 47.07 30.15
CA ILE E 407 -2.65 46.28 28.92
C ILE E 407 -1.17 45.91 28.78
N LEU E 408 -0.90 44.61 28.71
CA LEU E 408 0.44 44.06 28.62
C LEU E 408 0.59 43.30 27.31
N LYS E 409 1.76 43.44 26.68
CA LYS E 409 2.07 42.76 25.43
C LYS E 409 2.81 41.45 25.70
N PHE E 410 2.50 40.43 24.92
CA PHE E 410 3.23 39.16 24.98
C PHE E 410 3.43 38.53 23.60
N LYS E 411 4.39 37.62 23.51
CA LYS E 411 4.67 36.94 22.24
C LYS E 411 4.06 35.56 22.16
N THR E 412 4.42 34.69 23.10
CA THR E 412 4.17 33.27 22.95
C THR E 412 3.14 32.76 23.97
N ILE E 413 2.59 31.58 23.69
CA ILE E 413 1.66 30.91 24.60
C ILE E 413 2.34 30.52 25.91
N GLU E 414 3.59 30.04 25.82
CA GLU E 414 4.36 29.59 27.00
C GLU E 414 4.73 30.74 27.91
N GLU E 415 5.06 31.88 27.29
CA GLU E 415 5.28 33.15 27.97
C GLU E 415 4.04 33.64 28.73
N VAL E 416 2.88 33.72 28.07
CA VAL E 416 1.71 34.26 28.75
C VAL E 416 1.25 33.40 29.94
N VAL E 417 1.44 32.08 29.85
CA VAL E 417 1.08 31.15 30.92
C VAL E 417 1.93 31.40 32.15
N GLY E 418 3.26 31.46 31.96
CA GLY E 418 4.15 31.75 33.07
C GLY E 418 3.93 33.11 33.73
N ARG E 419 3.63 34.13 32.93
CA ARG E 419 3.47 35.50 33.45
C ARG E 419 2.11 35.67 34.13
N ALA E 420 1.05 35.11 33.54
CA ALA E 420 -0.27 35.04 34.18
C ALA E 420 -0.18 34.36 35.56
N ASN E 421 0.62 33.31 35.63
CA ASN E 421 0.71 32.47 36.84
C ASN E 421 1.69 32.98 37.87
N ASN E 422 2.59 33.86 37.45
CA ASN E 422 3.56 34.48 38.35
C ASN E 422 2.88 35.54 39.20
N SER E 423 2.13 35.07 40.19
CA SER E 423 1.22 35.91 40.96
C SER E 423 0.95 35.19 42.26
N THR E 424 0.83 35.94 43.35
CA THR E 424 0.42 35.34 44.61
C THR E 424 -1.10 35.26 44.65
N TYR E 425 -1.78 35.89 43.67
CA TYR E 425 -3.24 35.80 43.52
C TYR E 425 -3.57 34.66 42.58
N GLY E 426 -4.82 34.20 42.63
CA GLY E 426 -5.31 33.16 41.72
C GLY E 426 -6.82 33.05 41.76
N LEU E 427 -7.51 34.19 41.70
CA LEU E 427 -8.97 34.17 41.84
C LEU E 427 -9.63 33.69 40.54
N ALA E 428 -9.31 34.38 39.44
CA ALA E 428 -9.90 34.04 38.17
C ALA E 428 -8.85 34.26 37.06
N ALA E 429 -9.23 33.93 35.82
CA ALA E 429 -8.41 34.11 34.63
C ALA E 429 -9.34 33.94 33.43
N ALA E 430 -9.03 34.58 32.30
CA ALA E 430 -9.81 34.30 31.09
C ALA E 430 -8.91 34.12 29.88
N VAL E 431 -9.44 33.40 28.89
CA VAL E 431 -8.77 33.17 27.63
C VAL E 431 -9.70 33.49 26.46
N PHE E 432 -9.18 34.28 25.52
CA PHE E 432 -9.89 34.58 24.28
C PHE E 432 -9.12 34.02 23.09
N THR E 433 -9.73 33.03 22.44
CA THR E 433 -9.15 32.29 21.33
C THR E 433 -10.25 31.49 20.60
N LYS E 434 -10.06 31.27 19.30
CA LYS E 434 -10.96 30.43 18.53
C LYS E 434 -10.49 28.98 18.52
N ASP E 435 -9.25 28.74 18.95
CA ASP E 435 -8.59 27.43 18.83
C ASP E 435 -8.92 26.50 19.98
N LEU E 436 -9.46 25.32 19.64
CA LEU E 436 -9.79 24.28 20.63
C LEU E 436 -8.64 23.91 21.56
N ASP E 437 -7.48 23.58 20.95
CA ASP E 437 -6.29 23.18 21.67
C ASP E 437 -5.71 24.26 22.56
N LYS E 438 -5.69 25.52 22.07
CA LYS E 438 -5.22 26.64 22.90
C LYS E 438 -6.10 26.81 24.13
N ALA E 439 -7.41 26.81 23.92
CA ALA E 439 -8.40 26.89 24.99
C ALA E 439 -8.17 25.82 26.08
N ASN E 440 -8.06 24.57 25.67
CA ASN E 440 -7.85 23.47 26.61
C ASN E 440 -6.50 23.52 27.32
N TYR E 441 -5.44 23.76 26.56
CA TYR E 441 -4.11 24.00 27.14
C TYR E 441 -4.11 25.12 28.20
N LEU E 442 -4.71 26.27 27.90
CA LEU E 442 -4.65 27.41 28.82
C LEU E 442 -5.52 27.18 30.06
N SER E 443 -6.72 26.64 29.88
CA SER E 443 -7.65 26.46 31.00
C SER E 443 -7.10 25.44 32.02
N GLN E 444 -6.38 24.44 31.52
CA GLN E 444 -5.70 23.52 32.42
C GLN E 444 -4.53 24.19 33.10
N ALA E 445 -3.72 24.92 32.33
CA ALA E 445 -2.42 25.42 32.85
C ALA E 445 -2.54 26.60 33.81
N LEU E 446 -3.60 27.39 33.68
CA LEU E 446 -3.74 28.60 34.47
C LEU E 446 -4.13 28.27 35.91
N GLN E 447 -3.41 28.85 36.86
CA GLN E 447 -3.62 28.55 38.28
C GLN E 447 -4.63 29.54 38.89
N ALA E 448 -5.91 29.24 38.68
CA ALA E 448 -7.00 30.13 39.08
C ALA E 448 -8.27 29.36 39.33
N GLY E 449 -9.12 29.90 40.21
CA GLY E 449 -10.32 29.21 40.66
C GLY E 449 -11.39 29.08 39.59
N THR E 450 -11.51 30.12 38.76
CA THR E 450 -12.38 30.12 37.56
C THR E 450 -11.55 30.55 36.36
N VAL E 451 -11.68 29.82 35.25
CA VAL E 451 -11.12 30.23 33.96
C VAL E 451 -12.29 30.41 33.00
N TRP E 452 -12.53 31.66 32.56
CA TRP E 452 -13.54 31.94 31.53
C TRP E 452 -12.93 31.81 30.14
N VAL E 453 -13.66 31.19 29.23
CA VAL E 453 -13.20 31.04 27.85
C VAL E 453 -14.14 31.80 26.94
N ASN E 454 -13.58 32.79 26.23
CA ASN E 454 -14.35 33.71 25.38
C ASN E 454 -15.52 34.39 26.10
N CYS E 455 -15.35 34.62 27.41
CA CYS E 455 -16.29 35.37 28.23
C CYS E 455 -15.57 35.84 29.49
N TYR E 456 -16.29 36.57 30.35
CA TYR E 456 -15.72 37.08 31.60
C TYR E 456 -16.88 37.38 32.55
N ASP E 457 -16.64 37.25 33.85
CA ASP E 457 -17.65 37.57 34.87
C ASP E 457 -18.99 36.86 34.61
N VAL E 458 -18.91 35.61 34.19
CA VAL E 458 -20.08 34.80 34.03
C VAL E 458 -20.24 34.03 35.34
N PHE E 459 -21.10 34.55 36.21
CA PHE E 459 -21.40 33.89 37.46
C PHE E 459 -22.74 33.17 37.34
N GLY E 460 -22.76 31.93 37.77
CA GLY E 460 -24.01 31.20 37.87
C GLY E 460 -24.09 30.65 39.26
N ALA E 461 -25.28 30.68 39.84
CA ALA E 461 -25.53 30.09 41.15
C ALA E 461 -25.08 28.64 41.17
N GLN E 462 -25.02 28.00 39.99
CA GLN E 462 -24.76 26.55 39.84
C GLN E 462 -23.26 26.21 39.86
N SER E 463 -22.42 27.18 39.51
CA SER E 463 -20.99 26.93 39.36
C SER E 463 -20.19 27.54 40.51
N PRO E 464 -19.25 26.77 41.07
CA PRO E 464 -18.49 27.26 42.25
C PRO E 464 -17.53 28.40 41.87
N PHE E 465 -17.15 29.18 42.86
CA PHE E 465 -16.33 30.36 42.67
C PHE E 465 -15.40 30.47 43.87
N GLY E 466 -14.11 30.64 43.65
CA GLY E 466 -13.22 30.91 44.77
C GLY E 466 -11.76 30.91 44.37
N GLY E 467 -10.88 31.26 45.32
CA GLY E 467 -9.45 31.43 45.07
C GLY E 467 -8.53 30.23 45.04
N TYR E 468 -7.52 30.31 44.17
CA TYR E 468 -6.26 29.62 44.38
C TYR E 468 -5.33 30.56 45.17
N LYS E 469 -4.25 30.00 45.69
CA LYS E 469 -3.18 30.74 46.34
C LYS E 469 -3.71 31.72 47.40
N MET E 470 -3.31 32.98 47.35
CA MET E 470 -3.72 33.92 48.39
C MET E 470 -4.98 34.71 48.07
N SER E 471 -5.68 34.29 47.00
CA SER E 471 -7.01 34.76 46.68
C SER E 471 -8.14 34.15 47.53
N GLY E 472 -7.77 33.22 48.42
CA GLY E 472 -8.71 32.64 49.38
C GLY E 472 -8.64 31.13 49.47
N SER E 473 -9.59 30.54 50.20
CA SER E 473 -9.74 29.07 50.22
C SER E 473 -11.20 28.70 50.39
N GLY E 474 -11.57 27.51 49.92
CA GLY E 474 -12.99 27.12 49.90
C GLY E 474 -13.67 27.68 48.66
N ARG E 475 -14.90 27.20 48.41
CA ARG E 475 -15.67 27.63 47.26
C ARG E 475 -17.07 28.07 47.66
N GLU E 476 -17.55 29.12 47.00
CA GLU E 476 -18.94 29.52 47.15
C GLU E 476 -19.69 29.20 45.88
N LEU E 477 -21.03 29.17 45.97
CA LEU E 477 -21.92 28.82 44.87
C LEU E 477 -21.82 27.35 44.49
N GLY E 478 -22.78 26.89 43.69
CA GLY E 478 -22.88 25.47 43.37
C GLY E 478 -23.07 24.55 44.59
N GLU E 479 -22.94 23.25 44.33
CA GLU E 479 -23.04 22.24 45.36
C GLU E 479 -21.88 22.39 46.34
N TYR E 480 -20.73 22.84 45.83
CA TYR E 480 -19.52 23.05 46.64
C TYR E 480 -19.71 24.03 47.80
N GLY E 481 -20.52 25.06 47.57
CA GLY E 481 -20.86 26.09 48.56
C GLY E 481 -21.49 25.59 49.84
N LEU E 482 -22.01 24.36 49.81
CA LEU E 482 -22.60 23.67 50.97
C LEU E 482 -21.58 22.99 51.89
N GLN E 483 -20.43 22.59 51.31
N GLN E 483 -20.43 22.59 51.34
CA GLN E 483 -19.40 21.84 52.03
CA GLN E 483 -19.43 21.81 52.08
C GLN E 483 -18.92 22.50 53.32
C GLN E 483 -18.95 22.51 53.35
N ALA E 484 -18.67 23.81 53.25
CA ALA E 484 -18.20 24.63 54.41
C ALA E 484 -19.24 24.81 55.48
N TYR E 485 -20.51 24.58 55.12
CA TYR E 485 -21.63 24.76 56.01
C TYR E 485 -22.14 23.45 56.62
N THR E 486 -21.40 22.38 56.37
CA THR E 486 -21.80 21.04 56.78
C THR E 486 -20.76 20.42 57.72
N GLU E 487 -21.22 19.91 58.87
CA GLU E 487 -20.41 19.05 59.73
C GLU E 487 -20.81 17.57 59.57
N VAL E 488 -19.81 16.73 59.28
CA VAL E 488 -20.03 15.33 58.96
C VAL E 488 -19.93 14.45 60.21
N LYS E 489 -21.00 13.71 60.50
CA LYS E 489 -20.98 12.72 61.55
C LYS E 489 -21.04 11.30 60.96
N THR E 490 -20.16 10.42 61.43
CA THR E 490 -20.21 9.00 61.11
C THR E 490 -20.93 8.28 62.24
N VAL E 491 -21.91 7.46 61.87
CA VAL E 491 -22.54 6.56 62.86
C VAL E 491 -22.26 5.13 62.43
N THR E 492 -21.62 4.38 63.31
CA THR E 492 -21.26 3.00 63.00
C THR E 492 -21.88 2.10 64.05
N VAL E 493 -22.78 1.25 63.57
CA VAL E 493 -23.67 0.43 64.40
C VAL E 493 -23.33 -1.06 64.23
N LYS E 494 -23.07 -1.75 65.34
CA LYS E 494 -22.92 -3.20 65.32
C LYS E 494 -24.22 -3.84 64.86
N VAL E 495 -24.14 -4.79 63.91
CA VAL E 495 -25.32 -5.54 63.45
C VAL E 495 -25.11 -7.07 63.59
N PRO E 496 -26.20 -7.85 63.67
CA PRO E 496 -26.02 -9.31 63.78
C PRO E 496 -25.20 -9.97 62.66
N GLN E 497 -25.46 -9.62 61.40
CA GLN E 497 -24.73 -10.23 60.29
C GLN E 497 -24.86 -9.37 59.07
N LYS E 498 -23.77 -8.71 58.72
CA LYS E 498 -23.72 -7.84 57.55
C LYS E 498 -23.80 -8.69 56.28
N ASN E 499 -24.71 -8.30 55.38
CA ASN E 499 -24.79 -8.86 54.02
C ASN E 499 -24.78 -7.75 52.99
N SER E 500 -24.31 -8.06 51.78
CA SER E 500 -24.33 -7.07 50.69
C SER E 500 -25.76 -6.66 50.37
N ALA F 7 -2.66 -16.80 63.04
CA ALA F 7 -1.30 -16.98 63.64
C ALA F 7 -0.45 -15.77 63.30
N VAL F 8 0.53 -15.49 64.16
CA VAL F 8 1.46 -14.38 63.95
C VAL F 8 2.89 -14.92 63.90
N PRO F 9 3.66 -14.58 62.85
CA PRO F 9 5.06 -15.01 62.75
C PRO F 9 5.88 -14.52 63.94
N ALA F 10 6.78 -15.36 64.45
CA ALA F 10 7.65 -14.97 65.56
C ALA F 10 8.38 -13.70 65.15
N PRO F 11 8.43 -12.69 66.04
CA PRO F 11 9.14 -11.46 65.69
C PRO F 11 10.66 -11.53 65.89
N ASN F 12 11.37 -10.70 65.14
CA ASN F 12 12.73 -10.33 65.47
C ASN F 12 12.61 -9.23 66.53
N GLN F 13 13.05 -9.53 67.76
CA GLN F 13 12.90 -8.59 68.88
C GLN F 13 13.95 -7.47 68.89
N GLN F 14 14.93 -7.59 68.00
CA GLN F 14 15.95 -6.56 67.80
C GLN F 14 16.14 -6.29 66.31
N PRO F 15 15.09 -5.82 65.63
CA PRO F 15 15.19 -5.67 64.18
C PRO F 15 16.25 -4.64 63.78
N GLU F 16 16.94 -4.90 62.68
CA GLU F 16 17.97 -3.98 62.19
C GLU F 16 17.34 -2.69 61.62
N VAL F 17 17.95 -1.54 61.87
CA VAL F 17 17.51 -0.26 61.27
C VAL F 17 18.29 0.05 59.98
N PHE F 18 17.56 0.24 58.87
CA PHE F 18 18.18 0.49 57.55
C PHE F 18 18.05 1.93 57.09
N CYS F 19 17.06 2.65 57.64
CA CYS F 19 16.79 4.01 57.21
C CYS F 19 16.71 4.93 58.41
N ASN F 20 17.59 5.94 58.43
CA ASN F 20 17.68 6.87 59.56
C ASN F 20 18.15 8.28 59.12
N GLN F 21 17.88 8.59 57.86
CA GLN F 21 18.23 9.88 57.33
C GLN F 21 16.98 10.63 56.86
N ILE F 22 17.21 11.76 56.18
CA ILE F 22 16.18 12.60 55.62
C ILE F 22 15.94 12.09 54.19
N PHE F 23 14.67 12.02 53.80
CA PHE F 23 14.27 11.44 52.50
C PHE F 23 13.75 12.52 51.55
N ILE F 24 14.60 12.89 50.58
CA ILE F 24 14.24 13.94 49.61
C ILE F 24 14.64 13.48 48.21
N ASN F 25 13.71 13.60 47.27
CA ASN F 25 13.97 13.19 45.91
C ASN F 25 14.41 11.72 45.79
N ASN F 26 13.77 10.88 46.59
CA ASN F 26 14.02 9.44 46.64
C ASN F 26 15.46 9.10 46.99
N GLU F 27 16.14 10.00 47.70
CA GLU F 27 17.52 9.79 48.15
C GLU F 27 17.61 10.08 49.64
N TRP F 28 18.58 9.46 50.30
CA TRP F 28 18.84 9.66 51.73
C TRP F 28 19.92 10.72 51.95
N HIS F 29 19.63 11.65 52.85
CA HIS F 29 20.51 12.80 53.13
C HIS F 29 20.74 12.93 54.63
N ASP F 30 21.96 13.25 55.03
CA ASP F 30 22.15 13.82 56.36
C ASP F 30 21.47 15.19 56.41
N ALA F 31 21.14 15.63 57.63
CA ALA F 31 20.76 17.01 57.84
C ALA F 31 21.91 17.91 57.39
N VAL F 32 21.58 19.11 56.90
CA VAL F 32 22.63 20.06 56.53
C VAL F 32 23.61 20.32 57.69
N SER F 33 23.06 20.43 58.91
CA SER F 33 23.86 20.63 60.11
C SER F 33 24.68 19.39 60.52
N ARG F 34 24.35 18.25 59.90
CA ARG F 34 24.87 16.92 60.29
C ARG F 34 24.37 16.42 61.65
N LYS F 35 23.52 17.20 62.30
CA LYS F 35 22.93 16.81 63.57
C LYS F 35 22.10 15.55 63.46
N THR F 36 22.17 14.74 64.51
CA THR F 36 21.35 13.55 64.71
C THR F 36 20.74 13.60 66.13
N PHE F 37 19.66 12.85 66.33
CA PHE F 37 19.02 12.70 67.63
C PHE F 37 18.76 11.21 67.94
N PRO F 38 18.93 10.79 69.20
CA PRO F 38 18.56 9.41 69.54
C PRO F 38 17.04 9.18 69.54
N THR F 39 16.63 7.99 69.11
CA THR F 39 15.30 7.50 69.40
C THR F 39 15.41 6.33 70.39
N VAL F 40 14.48 6.30 71.34
CA VAL F 40 14.54 5.44 72.51
C VAL F 40 13.53 4.30 72.36
N ASN F 41 13.91 3.12 72.83
CA ASN F 41 12.98 1.99 72.97
C ASN F 41 12.29 2.17 74.32
N PRO F 42 10.97 2.43 74.30
CA PRO F 42 10.29 2.71 75.57
C PRO F 42 10.14 1.49 76.51
N SER F 43 10.34 0.27 76.00
CA SER F 43 10.30 -0.91 76.87
C SER F 43 11.53 -1.02 77.76
N THR F 44 12.66 -0.51 77.29
CA THR F 44 13.95 -0.64 77.99
C THR F 44 14.54 0.70 78.45
N GLY F 45 14.15 1.79 77.79
CA GLY F 45 14.67 3.13 78.05
C GLY F 45 16.04 3.34 77.41
N GLU F 46 16.39 2.43 76.50
CA GLU F 46 17.68 2.51 75.84
C GLU F 46 17.55 3.09 74.45
N VAL F 47 18.60 3.78 74.01
CA VAL F 47 18.70 4.31 72.66
C VAL F 47 18.74 3.18 71.61
N ILE F 48 17.87 3.28 70.61
CA ILE F 48 17.85 2.33 69.48
C ILE F 48 18.97 2.70 68.51
N CYS F 49 18.95 3.94 68.05
CA CYS F 49 19.93 4.48 67.12
C CYS F 49 19.75 5.98 67.08
N GLN F 50 20.57 6.65 66.30
CA GLN F 50 20.46 8.08 66.04
C GLN F 50 19.81 8.28 64.66
N VAL F 51 19.13 9.41 64.50
CA VAL F 51 18.35 9.74 63.29
C VAL F 51 18.67 11.16 62.87
N ALA F 52 18.72 11.42 61.56
CA ALA F 52 19.02 12.76 61.06
C ALA F 52 18.03 13.79 61.63
N GLU F 53 18.58 14.86 62.20
CA GLU F 53 17.74 15.90 62.78
C GLU F 53 17.45 17.03 61.80
N GLY F 54 16.32 16.92 61.10
CA GLY F 54 15.92 17.89 60.10
C GLY F 54 15.46 19.20 60.75
N ASP F 55 15.81 20.30 60.10
CA ASP F 55 15.42 21.62 60.54
C ASP F 55 14.97 22.43 59.31
N LYS F 56 14.92 23.75 59.47
CA LYS F 56 14.37 24.64 58.45
C LYS F 56 15.01 24.43 57.09
N GLU F 57 16.33 24.35 57.06
CA GLU F 57 17.06 24.19 55.81
C GLU F 57 16.72 22.90 55.10
N ASP F 58 16.51 21.84 55.87
CA ASP F 58 16.19 20.52 55.32
C ASP F 58 14.77 20.54 54.78
N VAL F 59 13.87 21.19 55.52
CA VAL F 59 12.50 21.41 55.04
C VAL F 59 12.49 22.14 53.70
N ASP F 60 13.30 23.20 53.58
CA ASP F 60 13.37 24.00 52.36
C ASP F 60 13.78 23.16 51.15
N LYS F 61 14.75 22.25 51.34
CA LYS F 61 15.18 21.33 50.28
C LYS F 61 14.04 20.42 49.88
N ALA F 62 13.37 19.85 50.88
CA ALA F 62 12.20 18.99 50.67
C ALA F 62 11.07 19.71 49.91
N VAL F 63 10.75 20.95 50.30
CA VAL F 63 9.70 21.71 49.59
C VAL F 63 10.06 21.99 48.10
N LYS F 64 11.31 22.37 47.83
CA LYS F 64 11.74 22.60 46.43
C LYS F 64 11.65 21.31 45.61
N ALA F 65 12.08 20.20 46.21
CA ALA F 65 11.93 18.87 45.59
C ALA F 65 10.45 18.54 45.26
N ALA F 66 9.57 18.70 46.23
CA ALA F 66 8.12 18.48 46.01
C ALA F 66 7.53 19.42 44.96
N ARG F 67 7.86 20.71 45.05
CA ARG F 67 7.46 21.69 44.02
C ARG F 67 7.91 21.28 42.61
N ALA F 68 9.16 20.81 42.47
CA ALA F 68 9.64 20.33 41.16
C ALA F 68 8.84 19.13 40.66
N ALA F 69 8.54 18.19 41.55
CA ALA F 69 7.79 16.99 41.15
C ALA F 69 6.35 17.34 40.74
N PHE F 70 5.90 18.50 41.18
CA PHE F 70 4.53 18.97 40.93
C PHE F 70 4.42 19.89 39.70
N GLN F 71 5.54 20.23 39.06
CA GLN F 71 5.48 21.12 37.90
C GLN F 71 4.63 20.53 36.78
N LEU F 72 3.80 21.38 36.16
CA LEU F 72 3.03 20.99 34.97
C LEU F 72 3.93 20.27 33.98
N GLY F 73 3.49 19.12 33.48
CA GLY F 73 4.33 18.34 32.57
C GLY F 73 5.29 17.34 33.20
N SER F 74 5.40 17.33 34.54
CA SER F 74 6.25 16.35 35.23
C SER F 74 5.67 14.95 35.07
N PRO F 75 6.49 13.90 35.33
CA PRO F 75 5.97 12.55 35.24
C PRO F 75 4.77 12.32 36.19
N TRP F 76 4.86 12.86 37.41
CA TRP F 76 3.76 12.77 38.37
C TRP F 76 2.47 13.50 37.93
N ARG F 77 2.60 14.67 37.28
CA ARG F 77 1.42 15.40 36.84
C ARG F 77 0.77 14.78 35.60
N ARG F 78 1.61 14.23 34.70
CA ARG F 78 1.13 13.62 33.44
C ARG F 78 0.61 12.19 33.62
N MET F 79 1.04 11.54 34.70
CA MET F 79 0.69 10.17 35.01
C MET F 79 -0.83 9.97 35.01
N ASP F 80 -1.30 8.90 34.37
CA ASP F 80 -2.71 8.53 34.45
C ASP F 80 -3.15 8.38 35.90
N ALA F 81 -4.33 8.90 36.24
CA ALA F 81 -4.90 8.71 37.58
C ALA F 81 -4.87 7.23 37.95
N SER F 82 -5.29 6.38 37.02
CA SER F 82 -5.34 4.92 37.25
C SER F 82 -3.96 4.37 37.63
N HIS F 83 -2.92 4.99 37.07
CA HIS F 83 -1.55 4.57 37.38
C HIS F 83 -1.09 5.01 38.78
N ARG F 84 -1.56 6.18 39.25
CA ARG F 84 -1.42 6.52 40.67
C ARG F 84 -2.05 5.42 41.55
N GLY F 85 -3.23 4.95 41.12
CA GLY F 85 -3.84 3.76 41.73
C GLY F 85 -2.93 2.54 41.72
N ARG F 86 -2.35 2.21 40.57
CA ARG F 86 -1.42 1.06 40.52
C ARG F 86 -0.24 1.22 41.48
N LEU F 87 0.30 2.43 41.56
CA LEU F 87 1.46 2.70 42.41
C LEU F 87 1.14 2.53 43.91
N LEU F 88 -0.03 3.03 44.32
CA LEU F 88 -0.51 2.81 45.69
C LEU F 88 -0.74 1.32 46.03
N ASN F 89 -1.32 0.59 45.09
CA ASN F 89 -1.41 -0.90 45.20
C ASN F 89 -0.05 -1.59 45.31
N ARG F 90 0.93 -1.11 44.55
CA ARG F 90 2.31 -1.63 44.60
C ARG F 90 2.95 -1.37 45.96
N LEU F 91 2.80 -0.14 46.46
CA LEU F 91 3.29 0.18 47.80
C LEU F 91 2.66 -0.72 48.87
N ALA F 92 1.35 -0.95 48.80
CA ALA F 92 0.68 -1.80 49.78
C ALA F 92 1.22 -3.24 49.70
N ASP F 93 1.42 -3.75 48.49
CA ASP F 93 2.06 -5.06 48.31
C ASP F 93 3.44 -5.12 48.96
N LEU F 94 4.25 -4.07 48.78
CA LEU F 94 5.58 -4.03 49.41
C LEU F 94 5.53 -4.03 50.94
N ILE F 95 4.62 -3.23 51.49
CA ILE F 95 4.41 -3.19 52.92
C ILE F 95 3.99 -4.56 53.48
N GLU F 96 3.09 -5.23 52.76
CA GLU F 96 2.67 -6.55 53.19
C GLU F 96 3.83 -7.57 53.05
N ARG F 97 4.60 -7.47 51.97
CA ARG F 97 5.84 -8.24 51.86
C ARG F 97 6.70 -8.12 53.11
N ASP F 98 6.82 -6.90 53.62
CA ASP F 98 7.70 -6.58 54.74
C ASP F 98 6.97 -6.44 56.07
N ARG F 99 5.79 -7.08 56.16
CA ARG F 99 4.89 -6.89 57.30
C ARG F 99 5.52 -7.32 58.65
N THR F 100 6.14 -8.48 58.69
CA THR F 100 6.73 -9.00 59.92
C THR F 100 7.83 -8.07 60.50
N TYR F 101 8.75 -7.67 59.63
CA TYR F 101 9.75 -6.66 59.95
C TYR F 101 9.17 -5.33 60.45
N LEU F 102 8.22 -4.76 59.71
CA LEU F 102 7.68 -3.44 60.03
C LEU F 102 6.89 -3.47 61.35
N ALA F 103 6.16 -4.56 61.59
CA ALA F 103 5.44 -4.73 62.85
C ALA F 103 6.39 -4.76 64.04
N ALA F 104 7.48 -5.52 63.93
CA ALA F 104 8.49 -5.56 64.98
C ALA F 104 9.21 -4.21 65.19
N LEU F 105 9.54 -3.51 64.10
CA LEU F 105 10.13 -2.16 64.17
C LEU F 105 9.19 -1.13 64.82
N GLU F 106 7.88 -1.24 64.52
CA GLU F 106 6.84 -0.40 65.12
C GLU F 106 6.82 -0.59 66.62
N THR F 107 6.83 -1.86 67.05
CA THR F 107 6.84 -2.23 68.46
C THR F 107 8.13 -1.80 69.16
N LEU F 108 9.26 -2.02 68.49
CA LEU F 108 10.55 -1.55 69.03
C LEU F 108 10.56 -0.04 69.40
N ASP F 109 10.12 0.81 68.47
CA ASP F 109 10.23 2.27 68.56
C ASP F 109 9.04 2.91 69.34
N ASN F 110 7.87 2.28 69.29
CA ASN F 110 6.66 2.85 69.87
C ASN F 110 6.20 2.21 71.19
N GLY F 111 6.44 0.92 71.35
CA GLY F 111 6.05 0.19 72.55
C GLY F 111 4.83 -0.71 72.47
N LYS F 112 3.95 -0.51 71.49
CA LYS F 112 2.69 -1.30 71.43
C LYS F 112 2.99 -2.80 71.25
N PRO F 113 2.07 -3.70 71.72
CA PRO F 113 2.32 -5.14 71.55
C PRO F 113 2.53 -5.53 70.09
N TYR F 114 3.54 -6.37 69.84
CA TYR F 114 3.88 -6.79 68.48
C TYR F 114 2.71 -7.49 67.82
N VAL F 115 2.03 -8.36 68.59
CA VAL F 115 0.81 -9.00 68.09
C VAL F 115 -0.15 -7.95 67.53
N ILE F 116 -0.27 -6.83 68.24
CA ILE F 116 -1.15 -5.74 67.82
C ILE F 116 -0.63 -4.98 66.60
N SER F 117 0.67 -4.65 66.60
CA SER F 117 1.31 -4.02 65.44
C SER F 117 1.07 -4.86 64.19
N TYR F 118 1.17 -6.18 64.36
CA TYR F 118 1.09 -7.10 63.23
C TYR F 118 -0.33 -7.27 62.68
N LEU F 119 -1.26 -7.59 63.57
CA LEU F 119 -2.66 -7.85 63.20
C LEU F 119 -3.57 -6.65 63.08
N VAL F 120 -3.24 -5.56 63.77
CA VAL F 120 -4.08 -4.37 63.70
C VAL F 120 -3.42 -3.30 62.87
N ASP F 121 -2.34 -2.73 63.39
CA ASP F 121 -1.73 -1.58 62.72
C ASP F 121 -1.39 -1.90 61.27
N LEU F 122 -0.68 -2.99 61.03
CA LEU F 122 -0.22 -3.29 59.68
C LEU F 122 -1.40 -3.58 58.74
N ASP F 123 -2.43 -4.25 59.26
CA ASP F 123 -3.65 -4.56 58.48
C ASP F 123 -4.40 -3.28 58.03
N MET F 124 -4.56 -2.36 58.98
N MET F 124 -4.58 -2.35 58.97
CA MET F 124 -5.27 -1.10 58.72
CA MET F 124 -5.27 -1.10 58.70
C MET F 124 -4.47 -0.23 57.75
C MET F 124 -4.48 -0.22 57.75
N VAL F 125 -3.15 -0.37 57.78
CA VAL F 125 -2.27 0.34 56.86
C VAL F 125 -2.56 -0.16 55.45
N LEU F 126 -2.52 -1.49 55.28
CA LEU F 126 -2.75 -2.13 54.00
C LEU F 126 -4.14 -1.77 53.46
N LYS F 127 -5.14 -1.84 54.35
CA LYS F 127 -6.50 -1.59 53.98
C LYS F 127 -6.72 -0.10 53.60
N CYS F 128 -6.08 0.82 54.32
CA CYS F 128 -6.12 2.26 53.96
C CYS F 128 -5.57 2.51 52.55
N LEU F 129 -4.34 2.04 52.31
CA LEU F 129 -3.67 2.27 51.03
C LEU F 129 -4.41 1.66 49.82
N ARG F 130 -4.97 0.47 50.01
CA ARG F 130 -5.67 -0.23 48.93
C ARG F 130 -7.02 0.39 48.65
N TYR F 131 -7.61 0.95 49.69
CA TYR F 131 -8.85 1.69 49.56
C TYR F 131 -8.62 2.95 48.71
N TYR F 132 -7.63 3.76 49.11
CA TYR F 132 -7.29 4.97 48.36
C TYR F 132 -6.74 4.72 46.96
N ALA F 133 -6.02 3.61 46.78
CA ALA F 133 -5.63 3.19 45.43
C ALA F 133 -6.86 3.20 44.49
N GLY F 134 -7.99 2.68 44.98
CA GLY F 134 -9.24 2.65 44.19
C GLY F 134 -9.88 3.99 43.86
N TRP F 135 -9.64 5.00 44.70
CA TRP F 135 -10.11 6.36 44.48
C TRP F 135 -9.39 7.16 43.41
N ALA F 136 -8.16 6.77 43.12
CA ALA F 136 -7.28 7.54 42.26
C ALA F 136 -7.96 8.05 41.00
N ASP F 137 -8.75 7.21 40.33
CA ASP F 137 -9.36 7.61 39.06
C ASP F 137 -10.90 7.75 39.10
N LYS F 138 -11.45 8.04 40.29
CA LYS F 138 -12.91 8.05 40.46
C LYS F 138 -13.47 9.31 41.13
N TYR F 139 -12.61 10.25 41.47
CA TYR F 139 -13.06 11.46 42.15
C TYR F 139 -13.42 12.58 41.16
N HIS F 140 -14.58 12.42 40.52
CA HIS F 140 -14.99 13.24 39.38
C HIS F 140 -15.28 14.67 39.72
N GLY F 141 -14.89 15.59 38.83
CA GLY F 141 -15.51 16.90 38.80
C GLY F 141 -16.90 16.80 38.19
N LYS F 142 -17.47 17.96 37.85
CA LYS F 142 -18.87 18.06 37.41
C LYS F 142 -19.05 18.83 36.10
N THR F 143 -20.09 18.48 35.34
CA THR F 143 -20.53 19.39 34.28
C THR F 143 -21.83 20.02 34.78
N ILE F 144 -21.96 21.31 34.55
CA ILE F 144 -22.91 22.13 35.31
C ILE F 144 -23.86 22.92 34.39
N PRO F 145 -25.19 22.76 34.60
CA PRO F 145 -26.16 23.44 33.72
C PRO F 145 -26.41 24.91 34.12
N ILE F 146 -25.33 25.70 34.09
CA ILE F 146 -25.36 27.16 34.28
C ILE F 146 -26.30 27.90 33.28
N ASP F 147 -26.90 29.01 33.73
CA ASP F 147 -27.69 29.89 32.85
C ASP F 147 -26.86 30.43 31.67
N GLY F 148 -27.51 30.73 30.55
CA GLY F 148 -26.84 31.39 29.43
C GLY F 148 -26.22 30.43 28.43
N ASP F 149 -25.61 30.98 27.37
CA ASP F 149 -25.02 30.12 26.33
C ASP F 149 -23.59 29.78 26.70
N PHE F 150 -23.48 28.87 27.68
CA PHE F 150 -22.20 28.46 28.25
C PHE F 150 -22.16 26.96 28.53
N PHE F 151 -20.94 26.43 28.48
CA PHE F 151 -20.61 25.12 28.98
C PHE F 151 -19.77 25.40 30.22
N SER F 152 -20.21 24.89 31.36
CA SER F 152 -19.48 25.05 32.60
C SER F 152 -19.18 23.71 33.23
N TYR F 153 -17.93 23.56 33.65
CA TYR F 153 -17.49 22.34 34.31
C TYR F 153 -16.44 22.64 35.36
N THR F 154 -16.21 21.69 36.27
CA THR F 154 -15.11 21.82 37.22
C THR F 154 -14.10 20.72 36.99
N ARG F 155 -12.84 21.08 37.24
CA ARG F 155 -11.73 20.13 37.34
C ARG F 155 -11.41 19.99 38.81
N HIS F 156 -11.28 18.75 39.26
CA HIS F 156 -10.77 18.48 40.58
C HIS F 156 -9.28 18.26 40.41
N GLU F 157 -8.52 19.30 40.76
CA GLU F 157 -7.08 19.32 40.63
C GLU F 157 -6.46 19.01 42.00
N PRO F 158 -5.16 18.73 42.02
CA PRO F 158 -4.52 18.57 43.32
C PRO F 158 -4.31 19.94 43.98
N VAL F 159 -4.37 19.98 45.31
CA VAL F 159 -4.08 21.21 46.05
C VAL F 159 -2.59 21.59 45.92
N GLY F 160 -1.72 20.59 45.77
CA GLY F 160 -0.31 20.84 45.48
C GLY F 160 0.67 20.22 46.47
N VAL F 161 1.54 21.09 46.99
CA VAL F 161 2.56 20.72 47.96
C VAL F 161 1.94 20.66 49.35
N CYS F 162 1.82 19.44 49.87
CA CYS F 162 1.14 19.18 51.14
C CYS F 162 2.12 18.88 52.25
N GLY F 163 2.07 19.71 53.27
CA GLY F 163 2.78 19.47 54.50
C GLY F 163 1.92 18.59 55.37
N GLN F 164 2.54 17.53 55.89
CA GLN F 164 1.85 16.53 56.71
C GLN F 164 2.68 16.25 57.95
N ILE F 165 2.13 16.64 59.09
CA ILE F 165 2.81 16.53 60.39
C ILE F 165 2.03 15.53 61.20
N ILE F 166 2.69 14.44 61.55
CA ILE F 166 1.99 13.36 62.23
C ILE F 166 2.53 13.04 63.61
N PRO F 167 1.67 12.45 64.49
CA PRO F 167 2.07 12.06 65.83
C PRO F 167 2.67 10.64 65.95
N TRP F 168 3.00 10.27 67.17
CA TRP F 168 3.73 9.04 67.49
C TRP F 168 2.88 7.81 67.89
N ASN F 169 1.57 7.98 68.00
CA ASN F 169 0.77 6.91 68.63
C ASN F 169 0.40 5.75 67.72
N PHE F 170 0.15 6.05 66.45
CA PHE F 170 0.03 5.05 65.39
C PHE F 170 0.93 5.46 64.22
N PRO F 171 2.27 5.31 64.38
CA PRO F 171 3.22 5.89 63.40
C PRO F 171 2.93 5.50 61.94
N LEU F 172 2.82 4.19 61.67
CA LEU F 172 2.60 3.69 60.31
C LEU F 172 1.19 4.00 59.82
N LEU F 173 0.20 3.85 60.67
CA LEU F 173 -1.18 4.09 60.28
C LEU F 173 -1.43 5.55 59.94
N MET F 174 -0.92 6.47 60.77
CA MET F 174 -1.05 7.90 60.51
C MET F 174 -0.34 8.30 59.24
N GLN F 175 0.82 7.69 58.98
CA GLN F 175 1.48 7.90 57.70
C GLN F 175 0.57 7.49 56.54
N ALA F 176 -0.04 6.31 56.65
CA ALA F 176 -0.92 5.79 55.60
C ALA F 176 -2.20 6.64 55.42
N TRP F 177 -2.83 7.03 56.53
CA TRP F 177 -3.99 7.93 56.49
C TRP F 177 -3.74 9.24 55.75
N LYS F 178 -2.51 9.75 55.85
CA LYS F 178 -2.10 10.97 55.15
C LYS F 178 -1.69 10.73 53.70
N LEU F 179 -0.82 9.76 53.46
CA LEU F 179 -0.34 9.52 52.09
C LEU F 179 -1.42 8.97 51.17
N GLY F 180 -2.22 8.04 51.70
CA GLY F 180 -3.32 7.45 50.93
C GLY F 180 -4.09 8.47 50.08
N PRO F 181 -4.83 9.40 50.73
CA PRO F 181 -5.62 10.37 49.95
C PRO F 181 -4.79 11.42 49.19
N ALA F 182 -3.66 11.85 49.75
CA ALA F 182 -2.85 12.87 49.09
C ALA F 182 -2.34 12.32 47.77
N LEU F 183 -1.83 11.08 47.77
CA LEU F 183 -1.28 10.49 46.56
C LEU F 183 -2.36 10.05 45.58
N ALA F 184 -3.50 9.57 46.06
CA ALA F 184 -4.61 9.17 45.17
C ALA F 184 -5.08 10.33 44.31
N THR F 185 -5.00 11.53 44.86
CA THR F 185 -5.43 12.75 44.16
C THR F 185 -4.29 13.54 43.48
N GLY F 186 -3.09 12.97 43.45
CA GLY F 186 -1.99 13.57 42.67
C GLY F 186 -1.24 14.71 43.34
N ASN F 187 -1.39 14.84 44.65
CA ASN F 187 -0.55 15.80 45.37
C ASN F 187 0.89 15.32 45.54
N VAL F 188 1.73 16.21 46.04
CA VAL F 188 3.08 15.88 46.52
C VAL F 188 3.19 16.20 48.02
N VAL F 189 4.13 15.55 48.69
CA VAL F 189 4.14 15.50 50.15
C VAL F 189 5.50 15.86 50.78
N VAL F 190 5.46 16.75 51.77
CA VAL F 190 6.57 16.88 52.69
C VAL F 190 6.05 16.49 54.07
N MET F 191 6.55 15.37 54.56
CA MET F 191 6.05 14.77 55.79
C MET F 191 7.07 14.84 56.92
N LYS F 192 6.60 15.34 58.07
CA LYS F 192 7.37 15.43 59.29
C LYS F 192 6.83 14.39 60.26
N VAL F 193 7.61 13.34 60.48
CA VAL F 193 7.25 12.24 61.37
C VAL F 193 7.64 12.62 62.82
N ALA F 194 7.01 11.96 63.79
CA ALA F 194 7.21 12.25 65.20
C ALA F 194 8.62 11.90 65.64
N GLU F 195 9.22 12.76 66.45
CA GLU F 195 10.59 12.52 66.94
C GLU F 195 10.69 11.26 67.80
N GLN F 196 9.59 10.87 68.46
CA GLN F 196 9.55 9.64 69.25
C GLN F 196 9.53 8.36 68.42
N THR F 197 9.01 8.44 67.20
CA THR F 197 8.76 7.22 66.41
C THR F 197 9.08 7.48 64.92
N PRO F 198 10.34 7.85 64.62
CA PRO F 198 10.69 8.20 63.24
C PRO F 198 10.89 6.99 62.30
N LEU F 199 11.25 5.85 62.85
CA LEU F 199 11.87 4.79 62.03
C LEU F 199 10.97 4.07 61.01
N THR F 200 9.75 3.70 61.40
CA THR F 200 8.97 2.84 60.50
C THR F 200 8.61 3.60 59.24
N ALA F 201 8.35 4.89 59.39
CA ALA F 201 7.98 5.78 58.30
C ALA F 201 9.13 6.02 57.31
N LEU F 202 10.34 6.03 57.83
CA LEU F 202 11.52 6.10 56.98
C LEU F 202 11.72 4.80 56.21
N TYR F 203 11.46 3.66 56.85
CA TYR F 203 11.53 2.42 56.11
C TYR F 203 10.49 2.45 54.99
N VAL F 204 9.28 2.87 55.30
CA VAL F 204 8.26 3.02 54.24
C VAL F 204 8.70 3.94 53.08
N ALA F 205 9.44 5.01 53.35
CA ALA F 205 10.04 5.83 52.28
C ALA F 205 10.85 5.00 51.29
N ASN F 206 11.62 4.02 51.82
CA ASN F 206 12.41 3.13 50.96
C ASN F 206 11.50 2.29 50.06
N LEU F 207 10.36 1.86 50.60
CA LEU F 207 9.33 1.17 49.79
C LEU F 207 8.62 2.09 48.79
N ILE F 208 8.43 3.37 49.14
CA ILE F 208 7.89 4.34 48.18
C ILE F 208 8.79 4.42 46.94
N LYS F 209 10.10 4.46 47.16
CA LYS F 209 11.06 4.51 46.06
C LYS F 209 11.02 3.18 45.27
N GLU F 210 11.04 2.07 45.98
CA GLU F 210 10.98 0.73 45.35
C GLU F 210 9.69 0.54 44.51
N ALA F 211 8.58 1.09 45.01
CA ALA F 211 7.28 1.03 44.33
C ALA F 211 7.26 1.75 42.98
N GLY F 212 8.11 2.76 42.84
CA GLY F 212 8.30 3.49 41.60
C GLY F 212 7.70 4.88 41.53
N PHE F 213 7.38 5.47 42.69
CA PHE F 213 6.87 6.84 42.73
C PHE F 213 8.00 7.79 42.29
N PRO F 214 7.67 8.76 41.43
CA PRO F 214 8.70 9.71 40.95
C PRO F 214 9.37 10.47 42.10
N PRO F 215 10.67 10.81 41.95
CA PRO F 215 11.36 11.56 43.02
C PRO F 215 10.69 12.88 43.34
N GLY F 216 10.57 13.15 44.64
CA GLY F 216 10.04 14.42 45.11
C GLY F 216 8.54 14.34 45.34
N VAL F 217 7.92 13.22 45.01
CA VAL F 217 6.49 13.04 45.29
C VAL F 217 6.24 12.83 46.79
N VAL F 218 7.08 12.02 47.44
CA VAL F 218 7.05 11.90 48.90
C VAL F 218 8.44 12.22 49.48
N ASN F 219 8.47 13.20 50.38
CA ASN F 219 9.69 13.60 51.05
C ASN F 219 9.42 13.54 52.53
N ILE F 220 10.33 12.96 53.29
CA ILE F 220 10.15 12.81 54.74
C ILE F 220 11.29 13.44 55.53
N VAL F 221 10.93 14.38 56.42
CA VAL F 221 11.92 15.06 57.24
C VAL F 221 11.74 14.66 58.73
N PRO F 222 12.61 13.76 59.23
CA PRO F 222 12.53 13.53 60.67
C PRO F 222 13.16 14.71 61.42
N GLY F 223 12.68 14.97 62.62
CA GLY F 223 13.20 16.07 63.43
C GLY F 223 12.14 16.54 64.42
N PHE F 224 12.34 17.74 64.95
CA PHE F 224 11.49 18.20 66.06
C PHE F 224 10.39 19.15 65.61
N GLY F 225 9.43 19.40 66.50
CA GLY F 225 8.24 20.23 66.20
C GLY F 225 8.51 21.69 65.90
N PRO F 226 9.03 22.44 66.89
CA PRO F 226 9.17 23.90 66.74
C PRO F 226 10.24 24.27 65.71
N THR F 227 10.92 23.26 65.19
CA THR F 227 11.95 23.44 64.15
C THR F 227 11.39 22.98 62.79
N ALA F 228 11.49 21.67 62.51
CA ALA F 228 11.01 21.11 61.23
C ALA F 228 9.50 21.25 61.05
N GLY F 229 8.74 20.87 62.07
CA GLY F 229 7.29 21.03 62.05
C GLY F 229 6.87 22.45 61.73
N ALA F 230 7.37 23.43 62.51
CA ALA F 230 7.09 24.86 62.28
C ALA F 230 7.57 25.36 60.92
N ALA F 231 8.69 24.83 60.43
CA ALA F 231 9.18 25.21 59.10
C ALA F 231 8.16 24.86 58.00
N ILE F 232 7.53 23.68 58.10
CA ILE F 232 6.48 23.30 57.13
C ILE F 232 5.26 24.20 57.26
N ALA F 233 4.82 24.39 58.51
CA ALA F 233 3.61 25.13 58.81
C ALA F 233 3.67 26.58 58.29
N SER F 234 4.86 27.17 58.32
CA SER F 234 5.07 28.60 57.96
C SER F 234 5.61 28.81 56.55
N HIS F 235 5.80 27.72 55.80
CA HIS F 235 6.51 27.81 54.52
C HIS F 235 5.69 28.57 53.48
N GLU F 236 6.34 29.48 52.75
CA GLU F 236 5.60 30.28 51.75
C GLU F 236 5.21 29.48 50.51
N ASP F 237 5.78 28.29 50.34
CA ASP F 237 5.49 27.46 49.16
C ASP F 237 4.83 26.11 49.45
N VAL F 238 4.30 25.95 50.65
CA VAL F 238 3.47 24.80 50.97
C VAL F 238 2.01 25.26 50.83
N ASP F 239 1.24 24.50 50.05
CA ASP F 239 -0.13 24.88 49.70
C ASP F 239 -1.17 24.44 50.74
N LYS F 240 -0.87 23.37 51.45
CA LYS F 240 -1.83 22.77 52.36
C LYS F 240 -1.04 22.12 53.48
N VAL F 241 -1.54 22.27 54.72
CA VAL F 241 -0.98 21.53 55.85
C VAL F 241 -2.09 20.68 56.51
N ALA F 242 -1.74 19.45 56.87
CA ALA F 242 -2.60 18.54 57.61
C ALA F 242 -1.81 18.20 58.86
N PHE F 243 -2.37 18.48 60.02
CA PHE F 243 -1.71 18.20 61.30
C PHE F 243 -2.54 17.24 62.17
N ALA F 244 -1.85 16.28 62.78
CA ALA F 244 -2.45 15.46 63.83
C ALA F 244 -1.58 15.55 65.09
N GLY F 245 -2.22 15.84 66.23
CA GLY F 245 -1.50 15.99 67.49
C GLY F 245 -2.34 16.66 68.55
N SER F 246 -1.68 17.48 69.38
CA SER F 246 -2.35 18.12 70.49
C SER F 246 -3.13 19.35 70.03
N THR F 247 -4.24 19.62 70.71
CA THR F 247 -5.05 20.82 70.45
C THR F 247 -4.19 22.08 70.56
N GLU F 248 -3.25 22.10 71.51
CA GLU F 248 -2.32 23.21 71.71
C GLU F 248 -1.55 23.51 70.43
N ILE F 249 -0.93 22.49 69.84
CA ILE F 249 -0.13 22.67 68.63
C ILE F 249 -1.02 22.92 67.38
N GLY F 250 -2.20 22.34 67.36
CA GLY F 250 -3.21 22.72 66.36
C GLY F 250 -3.41 24.23 66.24
N ARG F 251 -3.49 24.91 67.38
CA ARG F 251 -3.61 26.38 67.38
C ARG F 251 -2.40 27.04 66.73
N VAL F 252 -1.21 26.58 67.10
CA VAL F 252 0.04 27.09 66.54
C VAL F 252 0.09 26.94 65.01
N ILE F 253 -0.35 25.78 64.52
CA ILE F 253 -0.42 25.48 63.09
C ILE F 253 -1.35 26.44 62.34
N GLN F 254 -2.59 26.62 62.82
CA GLN F 254 -3.55 27.50 62.15
C GLN F 254 -3.10 28.97 62.18
N VAL F 255 -2.42 29.37 63.27
CA VAL F 255 -1.84 30.70 63.34
C VAL F 255 -0.71 30.88 62.31
N ALA F 256 0.15 29.86 62.20
CA ALA F 256 1.29 29.88 61.26
C ALA F 256 0.81 29.99 59.81
N ALA F 257 -0.29 29.31 59.52
CA ALA F 257 -0.89 29.29 58.19
C ALA F 257 -1.46 30.64 57.79
N GLY F 258 -2.16 31.30 58.70
CA GLY F 258 -2.70 32.65 58.44
C GLY F 258 -1.63 33.71 58.41
N SER F 259 -0.59 33.53 59.22
CA SER F 259 0.61 34.41 59.26
C SER F 259 1.53 34.28 58.05
N SER F 260 1.52 33.12 57.40
CA SER F 260 2.36 32.91 56.21
C SER F 260 1.58 33.16 54.91
N ASN F 261 1.19 32.09 54.22
CA ASN F 261 0.67 32.22 52.86
C ASN F 261 -0.80 31.84 52.72
N LEU F 262 -1.50 31.72 53.86
CA LEU F 262 -2.90 31.35 53.88
C LEU F 262 -3.10 29.93 53.31
N LYS F 263 -2.14 29.05 53.57
CA LYS F 263 -2.27 27.64 53.22
C LYS F 263 -3.51 27.00 53.85
N ARG F 264 -4.08 26.02 53.16
CA ARG F 264 -5.28 25.34 53.62
CA ARG F 264 -5.28 25.33 53.64
C ARG F 264 -4.94 24.43 54.80
N VAL F 265 -5.84 24.32 55.76
CA VAL F 265 -5.50 23.63 56.99
C VAL F 265 -6.56 22.61 57.31
N THR F 266 -6.11 21.39 57.66
CA THR F 266 -6.91 20.46 58.41
C THR F 266 -6.19 19.98 59.68
N LEU F 267 -7.00 19.63 60.68
CA LEU F 267 -6.50 19.31 62.01
C LEU F 267 -7.24 18.12 62.61
N GLU F 268 -6.46 17.18 63.12
CA GLU F 268 -6.99 16.10 63.96
C GLU F 268 -6.33 16.19 65.35
N LEU F 269 -7.13 16.56 66.34
CA LEU F 269 -6.62 16.98 67.62
C LEU F 269 -7.10 16.01 68.71
N GLY F 270 -7.09 16.45 69.96
CA GLY F 270 -7.49 15.52 71.02
C GLY F 270 -8.97 15.17 71.10
N GLY F 271 -9.29 14.45 72.15
CA GLY F 271 -10.67 14.14 72.51
C GLY F 271 -10.79 13.83 73.98
N LYS F 272 -12.02 13.92 74.47
CA LYS F 272 -12.37 13.32 75.76
C LYS F 272 -13.70 12.58 75.58
N SER F 273 -13.65 11.49 74.81
CA SER F 273 -14.84 10.89 74.22
C SER F 273 -15.69 10.15 75.24
N PRO F 274 -17.00 10.43 75.27
CA PRO F 274 -17.93 9.77 76.18
C PRO F 274 -18.45 8.43 75.65
N ASN F 275 -18.43 7.41 76.51
CA ASN F 275 -18.92 6.08 76.22
C ASN F 275 -20.10 5.79 77.15
N ILE F 276 -21.29 5.74 76.58
CA ILE F 276 -22.53 5.80 77.34
C ILE F 276 -23.18 4.40 77.43
N ILE F 277 -23.26 3.87 78.65
CA ILE F 277 -23.81 2.53 78.90
C ILE F 277 -25.20 2.68 79.48
N MET F 278 -26.21 2.38 78.68
CA MET F 278 -27.59 2.44 79.15
C MET F 278 -27.88 1.19 80.00
N SER F 279 -28.86 1.26 80.88
CA SER F 279 -29.16 0.12 81.76
C SER F 279 -29.61 -1.13 80.98
N ASP F 280 -30.07 -0.97 79.74
CA ASP F 280 -30.43 -2.15 78.92
C ASP F 280 -29.30 -2.70 78.05
N ALA F 281 -28.09 -2.18 78.21
CA ALA F 281 -26.93 -2.72 77.50
C ALA F 281 -26.68 -4.19 77.86
N ASP F 282 -26.20 -4.96 76.90
CA ASP F 282 -25.55 -6.25 77.16
C ASP F 282 -24.35 -5.99 78.07
N MET F 283 -24.48 -6.36 79.35
CA MET F 283 -23.45 -6.09 80.37
C MET F 283 -22.05 -6.63 80.03
N ASP F 284 -21.93 -7.92 79.74
CA ASP F 284 -20.63 -8.47 79.38
C ASP F 284 -19.95 -7.80 78.18
N TRP F 285 -20.73 -7.57 77.13
CA TRP F 285 -20.21 -6.89 75.93
C TRP F 285 -19.77 -5.45 76.27
N ALA F 286 -20.67 -4.70 76.90
CA ALA F 286 -20.38 -3.34 77.38
C ALA F 286 -19.13 -3.27 78.26
N VAL F 287 -18.98 -4.17 79.24
CA VAL F 287 -17.76 -4.15 80.09
C VAL F 287 -16.49 -4.35 79.26
N GLU F 288 -16.50 -5.36 78.39
CA GLU F 288 -15.35 -5.67 77.54
C GLU F 288 -15.06 -4.55 76.55
N GLN F 289 -16.10 -4.01 75.90
CA GLN F 289 -15.90 -2.93 74.96
C GLN F 289 -15.45 -1.62 75.64
N ALA F 290 -15.92 -1.37 76.87
CA ALA F 290 -15.49 -0.19 77.60
C ALA F 290 -14.03 -0.27 78.00
N HIS F 291 -13.60 -1.47 78.30
CA HIS F 291 -12.21 -1.69 78.64
C HIS F 291 -11.34 -1.39 77.38
N PHE F 292 -11.68 -2.02 76.27
CA PHE F 292 -11.01 -1.73 75.00
C PHE F 292 -11.04 -0.23 74.67
N ALA F 293 -12.22 0.39 74.75
CA ALA F 293 -12.40 1.78 74.36
C ALA F 293 -11.38 2.70 75.04
N LEU F 294 -11.03 2.37 76.28
CA LEU F 294 -10.16 3.21 77.08
C LEU F 294 -8.71 2.79 76.92
N PHE F 295 -8.45 1.50 77.12
CA PHE F 295 -7.09 1.00 77.32
C PHE F 295 -6.30 0.72 76.05
N PHE F 296 -7.00 0.63 74.91
CA PHE F 296 -6.36 0.32 73.64
C PHE F 296 -5.14 1.18 73.42
N ASN F 297 -4.07 0.55 72.95
CA ASN F 297 -2.84 1.24 72.59
C ASN F 297 -2.26 2.04 73.74
N GLN F 298 -2.29 1.46 74.95
CA GLN F 298 -1.72 2.09 76.15
C GLN F 298 -2.50 3.36 76.53
N GLY F 299 -3.75 3.45 76.06
CA GLY F 299 -4.61 4.62 76.29
C GLY F 299 -4.24 5.79 75.39
N GLN F 300 -3.36 5.53 74.43
CA GLN F 300 -2.77 6.56 73.57
C GLN F 300 -3.53 6.59 72.26
N CYS F 301 -4.79 6.96 72.34
N CYS F 301 -4.82 6.92 72.35
CA CYS F 301 -5.66 7.02 71.17
CA CYS F 301 -5.70 7.04 71.20
C CYS F 301 -6.52 8.28 71.27
C CYS F 301 -6.48 8.33 71.31
N CYS F 302 -6.48 9.11 70.23
CA CYS F 302 -7.23 10.38 70.15
C CYS F 302 -8.69 10.24 70.60
N CYS F 303 -9.31 9.13 70.21
CA CYS F 303 -10.73 8.92 70.45
C CYS F 303 -11.02 7.95 71.61
N ALA F 304 -10.08 7.80 72.54
CA ALA F 304 -10.25 6.92 73.71
C ALA F 304 -11.56 7.25 74.44
N GLY F 305 -12.29 6.20 74.84
CA GLY F 305 -13.54 6.37 75.62
C GLY F 305 -13.20 6.68 77.07
N SER F 306 -12.82 7.93 77.31
CA SER F 306 -12.23 8.37 78.59
C SER F 306 -13.21 9.02 79.54
N ARG F 307 -14.48 9.06 79.15
CA ARG F 307 -15.57 9.30 80.08
C ARG F 307 -16.54 8.15 79.88
N THR F 308 -16.51 7.18 80.80
CA THR F 308 -17.42 6.01 80.75
C THR F 308 -18.64 6.31 81.63
N PHE F 309 -19.73 6.71 80.99
CA PHE F 309 -20.98 7.09 81.67
C PHE F 309 -21.81 5.82 81.81
N VAL F 310 -22.19 5.49 83.03
CA VAL F 310 -22.93 4.24 83.29
C VAL F 310 -24.21 4.55 84.05
N GLN F 311 -25.35 4.11 83.54
N GLN F 311 -25.36 4.13 83.53
CA GLN F 311 -26.64 4.36 84.18
CA GLN F 311 -26.67 4.43 84.15
C GLN F 311 -26.62 3.83 85.61
C GLN F 311 -26.73 3.80 85.56
N GLU F 312 -27.22 4.57 86.54
CA GLU F 312 -27.10 4.19 87.97
C GLU F 312 -27.52 2.77 88.39
N ASP F 313 -28.57 2.23 87.78
CA ASP F 313 -29.07 0.89 88.16
C ASP F 313 -28.07 -0.23 87.89
N ILE F 314 -27.11 0.02 86.99
CA ILE F 314 -26.13 -1.02 86.61
C ILE F 314 -24.71 -0.57 86.97
N TYR F 315 -24.59 0.59 87.60
CA TYR F 315 -23.30 1.21 87.89
C TYR F 315 -22.40 0.33 88.75
N ASP F 316 -22.91 -0.12 89.89
CA ASP F 316 -22.15 -0.95 90.83
C ASP F 316 -21.55 -2.20 90.18
N GLU F 317 -22.39 -2.96 89.47
CA GLU F 317 -21.95 -4.17 88.77
C GLU F 317 -20.96 -3.86 87.65
N PHE F 318 -21.27 -2.86 86.82
CA PHE F 318 -20.38 -2.44 85.74
C PHE F 318 -18.98 -2.13 86.29
N VAL F 319 -18.93 -1.32 87.35
CA VAL F 319 -17.65 -0.97 87.98
C VAL F 319 -16.90 -2.20 88.48
N GLU F 320 -17.61 -3.10 89.17
CA GLU F 320 -17.01 -4.32 89.71
C GLU F 320 -16.30 -5.10 88.62
N ARG F 321 -17.02 -5.32 87.53
CA ARG F 321 -16.52 -6.05 86.37
C ARG F 321 -15.40 -5.28 85.65
N SER F 322 -15.50 -3.95 85.57
CA SER F 322 -14.43 -3.13 84.95
C SER F 322 -13.12 -3.21 85.74
N VAL F 323 -13.22 -3.11 87.06
CA VAL F 323 -12.06 -3.23 87.94
C VAL F 323 -11.40 -4.60 87.80
N ALA F 324 -12.21 -5.65 87.77
CA ALA F 324 -11.71 -7.01 87.55
C ALA F 324 -10.97 -7.12 86.21
N ARG F 325 -11.54 -6.52 85.17
CA ARG F 325 -10.97 -6.57 83.82
C ARG F 325 -9.63 -5.83 83.76
N ALA F 326 -9.57 -4.66 84.38
CA ALA F 326 -8.36 -3.86 84.46
C ALA F 326 -7.24 -4.55 85.25
N LYS F 327 -7.57 -5.15 86.40
CA LYS F 327 -6.56 -5.84 87.22
C LYS F 327 -5.98 -7.06 86.51
N SER F 328 -6.76 -7.66 85.60
CA SER F 328 -6.34 -8.85 84.87
C SER F 328 -5.50 -8.49 83.63
N ARG F 329 -5.54 -7.21 83.25
CA ARG F 329 -4.78 -6.73 82.09
C ARG F 329 -3.27 -6.97 82.27
N VAL F 330 -2.68 -7.62 81.28
CA VAL F 330 -1.29 -8.05 81.36
C VAL F 330 -0.36 -6.98 80.82
N VAL F 331 0.49 -6.45 81.70
CA VAL F 331 1.45 -5.42 81.31
C VAL F 331 2.83 -6.08 81.21
N GLY F 332 3.58 -5.75 80.16
CA GLY F 332 4.95 -6.25 80.06
C GLY F 332 5.64 -6.11 78.72
N ASN F 333 6.62 -6.98 78.47
CA ASN F 333 7.39 -6.97 77.23
C ASN F 333 6.42 -7.06 76.05
N PRO F 334 6.40 -6.03 75.17
CA PRO F 334 5.42 -6.03 74.07
C PRO F 334 5.73 -7.10 73.02
N PHE F 335 6.94 -7.67 73.04
CA PHE F 335 7.26 -8.83 72.18
C PHE F 335 6.76 -10.18 72.75
N ASP F 336 6.38 -10.23 74.03
CA ASP F 336 5.79 -11.46 74.59
C ASP F 336 4.35 -11.59 74.15
N SER F 337 3.96 -12.77 73.66
CA SER F 337 2.60 -12.96 73.15
C SER F 337 1.47 -12.70 74.16
N LYS F 338 1.77 -12.96 75.44
CA LYS F 338 0.80 -12.77 76.56
C LYS F 338 0.54 -11.30 76.95
N THR F 339 1.45 -10.41 76.56
CA THR F 339 1.33 -8.99 76.90
C THR F 339 0.15 -8.32 76.20
N GLU F 340 -0.72 -7.66 76.99
CA GLU F 340 -1.77 -6.81 76.42
C GLU F 340 -1.44 -5.33 76.39
N GLN F 341 -0.52 -4.90 77.25
CA GLN F 341 -0.19 -3.49 77.40
C GLN F 341 1.31 -3.37 77.50
N GLY F 342 1.90 -2.64 76.55
CA GLY F 342 3.32 -2.30 76.58
C GLY F 342 3.56 -1.02 77.36
N PRO F 343 4.75 -0.39 77.20
CA PRO F 343 4.99 0.87 77.92
C PRO F 343 4.33 2.05 77.24
N GLN F 344 4.29 3.19 77.95
CA GLN F 344 3.95 4.47 77.33
C GLN F 344 5.12 4.88 76.45
N VAL F 345 4.87 5.80 75.51
CA VAL F 345 5.82 6.06 74.42
C VAL F 345 7.18 6.67 74.83
N ASP F 346 7.15 7.53 75.86
CA ASP F 346 8.37 8.20 76.31
C ASP F 346 8.27 8.68 77.75
N GLU F 347 9.39 9.20 78.28
CA GLU F 347 9.45 9.63 79.66
C GLU F 347 8.49 10.81 79.91
N THR F 348 8.37 11.72 78.95
CA THR F 348 7.48 12.88 79.03
C THR F 348 6.05 12.45 79.24
N GLN F 349 5.60 11.51 78.41
CA GLN F 349 4.24 10.99 78.51
C GLN F 349 4.02 10.25 79.84
N PHE F 350 5.00 9.45 80.23
CA PHE F 350 5.06 8.73 81.52
C PHE F 350 4.82 9.66 82.72
N LYS F 351 5.61 10.74 82.83
CA LYS F 351 5.45 11.72 83.92
C LYS F 351 4.09 12.41 83.91
N LYS F 352 3.65 12.80 82.71
CA LYS F 352 2.35 13.45 82.53
C LYS F 352 1.16 12.60 83.00
N ILE F 353 1.21 11.30 82.73
CA ILE F 353 0.19 10.37 83.22
C ILE F 353 0.25 10.20 84.75
N LEU F 354 1.47 10.09 85.28
CA LEU F 354 1.70 10.13 86.74
C LEU F 354 1.07 11.40 87.35
N GLY F 355 1.33 12.56 86.75
CA GLY F 355 0.64 13.81 87.09
C GLY F 355 -0.88 13.72 87.20
N TYR F 356 -1.52 13.22 86.14
CA TYR F 356 -2.99 13.11 86.10
C TYR F 356 -3.54 12.11 87.13
N ILE F 357 -2.82 11.03 87.36
CA ILE F 357 -3.24 10.07 88.38
C ILE F 357 -3.25 10.76 89.75
N ASN F 358 -2.17 11.49 90.06
CA ASN F 358 -2.14 12.23 91.33
C ASN F 358 -3.24 13.28 91.43
N THR F 359 -3.50 13.98 90.32
CA THR F 359 -4.59 14.96 90.24
C THR F 359 -5.92 14.30 90.58
N GLY F 360 -6.26 13.20 89.88
CA GLY F 360 -7.44 12.37 90.20
C GLY F 360 -7.61 12.09 91.68
N LYS F 361 -6.55 11.62 92.34
CA LYS F 361 -6.62 11.32 93.78
C LYS F 361 -6.89 12.58 94.62
N GLN F 362 -6.12 13.63 94.35
CA GLN F 362 -6.26 14.92 95.06
C GLN F 362 -7.65 15.53 94.90
N GLU F 363 -8.26 15.37 93.73
CA GLU F 363 -9.55 15.99 93.48
C GLU F 363 -10.75 15.09 93.86
N GLY F 364 -10.46 13.92 94.42
CA GLY F 364 -11.48 13.13 95.13
C GLY F 364 -12.14 12.05 94.29
N ALA F 365 -11.59 11.79 93.10
CA ALA F 365 -12.03 10.65 92.32
C ALA F 365 -11.65 9.40 93.10
N LYS F 366 -12.49 8.36 93.03
CA LYS F 366 -12.24 7.15 93.78
C LYS F 366 -11.31 6.19 93.05
N LEU F 367 -10.09 6.03 93.57
CA LEU F 367 -9.09 5.15 92.97
C LEU F 367 -9.45 3.69 93.23
N LEU F 368 -9.81 2.96 92.18
CA LEU F 368 -10.34 1.61 92.36
C LEU F 368 -9.30 0.52 92.13
N CYS F 369 -8.31 0.81 91.30
CA CYS F 369 -7.17 -0.09 91.08
C CYS F 369 -6.06 0.69 90.36
N GLY F 370 -4.87 0.09 90.33
CA GLY F 370 -3.71 0.70 89.70
C GLY F 370 -3.23 1.95 90.40
N GLY F 371 -2.84 2.94 89.60
CA GLY F 371 -2.39 4.23 90.12
C GLY F 371 -0.88 4.34 90.32
N GLY F 372 -0.16 3.30 89.94
CA GLY F 372 1.28 3.25 90.16
C GLY F 372 2.09 2.92 88.94
N ILE F 373 3.40 2.97 89.13
CA ILE F 373 4.35 2.55 88.10
C ILE F 373 4.34 1.02 88.07
N ALA F 374 4.38 0.44 86.87
CA ALA F 374 4.20 -1.01 86.71
C ALA F 374 5.49 -1.83 86.58
N ALA F 375 6.60 -1.19 86.21
CA ALA F 375 7.90 -1.85 86.07
C ALA F 375 9.05 -0.90 86.37
N ASP F 376 10.24 -1.47 86.54
CA ASP F 376 11.43 -0.71 86.87
C ASP F 376 12.02 -0.03 85.63
N ARG F 377 12.28 -0.80 84.58
CA ARG F 377 12.81 -0.24 83.33
C ARG F 377 11.68 0.14 82.37
N GLY F 378 11.95 1.11 81.50
CA GLY F 378 10.98 1.58 80.51
C GLY F 378 9.95 2.50 81.13
N TYR F 379 8.81 2.65 80.47
CA TYR F 379 7.79 3.61 80.92
C TYR F 379 6.41 2.95 81.11
N PHE F 380 6.36 1.95 81.99
CA PHE F 380 5.14 1.16 82.21
C PHE F 380 4.30 1.68 83.38
N ILE F 381 2.99 1.78 83.15
CA ILE F 381 2.05 2.30 84.14
C ILE F 381 0.95 1.26 84.34
N GLN F 382 0.58 1.04 85.61
CA GLN F 382 -0.50 0.11 85.95
C GLN F 382 -1.83 0.57 85.34
N PRO F 383 -2.62 -0.34 84.77
CA PRO F 383 -3.99 0.03 84.35
C PRO F 383 -4.74 0.57 85.56
N THR F 384 -5.28 1.78 85.41
CA THR F 384 -5.80 2.56 86.51
C THR F 384 -7.28 2.84 86.28
N VAL F 385 -8.12 2.59 87.29
CA VAL F 385 -9.56 2.92 87.20
C VAL F 385 -10.00 3.90 88.30
N PHE F 386 -10.58 5.04 87.88
CA PHE F 386 -11.27 5.97 88.81
C PHE F 386 -12.79 5.84 88.71
N GLY F 387 -13.45 5.68 89.86
CA GLY F 387 -14.91 5.65 89.91
C GLY F 387 -15.43 6.93 90.55
N ASP F 388 -16.74 7.10 90.54
CA ASP F 388 -17.41 8.26 91.14
C ASP F 388 -16.82 9.57 90.62
N VAL F 389 -16.44 9.54 89.33
CA VAL F 389 -15.90 10.72 88.67
C VAL F 389 -17.04 11.70 88.46
N GLN F 390 -16.72 12.98 88.59
CA GLN F 390 -17.68 14.07 88.42
C GLN F 390 -17.24 14.99 87.26
N ASP F 391 -18.20 15.60 86.55
CA ASP F 391 -17.89 16.36 85.31
C ASP F 391 -16.87 17.48 85.49
N GLY F 392 -16.86 18.09 86.67
CA GLY F 392 -15.98 19.24 86.96
C GLY F 392 -14.56 18.84 87.33
N MET F 393 -14.28 17.54 87.48
CA MET F 393 -12.91 17.07 87.77
C MET F 393 -11.98 17.30 86.58
N THR F 394 -10.73 17.64 86.86
CA THR F 394 -9.74 17.79 85.79
C THR F 394 -9.56 16.49 84.99
N ILE F 395 -9.58 15.34 85.69
CA ILE F 395 -9.44 14.06 85.00
C ILE F 395 -10.66 13.72 84.14
N ALA F 396 -11.80 14.37 84.40
CA ALA F 396 -13.01 14.19 83.58
C ALA F 396 -13.02 15.13 82.37
N LYS F 397 -12.16 16.14 82.38
CA LYS F 397 -12.14 17.20 81.38
C LYS F 397 -10.98 17.07 80.39
N GLU F 398 -9.80 16.78 80.91
CA GLU F 398 -8.56 16.82 80.12
C GLU F 398 -8.12 15.47 79.58
N GLU F 399 -7.60 15.47 78.37
CA GLU F 399 -7.09 14.24 77.73
C GLU F 399 -5.84 13.73 78.48
N ILE F 400 -5.91 12.52 79.01
CA ILE F 400 -4.81 11.98 79.81
C ILE F 400 -3.84 11.20 78.93
N PHE F 401 -4.39 10.48 77.95
CA PHE F 401 -3.59 9.73 76.96
C PHE F 401 -2.76 8.61 77.63
N GLY F 402 -3.33 8.00 78.66
CA GLY F 402 -2.70 6.89 79.35
C GLY F 402 -3.77 5.89 79.72
N PRO F 403 -3.38 4.80 80.39
CA PRO F 403 -4.32 3.78 80.83
C PRO F 403 -5.02 4.20 82.13
N VAL F 404 -5.82 5.27 82.02
CA VAL F 404 -6.54 5.82 83.16
C VAL F 404 -8.01 6.00 82.74
N MET F 405 -8.85 5.18 83.36
CA MET F 405 -10.28 5.08 83.07
C MET F 405 -11.07 5.91 84.07
N GLN F 406 -12.09 6.60 83.55
CA GLN F 406 -12.95 7.41 84.39
C GLN F 406 -14.35 6.83 84.25
N ILE F 407 -14.99 6.57 85.38
CA ILE F 407 -16.37 6.08 85.35
C ILE F 407 -17.26 7.04 86.12
N LEU F 408 -18.31 7.51 85.42
CA LEU F 408 -19.28 8.48 85.90
C LEU F 408 -20.64 7.82 85.90
N LYS F 409 -21.44 8.15 86.91
CA LYS F 409 -22.78 7.63 87.08
C LYS F 409 -23.79 8.67 86.60
N PHE F 410 -24.81 8.21 85.89
CA PHE F 410 -25.91 9.09 85.45
C PHE F 410 -27.28 8.43 85.62
N LYS F 411 -28.33 9.26 85.57
CA LYS F 411 -29.71 8.77 85.73
C LYS F 411 -30.53 8.70 84.45
N THR F 412 -30.65 9.82 83.73
CA THR F 412 -31.57 9.88 82.59
C THR F 412 -30.82 10.05 81.29
N ILE F 413 -31.46 9.62 80.21
CA ILE F 413 -30.96 9.82 78.85
C ILE F 413 -30.80 11.32 78.51
N GLU F 414 -31.74 12.15 78.96
CA GLU F 414 -31.69 13.59 78.72
C GLU F 414 -30.53 14.23 79.47
N GLU F 415 -30.31 13.80 80.72
CA GLU F 415 -29.15 14.22 81.53
C GLU F 415 -27.82 13.83 80.84
N VAL F 416 -27.68 12.58 80.42
CA VAL F 416 -26.39 12.13 79.88
C VAL F 416 -26.03 12.87 78.58
N VAL F 417 -27.01 13.22 77.76
CA VAL F 417 -26.74 14.00 76.54
C VAL F 417 -26.05 15.32 76.84
N GLY F 418 -26.61 16.08 77.77
CA GLY F 418 -26.02 17.33 78.20
C GLY F 418 -24.62 17.16 78.78
N ARG F 419 -24.44 16.15 79.61
CA ARG F 419 -23.12 15.89 80.22
C ARG F 419 -22.09 15.47 79.18
N ALA F 420 -22.42 14.46 78.38
CA ALA F 420 -21.57 14.05 77.25
C ALA F 420 -21.13 15.24 76.39
N ASN F 421 -22.08 16.11 76.04
CA ASN F 421 -21.82 17.21 75.11
C ASN F 421 -21.10 18.42 75.74
N ASN F 422 -21.04 18.45 77.05
CA ASN F 422 -20.44 19.56 77.77
C ASN F 422 -18.93 19.36 77.80
N SER F 423 -18.31 19.66 76.67
CA SER F 423 -16.88 19.50 76.52
C SER F 423 -16.46 20.34 75.33
N THR F 424 -15.24 20.87 75.36
CA THR F 424 -14.74 21.52 74.17
C THR F 424 -14.16 20.52 73.12
N TYR F 425 -14.12 19.23 73.48
CA TYR F 425 -13.79 18.16 72.53
C TYR F 425 -15.05 17.55 71.91
N GLY F 426 -14.89 16.88 70.77
CA GLY F 426 -16.00 16.23 70.05
C GLY F 426 -15.53 15.24 69.00
N LEU F 427 -14.58 14.38 69.36
CA LEU F 427 -13.96 13.51 68.36
C LEU F 427 -14.81 12.28 68.11
N ALA F 428 -15.22 11.63 69.20
CA ALA F 428 -16.03 10.42 69.10
C ALA F 428 -16.97 10.35 70.30
N ALA F 429 -17.87 9.37 70.28
CA ALA F 429 -18.74 9.07 71.39
C ALA F 429 -19.28 7.68 71.10
N ALA F 430 -19.81 7.01 72.12
CA ALA F 430 -20.47 5.71 71.90
C ALA F 430 -21.67 5.51 72.80
N VAL F 431 -22.56 4.61 72.34
CA VAL F 431 -23.79 4.28 73.04
C VAL F 431 -23.98 2.77 73.07
N PHE F 432 -24.24 2.23 74.26
CA PHE F 432 -24.51 0.81 74.40
C PHE F 432 -25.93 0.62 74.92
N THR F 433 -26.76 0.01 74.07
CA THR F 433 -28.20 -0.15 74.32
C THR F 433 -28.79 -1.17 73.35
N LYS F 434 -29.85 -1.85 73.78
CA LYS F 434 -30.60 -2.71 72.90
C LYS F 434 -31.78 -1.98 72.24
N ASP F 435 -32.07 -0.78 72.70
CA ASP F 435 -33.27 -0.05 72.28
C ASP F 435 -33.05 0.77 71.01
N LEU F 436 -33.84 0.49 69.98
CA LEU F 436 -33.83 1.23 68.70
C LEU F 436 -33.94 2.76 68.91
N ASP F 437 -34.98 3.21 69.61
CA ASP F 437 -35.22 4.65 69.77
C ASP F 437 -34.12 5.33 70.57
N LYS F 438 -33.63 4.67 71.64
CA LYS F 438 -32.53 5.24 72.41
C LYS F 438 -31.26 5.41 71.56
N ALA F 439 -30.93 4.36 70.79
CA ALA F 439 -29.81 4.41 69.85
C ALA F 439 -29.87 5.61 68.92
N ASN F 440 -31.05 5.80 68.33
CA ASN F 440 -31.29 6.83 67.33
C ASN F 440 -31.32 8.22 67.96
N TYR F 441 -31.91 8.29 69.15
CA TYR F 441 -31.98 9.54 69.90
C TYR F 441 -30.57 10.01 70.26
N LEU F 442 -29.75 9.12 70.80
CA LEU F 442 -28.40 9.49 71.21
C LEU F 442 -27.43 9.72 70.06
N SER F 443 -27.50 8.90 69.00
CA SER F 443 -26.58 9.12 67.87
C SER F 443 -26.83 10.48 67.20
N GLN F 444 -28.07 10.92 67.17
CA GLN F 444 -28.40 12.23 66.67
C GLN F 444 -27.95 13.35 67.63
N ALA F 445 -28.18 13.17 68.92
CA ALA F 445 -27.95 14.26 69.89
C ALA F 445 -26.47 14.53 70.25
N LEU F 446 -25.62 13.52 70.12
CA LEU F 446 -24.20 13.62 70.50
C LEU F 446 -23.40 14.48 69.52
N GLN F 447 -22.62 15.44 70.05
CA GLN F 447 -21.81 16.35 69.21
C GLN F 447 -20.41 15.77 69.05
N ALA F 448 -20.31 14.72 68.21
CA ALA F 448 -19.07 14.02 67.92
C ALA F 448 -18.98 13.56 66.47
N GLY F 449 -17.76 13.53 65.93
CA GLY F 449 -17.54 13.18 64.54
C GLY F 449 -17.88 11.73 64.22
N THR F 450 -17.66 10.85 65.19
CA THR F 450 -18.06 9.42 65.11
C THR F 450 -18.86 8.99 66.35
N VAL F 451 -20.05 8.42 66.13
CA VAL F 451 -20.80 7.76 67.19
C VAL F 451 -20.89 6.28 66.87
N TRP F 452 -20.29 5.49 67.74
CA TRP F 452 -20.36 4.04 67.65
C TRP F 452 -21.53 3.57 68.49
N VAL F 453 -22.27 2.58 67.97
CA VAL F 453 -23.40 2.04 68.70
C VAL F 453 -23.16 0.57 68.94
N ASN F 454 -23.11 0.19 70.23
CA ASN F 454 -22.79 -1.16 70.65
C ASN F 454 -21.43 -1.66 70.12
N CYS F 455 -20.51 -0.72 69.92
CA CYS F 455 -19.14 -1.04 69.59
C CYS F 455 -18.27 0.19 69.88
N TYR F 456 -16.97 0.09 69.61
CA TYR F 456 -16.06 1.23 69.84
C TYR F 456 -14.82 1.03 69.00
N ASP F 457 -14.20 2.12 68.55
CA ASP F 457 -12.92 2.05 67.85
C ASP F 457 -13.04 1.20 66.58
N VAL F 458 -14.20 1.29 65.93
CA VAL F 458 -14.45 0.56 64.69
C VAL F 458 -14.14 1.53 63.57
N PHE F 459 -12.97 1.32 62.99
CA PHE F 459 -12.46 2.18 61.92
C PHE F 459 -12.58 1.43 60.61
N GLY F 460 -12.96 2.16 59.57
CA GLY F 460 -13.03 1.59 58.24
C GLY F 460 -12.45 2.60 57.31
N ALA F 461 -11.65 2.14 56.35
CA ALA F 461 -11.12 3.03 55.33
C ALA F 461 -12.27 3.75 54.60
N GLN F 462 -13.46 3.17 54.65
CA GLN F 462 -14.60 3.70 53.89
C GLN F 462 -15.36 4.84 54.60
N SER F 463 -15.23 4.89 55.92
CA SER F 463 -16.01 5.81 56.74
C SER F 463 -15.13 6.92 57.30
N PRO F 464 -15.58 8.19 57.17
CA PRO F 464 -14.75 9.31 57.59
C PRO F 464 -14.63 9.42 59.10
N PHE F 465 -13.61 10.15 59.54
CA PHE F 465 -13.25 10.24 60.94
C PHE F 465 -12.66 11.61 61.14
N GLY F 466 -13.11 12.32 62.18
CA GLY F 466 -12.55 13.63 62.51
C GLY F 466 -13.41 14.35 63.53
N GLY F 467 -12.93 15.50 64.01
CA GLY F 467 -13.54 16.12 65.17
C GLY F 467 -14.60 17.17 64.88
N TYR F 468 -15.50 17.33 65.87
CA TYR F 468 -16.32 18.51 66.09
C TYR F 468 -15.52 19.38 67.03
N LYS F 469 -15.89 20.66 67.11
CA LYS F 469 -15.37 21.57 68.12
C LYS F 469 -13.83 21.58 68.07
N MET F 470 -13.19 21.51 69.23
CA MET F 470 -11.72 21.65 69.29
C MET F 470 -10.98 20.32 69.10
N SER F 471 -11.71 19.30 68.65
CA SER F 471 -11.10 18.02 68.32
C SER F 471 -10.54 18.06 66.89
N GLY F 472 -10.83 19.14 66.20
CA GLY F 472 -10.22 19.39 64.90
C GLY F 472 -11.23 19.82 63.88
N SER F 473 -10.82 19.81 62.61
CA SER F 473 -11.69 20.14 61.49
C SER F 473 -11.28 19.34 60.25
N GLY F 474 -12.25 19.06 59.40
CA GLY F 474 -12.05 18.21 58.24
C GLY F 474 -12.18 16.74 58.62
N ARG F 475 -12.22 15.88 57.62
CA ARG F 475 -12.37 14.46 57.82
C ARG F 475 -11.29 13.70 57.05
N GLU F 476 -10.82 12.61 57.64
CA GLU F 476 -9.97 11.67 56.96
C GLU F 476 -10.74 10.40 56.74
N LEU F 477 -10.21 9.53 55.87
CA LEU F 477 -10.87 8.29 55.45
C LEU F 477 -12.11 8.55 54.59
N GLY F 478 -12.53 7.53 53.86
CA GLY F 478 -13.68 7.65 52.97
C GLY F 478 -13.48 8.62 51.83
N GLU F 479 -14.53 8.83 51.06
CA GLU F 479 -14.50 9.85 50.01
C GLU F 479 -14.21 11.24 50.58
N TYR F 480 -14.74 11.50 51.79
CA TYR F 480 -14.53 12.76 52.48
C TYR F 480 -13.06 13.11 52.64
N GLY F 481 -12.21 12.10 52.80
CA GLY F 481 -10.76 12.32 52.99
C GLY F 481 -10.07 12.94 51.78
N LEU F 482 -10.76 12.95 50.63
CA LEU F 482 -10.18 13.51 49.39
C LEU F 482 -10.45 15.00 49.22
N GLN F 483 -11.44 15.51 49.94
CA GLN F 483 -11.86 16.91 49.78
CA GLN F 483 -11.87 16.90 49.80
C GLN F 483 -10.71 17.88 50.11
N ALA F 484 -10.06 17.67 51.24
CA ALA F 484 -8.92 18.53 51.68
C ALA F 484 -7.71 18.49 50.72
N TYR F 485 -7.67 17.51 49.82
CA TYR F 485 -6.52 17.33 48.93
C TYR F 485 -6.85 17.72 47.51
N THR F 486 -7.98 18.38 47.36
CA THR F 486 -8.49 18.79 46.05
C THR F 486 -8.64 20.30 45.99
N GLU F 487 -8.14 20.91 44.91
CA GLU F 487 -8.43 22.29 44.59
C GLU F 487 -9.39 22.31 43.40
N VAL F 488 -10.50 23.04 43.52
CA VAL F 488 -11.57 23.03 42.51
C VAL F 488 -11.42 24.20 41.50
N LYS F 489 -11.34 23.86 40.22
CA LYS F 489 -11.34 24.86 39.17
C LYS F 489 -12.62 24.84 38.35
N THR F 490 -13.29 25.98 38.23
CA THR F 490 -14.42 26.13 37.31
C THR F 490 -13.96 26.66 35.94
N VAL F 491 -14.30 25.93 34.90
CA VAL F 491 -14.04 26.43 33.55
C VAL F 491 -15.40 26.70 32.90
N THR F 492 -15.57 27.93 32.45
CA THR F 492 -16.83 28.38 31.90
C THR F 492 -16.58 28.93 30.49
N VAL F 493 -17.14 28.21 29.52
CA VAL F 493 -16.84 28.37 28.10
C VAL F 493 -18.08 28.91 27.37
N LYS F 494 -17.92 30.01 26.66
CA LYS F 494 -18.98 30.50 25.78
C LYS F 494 -19.20 29.50 24.64
N VAL F 495 -20.47 29.19 24.35
CA VAL F 495 -20.85 28.25 23.27
C VAL F 495 -21.85 28.95 22.33
N PRO F 496 -21.90 28.56 21.04
CA PRO F 496 -22.86 29.18 20.11
C PRO F 496 -24.32 29.20 20.60
N GLN F 497 -24.83 28.07 21.10
CA GLN F 497 -26.20 28.00 21.59
C GLN F 497 -26.39 26.81 22.54
N LYS F 498 -26.53 27.12 23.82
CA LYS F 498 -26.77 26.11 24.85
C LYS F 498 -28.14 25.46 24.68
N ASN F 499 -28.14 24.13 24.69
CA ASN F 499 -29.37 23.32 24.77
C ASN F 499 -29.25 22.33 25.90
N SER F 500 -30.41 21.95 26.46
CA SER F 500 -30.48 20.86 27.45
C SER F 500 -29.87 19.57 26.93
N ALA G 7 -56.64 23.35 59.09
CA ALA G 7 -58.08 23.52 58.71
C ALA G 7 -58.35 22.96 57.32
N VAL G 8 -59.61 22.55 57.09
CA VAL G 8 -60.03 22.06 55.78
C VAL G 8 -61.21 22.90 55.31
N PRO G 9 -61.02 23.70 54.25
CA PRO G 9 -62.10 24.53 53.77
C PRO G 9 -63.26 23.70 53.25
N ALA G 10 -64.48 24.24 53.34
CA ALA G 10 -65.68 23.58 52.82
C ALA G 10 -65.54 23.23 51.33
N PRO G 11 -65.84 21.97 50.97
CA PRO G 11 -65.81 21.56 49.56
C PRO G 11 -67.03 22.01 48.76
N ASN G 12 -66.84 22.23 47.47
CA ASN G 12 -67.95 22.20 46.52
C ASN G 12 -68.23 20.73 46.20
N GLN G 13 -69.41 20.24 46.58
CA GLN G 13 -69.72 18.81 46.42
C GLN G 13 -70.14 18.45 45.00
N GLN G 14 -70.33 19.47 44.16
CA GLN G 14 -70.58 19.28 42.74
C GLN G 14 -69.72 20.26 41.94
N PRO G 15 -68.38 20.03 41.92
CA PRO G 15 -67.52 21.00 41.23
C PRO G 15 -67.74 20.98 39.72
N GLU G 16 -67.61 22.14 39.10
CA GLU G 16 -67.76 22.27 37.67
C GLU G 16 -66.57 21.63 36.96
N VAL G 17 -66.85 20.91 35.87
CA VAL G 17 -65.81 20.36 35.01
C VAL G 17 -65.52 21.33 33.85
N PHE G 18 -64.28 21.80 33.77
CA PHE G 18 -63.85 22.77 32.74
C PHE G 18 -63.05 22.14 31.60
N CYS G 19 -62.45 20.98 31.89
CA CYS G 19 -61.55 20.29 30.95
C CYS G 19 -61.94 18.82 30.79
N ASN G 20 -62.23 18.43 29.55
CA ASN G 20 -62.68 17.07 29.24
C ASN G 20 -62.28 16.64 27.83
N GLN G 21 -61.20 17.20 27.31
CA GLN G 21 -60.75 16.91 25.96
C GLN G 21 -59.30 16.42 25.97
N ILE G 22 -58.73 16.29 24.77
CA ILE G 22 -57.32 15.91 24.60
C ILE G 22 -56.47 17.18 24.59
N PHE G 23 -55.37 17.15 25.32
CA PHE G 23 -54.52 18.33 25.46
C PHE G 23 -53.25 18.18 24.64
N ILE G 24 -53.17 18.92 23.53
CA ILE G 24 -52.00 18.87 22.64
C ILE G 24 -51.58 20.29 22.27
N ASN G 25 -50.29 20.59 22.42
CA ASN G 25 -49.78 21.93 22.09
C ASN G 25 -50.51 23.05 22.84
N ASN G 26 -50.79 22.82 24.13
CA ASN G 26 -51.48 23.81 24.97
C ASN G 26 -52.87 24.21 24.45
N GLU G 27 -53.52 23.29 23.74
CA GLU G 27 -54.85 23.53 23.14
C GLU G 27 -55.72 22.29 23.33
N TRP G 28 -57.03 22.49 23.39
CA TRP G 28 -57.98 21.38 23.62
C TRP G 28 -58.56 20.81 22.33
N HIS G 29 -58.62 19.49 22.27
CA HIS G 29 -58.93 18.78 21.04
C HIS G 29 -59.96 17.69 21.27
N ASP G 30 -60.99 17.67 20.42
CA ASP G 30 -61.80 16.48 20.32
C ASP G 30 -60.91 15.36 19.80
N ALA G 31 -61.30 14.11 20.06
CA ALA G 31 -60.64 12.98 19.42
C ALA G 31 -60.90 13.08 17.92
N VAL G 32 -59.95 12.60 17.11
CA VAL G 32 -60.13 12.61 15.65
C VAL G 32 -61.41 11.85 15.28
N SER G 33 -61.72 10.80 16.02
CA SER G 33 -62.94 10.02 15.81
C SER G 33 -64.22 10.69 16.36
N ARG G 34 -64.03 11.81 17.07
CA ARG G 34 -65.09 12.51 17.80
C ARG G 34 -65.81 11.68 18.88
N LYS G 35 -65.32 10.47 19.15
CA LYS G 35 -65.88 9.63 20.23
C LYS G 35 -65.55 10.24 21.59
N THR G 36 -66.43 10.01 22.56
CA THR G 36 -66.23 10.38 23.95
C THR G 36 -66.55 9.16 24.79
N PHE G 37 -66.07 9.12 26.03
CA PHE G 37 -66.46 8.07 26.97
C PHE G 37 -66.95 8.69 28.29
N PRO G 38 -67.88 8.01 29.00
CA PRO G 38 -68.25 8.56 30.31
C PRO G 38 -67.20 8.36 31.40
N THR G 39 -67.06 9.35 32.26
CA THR G 39 -66.43 9.13 33.55
C THR G 39 -67.52 9.24 34.63
N VAL G 40 -67.41 8.38 35.62
CA VAL G 40 -68.47 8.13 36.58
C VAL G 40 -68.05 8.54 37.97
N ASN G 41 -69.04 8.98 38.75
CA ASN G 41 -68.87 9.18 40.18
C ASN G 41 -69.12 7.89 40.95
N PRO G 42 -68.07 7.33 41.59
CA PRO G 42 -68.19 6.03 42.28
C PRO G 42 -69.10 6.01 43.51
N SER G 43 -69.36 7.16 44.11
CA SER G 43 -70.25 7.25 45.27
C SER G 43 -71.70 7.00 44.90
N THR G 44 -72.03 7.18 43.61
CA THR G 44 -73.42 7.09 43.16
C THR G 44 -73.62 6.20 41.94
N GLY G 45 -72.56 6.01 41.16
CA GLY G 45 -72.63 5.24 39.92
C GLY G 45 -73.11 6.05 38.73
N GLU G 46 -73.26 7.35 38.91
CA GLU G 46 -73.70 8.24 37.84
C GLU G 46 -72.58 8.94 37.07
N VAL G 47 -72.87 9.18 35.80
CA VAL G 47 -71.94 9.84 34.88
C VAL G 47 -71.72 11.28 35.33
N ILE G 48 -70.45 11.68 35.45
CA ILE G 48 -70.12 13.07 35.72
C ILE G 48 -70.17 13.87 34.42
N CYS G 49 -69.49 13.36 33.38
CA CYS G 49 -69.45 14.00 32.08
C CYS G 49 -68.79 13.09 31.05
N GLN G 50 -68.83 13.52 29.80
CA GLN G 50 -68.18 12.83 28.70
C GLN G 50 -66.77 13.38 28.54
N VAL G 51 -65.86 12.52 28.13
CA VAL G 51 -64.45 12.89 27.92
C VAL G 51 -64.00 12.37 26.56
N ALA G 52 -63.24 13.17 25.82
CA ALA G 52 -62.75 12.75 24.51
C ALA G 52 -62.03 11.40 24.61
N GLU G 53 -62.37 10.45 23.73
CA GLU G 53 -61.78 9.12 23.77
C GLU G 53 -60.62 9.02 22.81
N GLY G 54 -59.42 9.29 23.32
CA GLY G 54 -58.20 9.28 22.50
C GLY G 54 -57.78 7.88 22.12
N ASP G 55 -57.27 7.76 20.89
CA ASP G 55 -56.78 6.49 20.33
C ASP G 55 -55.46 6.75 19.60
N LYS G 56 -55.00 5.76 18.84
CA LYS G 56 -53.71 5.85 18.12
C LYS G 56 -53.50 7.17 17.39
N GLU G 57 -54.50 7.59 16.60
CA GLU G 57 -54.39 8.83 15.82
C GLU G 57 -54.19 10.06 16.70
N ASP G 58 -54.83 10.08 17.87
CA ASP G 58 -54.66 11.17 18.84
C ASP G 58 -53.26 11.11 19.46
N VAL G 59 -52.85 9.90 19.84
CA VAL G 59 -51.50 9.66 20.38
C VAL G 59 -50.42 10.11 19.38
N ASP G 60 -50.62 9.79 18.09
CA ASP G 60 -49.74 10.26 17.01
C ASP G 60 -49.58 11.76 16.93
N LYS G 61 -50.69 12.51 16.97
CA LYS G 61 -50.65 13.98 16.97
C LYS G 61 -49.87 14.52 18.18
N ALA G 62 -50.03 13.86 19.32
CA ALA G 62 -49.35 14.24 20.56
C ALA G 62 -47.84 14.00 20.47
N VAL G 63 -47.47 12.83 19.98
CA VAL G 63 -46.06 12.43 19.88
C VAL G 63 -45.36 13.40 18.96
N LYS G 64 -46.04 13.79 17.87
CA LYS G 64 -45.49 14.77 16.93
C LYS G 64 -45.34 16.16 17.54
N ALA G 65 -46.33 16.60 18.32
CA ALA G 65 -46.22 17.87 19.04
C ALA G 65 -45.05 17.87 20.04
N ALA G 66 -44.92 16.78 20.81
CA ALA G 66 -43.80 16.54 21.73
C ALA G 66 -42.45 16.57 21.00
N ARG G 67 -42.33 15.81 19.91
CA ARG G 67 -41.11 15.83 19.10
C ARG G 67 -40.70 17.25 18.69
N ALA G 68 -41.63 18.01 18.11
CA ALA G 68 -41.36 19.40 17.70
C ALA G 68 -40.87 20.27 18.87
N ALA G 69 -41.54 20.14 20.02
CA ALA G 69 -41.15 20.88 21.23
C ALA G 69 -39.74 20.52 21.68
N PHE G 70 -39.31 19.28 21.37
CA PHE G 70 -37.99 18.77 21.82
C PHE G 70 -36.83 19.05 20.84
N GLN G 71 -37.14 19.70 19.71
CA GLN G 71 -36.13 19.92 18.68
C GLN G 71 -35.01 20.82 19.19
N LEU G 72 -33.77 20.50 18.83
CA LEU G 72 -32.61 21.32 19.18
C LEU G 72 -32.89 22.75 18.75
N GLY G 73 -32.66 23.69 19.66
CA GLY G 73 -32.95 25.09 19.40
C GLY G 73 -34.35 25.56 19.75
N SER G 74 -35.24 24.65 20.17
CA SER G 74 -36.61 25.04 20.57
C SER G 74 -36.56 25.85 21.88
N PRO G 75 -37.63 26.64 22.14
CA PRO G 75 -37.75 27.35 23.40
C PRO G 75 -37.49 26.44 24.62
N TRP G 76 -38.05 25.23 24.63
CA TRP G 76 -37.89 24.32 25.75
C TRP G 76 -36.47 23.73 25.88
N ARG G 77 -35.82 23.45 24.75
CA ARG G 77 -34.46 22.91 24.79
C ARG G 77 -33.41 23.99 25.19
N ARG G 78 -33.68 25.23 24.79
CA ARG G 78 -32.77 26.34 25.03
C ARG G 78 -32.91 26.94 26.43
N MET G 79 -34.06 26.68 27.06
CA MET G 79 -34.42 27.31 28.34
C MET G 79 -33.43 26.91 29.41
N ASP G 80 -32.99 27.88 30.23
CA ASP G 80 -32.08 27.61 31.34
C ASP G 80 -32.65 26.53 32.25
N ALA G 81 -31.83 25.58 32.68
CA ALA G 81 -32.29 24.59 33.68
C ALA G 81 -32.99 25.28 34.87
N SER G 82 -32.40 26.37 35.38
CA SER G 82 -33.00 27.12 36.49
C SER G 82 -34.41 27.59 36.16
N HIS G 83 -34.65 27.94 34.88
CA HIS G 83 -35.97 28.41 34.50
C HIS G 83 -37.05 27.32 34.48
N ARG G 84 -36.63 26.09 34.16
CA ARG G 84 -37.50 24.92 34.22
C ARG G 84 -37.94 24.72 35.66
N GLY G 85 -37.01 24.93 36.59
CA GLY G 85 -37.31 24.95 38.02
C GLY G 85 -38.36 26.00 38.38
N ARG G 86 -38.18 27.22 37.85
CA ARG G 86 -39.13 28.32 38.09
C ARG G 86 -40.52 27.99 37.57
N LEU G 87 -40.58 27.36 36.40
CA LEU G 87 -41.86 26.94 35.81
C LEU G 87 -42.56 25.89 36.65
N LEU G 88 -41.80 24.91 37.16
CA LEU G 88 -42.34 23.90 38.06
C LEU G 88 -42.91 24.53 39.35
N ASN G 89 -42.16 25.49 39.91
CA ASN G 89 -42.61 26.18 41.13
C ASN G 89 -43.85 27.02 40.86
N ARG G 90 -43.94 27.58 39.66
CA ARG G 90 -45.16 28.31 39.24
C ARG G 90 -46.39 27.39 39.12
N LEU G 91 -46.22 26.27 38.43
CA LEU G 91 -47.24 25.22 38.38
C LEU G 91 -47.73 24.83 39.78
N ALA G 92 -46.79 24.61 40.70
CA ALA G 92 -47.12 24.24 42.08
C ALA G 92 -47.95 25.34 42.75
N ASP G 93 -47.54 26.59 42.55
CA ASP G 93 -48.26 27.76 43.09
C ASP G 93 -49.69 27.81 42.57
N LEU G 94 -49.90 27.49 41.30
CA LEU G 94 -51.24 27.50 40.73
C LEU G 94 -52.12 26.35 41.25
N ILE G 95 -51.56 25.16 41.34
CA ILE G 95 -52.23 24.03 41.97
C ILE G 95 -52.68 24.40 43.40
N GLU G 96 -51.80 25.10 44.14
CA GLU G 96 -52.15 25.54 45.48
C GLU G 96 -53.30 26.56 45.52
N ARG G 97 -53.28 27.53 44.62
CA ARG G 97 -54.39 28.46 44.46
C ARG G 97 -55.71 27.69 44.24
N ASP G 98 -55.66 26.62 43.46
CA ASP G 98 -56.85 25.81 43.14
C ASP G 98 -57.02 24.53 43.97
N ARG G 99 -56.35 24.47 45.14
CA ARG G 99 -56.30 23.26 45.97
C ARG G 99 -57.68 22.72 46.41
N THR G 100 -58.53 23.62 46.91
CA THR G 100 -59.90 23.27 47.32
C THR G 100 -60.75 22.70 46.18
N TYR G 101 -60.75 23.39 45.04
CA TYR G 101 -61.39 22.88 43.83
C TYR G 101 -60.86 21.50 43.38
N LEU G 102 -59.54 21.39 43.27
CA LEU G 102 -58.92 20.13 42.81
C LEU G 102 -59.18 18.96 43.72
N ALA G 103 -59.14 19.22 45.03
CA ALA G 103 -59.40 18.18 46.02
C ALA G 103 -60.84 17.67 45.94
N ALA G 104 -61.80 18.57 45.73
CA ALA G 104 -63.20 18.19 45.52
C ALA G 104 -63.36 17.37 44.23
N LEU G 105 -62.81 17.89 43.13
CA LEU G 105 -62.80 17.19 41.83
C LEU G 105 -62.14 15.80 41.93
N GLU G 106 -61.03 15.71 42.70
CA GLU G 106 -60.35 14.42 42.95
C GLU G 106 -61.33 13.44 43.59
N THR G 107 -61.93 13.86 44.70
CA THR G 107 -62.95 13.08 45.42
C THR G 107 -64.14 12.70 44.53
N LEU G 108 -64.66 13.65 43.75
CA LEU G 108 -65.83 13.39 42.92
C LEU G 108 -65.57 12.29 41.88
N ASP G 109 -64.40 12.34 41.25
CA ASP G 109 -64.08 11.42 40.17
C ASP G 109 -63.54 10.09 40.71
N ASN G 110 -62.79 10.16 41.81
CA ASN G 110 -62.10 8.98 42.37
C ASN G 110 -62.81 8.26 43.55
N GLY G 111 -63.50 9.01 44.40
CA GLY G 111 -64.17 8.42 45.56
C GLY G 111 -63.53 8.60 46.93
N LYS G 112 -62.23 8.91 46.96
CA LYS G 112 -61.52 9.04 48.24
C LYS G 112 -62.10 10.21 49.05
N PRO G 113 -62.06 10.12 50.39
CA PRO G 113 -62.58 11.23 51.22
C PRO G 113 -61.95 12.58 50.89
N TYR G 114 -62.79 13.61 50.80
CA TYR G 114 -62.36 14.97 50.51
C TYR G 114 -61.26 15.47 51.46
N VAL G 115 -61.41 15.18 52.75
CA VAL G 115 -60.42 15.56 53.77
C VAL G 115 -59.02 15.00 53.41
N ILE G 116 -58.99 13.76 52.93
CA ILE G 116 -57.74 13.13 52.51
C ILE G 116 -57.24 13.73 51.18
N SER G 117 -58.12 13.91 50.20
CA SER G 117 -57.73 14.61 48.95
C SER G 117 -57.08 15.94 49.26
N TYR G 118 -57.64 16.65 50.23
CA TYR G 118 -57.17 17.98 50.55
C TYR G 118 -55.87 17.93 51.37
N LEU G 119 -55.85 17.19 52.47
CA LEU G 119 -54.69 17.18 53.37
C LEU G 119 -53.54 16.29 52.94
N VAL G 120 -53.81 15.26 52.16
CA VAL G 120 -52.78 14.24 51.83
C VAL G 120 -52.41 14.36 50.37
N ASP G 121 -53.33 14.00 49.48
CA ASP G 121 -53.05 14.03 48.02
C ASP G 121 -52.53 15.39 47.54
N LEU G 122 -53.28 16.46 47.79
CA LEU G 122 -52.90 17.78 47.25
C LEU G 122 -51.59 18.30 47.86
N ASP G 123 -51.42 18.04 49.14
CA ASP G 123 -50.18 18.35 49.86
C ASP G 123 -48.97 17.62 49.25
N MET G 124 -49.12 16.32 49.00
N MET G 124 -49.11 16.32 49.00
CA MET G 124 -48.05 15.48 48.45
CA MET G 124 -48.01 15.52 48.46
C MET G 124 -47.69 15.90 47.03
C MET G 124 -47.69 15.87 47.01
N VAL G 125 -48.72 16.28 46.26
CA VAL G 125 -48.55 16.88 44.92
C VAL G 125 -47.69 18.17 44.94
N LEU G 126 -48.02 19.10 45.84
CA LEU G 126 -47.25 20.33 45.94
C LEU G 126 -45.81 20.04 46.34
N LYS G 127 -45.64 19.16 47.32
CA LYS G 127 -44.32 18.80 47.82
C LYS G 127 -43.47 18.11 46.74
N CYS G 128 -44.12 17.26 45.94
CA CYS G 128 -43.44 16.57 44.84
C CYS G 128 -42.91 17.53 43.78
N LEU G 129 -43.78 18.41 43.31
CA LEU G 129 -43.43 19.38 42.28
C LEU G 129 -42.38 20.41 42.72
N ARG G 130 -42.50 20.86 43.97
CA ARG G 130 -41.56 21.82 44.56
C ARG G 130 -40.20 21.17 44.80
N TYR G 131 -40.22 19.90 45.21
CA TYR G 131 -39.00 19.13 45.36
C TYR G 131 -38.27 19.06 44.00
N TYR G 132 -38.97 18.61 42.96
CA TYR G 132 -38.36 18.43 41.66
C TYR G 132 -37.96 19.74 40.99
N ALA G 133 -38.68 20.83 41.32
CA ALA G 133 -38.25 22.17 40.88
C ALA G 133 -36.79 22.41 41.29
N GLY G 134 -36.47 22.03 42.52
CA GLY G 134 -35.12 22.19 43.07
C GLY G 134 -34.06 21.41 42.31
N TRP G 135 -34.45 20.27 41.73
CA TRP G 135 -33.51 19.42 40.99
C TRP G 135 -33.09 19.93 39.62
N ALA G 136 -33.93 20.80 39.04
CA ALA G 136 -33.81 21.17 37.63
C ALA G 136 -32.40 21.55 37.18
N ASP G 137 -31.70 22.32 38.03
CA ASP G 137 -30.36 22.77 37.67
C ASP G 137 -29.25 22.17 38.53
N LYS G 138 -29.48 20.98 39.08
CA LYS G 138 -28.46 20.37 39.98
C LYS G 138 -28.07 18.92 39.65
N TYR G 139 -28.59 18.36 38.57
CA TYR G 139 -28.25 16.97 38.20
C TYR G 139 -27.02 16.88 37.30
N HIS G 140 -25.87 17.19 37.88
CA HIS G 140 -24.59 17.27 37.18
C HIS G 140 -24.14 16.01 36.44
N GLY G 141 -23.59 16.23 35.25
CA GLY G 141 -22.72 15.24 34.63
C GLY G 141 -21.37 15.26 35.34
N LYS G 142 -20.37 14.67 34.69
CA LYS G 142 -19.06 14.46 35.33
C LYS G 142 -17.90 14.84 34.43
N THR G 143 -16.79 15.25 35.04
CA THR G 143 -15.50 15.32 34.36
C THR G 143 -14.66 14.15 34.91
N ILE G 144 -13.99 13.44 34.03
CA ILE G 144 -13.53 12.07 34.31
C ILE G 144 -12.06 11.93 33.95
N PRO G 145 -11.23 11.49 34.91
CA PRO G 145 -9.76 11.37 34.72
C PRO G 145 -9.36 10.09 33.96
N ILE G 146 -9.81 10.04 32.70
CA ILE G 146 -9.57 8.93 31.80
C ILE G 146 -8.07 8.84 31.47
N ASP G 147 -7.57 7.63 31.23
CA ASP G 147 -6.17 7.44 30.80
C ASP G 147 -5.88 8.22 29.52
N GLY G 148 -4.66 8.74 29.41
CA GLY G 148 -4.11 9.24 28.15
C GLY G 148 -4.35 10.74 28.00
N ASP G 149 -3.97 11.27 26.86
CA ASP G 149 -4.03 12.71 26.64
C ASP G 149 -5.40 13.14 26.14
N PHE G 150 -6.38 13.10 27.04
CA PHE G 150 -7.76 13.43 26.74
C PHE G 150 -8.42 14.17 27.89
N PHE G 151 -9.43 14.95 27.50
CA PHE G 151 -10.40 15.54 28.42
C PHE G 151 -11.67 14.74 28.22
N SER G 152 -12.14 14.05 29.27
CA SER G 152 -13.38 13.27 29.16
C SER G 152 -14.48 13.80 30.11
N TYR G 153 -15.69 13.92 29.57
CA TYR G 153 -16.81 14.38 30.39
C TYR G 153 -18.16 13.80 29.96
N THR G 154 -19.13 13.84 30.87
CA THR G 154 -20.50 13.45 30.50
C THR G 154 -21.47 14.63 30.51
N ARG G 155 -22.36 14.64 29.51
CA ARG G 155 -23.53 15.49 29.51
C ARG G 155 -24.70 14.61 29.94
N HIS G 156 -25.47 15.12 30.90
CA HIS G 156 -26.73 14.53 31.27
C HIS G 156 -27.78 15.26 30.45
N GLU G 157 -28.23 14.60 29.38
CA GLU G 157 -29.18 15.19 28.45
C GLU G 157 -30.56 14.59 28.78
N PRO G 158 -31.64 15.19 28.28
CA PRO G 158 -32.94 14.53 28.47
C PRO G 158 -33.06 13.26 27.60
N VAL G 159 -33.82 12.28 28.09
CA VAL G 159 -34.07 11.07 27.30
C VAL G 159 -34.93 11.41 26.06
N GLY G 160 -35.81 12.40 26.18
CA GLY G 160 -36.55 12.93 25.04
C GLY G 160 -38.07 12.87 25.18
N VAL G 161 -38.72 12.22 24.21
CA VAL G 161 -40.19 12.11 24.27
C VAL G 161 -40.56 10.95 25.20
N CYS G 162 -41.23 11.30 26.29
CA CYS G 162 -41.53 10.32 27.33
C CYS G 162 -43.02 10.03 27.40
N GLY G 163 -43.37 8.77 27.15
CA GLY G 163 -44.73 8.29 27.33
C GLY G 163 -44.93 7.90 28.78
N GLN G 164 -45.97 8.46 29.39
CA GLN G 164 -46.27 8.16 30.80
C GLN G 164 -47.71 7.71 30.90
N ILE G 165 -47.90 6.47 31.32
CA ILE G 165 -49.22 5.86 31.45
C ILE G 165 -49.48 5.66 32.94
N ILE G 166 -50.53 6.29 33.47
CA ILE G 166 -50.70 6.28 34.92
C ILE G 166 -52.05 5.72 35.36
N PRO G 167 -52.15 5.31 36.63
CA PRO G 167 -53.36 4.66 37.11
C PRO G 167 -54.32 5.63 37.80
N TRP G 168 -55.39 5.06 38.36
CA TRP G 168 -56.52 5.84 38.87
C TRP G 168 -56.58 5.99 40.39
N ASN G 169 -55.66 5.34 41.10
CA ASN G 169 -55.73 5.33 42.57
C ASN G 169 -55.33 6.63 43.27
N PHE G 170 -54.29 7.29 42.74
CA PHE G 170 -53.90 8.65 43.16
C PHE G 170 -53.73 9.49 41.91
N PRO G 171 -54.86 9.95 41.32
CA PRO G 171 -54.77 10.57 40.00
C PRO G 171 -53.78 11.74 39.92
N LEU G 172 -53.96 12.71 40.81
CA LEU G 172 -53.15 13.92 40.84
C LEU G 172 -51.72 13.61 41.28
N LEU G 173 -51.57 12.78 42.30
CA LEU G 173 -50.23 12.46 42.81
C LEU G 173 -49.37 11.70 41.80
N MET G 174 -49.96 10.70 41.14
CA MET G 174 -49.23 9.97 40.10
C MET G 174 -48.83 10.86 38.94
N GLN G 175 -49.70 11.81 38.55
CA GLN G 175 -49.35 12.81 37.53
C GLN G 175 -48.16 13.67 37.94
N ALA G 176 -48.11 14.06 39.21
CA ALA G 176 -46.99 14.85 39.74
C ALA G 176 -45.68 14.04 39.81
N TRP G 177 -45.79 12.79 40.28
CA TRP G 177 -44.67 11.86 40.36
C TRP G 177 -44.00 11.63 39.01
N LYS G 178 -44.80 11.72 37.94
CA LYS G 178 -44.30 11.55 36.57
C LYS G 178 -43.76 12.87 35.98
N LEU G 179 -44.55 13.94 36.10
CA LEU G 179 -44.16 15.24 35.55
C LEU G 179 -42.97 15.91 36.25
N GLY G 180 -42.92 15.87 37.58
CA GLY G 180 -41.82 16.49 38.33
C GLY G 180 -40.45 16.12 37.77
N PRO G 181 -40.09 14.82 37.79
CA PRO G 181 -38.73 14.49 37.34
C PRO G 181 -38.54 14.64 35.82
N ALA G 182 -39.55 14.28 35.03
CA ALA G 182 -39.46 14.42 33.57
C ALA G 182 -39.22 15.89 33.16
N LEU G 183 -39.97 16.81 33.75
CA LEU G 183 -39.83 18.22 33.40
C LEU G 183 -38.58 18.87 34.02
N ALA G 184 -38.23 18.45 35.24
CA ALA G 184 -36.99 18.96 35.89
C ALA G 184 -35.75 18.70 34.99
N THR G 185 -35.77 17.56 34.29
CA THR G 185 -34.66 17.15 33.43
C THR G 185 -34.81 17.59 31.95
N GLY G 186 -35.89 18.29 31.59
CA GLY G 186 -35.99 18.87 30.26
C GLY G 186 -36.55 17.97 29.16
N ASN G 187 -37.23 16.92 29.59
CA ASN G 187 -37.95 16.03 28.70
C ASN G 187 -39.28 16.65 28.25
N VAL G 188 -39.91 16.01 27.27
CA VAL G 188 -41.28 16.33 26.83
C VAL G 188 -42.11 15.06 27.02
N VAL G 189 -43.42 15.24 27.14
CA VAL G 189 -44.29 14.20 27.73
C VAL G 189 -45.57 13.98 26.90
N VAL G 190 -45.94 12.71 26.72
CA VAL G 190 -47.26 12.31 26.23
C VAL G 190 -47.84 11.43 27.33
N MET G 191 -48.85 11.95 28.01
CA MET G 191 -49.37 11.31 29.20
C MET G 191 -50.72 10.67 28.92
N LYS G 192 -50.88 9.43 29.36
CA LYS G 192 -52.16 8.76 29.22
C LYS G 192 -52.74 8.57 30.60
N VAL G 193 -53.81 9.31 30.89
CA VAL G 193 -54.43 9.26 32.19
C VAL G 193 -55.43 8.08 32.23
N ALA G 194 -55.76 7.62 33.43
CA ALA G 194 -56.67 6.50 33.61
C ALA G 194 -58.09 6.92 33.23
N GLU G 195 -58.79 6.08 32.47
CA GLU G 195 -60.19 6.36 32.07
C GLU G 195 -61.16 6.54 33.24
N GLN G 196 -60.82 5.97 34.39
CA GLN G 196 -61.67 6.07 35.57
C GLN G 196 -61.56 7.45 36.22
N THR G 197 -60.42 8.10 36.06
CA THR G 197 -60.12 9.35 36.75
C THR G 197 -59.34 10.28 35.85
N PRO G 198 -59.94 10.70 34.72
CA PRO G 198 -59.18 11.61 33.87
C PRO G 198 -59.23 13.08 34.29
N LEU G 199 -60.26 13.48 35.03
CA LEU G 199 -60.63 14.90 35.10
C LEU G 199 -59.60 15.81 35.77
N THR G 200 -59.03 15.38 36.89
CA THR G 200 -58.11 16.27 37.61
C THR G 200 -56.83 16.53 36.80
N ALA G 201 -56.30 15.46 36.19
CA ALA G 201 -55.11 15.60 35.34
C ALA G 201 -55.35 16.60 34.22
N LEU G 202 -56.54 16.56 33.63
CA LEU G 202 -56.90 17.47 32.54
C LEU G 202 -56.96 18.91 33.03
N TYR G 203 -57.46 19.11 34.25
CA TYR G 203 -57.51 20.46 34.76
C TYR G 203 -56.08 20.98 34.99
N VAL G 204 -55.22 20.14 35.57
CA VAL G 204 -53.80 20.47 35.72
C VAL G 204 -53.13 20.90 34.39
N ALA G 205 -53.54 20.31 33.26
CA ALA G 205 -53.07 20.74 31.92
C ALA G 205 -53.31 22.24 31.64
N ASN G 206 -54.49 22.74 32.02
CA ASN G 206 -54.81 24.16 31.97
C ASN G 206 -53.83 24.99 32.80
N LEU G 207 -53.44 24.45 33.94
CA LEU G 207 -52.50 25.13 34.81
C LEU G 207 -51.08 25.02 34.25
N ILE G 208 -50.78 23.94 33.52
CA ILE G 208 -49.50 23.80 32.82
C ILE G 208 -49.34 24.92 31.79
N LYS G 209 -50.40 25.16 31.02
CA LYS G 209 -50.45 26.29 30.09
C LYS G 209 -50.32 27.65 30.79
N GLU G 210 -51.07 27.84 31.87
CA GLU G 210 -51.09 29.13 32.58
C GLU G 210 -49.73 29.43 33.23
N ALA G 211 -49.07 28.39 33.74
CA ALA G 211 -47.71 28.45 34.27
C ALA G 211 -46.66 28.95 33.28
N GLY G 212 -46.89 28.75 31.98
CA GLY G 212 -45.93 29.19 30.95
C GLY G 212 -45.09 28.13 30.26
N PHE G 213 -45.42 26.86 30.42
CA PHE G 213 -44.70 25.80 29.69
C PHE G 213 -44.95 25.93 28.18
N PRO G 214 -43.87 25.85 27.38
CA PRO G 214 -44.03 25.88 25.92
C PRO G 214 -44.99 24.79 25.43
N PRO G 215 -45.74 25.08 24.35
CA PRO G 215 -46.67 24.08 23.81
C PRO G 215 -45.93 22.82 23.34
N GLY G 216 -46.53 21.66 23.62
CA GLY G 216 -45.96 20.37 23.20
C GLY G 216 -45.09 19.72 24.25
N VAL G 217 -44.73 20.49 25.27
CA VAL G 217 -43.90 19.98 26.38
C VAL G 217 -44.67 18.94 27.22
N VAL G 218 -45.93 19.25 27.54
CA VAL G 218 -46.84 18.27 28.14
C VAL G 218 -48.11 18.14 27.29
N ASN G 219 -48.39 16.92 26.89
CA ASN G 219 -49.59 16.56 26.15
C ASN G 219 -50.32 15.47 26.89
N ILE G 220 -51.63 15.58 26.99
CA ILE G 220 -52.42 14.57 27.67
C ILE G 220 -53.51 14.02 26.76
N VAL G 221 -53.56 12.69 26.70
CA VAL G 221 -54.52 11.95 25.90
C VAL G 221 -55.32 11.04 26.84
N PRO G 222 -56.52 11.49 27.23
CA PRO G 222 -57.47 10.59 27.90
C PRO G 222 -57.91 9.49 26.93
N GLY G 223 -58.24 8.31 27.43
CA GLY G 223 -58.63 7.20 26.56
C GLY G 223 -58.41 5.87 27.24
N PHE G 224 -58.63 4.77 26.52
CA PHE G 224 -58.52 3.42 27.12
C PHE G 224 -57.11 2.86 27.04
N GLY G 225 -56.88 1.77 27.78
CA GLY G 225 -55.53 1.22 27.83
C GLY G 225 -55.11 0.51 26.56
N PRO G 226 -55.90 -0.50 26.13
CA PRO G 226 -55.57 -1.30 24.96
C PRO G 226 -55.53 -0.51 23.66
N THR G 227 -55.97 0.75 23.74
CA THR G 227 -55.99 1.64 22.58
C THR G 227 -54.91 2.73 22.67
N ALA G 228 -55.16 3.76 23.48
CA ALA G 228 -54.26 4.90 23.64
C ALA G 228 -52.96 4.50 24.34
N GLY G 229 -53.11 3.78 25.45
CA GLY G 229 -51.97 3.24 26.18
C GLY G 229 -51.00 2.45 25.30
N ALA G 230 -51.54 1.47 24.57
CA ALA G 230 -50.75 0.61 23.69
C ALA G 230 -50.10 1.38 22.55
N ALA G 231 -50.78 2.44 22.10
CA ALA G 231 -50.27 3.28 21.01
C ALA G 231 -49.03 4.04 21.45
N ILE G 232 -49.04 4.55 22.68
CA ILE G 232 -47.86 5.17 23.29
C ILE G 232 -46.72 4.14 23.40
N ALA G 233 -47.02 2.97 23.98
CA ALA G 233 -46.03 1.94 24.28
C ALA G 233 -45.34 1.34 23.05
N SER G 234 -46.07 1.26 21.94
CA SER G 234 -45.58 0.71 20.68
C SER G 234 -45.09 1.78 19.72
N HIS G 235 -45.19 3.05 20.11
CA HIS G 235 -44.88 4.15 19.22
C HIS G 235 -43.42 4.18 18.79
N GLU G 236 -43.18 4.32 17.50
CA GLU G 236 -41.81 4.32 16.96
C GLU G 236 -40.98 5.59 17.27
N ASP G 237 -41.63 6.65 17.77
CA ASP G 237 -40.92 7.91 18.08
C ASP G 237 -40.96 8.31 19.56
N VAL G 238 -41.43 7.39 20.40
CA VAL G 238 -41.40 7.60 21.84
C VAL G 238 -40.10 6.96 22.35
N ASP G 239 -39.31 7.74 23.09
CA ASP G 239 -37.95 7.38 23.52
C ASP G 239 -37.94 6.53 24.80
N LYS G 240 -38.93 6.78 25.65
CA LYS G 240 -38.97 6.21 26.98
C LYS G 240 -40.45 6.05 27.33
N VAL G 241 -40.78 4.94 27.99
CA VAL G 241 -42.12 4.78 28.55
C VAL G 241 -42.01 4.49 30.05
N ALA G 242 -42.79 5.22 30.84
CA ALA G 242 -42.99 4.92 32.24
C ALA G 242 -44.43 4.48 32.45
N PHE G 243 -44.60 3.31 33.05
CA PHE G 243 -45.93 2.74 33.31
C PHE G 243 -46.13 2.43 34.80
N ALA G 244 -47.26 2.89 35.34
CA ALA G 244 -47.72 2.47 36.66
C ALA G 244 -49.10 1.82 36.53
N GLY G 245 -49.26 0.63 37.11
CA GLY G 245 -50.49 -0.12 36.97
C GLY G 245 -50.27 -1.54 37.41
N SER G 246 -51.05 -2.46 36.85
CA SER G 246 -50.98 -3.88 37.24
C SER G 246 -49.76 -4.56 36.66
N THR G 247 -49.27 -5.56 37.38
CA THR G 247 -48.17 -6.41 36.91
C THR G 247 -48.50 -7.07 35.56
N GLU G 248 -49.76 -7.42 35.36
CA GLU G 248 -50.22 -8.01 34.10
C GLU G 248 -49.93 -7.13 32.88
N ILE G 249 -50.24 -5.84 33.01
CA ILE G 249 -50.11 -4.90 31.88
C ILE G 249 -48.65 -4.43 31.71
N GLY G 250 -47.89 -4.46 32.81
CA GLY G 250 -46.44 -4.24 32.77
C GLY G 250 -45.77 -5.15 31.75
N ARG G 251 -46.15 -6.42 31.78
CA ARG G 251 -45.64 -7.42 30.81
C ARG G 251 -45.94 -7.03 29.36
N VAL G 252 -47.16 -6.54 29.13
CA VAL G 252 -47.57 -6.02 27.82
C VAL G 252 -46.71 -4.81 27.40
N ILE G 253 -46.49 -3.88 28.34
CA ILE G 253 -45.69 -2.69 28.10
C ILE G 253 -44.26 -3.04 27.68
N GLN G 254 -43.62 -3.94 28.44
CA GLN G 254 -42.24 -4.33 28.19
C GLN G 254 -42.09 -5.07 26.85
N VAL G 255 -43.04 -5.96 26.56
CA VAL G 255 -43.10 -6.62 25.25
C VAL G 255 -43.30 -5.61 24.12
N ALA G 256 -44.22 -4.66 24.28
CA ALA G 256 -44.46 -3.61 23.29
C ALA G 256 -43.21 -2.78 22.99
N ALA G 257 -42.46 -2.47 24.04
CA ALA G 257 -41.18 -1.77 23.91
C ALA G 257 -40.18 -2.56 23.08
N GLY G 258 -40.03 -3.84 23.39
CA GLY G 258 -39.10 -4.72 22.66
C GLY G 258 -39.51 -4.95 21.20
N SER G 259 -40.82 -5.04 20.99
CA SER G 259 -41.36 -5.31 19.67
C SER G 259 -41.30 -4.09 18.76
N SER G 260 -41.31 -2.89 19.35
CA SER G 260 -41.26 -1.66 18.55
C SER G 260 -39.84 -1.09 18.37
N ASN G 261 -39.49 -0.07 19.13
CA ASN G 261 -38.26 0.71 18.89
C ASN G 261 -37.22 0.61 20.01
N LEU G 262 -37.42 -0.31 20.94
CA LEU G 262 -36.47 -0.53 22.02
C LEU G 262 -36.38 0.70 22.95
N LYS G 263 -37.52 1.33 23.17
CA LYS G 263 -37.64 2.43 24.09
C LYS G 263 -37.26 1.96 25.49
N ARG G 264 -36.77 2.92 26.28
CA ARG G 264 -36.41 2.70 27.68
CA ARG G 264 -36.41 2.67 27.68
C ARG G 264 -37.69 2.53 28.51
N VAL G 265 -37.70 1.56 29.41
CA VAL G 265 -38.89 1.23 30.15
C VAL G 265 -38.62 1.21 31.65
N THR G 266 -39.47 1.91 32.41
CA THR G 266 -39.54 1.72 33.86
C THR G 266 -40.99 1.36 34.22
N LEU G 267 -41.13 0.54 35.25
CA LEU G 267 -42.42 -0.04 35.65
C LEU G 267 -42.67 0.09 37.14
N GLU G 268 -43.88 0.51 37.50
CA GLU G 268 -44.34 0.44 38.89
C GLU G 268 -45.61 -0.37 38.97
N LEU G 269 -45.50 -1.53 39.58
CA LEU G 269 -46.53 -2.54 39.46
C LEU G 269 -47.13 -2.81 40.84
N GLY G 270 -47.82 -3.91 41.00
CA GLY G 270 -48.50 -4.15 42.26
C GLY G 270 -47.57 -4.67 43.35
N GLY G 271 -48.20 -5.06 44.46
CA GLY G 271 -47.51 -5.65 45.61
C GLY G 271 -48.41 -6.56 46.41
N LYS G 272 -47.80 -7.32 47.31
CA LYS G 272 -48.49 -8.03 48.36
C LYS G 272 -47.59 -7.89 49.60
N SER G 273 -47.52 -6.66 50.10
CA SER G 273 -46.51 -6.24 51.05
C SER G 273 -46.73 -6.78 52.47
N PRO G 274 -45.67 -7.39 53.05
CA PRO G 274 -45.71 -7.93 54.42
C PRO G 274 -45.47 -6.87 55.48
N ASN G 275 -46.36 -6.84 56.47
CA ASN G 275 -46.25 -5.95 57.61
C ASN G 275 -46.02 -6.84 58.83
N ILE G 276 -44.80 -6.77 59.38
CA ILE G 276 -44.36 -7.73 60.37
C ILE G 276 -44.40 -7.15 61.77
N ILE G 277 -45.23 -7.74 62.61
CA ILE G 277 -45.38 -7.25 63.97
C ILE G 277 -44.69 -8.19 64.92
N MET G 278 -43.56 -7.76 65.50
CA MET G 278 -42.83 -8.58 66.46
C MET G 278 -43.51 -8.46 67.85
N SER G 279 -43.28 -9.43 68.73
CA SER G 279 -43.92 -9.43 70.05
C SER G 279 -43.54 -8.25 70.93
N ASP G 280 -42.37 -7.64 70.67
CA ASP G 280 -41.97 -6.50 71.49
C ASP G 280 -42.44 -5.16 70.93
N ALA G 281 -43.27 -5.21 69.89
CA ALA G 281 -43.86 -4.01 69.30
C ALA G 281 -44.73 -3.25 70.30
N ASP G 282 -44.84 -1.94 70.11
CA ASP G 282 -45.87 -1.16 70.80
C ASP G 282 -47.22 -1.63 70.22
N MET G 283 -48.05 -2.29 71.04
CA MET G 283 -49.33 -2.85 70.57
C MET G 283 -50.27 -1.82 69.94
N ASP G 284 -50.62 -0.76 70.68
CA ASP G 284 -51.60 0.22 70.22
C ASP G 284 -51.14 0.84 68.90
N TRP G 285 -49.86 1.22 68.85
CA TRP G 285 -49.29 1.85 67.65
C TRP G 285 -49.29 0.87 66.47
N ALA G 286 -48.86 -0.37 66.72
CA ALA G 286 -48.83 -1.39 65.65
C ALA G 286 -50.24 -1.64 65.07
N VAL G 287 -51.23 -1.75 65.95
CA VAL G 287 -52.62 -2.00 65.55
C VAL G 287 -53.14 -0.89 64.67
N GLU G 288 -52.91 0.37 65.10
CA GLU G 288 -53.34 1.52 64.30
C GLU G 288 -52.63 1.59 62.94
N GLN G 289 -51.32 1.38 62.97
CA GLN G 289 -50.53 1.47 61.75
C GLN G 289 -50.84 0.33 60.79
N ALA G 290 -51.08 -0.87 61.30
CA ALA G 290 -51.48 -2.01 60.44
C ALA G 290 -52.85 -1.78 59.78
N HIS G 291 -53.73 -1.08 60.51
CA HIS G 291 -55.05 -0.73 60.00
C HIS G 291 -54.85 0.24 58.88
N PHE G 292 -54.10 1.30 59.17
CA PHE G 292 -53.78 2.29 58.17
C PHE G 292 -53.03 1.63 56.97
N ALA G 293 -52.07 0.76 57.26
CA ALA G 293 -51.26 0.06 56.25
C ALA G 293 -52.14 -0.66 55.22
N LEU G 294 -53.20 -1.30 55.69
CA LEU G 294 -54.09 -2.07 54.79
C LEU G 294 -55.17 -1.17 54.18
N PHE G 295 -55.87 -0.42 55.04
CA PHE G 295 -57.11 0.28 54.62
C PHE G 295 -56.96 1.65 53.96
N PHE G 296 -55.78 2.27 54.04
CA PHE G 296 -55.57 3.57 53.39
C PHE G 296 -56.10 3.58 51.94
N ASN G 297 -56.79 4.65 51.58
CA ASN G 297 -57.30 4.89 50.21
C ASN G 297 -58.21 3.77 49.66
N GLN G 298 -59.15 3.32 50.50
CA GLN G 298 -60.08 2.23 50.16
C GLN G 298 -59.34 0.92 49.80
N GLY G 299 -58.15 0.75 50.39
CA GLY G 299 -57.26 -0.38 50.13
C GLY G 299 -56.56 -0.32 48.77
N GLN G 300 -56.76 0.77 48.05
CA GLN G 300 -56.29 0.92 46.67
C GLN G 300 -54.87 1.52 46.61
N CYS G 301 -53.95 0.81 47.25
N CYS G 301 -53.95 0.84 47.29
CA CYS G 301 -52.56 1.24 47.34
CA CYS G 301 -52.54 1.24 47.32
C CYS G 301 -51.65 0.11 46.88
C CYS G 301 -51.67 0.10 46.85
N CYS G 302 -50.76 0.40 45.93
CA CYS G 302 -49.78 -0.58 45.43
C CYS G 302 -49.00 -1.24 46.56
N CYS G 303 -48.62 -0.44 47.57
CA CYS G 303 -47.81 -0.88 48.70
C CYS G 303 -48.61 -1.24 49.97
N ALA G 304 -49.93 -1.42 49.83
CA ALA G 304 -50.79 -1.82 50.95
C ALA G 304 -50.19 -2.97 51.76
N GLY G 305 -50.28 -2.87 53.10
CA GLY G 305 -49.81 -3.90 54.00
C GLY G 305 -50.79 -5.04 54.08
N SER G 306 -50.77 -5.91 53.07
CA SER G 306 -51.86 -6.85 52.86
C SER G 306 -51.54 -8.27 53.26
N ARG G 307 -50.33 -8.50 53.78
CA ARG G 307 -50.04 -9.67 54.60
C ARG G 307 -49.54 -9.16 55.97
N THR G 308 -50.42 -9.21 56.96
CA THR G 308 -50.11 -8.74 58.30
C THR G 308 -49.61 -9.90 59.16
N PHE G 309 -48.29 -10.02 59.27
CA PHE G 309 -47.66 -11.14 60.00
C PHE G 309 -47.52 -10.71 61.44
N VAL G 310 -48.09 -11.51 62.36
CA VAL G 310 -48.09 -11.18 63.79
C VAL G 310 -47.51 -12.32 64.61
N GLN G 311 -46.56 -11.99 65.50
N GLN G 311 -46.55 -12.01 65.50
CA GLN G 311 -45.90 -12.98 66.35
CA GLN G 311 -45.85 -13.04 66.30
C GLN G 311 -46.96 -13.68 67.20
C GLN G 311 -46.82 -13.67 67.32
N GLU G 312 -46.83 -15.00 67.34
CA GLU G 312 -47.87 -15.79 68.03
C GLU G 312 -48.18 -15.43 69.49
N ASP G 313 -47.21 -14.89 70.21
CA ASP G 313 -47.45 -14.45 71.59
C ASP G 313 -48.42 -13.27 71.71
N ILE G 314 -48.50 -12.42 70.68
CA ILE G 314 -49.39 -11.25 70.72
C ILE G 314 -50.55 -11.34 69.71
N TYR G 315 -50.61 -12.47 69.02
CA TYR G 315 -51.55 -12.71 67.93
C TYR G 315 -53.04 -12.52 68.29
N ASP G 316 -53.51 -13.18 69.35
CA ASP G 316 -54.94 -13.11 69.72
C ASP G 316 -55.34 -11.69 70.02
N GLU G 317 -54.62 -11.05 70.94
CA GLU G 317 -54.88 -9.66 71.27
C GLU G 317 -54.82 -8.77 70.03
N PHE G 318 -53.79 -8.92 69.21
CA PHE G 318 -53.67 -8.11 68.00
C PHE G 318 -54.90 -8.27 67.06
N VAL G 319 -55.35 -9.50 66.84
CA VAL G 319 -56.52 -9.74 65.98
C VAL G 319 -57.78 -9.07 66.58
N GLU G 320 -57.98 -9.27 67.88
CA GLU G 320 -59.10 -8.67 68.64
C GLU G 320 -59.18 -7.16 68.39
N ARG G 321 -58.06 -6.47 68.58
CA ARG G 321 -58.01 -5.02 68.39
C ARG G 321 -58.14 -4.61 66.94
N SER G 322 -57.58 -5.40 66.02
CA SER G 322 -57.71 -5.14 64.59
C SER G 322 -59.15 -5.29 64.09
N VAL G 323 -59.85 -6.30 64.60
CA VAL G 323 -61.25 -6.52 64.22
C VAL G 323 -62.09 -5.35 64.72
N ALA G 324 -61.86 -4.94 65.96
CA ALA G 324 -62.56 -3.82 66.56
C ALA G 324 -62.35 -2.52 65.80
N ARG G 325 -61.11 -2.27 65.36
CA ARG G 325 -60.78 -1.03 64.70
C ARG G 325 -61.41 -1.02 63.30
N ALA G 326 -61.39 -2.17 62.63
CA ALA G 326 -62.05 -2.33 61.34
C ALA G 326 -63.57 -2.11 61.43
N LYS G 327 -64.18 -2.65 62.48
CA LYS G 327 -65.63 -2.47 62.73
C LYS G 327 -66.02 -1.01 62.97
N SER G 328 -65.11 -0.22 63.53
CA SER G 328 -65.36 1.19 63.83
C SER G 328 -65.13 2.13 62.64
N ARG G 329 -64.48 1.64 61.59
CA ARG G 329 -64.12 2.46 60.43
C ARG G 329 -65.37 2.96 59.71
N VAL G 330 -65.49 4.29 59.53
CA VAL G 330 -66.72 4.90 58.99
C VAL G 330 -66.75 4.97 57.46
N VAL G 331 -67.62 4.17 56.88
CA VAL G 331 -67.79 4.14 55.42
C VAL G 331 -68.95 5.07 55.06
N GLY G 332 -68.75 5.95 54.09
CA GLY G 332 -69.84 6.85 53.69
C GLY G 332 -69.50 7.78 52.55
N ASN G 333 -70.38 8.78 52.37
CA ASN G 333 -70.21 9.85 51.41
C ASN G 333 -68.85 10.51 51.62
N PRO G 334 -67.97 10.42 50.62
CA PRO G 334 -66.61 10.97 50.80
C PRO G 334 -66.52 12.47 51.13
N PHE G 335 -67.59 13.23 50.85
CA PHE G 335 -67.63 14.67 51.21
C PHE G 335 -68.02 14.98 52.67
N ASP G 336 -68.60 14.00 53.36
CA ASP G 336 -68.89 14.12 54.81
C ASP G 336 -67.59 14.03 55.63
N SER G 337 -67.36 15.00 56.51
CA SER G 337 -66.14 15.04 57.34
C SER G 337 -65.89 13.80 58.20
N LYS G 338 -66.96 13.12 58.60
CA LYS G 338 -66.83 11.90 59.38
C LYS G 338 -66.39 10.67 58.56
N THR G 339 -66.45 10.74 57.23
CA THR G 339 -66.17 9.55 56.41
C THR G 339 -64.67 9.22 56.40
N GLU G 340 -64.37 7.98 56.74
CA GLU G 340 -62.99 7.48 56.73
C GLU G 340 -62.71 6.75 55.43
N GLN G 341 -63.77 6.19 54.84
CA GLN G 341 -63.65 5.32 53.66
C GLN G 341 -64.76 5.60 52.67
N GLY G 342 -64.38 5.98 51.46
CA GLY G 342 -65.35 6.20 50.39
C GLY G 342 -65.55 4.91 49.63
N PRO G 343 -66.11 4.99 48.41
CA PRO G 343 -66.32 3.82 47.57
C PRO G 343 -65.04 3.39 46.87
N GLN G 344 -65.02 2.16 46.35
CA GLN G 344 -64.01 1.73 45.37
C GLN G 344 -64.22 2.51 44.05
N VAL G 345 -63.20 2.48 43.18
CA VAL G 345 -63.16 3.39 42.04
C VAL G 345 -64.26 3.17 40.97
N ASP G 346 -64.59 1.90 40.70
CA ASP G 346 -65.56 1.57 39.65
C ASP G 346 -66.21 0.20 39.86
N GLU G 347 -67.17 -0.12 38.99
CA GLU G 347 -67.85 -1.41 39.05
C GLU G 347 -66.89 -2.60 38.90
N THR G 348 -65.96 -2.52 37.95
CA THR G 348 -65.00 -3.62 37.74
C THR G 348 -64.20 -3.96 39.00
N GLN G 349 -63.68 -2.94 39.67
CA GLN G 349 -62.96 -3.12 40.94
C GLN G 349 -63.87 -3.64 42.05
N PHE G 350 -65.08 -3.08 42.15
CA PHE G 350 -66.14 -3.51 43.10
C PHE G 350 -66.36 -5.04 43.00
N LYS G 351 -66.53 -5.54 41.78
CA LYS G 351 -66.79 -6.95 41.57
C LYS G 351 -65.55 -7.80 41.85
N LYS G 352 -64.38 -7.27 41.49
CA LYS G 352 -63.13 -7.97 41.75
C LYS G 352 -62.91 -8.22 43.24
N ILE G 353 -63.11 -7.16 44.04
CA ILE G 353 -62.95 -7.27 45.49
C ILE G 353 -63.97 -8.26 46.09
N LEU G 354 -65.24 -8.18 45.66
CA LEU G 354 -66.25 -9.13 46.14
C LEU G 354 -65.86 -10.57 45.79
N GLY G 355 -65.35 -10.75 44.56
CA GLY G 355 -64.80 -12.06 44.12
C GLY G 355 -63.72 -12.58 45.05
N TYR G 356 -62.78 -11.71 45.43
CA TYR G 356 -61.69 -12.11 46.32
C TYR G 356 -62.18 -12.49 47.70
N ILE G 357 -63.19 -11.77 48.19
CA ILE G 357 -63.82 -12.05 49.48
C ILE G 357 -64.46 -13.44 49.44
N ASN G 358 -65.17 -13.72 48.34
CA ASN G 358 -65.76 -15.04 48.10
C ASN G 358 -64.69 -16.13 48.09
N THR G 359 -63.61 -15.87 47.35
CA THR G 359 -62.48 -16.80 47.29
C THR G 359 -61.89 -17.04 48.69
N GLY G 360 -61.74 -15.96 49.46
CA GLY G 360 -61.28 -16.01 50.85
C GLY G 360 -62.12 -16.93 51.70
N LYS G 361 -63.44 -16.82 51.59
CA LYS G 361 -64.35 -17.73 52.31
C LYS G 361 -64.25 -19.16 51.78
N GLN G 362 -64.19 -19.30 50.45
CA GLN G 362 -64.12 -20.62 49.79
C GLN G 362 -62.92 -21.46 50.24
N GLU G 363 -61.77 -20.81 50.43
CA GLU G 363 -60.55 -21.51 50.76
C GLU G 363 -60.29 -21.66 52.27
N GLY G 364 -61.28 -21.29 53.10
CA GLY G 364 -61.28 -21.61 54.51
C GLY G 364 -60.52 -20.66 55.41
N ALA G 365 -60.34 -19.41 54.95
CA ALA G 365 -59.90 -18.33 55.85
C ALA G 365 -61.09 -17.80 56.67
N LYS G 366 -60.86 -17.58 57.96
CA LYS G 366 -61.94 -17.19 58.88
C LYS G 366 -62.29 -15.70 58.70
N LEU G 367 -63.48 -15.44 58.16
CA LEU G 367 -63.99 -14.08 58.04
C LEU G 367 -64.32 -13.54 59.43
N LEU G 368 -63.65 -12.45 59.83
CA LEU G 368 -63.81 -11.96 61.20
C LEU G 368 -64.76 -10.77 61.31
N CYS G 369 -64.91 -10.02 60.22
CA CYS G 369 -65.82 -8.86 60.13
C CYS G 369 -65.94 -8.41 58.67
N GLY G 370 -66.99 -7.64 58.38
CA GLY G 370 -67.26 -7.13 57.05
C GLY G 370 -67.62 -8.23 56.08
N GLY G 371 -67.10 -8.14 54.87
CA GLY G 371 -67.26 -9.21 53.90
C GLY G 371 -68.35 -8.94 52.89
N GLY G 372 -69.10 -7.86 53.10
CA GLY G 372 -70.25 -7.55 52.25
C GLY G 372 -70.24 -6.13 51.74
N ILE G 373 -71.24 -5.81 50.92
CA ILE G 373 -71.48 -4.48 50.40
C ILE G 373 -71.91 -3.57 51.55
N ALA G 374 -71.52 -2.30 51.49
CA ALA G 374 -71.72 -1.37 52.61
C ALA G 374 -72.75 -0.25 52.33
N ALA G 375 -73.33 -0.28 51.13
CA ALA G 375 -74.36 0.68 50.71
C ALA G 375 -75.13 0.06 49.54
N ASP G 376 -76.35 0.54 49.31
CA ASP G 376 -77.21 0.00 48.25
C ASP G 376 -76.85 0.55 46.88
N ARG G 377 -76.30 1.76 46.85
CA ARG G 377 -75.84 2.38 45.61
C ARG G 377 -74.43 2.97 45.80
N GLY G 378 -73.66 3.01 44.71
CA GLY G 378 -72.23 3.36 44.79
C GLY G 378 -71.42 2.08 44.90
N TYR G 379 -70.10 2.19 45.01
CA TYR G 379 -69.29 0.97 45.08
C TYR G 379 -68.64 0.79 46.44
N PHE G 380 -69.47 0.73 47.47
CA PHE G 380 -69.01 0.70 48.85
C PHE G 380 -68.91 -0.74 49.36
N ILE G 381 -67.77 -1.08 49.97
CA ILE G 381 -67.51 -2.41 50.51
C ILE G 381 -67.10 -2.29 51.98
N GLN G 382 -67.62 -3.17 52.84
CA GLN G 382 -67.33 -3.12 54.27
C GLN G 382 -65.88 -3.50 54.53
N PRO G 383 -65.19 -2.78 55.46
CA PRO G 383 -63.86 -3.20 55.94
C PRO G 383 -63.92 -4.65 56.36
N THR G 384 -63.05 -5.47 55.76
CA THR G 384 -63.08 -6.92 55.89
C THR G 384 -61.75 -7.47 56.44
N VAL G 385 -61.85 -8.35 57.43
CA VAL G 385 -60.68 -8.99 58.05
C VAL G 385 -60.81 -10.52 58.01
N PHE G 386 -59.77 -11.17 57.46
CA PHE G 386 -59.62 -12.62 57.49
C PHE G 386 -58.49 -12.94 58.46
N GLY G 387 -58.77 -13.87 59.37
CA GLY G 387 -57.80 -14.33 60.36
C GLY G 387 -57.19 -15.66 59.99
N ASP G 388 -56.12 -16.01 60.72
CA ASP G 388 -55.44 -17.31 60.51
CA ASP G 388 -55.29 -17.23 60.52
C ASP G 388 -55.11 -17.60 59.05
N VAL G 389 -54.82 -16.57 58.26
CA VAL G 389 -54.55 -16.72 56.84
C VAL G 389 -53.28 -17.56 56.63
N GLN G 390 -53.30 -18.42 55.61
CA GLN G 390 -52.17 -19.29 55.30
C GLN G 390 -51.50 -18.87 53.99
N ASP G 391 -50.19 -19.04 53.91
CA ASP G 391 -49.43 -18.53 52.76
C ASP G 391 -49.95 -19.01 51.41
N GLY G 392 -50.48 -20.24 51.41
CA GLY G 392 -50.95 -20.87 50.17
C GLY G 392 -52.25 -20.32 49.60
N MET G 393 -53.02 -19.64 50.44
CA MET G 393 -54.35 -19.15 50.03
C MET G 393 -54.24 -18.04 48.99
N THR G 394 -55.26 -17.94 48.14
CA THR G 394 -55.32 -16.92 47.09
C THR G 394 -55.27 -15.48 47.66
N ILE G 395 -55.92 -15.25 48.79
CA ILE G 395 -55.96 -13.92 49.39
C ILE G 395 -54.63 -13.52 50.06
N ALA G 396 -53.79 -14.52 50.32
CA ALA G 396 -52.43 -14.33 50.84
C ALA G 396 -51.44 -14.02 49.71
N LYS G 397 -51.81 -14.35 48.48
CA LYS G 397 -50.90 -14.28 47.32
C LYS G 397 -51.15 -13.15 46.34
N GLU G 398 -52.42 -12.96 45.95
CA GLU G 398 -52.81 -12.00 44.91
C GLU G 398 -53.20 -10.65 45.48
N GLU G 399 -52.90 -9.62 44.72
CA GLU G 399 -53.23 -8.25 45.10
C GLU G 399 -54.75 -8.04 44.96
N ILE G 400 -55.40 -7.71 46.07
CA ILE G 400 -56.86 -7.52 46.13
C ILE G 400 -57.23 -6.07 45.77
N PHE G 401 -56.45 -5.11 46.27
CA PHE G 401 -56.65 -3.68 46.00
C PHE G 401 -58.01 -3.24 46.54
N GLY G 402 -58.36 -3.73 47.73
CA GLY G 402 -59.60 -3.32 48.39
C GLY G 402 -59.47 -3.44 49.90
N PRO G 403 -60.55 -3.10 50.63
CA PRO G 403 -60.49 -3.08 52.10
C PRO G 403 -60.54 -4.49 52.70
N VAL G 404 -59.54 -5.29 52.38
CA VAL G 404 -59.54 -6.68 52.81
C VAL G 404 -58.19 -7.06 53.43
N MET G 405 -58.24 -7.33 54.74
CA MET G 405 -57.06 -7.52 55.58
C MET G 405 -56.77 -8.98 55.83
N GLN G 406 -55.52 -9.39 55.58
CA GLN G 406 -55.08 -10.76 55.89
C GLN G 406 -54.20 -10.72 57.13
N ILE G 407 -54.56 -11.50 58.14
CA ILE G 407 -53.71 -11.62 59.33
C ILE G 407 -53.15 -13.03 59.45
N LEU G 408 -51.82 -13.13 59.52
CA LEU G 408 -51.10 -14.40 59.57
C LEU G 408 -50.30 -14.51 60.85
N LYS G 409 -50.15 -15.72 61.37
CA LYS G 409 -49.44 -15.98 62.62
C LYS G 409 -48.06 -16.56 62.31
N PHE G 410 -47.05 -16.17 63.09
CA PHE G 410 -45.69 -16.74 62.93
C PHE G 410 -44.98 -16.87 64.27
N LYS G 411 -43.92 -17.67 64.31
CA LYS G 411 -43.18 -17.87 65.55
C LYS G 411 -41.83 -17.15 65.59
N THR G 412 -40.99 -17.36 64.58
CA THR G 412 -39.62 -16.86 64.68
C THR G 412 -39.29 -15.82 63.64
N ILE G 413 -38.27 -15.03 63.95
CA ILE G 413 -37.77 -14.01 63.03
C ILE G 413 -37.21 -14.68 61.74
N GLU G 414 -36.55 -15.83 61.89
CA GLU G 414 -36.07 -16.58 60.74
C GLU G 414 -37.21 -17.05 59.84
N GLU G 415 -38.22 -17.65 60.47
CA GLU G 415 -39.41 -18.10 59.76
C GLU G 415 -40.03 -16.97 58.94
N VAL G 416 -40.25 -15.83 59.59
CA VAL G 416 -41.00 -14.72 59.00
C VAL G 416 -40.30 -14.08 57.80
N VAL G 417 -38.96 -14.05 57.81
CA VAL G 417 -38.22 -13.55 56.63
C VAL G 417 -38.49 -14.39 55.38
N GLY G 418 -38.46 -15.72 55.54
CA GLY G 418 -38.67 -16.63 54.41
C GLY G 418 -40.08 -16.49 53.84
N ARG G 419 -41.05 -16.39 54.75
CA ARG G 419 -42.46 -16.27 54.39
C ARG G 419 -42.74 -14.91 53.74
N ALA G 420 -42.24 -13.83 54.34
CA ALA G 420 -42.34 -12.49 53.73
C ALA G 420 -41.75 -12.44 52.33
N ASN G 421 -40.55 -13.01 52.19
CA ASN G 421 -39.85 -12.98 50.92
C ASN G 421 -40.40 -13.98 49.92
N ASN G 422 -41.24 -14.90 50.35
CA ASN G 422 -41.84 -15.88 49.41
C ASN G 422 -43.02 -15.29 48.65
N SER G 423 -42.69 -14.47 47.67
CA SER G 423 -43.65 -13.74 46.87
C SER G 423 -42.93 -13.28 45.60
N THR G 424 -43.67 -13.19 44.49
CA THR G 424 -43.14 -12.58 43.27
C THR G 424 -43.22 -11.05 43.31
N TYR G 425 -43.88 -10.53 44.35
CA TYR G 425 -43.97 -9.08 44.58
C TYR G 425 -42.86 -8.63 45.57
N GLY G 426 -42.51 -7.36 45.54
CA GLY G 426 -41.46 -6.85 46.43
C GLY G 426 -41.46 -5.34 46.49
N LEU G 427 -42.64 -4.72 46.57
CA LEU G 427 -42.74 -3.26 46.56
C LEU G 427 -42.37 -2.64 47.90
N ALA G 428 -42.93 -3.17 48.98
CA ALA G 428 -42.68 -2.60 50.28
C ALA G 428 -42.80 -3.67 51.32
N ALA G 429 -42.44 -3.33 52.55
CA ALA G 429 -42.61 -4.17 53.73
C ALA G 429 -42.49 -3.26 54.94
N ALA G 430 -42.85 -3.76 56.11
CA ALA G 430 -42.61 -3.02 57.35
C ALA G 430 -42.30 -3.97 58.49
N VAL G 431 -41.64 -3.40 59.50
CA VAL G 431 -41.27 -4.11 60.70
C VAL G 431 -41.64 -3.25 61.89
N PHE G 432 -42.34 -3.85 62.84
CA PHE G 432 -42.67 -3.21 64.10
C PHE G 432 -42.00 -3.97 65.24
N THR G 433 -41.07 -3.28 65.93
CA THR G 433 -40.26 -3.84 67.02
C THR G 433 -39.61 -2.69 67.81
N LYS G 434 -39.33 -2.88 69.10
CA LYS G 434 -38.55 -1.88 69.85
C LYS G 434 -37.03 -2.17 69.80
N ASP G 435 -36.69 -3.34 69.27
CA ASP G 435 -35.33 -3.87 69.34
C ASP G 435 -34.46 -3.39 68.18
N LEU G 436 -33.31 -2.80 68.54
CA LEU G 436 -32.35 -2.32 67.55
C LEU G 436 -31.93 -3.45 66.58
N ASP G 437 -31.44 -4.59 67.09
CA ASP G 437 -30.92 -5.66 66.24
C ASP G 437 -31.96 -6.34 65.37
N LYS G 438 -33.18 -6.49 65.89
CA LYS G 438 -34.32 -6.98 65.08
C LYS G 438 -34.64 -6.07 63.89
N ALA G 439 -34.64 -4.77 64.13
CA ALA G 439 -34.94 -3.79 63.10
C ALA G 439 -33.90 -3.88 61.99
N ASN G 440 -32.62 -3.92 62.37
CA ASN G 440 -31.52 -4.01 61.40
C ASN G 440 -31.44 -5.39 60.72
N TYR G 441 -31.75 -6.46 61.45
CA TYR G 441 -31.78 -7.80 60.84
C TYR G 441 -32.85 -7.81 59.73
N LEU G 442 -34.05 -7.32 60.05
CA LEU G 442 -35.20 -7.46 59.14
C LEU G 442 -35.11 -6.51 57.96
N SER G 443 -34.72 -5.26 58.20
CA SER G 443 -34.67 -4.28 57.11
C SER G 443 -33.64 -4.72 56.04
N GLN G 444 -32.54 -5.32 56.49
CA GLN G 444 -31.58 -5.92 55.54
C GLN G 444 -32.16 -7.14 54.82
N ALA G 445 -32.83 -8.00 55.58
CA ALA G 445 -33.26 -9.32 55.09
C ALA G 445 -34.46 -9.31 54.11
N LEU G 446 -35.34 -8.32 54.25
CA LEU G 446 -36.54 -8.21 53.43
C LEU G 446 -36.25 -7.78 51.97
N GLN G 447 -36.82 -8.52 51.02
CA GLN G 447 -36.62 -8.26 49.60
C GLN G 447 -37.73 -7.32 49.08
N ALA G 448 -37.59 -6.03 49.40
CA ALA G 448 -38.60 -4.99 49.14
C ALA G 448 -37.95 -3.65 48.87
N GLY G 449 -38.60 -2.82 48.05
CA GLY G 449 -38.05 -1.54 47.61
C GLY G 449 -38.07 -0.48 48.70
N THR G 450 -39.10 -0.54 49.54
CA THR G 450 -39.14 0.26 50.77
C THR G 450 -39.43 -0.62 51.97
N VAL G 451 -38.63 -0.45 53.01
CA VAL G 451 -38.92 -1.05 54.29
C VAL G 451 -39.15 0.07 55.31
N TRP G 452 -40.34 0.09 55.89
CA TRP G 452 -40.68 0.98 57.00
C TRP G 452 -40.45 0.30 58.35
N VAL G 453 -39.91 1.07 59.30
CA VAL G 453 -39.68 0.54 60.63
C VAL G 453 -40.51 1.38 61.61
N ASN G 454 -41.46 0.71 62.28
CA ASN G 454 -42.37 1.33 63.25
C ASN G 454 -43.24 2.42 62.62
N CYS G 455 -43.50 2.28 61.31
CA CYS G 455 -44.38 3.19 60.58
C CYS G 455 -44.80 2.51 59.27
N TYR G 456 -45.61 3.19 58.47
CA TYR G 456 -46.07 2.65 57.20
C TYR G 456 -46.55 3.74 56.31
N ASP G 457 -46.39 3.56 55.00
CA ASP G 457 -46.85 4.54 54.01
C ASP G 457 -46.25 5.92 54.24
N VAL G 458 -44.98 5.96 54.64
CA VAL G 458 -44.29 7.22 54.85
C VAL G 458 -43.55 7.54 53.54
N PHE G 459 -44.16 8.37 52.73
CA PHE G 459 -43.58 8.75 51.45
C PHE G 459 -42.95 10.13 51.58
N GLY G 460 -41.88 10.35 50.87
CA GLY G 460 -41.21 11.63 50.92
C GLY G 460 -40.65 11.85 49.55
N ALA G 461 -40.83 13.06 49.05
CA ALA G 461 -40.34 13.39 47.72
C ALA G 461 -38.82 13.13 47.60
N GLN G 462 -38.15 13.12 48.76
CA GLN G 462 -36.69 12.97 48.85
C GLN G 462 -36.24 11.49 48.81
N SER G 463 -37.13 10.56 49.13
CA SER G 463 -36.75 9.15 49.23
C SER G 463 -37.31 8.32 48.09
N PRO G 464 -36.45 7.48 47.45
CA PRO G 464 -36.95 6.72 46.31
C PRO G 464 -37.93 5.63 46.69
N PHE G 465 -38.70 5.20 45.69
CA PHE G 465 -39.76 4.25 45.89
C PHE G 465 -39.90 3.47 44.60
N GLY G 466 -40.04 2.16 44.72
CA GLY G 466 -40.17 1.29 43.56
C GLY G 466 -39.99 -0.17 43.90
N GLY G 467 -40.21 -1.02 42.90
CA GLY G 467 -40.31 -2.44 43.16
C GLY G 467 -39.03 -3.24 43.06
N TYR G 468 -38.97 -4.29 43.88
CA TYR G 468 -38.13 -5.47 43.62
C TYR G 468 -38.99 -6.49 42.87
N LYS G 469 -38.33 -7.49 42.28
CA LYS G 469 -39.04 -8.58 41.59
C LYS G 469 -40.10 -8.07 40.60
N MET G 470 -41.30 -8.64 40.65
CA MET G 470 -42.34 -8.29 39.65
C MET G 470 -43.22 -7.12 40.13
N SER G 471 -42.75 -6.40 41.15
CA SER G 471 -43.36 -5.16 41.56
C SER G 471 -42.89 -3.99 40.71
N GLY G 472 -41.97 -4.25 39.79
CA GLY G 472 -41.50 -3.24 38.87
C GLY G 472 -39.98 -3.15 38.81
N SER G 473 -39.51 -2.03 38.25
CA SER G 473 -38.08 -1.74 38.17
C SER G 473 -37.91 -0.25 38.00
N GLY G 474 -36.74 0.23 38.40
CA GLY G 474 -36.46 1.65 38.41
C GLY G 474 -37.03 2.23 39.70
N ARG G 475 -36.73 3.48 39.96
CA ARG G 475 -37.21 4.13 41.17
C ARG G 475 -37.80 5.47 40.80
N GLU G 476 -38.84 5.85 41.52
CA GLU G 476 -39.40 7.20 41.48
C GLU G 476 -39.10 7.92 42.80
N LEU G 477 -39.18 9.26 42.76
CA LEU G 477 -38.87 10.12 43.89
C LEU G 477 -37.37 10.17 44.19
N GLY G 478 -36.97 11.19 44.94
CA GLY G 478 -35.57 11.41 45.26
C GLY G 478 -34.70 11.70 44.05
N GLU G 479 -33.39 11.68 44.25
CA GLU G 479 -32.45 11.93 43.16
C GLU G 479 -32.55 10.79 42.15
N TYR G 480 -32.83 9.59 42.65
CA TYR G 480 -32.98 8.39 41.82
C TYR G 480 -34.02 8.52 40.70
N GLY G 481 -35.10 9.22 40.98
CA GLY G 481 -36.18 9.39 40.01
C GLY G 481 -35.80 10.18 38.76
N LEU G 482 -34.60 10.77 38.76
CA LEU G 482 -34.05 11.50 37.61
C LEU G 482 -33.33 10.59 36.61
N GLN G 483 -32.86 9.44 37.11
CA GLN G 483 -32.02 8.52 36.36
C GLN G 483 -32.71 8.05 35.06
N ALA G 484 -33.98 7.66 35.17
CA ALA G 484 -34.76 7.15 34.02
C ALA G 484 -35.07 8.25 33.02
N TYR G 485 -34.90 9.50 33.44
CA TYR G 485 -35.24 10.63 32.60
C TYR G 485 -34.01 11.26 31.96
N THR G 486 -32.88 10.58 32.12
CA THR G 486 -31.61 11.09 31.63
C THR G 486 -30.97 10.14 30.61
N GLU G 487 -30.49 10.72 29.52
CA GLU G 487 -29.62 10.01 28.57
C GLU G 487 -28.18 10.50 28.74
N VAL G 488 -27.24 9.57 28.99
CA VAL G 488 -25.86 9.94 29.28
C VAL G 488 -25.02 9.98 27.99
N LYS G 489 -24.35 11.10 27.78
CA LYS G 489 -23.43 11.26 26.66
C LYS G 489 -22.00 11.51 27.16
N THR G 490 -21.08 10.67 26.70
CA THR G 490 -19.65 10.90 26.92
C THR G 490 -19.06 11.71 25.76
N VAL G 491 -18.37 12.80 26.11
CA VAL G 491 -17.51 13.56 25.20
C VAL G 491 -16.03 13.35 25.59
N THR G 492 -15.24 12.81 24.67
CA THR G 492 -13.83 12.56 24.90
C THR G 492 -13.06 13.32 23.83
N VAL G 493 -12.25 14.25 24.29
CA VAL G 493 -11.60 15.24 23.44
C VAL G 493 -10.09 15.07 23.56
N LYS G 494 -9.41 14.96 22.42
CA LYS G 494 -7.95 14.95 22.41
C LYS G 494 -7.40 16.30 22.90
N VAL G 495 -6.44 16.26 23.82
CA VAL G 495 -5.79 17.47 24.36
C VAL G 495 -4.26 17.40 24.14
N PRO G 496 -3.60 18.56 24.03
CA PRO G 496 -2.13 18.54 23.84
C PRO G 496 -1.37 17.69 24.87
N GLN G 497 -1.67 17.88 26.14
CA GLN G 497 -0.97 17.16 27.20
C GLN G 497 -1.80 17.18 28.46
N LYS G 498 -2.30 16.02 28.83
CA LYS G 498 -3.10 15.86 30.03
C LYS G 498 -2.22 15.96 31.28
N ASN G 499 -2.68 16.77 32.22
CA ASN G 499 -2.08 16.87 33.54
C ASN G 499 -3.18 16.71 34.61
N SER G 500 -2.80 16.30 35.80
CA SER G 500 -3.75 16.18 36.91
C SER G 500 -4.26 17.56 37.30
N ALA H 7 6.95 -3.52 23.16
CA ALA H 7 7.66 -4.83 23.03
C ALA H 7 6.73 -5.97 23.43
N VAL H 8 6.62 -6.97 22.57
CA VAL H 8 5.66 -8.06 22.77
C VAL H 8 6.39 -9.41 22.84
N PRO H 9 6.12 -10.23 23.88
CA PRO H 9 6.66 -11.59 23.95
C PRO H 9 6.20 -12.42 22.75
N ALA H 10 7.07 -13.33 22.29
CA ALA H 10 6.75 -14.16 21.13
C ALA H 10 5.57 -15.08 21.45
N PRO H 11 4.60 -15.17 20.52
CA PRO H 11 3.40 -15.97 20.79
C PRO H 11 3.64 -17.47 20.68
N ASN H 12 2.81 -18.26 21.33
CA ASN H 12 2.73 -19.65 20.98
C ASN H 12 1.64 -19.72 19.92
N GLN H 13 1.99 -20.11 18.70
CA GLN H 13 1.02 -20.05 17.61
C GLN H 13 0.02 -21.20 17.65
N GLN H 14 0.27 -22.16 18.53
CA GLN H 14 -0.58 -23.32 18.69
C GLN H 14 -0.89 -23.47 20.19
N PRO H 15 -1.56 -22.46 20.79
CA PRO H 15 -1.83 -22.58 22.22
C PRO H 15 -2.75 -23.76 22.48
N GLU H 16 -2.47 -24.52 23.53
CA GLU H 16 -3.27 -25.69 23.89
C GLU H 16 -4.53 -25.27 24.64
N VAL H 17 -5.65 -25.89 24.30
CA VAL H 17 -6.92 -25.65 24.99
C VAL H 17 -7.01 -26.55 26.20
N PHE H 18 -7.36 -25.94 27.34
CA PHE H 18 -7.51 -26.65 28.61
C PHE H 18 -8.94 -26.68 29.14
N CYS H 19 -9.75 -25.70 28.72
CA CYS H 19 -11.13 -25.58 29.18
C CYS H 19 -12.11 -25.53 27.98
N ASN H 20 -13.07 -26.47 27.94
CA ASN H 20 -14.02 -26.53 26.81
C ASN H 20 -15.39 -27.11 27.23
N GLN H 21 -15.70 -26.93 28.51
CA GLN H 21 -16.89 -27.48 29.12
C GLN H 21 -17.74 -26.39 29.76
N ILE H 22 -18.80 -26.80 30.43
CA ILE H 22 -19.68 -25.86 31.12
C ILE H 22 -19.16 -25.63 32.55
N PHE H 23 -19.12 -24.36 32.95
CA PHE H 23 -18.57 -23.96 34.25
C PHE H 23 -19.68 -23.59 35.21
N ILE H 24 -19.88 -24.46 36.19
CA ILE H 24 -20.89 -24.28 37.21
C ILE H 24 -20.30 -24.66 38.54
N ASN H 25 -20.47 -23.79 39.54
CA ASN H 25 -19.99 -24.06 40.91
C ASN H 25 -18.51 -24.34 41.00
N ASN H 26 -17.73 -23.64 40.18
CA ASN H 26 -16.28 -23.82 40.05
C ASN H 26 -15.87 -25.24 39.62
N GLU H 27 -16.77 -25.93 38.92
CA GLU H 27 -16.45 -27.23 38.36
C GLU H 27 -16.81 -27.30 36.89
N TRP H 28 -16.17 -28.22 36.17
CA TRP H 28 -16.38 -28.38 34.72
C TRP H 28 -17.37 -29.52 34.45
N HIS H 29 -18.33 -29.25 33.56
CA HIS H 29 -19.45 -30.16 33.30
C HIS H 29 -19.64 -30.34 31.81
N ASP H 30 -19.95 -31.56 31.38
CA ASP H 30 -20.49 -31.72 30.04
C ASP H 30 -21.92 -31.21 30.05
N ALA H 31 -22.46 -30.94 28.86
CA ALA H 31 -23.85 -30.59 28.73
C ALA H 31 -24.64 -31.83 29.13
N VAL H 32 -25.88 -31.62 29.57
CA VAL H 32 -26.75 -32.74 29.98
C VAL H 32 -26.94 -33.68 28.80
N SER H 33 -27.08 -33.11 27.60
CA SER H 33 -27.26 -33.86 26.38
C SER H 33 -25.98 -34.57 25.94
N ARG H 34 -24.87 -34.18 26.55
CA ARG H 34 -23.52 -34.63 26.17
C ARG H 34 -23.06 -34.12 24.80
N LYS H 35 -23.89 -33.31 24.15
CA LYS H 35 -23.58 -32.71 22.85
C LYS H 35 -22.43 -31.71 22.93
N THR H 36 -21.67 -31.60 21.85
CA THR H 36 -20.61 -30.59 21.71
C THR H 36 -20.71 -29.90 20.35
N PHE H 37 -20.08 -28.74 20.24
CA PHE H 37 -20.05 -28.01 18.97
C PHE H 37 -18.62 -27.59 18.64
N PRO H 38 -18.29 -27.47 17.35
CA PRO H 38 -16.91 -27.10 17.04
C PRO H 38 -16.69 -25.59 17.12
N THR H 39 -15.51 -25.19 17.57
CA THR H 39 -15.05 -23.83 17.34
C THR H 39 -13.89 -23.88 16.35
N VAL H 40 -13.96 -22.98 15.38
CA VAL H 40 -13.09 -22.92 14.21
C VAL H 40 -12.03 -21.81 14.35
N ASN H 41 -10.83 -22.07 13.84
CA ASN H 41 -9.82 -21.04 13.66
C ASN H 41 -10.11 -20.32 12.35
N PRO H 42 -10.48 -19.01 12.41
CA PRO H 42 -10.89 -18.31 11.20
C PRO H 42 -9.75 -18.01 10.23
N SER H 43 -8.51 -18.13 10.69
CA SER H 43 -7.34 -17.96 9.80
C SER H 43 -7.16 -19.17 8.87
N THR H 44 -7.66 -20.33 9.28
CA THR H 44 -7.43 -21.57 8.54
C THR H 44 -8.74 -22.23 8.09
N GLY H 45 -9.84 -21.87 8.73
CA GLY H 45 -11.11 -22.57 8.53
C GLY H 45 -11.16 -23.98 9.14
N GLU H 46 -10.18 -24.31 9.99
CA GLU H 46 -10.11 -25.63 10.64
C GLU H 46 -10.63 -25.61 12.07
N VAL H 47 -11.20 -26.72 12.51
CA VAL H 47 -11.71 -26.87 13.88
C VAL H 47 -10.56 -26.91 14.92
N ILE H 48 -10.65 -26.03 15.90
CA ILE H 48 -9.72 -25.99 17.03
C ILE H 48 -10.05 -27.14 18.00
N CYS H 49 -11.31 -27.22 18.39
CA CYS H 49 -11.75 -28.26 19.31
C CYS H 49 -13.27 -28.29 19.42
N GLN H 50 -13.78 -29.27 20.14
CA GLN H 50 -15.20 -29.34 20.47
C GLN H 50 -15.43 -28.66 21.83
N VAL H 51 -16.60 -28.06 21.99
CA VAL H 51 -16.99 -27.37 23.22
C VAL H 51 -18.36 -27.89 23.63
N ALA H 52 -18.55 -28.14 24.93
CA ALA H 52 -19.85 -28.54 25.47
C ALA H 52 -20.96 -27.65 24.92
N GLU H 53 -22.02 -28.27 24.37
CA GLU H 53 -23.13 -27.47 23.83
C GLU H 53 -24.23 -27.27 24.88
N GLY H 54 -24.12 -26.20 25.67
CA GLY H 54 -25.11 -25.87 26.69
C GLY H 54 -26.47 -25.50 26.12
N ASP H 55 -27.53 -25.98 26.78
CA ASP H 55 -28.92 -25.66 26.40
C ASP H 55 -29.69 -25.30 27.69
N LYS H 56 -31.02 -25.30 27.62
CA LYS H 56 -31.89 -24.90 28.72
C LYS H 56 -31.63 -25.62 30.05
N GLU H 57 -31.47 -26.93 30.01
CA GLU H 57 -31.16 -27.72 31.22
C GLU H 57 -29.85 -27.32 31.88
N ASP H 58 -28.86 -26.96 31.05
CA ASP H 58 -27.56 -26.54 31.59
C ASP H 58 -27.66 -25.15 32.22
N VAL H 59 -28.39 -24.25 31.56
CA VAL H 59 -28.71 -22.92 32.09
C VAL H 59 -29.42 -23.05 33.45
N ASP H 60 -30.38 -23.97 33.55
CA ASP H 60 -31.14 -24.17 34.78
C ASP H 60 -30.22 -24.56 35.95
N LYS H 61 -29.26 -25.45 35.69
CA LYS H 61 -28.23 -25.83 36.68
C LYS H 61 -27.40 -24.61 37.09
N ALA H 62 -26.95 -23.84 36.11
CA ALA H 62 -26.16 -22.64 36.38
C ALA H 62 -26.95 -21.61 37.23
N VAL H 63 -28.20 -21.37 36.84
CA VAL H 63 -29.04 -20.42 37.58
C VAL H 63 -29.25 -20.87 39.03
N LYS H 64 -29.50 -22.16 39.23
CA LYS H 64 -29.67 -22.69 40.59
C LYS H 64 -28.40 -22.50 41.42
N ALA H 65 -27.23 -22.74 40.81
CA ALA H 65 -25.94 -22.53 41.49
C ALA H 65 -25.74 -21.07 41.91
N ALA H 66 -26.02 -20.15 40.99
CA ALA H 66 -25.94 -18.69 41.22
C ALA H 66 -26.93 -18.24 42.30
N ARG H 67 -28.15 -18.77 42.26
CA ARG H 67 -29.13 -18.47 43.31
C ARG H 67 -28.64 -18.90 44.70
N ALA H 68 -28.10 -20.12 44.79
CA ALA H 68 -27.56 -20.62 46.05
C ALA H 68 -26.39 -19.76 46.52
N ALA H 69 -25.51 -19.39 45.59
CA ALA H 69 -24.37 -18.53 45.90
C ALA H 69 -24.82 -17.18 46.45
N PHE H 70 -26.02 -16.73 46.03
CA PHE H 70 -26.55 -15.42 46.40
C PHE H 70 -27.40 -15.39 47.70
N GLN H 71 -27.64 -16.56 48.30
CA GLN H 71 -28.45 -16.65 49.54
C GLN H 71 -27.93 -15.79 50.68
N LEU H 72 -28.83 -15.02 51.30
CA LEU H 72 -28.48 -14.25 52.50
C LEU H 72 -27.68 -15.11 53.45
N GLY H 73 -26.53 -14.61 53.89
CA GLY H 73 -25.68 -15.37 54.82
C GLY H 73 -24.64 -16.27 54.17
N SER H 74 -24.64 -16.31 52.83
CA SER H 74 -23.66 -17.09 52.07
C SER H 74 -22.30 -16.41 52.17
N PRO H 75 -21.22 -17.16 51.86
CA PRO H 75 -19.89 -16.57 51.87
C PRO H 75 -19.79 -15.29 50.99
N TRP H 76 -20.44 -15.31 49.82
CA TRP H 76 -20.36 -14.15 48.89
C TRP H 76 -21.19 -12.95 49.37
N ARG H 77 -22.34 -13.24 49.99
CA ARG H 77 -23.19 -12.18 50.52
C ARG H 77 -22.56 -11.51 51.75
N ARG H 78 -21.88 -12.30 52.56
CA ARG H 78 -21.26 -11.82 53.81
C ARG H 78 -19.92 -11.16 53.60
N MET H 79 -19.26 -11.51 52.51
CA MET H 79 -17.96 -10.94 52.17
C MET H 79 -17.92 -9.39 52.21
N ASP H 80 -16.90 -8.86 52.87
CA ASP H 80 -16.64 -7.42 52.91
C ASP H 80 -16.57 -6.91 51.50
N ALA H 81 -17.13 -5.74 51.25
CA ALA H 81 -17.09 -5.14 49.91
C ALA H 81 -15.63 -4.97 49.47
N SER H 82 -14.78 -4.49 50.38
CA SER H 82 -13.34 -4.35 50.10
C SER H 82 -12.70 -5.70 49.67
N HIS H 83 -13.15 -6.80 50.26
CA HIS H 83 -12.62 -8.13 49.89
C HIS H 83 -13.06 -8.55 48.48
N ARG H 84 -14.28 -8.21 48.07
CA ARG H 84 -14.69 -8.36 46.67
C ARG H 84 -13.68 -7.65 45.74
N GLY H 85 -13.28 -6.43 46.14
CA GLY H 85 -12.22 -5.70 45.42
C GLY H 85 -10.90 -6.44 45.34
N ARG H 86 -10.45 -7.02 46.46
CA ARG H 86 -9.20 -7.81 46.50
C ARG H 86 -9.28 -9.00 45.52
N LEU H 87 -10.44 -9.65 45.47
CA LEU H 87 -10.66 -10.81 44.59
C LEU H 87 -10.57 -10.40 43.12
N LEU H 88 -11.13 -9.25 42.78
CA LEU H 88 -11.04 -8.74 41.41
C LEU H 88 -9.61 -8.36 41.06
N ASN H 89 -8.89 -7.80 42.03
CA ASN H 89 -7.48 -7.49 41.84
C ASN H 89 -6.62 -8.77 41.68
N ARG H 90 -6.97 -9.82 42.43
CA ARG H 90 -6.30 -11.12 42.28
C ARG H 90 -6.55 -11.75 40.91
N LEU H 91 -7.80 -11.69 40.44
CA LEU H 91 -8.17 -12.16 39.09
C LEU H 91 -7.38 -11.45 38.00
N ALA H 92 -7.30 -10.13 38.10
CA ALA H 92 -6.49 -9.37 37.16
C ALA H 92 -5.01 -9.79 37.23
N ASP H 93 -4.48 -9.98 38.43
CA ASP H 93 -3.11 -10.51 38.58
C ASP H 93 -2.90 -11.86 37.86
N LEU H 94 -3.85 -12.77 38.00
CA LEU H 94 -3.77 -14.08 37.34
C LEU H 94 -3.88 -13.99 35.81
N ILE H 95 -4.75 -13.10 35.34
CA ILE H 95 -4.88 -12.80 33.91
C ILE H 95 -3.56 -12.20 33.38
N GLU H 96 -2.97 -11.31 34.15
CA GLU H 96 -1.69 -10.72 33.74
C GLU H 96 -0.59 -11.79 33.70
N ARG H 97 -0.57 -12.69 34.68
CA ARG H 97 0.37 -13.81 34.68
C ARG H 97 0.26 -14.63 33.38
N ASP H 98 -0.97 -14.87 32.95
CA ASP H 98 -1.25 -15.71 31.81
C ASP H 98 -1.50 -14.90 30.52
N ARG H 99 -0.97 -13.68 30.47
CA ARG H 99 -1.31 -12.73 29.38
C ARG H 99 -0.86 -13.20 28.00
N THR H 100 0.33 -13.79 27.92
CA THR H 100 0.91 -14.19 26.63
C THR H 100 0.07 -15.35 26.06
N TYR H 101 -0.22 -16.32 26.92
CA TYR H 101 -1.12 -17.42 26.57
C TYR H 101 -2.51 -16.96 26.13
N LEU H 102 -3.12 -16.05 26.91
CA LEU H 102 -4.48 -15.61 26.64
C LEU H 102 -4.59 -14.78 25.35
N ALA H 103 -3.60 -13.93 25.10
CA ALA H 103 -3.53 -13.18 23.86
C ALA H 103 -3.43 -14.11 22.63
N ALA H 104 -2.62 -15.18 22.73
CA ALA H 104 -2.51 -16.19 21.66
C ALA H 104 -3.80 -16.98 21.42
N LEU H 105 -4.43 -17.47 22.49
CA LEU H 105 -5.73 -18.16 22.39
C LEU H 105 -6.82 -17.24 21.80
N GLU H 106 -6.81 -15.97 22.20
CA GLU H 106 -7.75 -14.96 21.67
C GLU H 106 -7.62 -14.88 20.15
N THR H 107 -6.38 -14.71 19.70
CA THR H 107 -6.03 -14.67 18.27
C THR H 107 -6.44 -15.94 17.50
N LEU H 108 -6.18 -17.08 18.11
CA LEU H 108 -6.47 -18.38 17.50
C LEU H 108 -7.95 -18.55 17.28
N ASP H 109 -8.75 -18.20 18.28
CA ASP H 109 -10.21 -18.40 18.22
C ASP H 109 -10.95 -17.29 17.45
N ASN H 110 -10.47 -16.06 17.56
CA ASN H 110 -11.18 -14.87 17.06
C ASN H 110 -10.69 -14.35 15.69
N GLY H 111 -9.39 -14.37 15.49
CA GLY H 111 -8.77 -13.89 14.25
C GLY H 111 -7.92 -12.63 14.37
N LYS H 112 -8.10 -11.85 15.43
CA LYS H 112 -7.39 -10.56 15.57
C LYS H 112 -5.87 -10.75 15.74
N PRO H 113 -5.07 -9.77 15.28
CA PRO H 113 -3.61 -9.87 15.39
C PRO H 113 -3.12 -10.12 16.83
N TYR H 114 -2.17 -11.05 16.99
CA TYR H 114 -1.61 -11.34 18.31
C TYR H 114 -1.11 -10.06 19.02
N VAL H 115 -0.43 -9.17 18.27
CA VAL H 115 0.11 -7.94 18.87
C VAL H 115 -0.99 -7.05 19.48
N ILE H 116 -2.14 -7.02 18.82
CA ILE H 116 -3.31 -6.27 19.28
C ILE H 116 -3.99 -6.97 20.49
N SER H 117 -4.21 -8.27 20.39
CA SER H 117 -4.67 -9.09 21.51
C SER H 117 -3.84 -8.78 22.76
N TYR H 118 -2.52 -8.77 22.57
CA TYR H 118 -1.60 -8.58 23.67
C TYR H 118 -1.57 -7.15 24.24
N LEU H 119 -1.42 -6.14 23.38
CA LEU H 119 -1.22 -4.75 23.79
C LEU H 119 -2.50 -3.95 23.99
N VAL H 120 -3.56 -4.37 23.32
CA VAL H 120 -4.85 -3.69 23.38
C VAL H 120 -5.80 -4.50 24.26
N ASP H 121 -6.30 -5.63 23.74
CA ASP H 121 -7.36 -6.37 24.43
C ASP H 121 -7.01 -6.74 25.87
N LEU H 122 -5.86 -7.37 26.07
CA LEU H 122 -5.48 -7.82 27.41
C LEU H 122 -5.22 -6.68 28.36
N ASP H 123 -4.58 -5.63 27.85
CA ASP H 123 -4.37 -4.36 28.56
C ASP H 123 -5.70 -3.76 29.05
N MET H 124 -6.68 -3.69 28.14
N MET H 124 -6.70 -3.71 28.17
CA MET H 124 -8.02 -3.16 28.43
CA MET H 124 -8.00 -3.13 28.52
C MET H 124 -8.79 -4.04 29.44
C MET H 124 -8.85 -4.04 29.42
N VAL H 125 -8.64 -5.36 29.32
CA VAL H 125 -9.22 -6.33 30.28
C VAL H 125 -8.66 -6.08 31.70
N LEU H 126 -7.34 -5.90 31.78
CA LEU H 126 -6.69 -5.71 33.07
C LEU H 126 -7.11 -4.37 33.71
N LYS H 127 -7.18 -3.34 32.88
CA LYS H 127 -7.58 -2.02 33.33
C LYS H 127 -9.04 -1.94 33.75
N CYS H 128 -9.90 -2.70 33.07
CA CYS H 128 -11.31 -2.78 33.43
C CYS H 128 -11.51 -3.46 34.78
N LEU H 129 -10.89 -4.63 34.97
CA LEU H 129 -11.02 -5.35 36.23
C LEU H 129 -10.41 -4.57 37.39
N ARG H 130 -9.28 -3.93 37.13
CA ARG H 130 -8.63 -3.16 38.17
C ARG H 130 -9.43 -1.89 38.50
N TYR H 131 -10.07 -1.29 37.51
CA TYR H 131 -10.91 -0.10 37.76
C TYR H 131 -12.10 -0.45 38.65
N TYR H 132 -12.83 -1.48 38.26
CA TYR H 132 -13.95 -1.96 39.04
C TYR H 132 -13.62 -2.58 40.41
N ALA H 133 -12.42 -3.13 40.60
CA ALA H 133 -11.99 -3.56 41.93
C ALA H 133 -12.06 -2.38 42.92
N GLY H 134 -11.61 -1.22 42.44
CA GLY H 134 -11.67 0.04 43.19
C GLY H 134 -13.08 0.47 43.54
N TRP H 135 -14.08 0.15 42.71
CA TRP H 135 -15.49 0.52 42.99
C TRP H 135 -16.20 -0.25 44.09
N ALA H 136 -15.65 -1.43 44.41
CA ALA H 136 -16.32 -2.44 45.24
C ALA H 136 -16.90 -1.89 46.52
N ASP H 137 -16.13 -1.02 47.21
CA ASP H 137 -16.50 -0.51 48.53
C ASP H 137 -16.74 1.01 48.55
N LYS H 138 -17.15 1.56 47.40
CA LYS H 138 -17.30 3.02 47.21
C LYS H 138 -18.63 3.45 46.57
N TYR H 139 -19.51 2.51 46.26
CA TYR H 139 -20.78 2.87 45.62
C TYR H 139 -21.91 3.12 46.65
N HIS H 140 -21.81 4.24 47.36
CA HIS H 140 -22.59 4.49 48.59
C HIS H 140 -24.09 4.65 48.35
N GLY H 141 -24.90 4.18 49.30
CA GLY H 141 -26.30 4.63 49.40
C GLY H 141 -26.32 6.05 49.97
N LYS H 142 -27.50 6.55 50.32
CA LYS H 142 -27.71 7.92 50.78
C LYS H 142 -28.44 7.94 52.12
N THR H 143 -28.17 8.95 52.94
CA THR H 143 -29.03 9.33 54.06
C THR H 143 -29.77 10.60 53.67
N ILE H 144 -31.07 10.59 53.93
CA ILE H 144 -31.98 11.48 53.24
C ILE H 144 -32.87 12.28 54.23
N PRO H 145 -32.86 13.63 54.12
CA PRO H 145 -33.59 14.53 55.02
C PRO H 145 -35.08 14.65 54.64
N ILE H 146 -35.78 13.52 54.74
CA ILE H 146 -37.22 13.42 54.47
C ILE H 146 -38.01 14.23 55.50
N ASP H 147 -39.20 14.71 55.13
CA ASP H 147 -40.09 15.39 56.08
C ASP H 147 -40.46 14.49 57.25
N GLY H 148 -40.71 15.12 58.40
CA GLY H 148 -41.28 14.41 59.56
C GLY H 148 -40.25 13.78 60.47
N ASP H 149 -40.72 13.08 61.50
CA ASP H 149 -39.84 12.47 62.48
C ASP H 149 -39.41 11.06 62.04
N PHE H 150 -38.56 11.04 61.01
CA PHE H 150 -38.05 9.80 60.42
C PHE H 150 -36.57 9.93 60.09
N PHE H 151 -35.88 8.79 60.12
CA PHE H 151 -34.56 8.61 59.56
C PHE H 151 -34.79 7.81 58.28
N SER H 152 -34.39 8.37 57.14
CA SER H 152 -34.54 7.65 55.88
C SER H 152 -33.18 7.48 55.19
N TYR H 153 -32.91 6.26 54.76
CA TYR H 153 -31.69 5.98 54.04
C TYR H 153 -31.90 4.97 52.91
N THR H 154 -30.93 4.91 52.01
CA THR H 154 -30.96 3.86 50.99
C THR H 154 -29.77 2.92 51.16
N ARG H 155 -30.05 1.63 50.95
CA ARG H 155 -29.02 0.63 50.74
C ARG H 155 -28.88 0.39 49.26
N HIS H 156 -27.64 0.24 48.81
CA HIS H 156 -27.37 -0.16 47.45
C HIS H 156 -27.05 -1.65 47.51
N GLU H 157 -28.04 -2.48 47.15
CA GLU H 157 -27.93 -3.93 47.24
C GLU H 157 -27.60 -4.50 45.86
N PRO H 158 -27.12 -5.76 45.78
CA PRO H 158 -26.94 -6.31 44.42
C PRO H 158 -28.29 -6.59 43.76
N VAL H 159 -28.36 -6.48 42.44
CA VAL H 159 -29.58 -6.80 41.70
C VAL H 159 -29.91 -8.31 41.81
N GLY H 160 -28.88 -9.16 41.88
CA GLY H 160 -29.09 -10.59 42.13
C GLY H 160 -28.43 -11.48 41.09
N VAL H 161 -29.20 -12.42 40.53
CA VAL H 161 -28.69 -13.31 39.47
C VAL H 161 -28.74 -12.57 38.14
N CYS H 162 -27.56 -12.39 37.53
CA CYS H 162 -27.43 -11.64 36.29
C CYS H 162 -27.06 -12.56 35.14
N GLY H 163 -27.93 -12.61 34.13
CA GLY H 163 -27.60 -13.29 32.89
C GLY H 163 -26.80 -12.31 32.06
N GLN H 164 -25.69 -12.77 31.49
CA GLN H 164 -24.91 -11.90 30.63
C GLN H 164 -24.57 -12.64 29.34
N ILE H 165 -25.05 -12.10 28.24
CA ILE H 165 -24.92 -12.69 26.91
C ILE H 165 -23.98 -11.79 26.10
N ILE H 166 -22.85 -12.34 25.68
CA ILE H 166 -21.82 -11.54 25.04
C ILE H 166 -21.47 -11.97 23.60
N PRO H 167 -20.97 -11.02 22.79
CA PRO H 167 -20.62 -11.32 21.41
C PRO H 167 -19.16 -11.74 21.24
N TRP H 168 -18.78 -11.98 19.99
CA TRP H 168 -17.51 -12.65 19.65
C TRP H 168 -16.41 -11.67 19.23
N ASN H 169 -16.76 -10.39 19.10
CA ASN H 169 -15.81 -9.42 18.54
C ASN H 169 -14.67 -9.03 19.47
N PHE H 170 -14.98 -8.90 20.76
CA PHE H 170 -13.99 -8.71 21.81
C PHE H 170 -14.25 -9.68 22.94
N PRO H 171 -13.93 -10.97 22.74
CA PRO H 171 -14.36 -11.99 23.71
C PRO H 171 -13.89 -11.75 25.15
N LEU H 172 -12.59 -11.58 25.35
CA LEU H 172 -12.08 -11.29 26.70
C LEU H 172 -12.51 -9.93 27.27
N LEU H 173 -12.45 -8.89 26.44
CA LEU H 173 -12.82 -7.53 26.87
C LEU H 173 -14.30 -7.47 27.27
N MET H 174 -15.15 -8.11 26.46
CA MET H 174 -16.60 -8.10 26.74
C MET H 174 -16.89 -8.83 28.03
N GLN H 175 -16.21 -9.96 28.23
CA GLN H 175 -16.28 -10.69 29.49
C GLN H 175 -15.95 -9.78 30.68
N ALA H 176 -14.83 -9.07 30.60
CA ALA H 176 -14.41 -8.11 31.64
C ALA H 176 -15.41 -6.97 31.89
N TRP H 177 -15.88 -6.32 30.82
CA TRP H 177 -16.89 -5.24 30.88
C TRP H 177 -18.13 -5.67 31.68
N LYS H 178 -18.49 -6.94 31.52
CA LYS H 178 -19.63 -7.55 32.22
C LYS H 178 -19.30 -7.95 33.63
N LEU H 179 -18.20 -8.68 33.82
CA LEU H 179 -17.87 -9.22 35.15
C LEU H 179 -17.42 -8.15 36.13
N GLY H 180 -16.65 -7.17 35.65
CA GLY H 180 -16.16 -6.08 36.49
C GLY H 180 -17.22 -5.46 37.38
N PRO H 181 -18.22 -4.79 36.77
CA PRO H 181 -19.23 -4.11 37.58
C PRO H 181 -20.18 -5.05 38.34
N ALA H 182 -20.49 -6.20 37.74
CA ALA H 182 -21.39 -7.15 38.40
C ALA H 182 -20.79 -7.67 39.70
N LEU H 183 -19.51 -8.00 39.65
CA LEU H 183 -18.84 -8.60 40.82
C LEU H 183 -18.45 -7.55 41.86
N ALA H 184 -18.00 -6.39 41.38
CA ALA H 184 -17.76 -5.25 42.27
C ALA H 184 -18.95 -4.94 43.21
N THR H 185 -20.17 -5.09 42.70
CA THR H 185 -21.39 -4.79 43.47
C THR H 185 -22.06 -6.01 44.11
N GLY H 186 -21.44 -7.17 44.00
CA GLY H 186 -21.85 -8.34 44.77
C GLY H 186 -22.89 -9.24 44.14
N ASN H 187 -23.08 -9.09 42.83
CA ASN H 187 -24.00 -9.94 42.11
C ASN H 187 -23.36 -11.31 41.85
N VAL H 188 -24.20 -12.26 41.41
CA VAL H 188 -23.75 -13.55 40.88
C VAL H 188 -24.12 -13.59 39.41
N VAL H 189 -23.41 -14.40 38.63
CA VAL H 189 -23.47 -14.27 37.18
C VAL H 189 -23.72 -15.58 36.47
N VAL H 190 -24.58 -15.54 35.46
CA VAL H 190 -24.70 -16.65 34.50
C VAL H 190 -24.38 -16.10 33.13
N MET H 191 -23.23 -16.52 32.59
CA MET H 191 -22.68 -15.96 31.36
C MET H 191 -22.75 -16.94 30.19
N LYS H 192 -23.30 -16.46 29.07
CA LYS H 192 -23.36 -17.22 27.82
C LYS H 192 -22.41 -16.54 26.83
N VAL H 193 -21.28 -17.20 26.55
CA VAL H 193 -20.29 -16.67 25.61
C VAL H 193 -20.67 -17.04 24.15
N ALA H 194 -20.13 -16.29 23.20
CA ALA H 194 -20.44 -16.47 21.78
C ALA H 194 -19.93 -17.83 21.28
N GLU H 195 -20.74 -18.55 20.51
CA GLU H 195 -20.30 -19.86 19.98
C GLU H 195 -19.04 -19.77 19.13
N GLN H 196 -18.84 -18.63 18.47
CA GLN H 196 -17.66 -18.40 17.65
C GLN H 196 -16.36 -18.24 18.45
N THR H 197 -16.46 -17.83 19.71
CA THR H 197 -15.25 -17.49 20.50
C THR H 197 -15.43 -17.85 21.98
N PRO H 198 -15.67 -19.13 22.30
CA PRO H 198 -15.93 -19.45 23.70
C PRO H 198 -14.68 -19.69 24.56
N LEU H 199 -13.52 -19.94 23.94
CA LEU H 199 -12.39 -20.54 24.68
C LEU H 199 -11.68 -19.65 25.73
N THR H 200 -11.33 -18.43 25.35
CA THR H 200 -10.63 -17.55 26.29
C THR H 200 -11.48 -17.26 27.54
N ALA H 201 -12.80 -17.14 27.37
CA ALA H 201 -13.71 -16.91 28.51
C ALA H 201 -13.75 -18.11 29.46
N LEU H 202 -13.71 -19.32 28.88
CA LEU H 202 -13.68 -20.54 29.67
C LEU H 202 -12.38 -20.66 30.45
N TYR H 203 -11.25 -20.28 29.82
CA TYR H 203 -9.97 -20.31 30.52
C TYR H 203 -9.95 -19.34 31.72
N VAL H 204 -10.49 -18.15 31.50
CA VAL H 204 -10.67 -17.17 32.59
C VAL H 204 -11.47 -17.74 33.76
N ALA H 205 -12.45 -18.61 33.48
CA ALA H 205 -13.24 -19.25 34.54
C ALA H 205 -12.35 -20.04 35.50
N ASN H 206 -11.36 -20.74 34.93
CA ASN H 206 -10.35 -21.40 35.72
C ASN H 206 -9.62 -20.44 36.65
N LEU H 207 -9.35 -19.25 36.13
CA LEU H 207 -8.66 -18.22 36.91
C LEU H 207 -9.57 -17.65 37.97
N ILE H 208 -10.86 -17.54 37.67
CA ILE H 208 -11.87 -17.15 38.66
C ILE H 208 -11.87 -18.11 39.85
N LYS H 209 -11.92 -19.41 39.56
CA LYS H 209 -11.71 -20.44 40.57
C LYS H 209 -10.38 -20.21 41.33
N GLU H 210 -9.29 -20.04 40.60
CA GLU H 210 -7.96 -19.88 41.23
C GLU H 210 -7.89 -18.63 42.12
N ALA H 211 -8.58 -17.55 41.69
CA ALA H 211 -8.59 -16.29 42.45
C ALA H 211 -9.31 -16.38 43.78
N GLY H 212 -10.15 -17.39 43.95
CA GLY H 212 -10.78 -17.64 45.24
C GLY H 212 -12.23 -17.21 45.31
N PHE H 213 -12.84 -16.91 44.15
CA PHE H 213 -14.28 -16.61 44.09
C PHE H 213 -15.12 -17.81 44.52
N PRO H 214 -16.08 -17.59 45.46
CA PRO H 214 -16.92 -18.71 45.89
C PRO H 214 -17.62 -19.42 44.73
N PRO H 215 -17.82 -20.74 44.85
CA PRO H 215 -18.55 -21.49 43.82
C PRO H 215 -19.95 -20.96 43.59
N GLY H 216 -20.31 -20.80 42.32
CA GLY H 216 -21.64 -20.32 41.94
C GLY H 216 -21.72 -18.84 41.66
N VAL H 217 -20.68 -18.08 42.05
CA VAL H 217 -20.65 -16.62 41.80
C VAL H 217 -20.48 -16.31 40.31
N VAL H 218 -19.62 -17.08 39.63
CA VAL H 218 -19.56 -17.01 38.16
C VAL H 218 -19.77 -18.40 37.56
N ASN H 219 -20.77 -18.46 36.68
CA ASN H 219 -21.09 -19.66 35.96
C ASN H 219 -21.09 -19.35 34.47
N ILE H 220 -20.39 -20.18 33.69
CA ILE H 220 -20.33 -19.97 32.24
C ILE H 220 -20.95 -21.13 31.44
N VAL H 221 -21.87 -20.77 30.54
CA VAL H 221 -22.57 -21.75 29.69
C VAL H 221 -22.31 -21.43 28.21
N PRO H 222 -21.34 -22.14 27.60
CA PRO H 222 -21.19 -22.03 26.16
C PRO H 222 -22.33 -22.76 25.45
N GLY H 223 -22.61 -22.38 24.21
CA GLY H 223 -23.72 -22.95 23.45
C GLY H 223 -24.28 -21.90 22.51
N PHE H 224 -25.39 -22.23 21.86
CA PHE H 224 -25.99 -21.37 20.85
C PHE H 224 -26.99 -20.36 21.43
N GLY H 225 -27.38 -19.39 20.62
CA GLY H 225 -28.20 -18.27 21.07
C GLY H 225 -29.66 -18.61 21.31
N PRO H 226 -30.36 -19.16 20.29
CA PRO H 226 -31.76 -19.57 20.44
C PRO H 226 -31.99 -20.61 21.55
N THR H 227 -30.92 -21.26 21.98
CA THR H 227 -31.02 -22.29 23.02
C THR H 227 -30.58 -21.75 24.39
N ALA H 228 -29.28 -21.66 24.62
CA ALA H 228 -28.76 -21.23 25.92
C ALA H 228 -29.00 -19.75 26.20
N GLY H 229 -28.84 -18.90 25.18
CA GLY H 229 -29.09 -17.47 25.32
C GLY H 229 -30.52 -17.14 25.66
N ALA H 230 -31.44 -17.80 24.94
CA ALA H 230 -32.87 -17.59 25.11
C ALA H 230 -33.34 -18.13 26.46
N ALA H 231 -32.80 -19.27 26.90
CA ALA H 231 -33.10 -19.81 28.22
C ALA H 231 -32.78 -18.84 29.39
N ILE H 232 -31.71 -18.06 29.24
CA ILE H 232 -31.29 -17.08 30.26
C ILE H 232 -32.23 -15.87 30.27
N ALA H 233 -32.53 -15.34 29.08
CA ALA H 233 -33.41 -14.18 28.92
C ALA H 233 -34.84 -14.45 29.39
N SER H 234 -35.30 -15.68 29.19
CA SER H 234 -36.63 -16.09 29.61
C SER H 234 -36.69 -16.75 31.00
N HIS H 235 -35.55 -16.87 31.69
CA HIS H 235 -35.54 -17.63 32.96
C HIS H 235 -36.34 -16.92 34.04
N GLU H 236 -37.16 -17.69 34.75
CA GLU H 236 -38.05 -17.15 35.79
C GLU H 236 -37.32 -16.71 37.06
N ASP H 237 -36.03 -17.07 37.18
CA ASP H 237 -35.28 -16.76 38.38
C ASP H 237 -33.98 -15.99 38.10
N VAL H 238 -33.90 -15.42 36.90
CA VAL H 238 -32.83 -14.49 36.56
C VAL H 238 -33.39 -13.08 36.76
N ASP H 239 -32.68 -12.30 37.55
CA ASP H 239 -33.15 -10.98 37.97
C ASP H 239 -32.90 -9.88 36.95
N LYS H 240 -31.85 -10.07 36.15
CA LYS H 240 -31.31 -9.00 35.31
C LYS H 240 -30.60 -9.66 34.15
N VAL H 241 -30.81 -9.16 32.95
CA VAL H 241 -30.06 -9.64 31.78
C VAL H 241 -29.32 -8.47 31.14
N ALA H 242 -28.04 -8.68 30.81
CA ALA H 242 -27.30 -7.74 29.98
C ALA H 242 -26.88 -8.43 28.69
N PHE H 243 -27.25 -7.83 27.57
CA PHE H 243 -26.99 -8.37 26.25
C PHE H 243 -26.18 -7.39 25.42
N ALA H 244 -25.13 -7.90 24.78
CA ALA H 244 -24.44 -7.16 23.72
C ALA H 244 -24.44 -8.00 22.44
N GLY H 245 -24.79 -7.36 21.33
CA GLY H 245 -24.96 -8.07 20.09
C GLY H 245 -25.79 -7.28 19.08
N SER H 246 -26.45 -7.99 18.18
CA SER H 246 -27.22 -7.34 17.12
C SER H 246 -28.48 -6.69 17.66
N THR H 247 -28.86 -5.57 17.06
CA THR H 247 -30.13 -4.88 17.34
C THR H 247 -31.33 -5.84 17.18
N GLU H 248 -31.21 -6.77 16.23
CA GLU H 248 -32.26 -7.75 15.97
C GLU H 248 -32.53 -8.66 17.18
N ILE H 249 -31.46 -9.21 17.77
CA ILE H 249 -31.57 -10.09 18.95
C ILE H 249 -31.87 -9.29 20.23
N GLY H 250 -31.45 -8.03 20.25
CA GLY H 250 -31.80 -7.11 21.33
C GLY H 250 -33.30 -7.04 21.56
N ARG H 251 -34.07 -7.00 20.46
CA ARG H 251 -35.53 -7.07 20.49
C ARG H 251 -36.02 -8.37 21.12
N VAL H 252 -35.44 -9.49 20.69
CA VAL H 252 -35.78 -10.81 21.21
C VAL H 252 -35.62 -10.88 22.74
N ILE H 253 -34.51 -10.33 23.25
CA ILE H 253 -34.19 -10.37 24.67
C ILE H 253 -35.20 -9.53 25.48
N GLN H 254 -35.51 -8.32 24.99
CA GLN H 254 -36.43 -7.46 25.69
C GLN H 254 -37.84 -8.04 25.75
N VAL H 255 -38.27 -8.59 24.61
CA VAL H 255 -39.56 -9.27 24.54
C VAL H 255 -39.59 -10.46 25.51
N ALA H 256 -38.49 -11.24 25.57
CA ALA H 256 -38.37 -12.40 26.46
C ALA H 256 -38.46 -12.01 27.93
N ALA H 257 -37.85 -10.88 28.27
CA ALA H 257 -37.85 -10.36 29.64
C ALA H 257 -39.27 -9.94 30.05
N GLY H 258 -39.94 -9.20 29.17
CA GLY H 258 -41.35 -8.83 29.38
C GLY H 258 -42.27 -10.03 29.49
N SER H 259 -42.02 -11.05 28.67
CA SER H 259 -42.84 -12.28 28.63
C SER H 259 -42.60 -13.25 29.76
N SER H 260 -41.48 -13.12 30.46
CA SER H 260 -41.16 -14.02 31.57
C SER H 260 -41.42 -13.37 32.93
N ASN H 261 -40.37 -12.88 33.60
CA ASN H 261 -40.48 -12.38 34.99
C ASN H 261 -40.20 -10.88 35.18
N LEU H 262 -40.35 -10.10 34.12
CA LEU H 262 -40.00 -8.67 34.10
C LEU H 262 -38.58 -8.37 34.63
N LYS H 263 -37.62 -9.27 34.36
CA LYS H 263 -36.22 -9.02 34.70
C LYS H 263 -35.74 -7.69 34.12
N ARG H 264 -34.78 -7.06 34.81
CA ARG H 264 -34.17 -5.82 34.36
CA ARG H 264 -34.19 -5.81 34.34
C ARG H 264 -33.27 -6.04 33.13
N VAL H 265 -33.31 -5.11 32.19
CA VAL H 265 -32.63 -5.29 30.92
C VAL H 265 -31.74 -4.09 30.54
N THR H 266 -30.48 -4.37 30.19
CA THR H 266 -29.65 -3.42 29.48
C THR H 266 -29.16 -4.05 28.19
N LEU H 267 -28.94 -3.21 27.18
CA LEU H 267 -28.62 -3.66 25.82
C LEU H 267 -27.50 -2.81 25.21
N GLU H 268 -26.56 -3.46 24.54
CA GLU H 268 -25.54 -2.77 23.78
C GLU H 268 -25.55 -3.37 22.39
N LEU H 269 -26.06 -2.61 21.43
CA LEU H 269 -26.38 -3.14 20.11
C LEU H 269 -25.50 -2.53 19.01
N GLY H 270 -25.95 -2.61 17.77
CA GLY H 270 -25.16 -2.10 16.65
C GLY H 270 -24.97 -0.59 16.58
N GLY H 271 -24.30 -0.17 15.52
CA GLY H 271 -24.15 1.23 15.20
C GLY H 271 -23.92 1.46 13.71
N LYS H 272 -24.02 2.73 13.32
CA LYS H 272 -23.59 3.18 12.01
C LYS H 272 -23.01 4.58 12.25
N SER H 273 -21.97 4.62 13.10
CA SER H 273 -21.45 5.86 13.65
C SER H 273 -20.83 6.84 12.64
N PRO H 274 -21.25 8.11 12.71
CA PRO H 274 -20.71 9.13 11.83
C PRO H 274 -19.38 9.67 12.34
N ASN H 275 -18.38 9.68 11.47
CA ASN H 275 -17.11 10.31 11.75
C ASN H 275 -17.01 11.50 10.84
N ILE H 276 -17.08 12.70 11.42
CA ILE H 276 -17.19 13.94 10.66
C ILE H 276 -15.88 14.73 10.59
N ILE H 277 -15.41 14.95 9.36
CA ILE H 277 -14.16 15.67 9.11
C ILE H 277 -14.46 17.06 8.58
N MET H 278 -14.26 18.07 9.42
CA MET H 278 -14.41 19.46 8.99
C MET H 278 -13.17 19.90 8.18
N SER H 279 -13.36 20.87 7.29
CA SER H 279 -12.28 21.34 6.41
C SER H 279 -11.06 21.90 7.15
N ASP H 280 -11.23 22.35 8.40
CA ASP H 280 -10.11 22.83 9.22
C ASP H 280 -9.39 21.75 10.04
N ALA H 281 -9.81 20.49 9.92
CA ALA H 281 -9.10 19.37 10.58
C ALA H 281 -7.63 19.27 10.17
N ASP H 282 -6.83 18.73 11.09
CA ASP H 282 -5.45 18.31 10.83
C ASP H 282 -5.55 17.07 9.92
N MET H 283 -5.10 17.22 8.67
CA MET H 283 -5.37 16.23 7.61
C MET H 283 -4.74 14.88 7.86
N ASP H 284 -3.43 14.87 8.12
CA ASP H 284 -2.69 13.62 8.34
C ASP H 284 -3.30 12.86 9.49
N TRP H 285 -3.60 13.58 10.57
CA TRP H 285 -4.23 13.02 11.76
C TRP H 285 -5.62 12.44 11.48
N ALA H 286 -6.48 13.21 10.82
CA ALA H 286 -7.84 12.80 10.45
C ALA H 286 -7.82 11.58 9.54
N VAL H 287 -6.92 11.58 8.55
CA VAL H 287 -6.78 10.47 7.62
C VAL H 287 -6.46 9.19 8.40
N GLU H 288 -5.44 9.25 9.24
CA GLU H 288 -5.03 8.11 10.08
C GLU H 288 -6.17 7.65 11.01
N GLN H 289 -6.81 8.58 11.71
CA GLN H 289 -7.85 8.19 12.68
C GLN H 289 -9.12 7.69 12.01
N ALA H 290 -9.46 8.25 10.85
CA ALA H 290 -10.64 7.77 10.10
C ALA H 290 -10.39 6.33 9.62
N HIS H 291 -9.14 6.01 9.34
CA HIS H 291 -8.75 4.66 8.96
C HIS H 291 -8.94 3.70 10.16
N PHE H 292 -8.33 4.06 11.29
CA PHE H 292 -8.45 3.32 12.53
C PHE H 292 -9.92 3.16 12.92
N ALA H 293 -10.68 4.23 12.77
CA ALA H 293 -12.08 4.28 13.23
C ALA H 293 -12.91 3.23 12.53
N LEU H 294 -12.59 2.98 11.26
CA LEU H 294 -13.36 2.04 10.47
C LEU H 294 -12.81 0.63 10.51
N PHE H 295 -11.51 0.49 10.28
CA PHE H 295 -10.85 -0.80 10.11
C PHE H 295 -10.47 -1.56 11.39
N PHE H 296 -10.41 -0.86 12.52
CA PHE H 296 -10.05 -1.50 13.80
C PHE H 296 -10.75 -2.85 14.00
N ASN H 297 -10.00 -3.83 14.48
CA ASN H 297 -10.56 -5.17 14.79
C ASN H 297 -11.27 -5.83 13.59
N GLN H 298 -10.68 -5.71 12.39
CA GLN H 298 -11.32 -6.22 11.16
C GLN H 298 -12.70 -5.57 10.85
N GLY H 299 -12.88 -4.31 11.25
CA GLY H 299 -14.16 -3.63 11.13
C GLY H 299 -15.25 -4.17 12.05
N GLN H 300 -14.90 -5.14 12.90
CA GLN H 300 -15.86 -5.79 13.80
C GLN H 300 -15.94 -5.06 15.15
N CYS H 301 -16.40 -3.80 15.09
N CYS H 301 -16.35 -3.79 15.05
CA CYS H 301 -16.51 -2.97 16.27
CA CYS H 301 -16.59 -2.93 16.20
C CYS H 301 -17.84 -2.21 16.25
C CYS H 301 -17.98 -2.38 16.14
N CYS H 302 -18.68 -2.46 17.26
CA CYS H 302 -20.01 -1.86 17.38
C CYS H 302 -20.02 -0.38 16.99
N CYS H 303 -18.97 0.33 17.35
CA CYS H 303 -18.92 1.78 17.17
C CYS H 303 -18.03 2.24 16.00
N ALA H 304 -17.77 1.34 15.03
CA ALA H 304 -16.97 1.69 13.85
C ALA H 304 -17.45 2.96 13.18
N GLY H 305 -16.51 3.82 12.82
CA GLY H 305 -16.80 5.03 12.07
C GLY H 305 -17.11 4.64 10.63
N SER H 306 -18.31 4.06 10.44
CA SER H 306 -18.72 3.45 9.16
C SER H 306 -19.42 4.45 8.21
N ARG H 307 -19.54 5.69 8.67
CA ARG H 307 -19.99 6.82 7.85
C ARG H 307 -19.02 7.98 7.98
N THR H 308 -18.07 8.06 7.04
CA THR H 308 -17.05 9.13 7.04
C THR H 308 -17.49 10.33 6.20
N PHE H 309 -18.01 11.34 6.88
CA PHE H 309 -18.41 12.61 6.25
C PHE H 309 -17.21 13.53 6.15
N VAL H 310 -16.94 14.00 4.94
CA VAL H 310 -15.77 14.83 4.69
C VAL H 310 -16.24 16.09 3.95
N GLN H 311 -15.90 17.25 4.51
N GLN H 311 -15.92 17.26 4.52
CA GLN H 311 -16.24 18.55 3.95
CA GLN H 311 -16.33 18.55 3.96
C GLN H 311 -15.70 18.65 2.52
C GLN H 311 -15.70 18.71 2.57
N GLU H 312 -16.49 19.20 1.62
CA GLU H 312 -16.17 19.18 0.18
C GLU H 312 -14.80 19.74 -0.24
N ASP H 313 -14.35 20.80 0.41
CA ASP H 313 -13.07 21.42 0.05
C ASP H 313 -11.82 20.57 0.35
N ILE H 314 -11.96 19.58 1.23
CA ILE H 314 -10.87 18.64 1.54
C ILE H 314 -11.15 17.19 1.07
N TYR H 315 -12.30 17.00 0.42
CA TYR H 315 -12.75 15.68 0.00
C TYR H 315 -11.74 14.92 -0.87
N ASP H 316 -11.37 15.48 -2.03
CA ASP H 316 -10.45 14.80 -2.95
C ASP H 316 -9.15 14.40 -2.26
N GLU H 317 -8.55 15.33 -1.53
CA GLU H 317 -7.30 15.05 -0.82
C GLU H 317 -7.44 13.98 0.23
N PHE H 318 -8.49 14.09 1.05
CA PHE H 318 -8.80 13.10 2.07
C PHE H 318 -8.94 11.71 1.45
N VAL H 319 -9.73 11.62 0.39
CA VAL H 319 -9.98 10.37 -0.35
C VAL H 319 -8.67 9.74 -0.84
N GLU H 320 -7.84 10.48 -1.60
CA GLU H 320 -6.59 9.86 -2.09
C GLU H 320 -5.69 9.35 -0.94
N ARG H 321 -5.61 10.13 0.13
CA ARG H 321 -4.82 9.73 1.30
C ARG H 321 -5.39 8.47 1.97
N SER H 322 -6.72 8.40 2.04
CA SER H 322 -7.39 7.26 2.68
C SER H 322 -7.21 5.99 1.86
N VAL H 323 -7.25 6.15 0.53
CA VAL H 323 -7.05 5.02 -0.39
C VAL H 323 -5.63 4.50 -0.24
N ALA H 324 -4.65 5.41 -0.23
CA ALA H 324 -3.26 5.03 -0.08
C ALA H 324 -3.09 4.25 1.22
N ARG H 325 -3.61 4.81 2.31
CA ARG H 325 -3.56 4.16 3.64
C ARG H 325 -4.27 2.79 3.70
N ALA H 326 -5.44 2.66 3.06
CA ALA H 326 -6.15 1.38 3.04
C ALA H 326 -5.37 0.30 2.27
N LYS H 327 -4.75 0.71 1.17
CA LYS H 327 -3.90 -0.17 0.37
C LYS H 327 -2.66 -0.66 1.14
N SER H 328 -2.15 0.16 2.05
N SER H 328 -2.15 0.16 2.05
CA SER H 328 -0.96 -0.19 2.86
CA SER H 328 -0.97 -0.18 2.87
C SER H 328 -1.26 -1.12 4.04
C SER H 328 -1.26 -1.13 4.03
N ARG H 329 -2.55 -1.34 4.31
CA ARG H 329 -2.97 -2.15 5.44
C ARG H 329 -2.62 -3.63 5.20
N VAL H 330 -1.73 -4.18 6.02
CA VAL H 330 -1.26 -5.55 5.85
C VAL H 330 -2.29 -6.55 6.37
N VAL H 331 -2.80 -7.37 5.45
CA VAL H 331 -3.71 -8.47 5.78
C VAL H 331 -2.91 -9.76 5.74
N GLY H 332 -3.04 -10.62 6.75
CA GLY H 332 -2.28 -11.86 6.78
C GLY H 332 -2.43 -12.65 8.07
N ASN H 333 -1.49 -13.57 8.27
CA ASN H 333 -1.46 -14.45 9.45
C ASN H 333 -1.44 -13.57 10.71
N PRO H 334 -2.49 -13.66 11.56
CA PRO H 334 -2.56 -12.79 12.76
C PRO H 334 -1.43 -13.06 13.77
N PHE H 335 -0.73 -14.18 13.60
CA PHE H 335 0.46 -14.42 14.42
C PHE H 335 1.73 -13.73 13.91
N ASP H 336 1.68 -13.17 12.70
CA ASP H 336 2.83 -12.44 12.16
C ASP H 336 2.87 -11.00 12.66
N SER H 337 4.01 -10.61 13.21
CA SER H 337 4.17 -9.29 13.84
C SER H 337 3.78 -8.12 12.93
N LYS H 338 3.93 -8.29 11.61
CA LYS H 338 3.62 -7.19 10.68
C LYS H 338 2.15 -7.13 10.22
N THR H 339 1.37 -8.16 10.56
CA THR H 339 -0.06 -8.20 10.21
C THR H 339 -0.88 -7.16 10.99
N GLU H 340 -1.61 -6.33 10.23
CA GLU H 340 -2.52 -5.32 10.81
C GLU H 340 -3.95 -5.82 10.81
N GLN H 341 -4.28 -6.69 9.86
CA GLN H 341 -5.65 -7.21 9.73
C GLN H 341 -5.71 -8.74 9.65
N GLY H 342 -6.43 -9.35 10.58
CA GLY H 342 -6.66 -10.79 10.57
C GLY H 342 -7.87 -11.20 9.74
N PRO H 343 -8.32 -12.46 9.86
CA PRO H 343 -9.54 -12.86 9.15
C PRO H 343 -10.79 -12.27 9.80
N GLN H 344 -11.91 -12.29 9.09
CA GLN H 344 -13.23 -12.10 9.68
C GLN H 344 -13.52 -13.32 10.57
N VAL H 345 -14.51 -13.23 11.46
CA VAL H 345 -14.67 -14.23 12.54
C VAL H 345 -15.12 -15.62 12.09
N ASP H 346 -16.01 -15.67 11.10
CA ASP H 346 -16.47 -16.94 10.56
C ASP H 346 -16.96 -16.77 9.13
N GLU H 347 -17.42 -17.88 8.54
CA GLU H 347 -17.86 -17.96 7.17
C GLU H 347 -19.12 -17.13 6.93
N THR H 348 -20.04 -17.16 7.89
CA THR H 348 -21.29 -16.39 7.81
C THR H 348 -20.99 -14.89 7.65
N GLN H 349 -20.12 -14.37 8.50
CA GLN H 349 -19.69 -12.97 8.45
C GLN H 349 -18.93 -12.65 7.17
N PHE H 350 -17.97 -13.51 6.84
CA PHE H 350 -17.20 -13.46 5.58
C PHE H 350 -18.14 -13.25 4.40
N LYS H 351 -19.16 -14.10 4.29
CA LYS H 351 -20.09 -14.02 3.15
C LYS H 351 -20.96 -12.78 3.24
N LYS H 352 -21.42 -12.47 4.45
CA LYS H 352 -22.24 -11.29 4.69
C LYS H 352 -21.58 -9.98 4.21
N ILE H 353 -20.31 -9.80 4.55
CA ILE H 353 -19.55 -8.61 4.19
C ILE H 353 -19.38 -8.54 2.68
N LEU H 354 -19.02 -9.68 2.08
CA LEU H 354 -18.87 -9.78 0.62
C LEU H 354 -20.16 -9.44 -0.11
N GLY H 355 -21.31 -9.77 0.49
CA GLY H 355 -22.62 -9.40 -0.04
C GLY H 355 -22.89 -7.90 0.01
N TYR H 356 -22.51 -7.26 1.12
CA TYR H 356 -22.55 -5.80 1.27
C TYR H 356 -21.67 -5.04 0.24
N ILE H 357 -20.48 -5.57 -0.02
CA ILE H 357 -19.61 -5.02 -1.06
C ILE H 357 -20.33 -5.06 -2.41
N ASN H 358 -20.95 -6.20 -2.70
CA ASN H 358 -21.73 -6.35 -3.92
C ASN H 358 -22.87 -5.32 -4.01
N THR H 359 -23.64 -5.18 -2.93
CA THR H 359 -24.72 -4.20 -2.83
C THR H 359 -24.16 -2.80 -3.08
N GLY H 360 -22.99 -2.53 -2.52
CA GLY H 360 -22.29 -1.25 -2.69
C GLY H 360 -21.97 -0.91 -4.13
N LYS H 361 -21.51 -1.90 -4.89
CA LYS H 361 -21.21 -1.72 -6.30
C LYS H 361 -22.49 -1.63 -7.11
N GLN H 362 -23.45 -2.52 -6.82
CA GLN H 362 -24.75 -2.55 -7.50
C GLN H 362 -25.55 -1.26 -7.34
N GLU H 363 -25.40 -0.59 -6.19
CA GLU H 363 -26.18 0.62 -5.90
C GLU H 363 -25.47 1.93 -6.26
N GLY H 364 -24.29 1.82 -6.87
CA GLY H 364 -23.66 2.99 -7.51
C GLY H 364 -22.60 3.74 -6.73
N ALA H 365 -22.08 3.14 -5.67
CA ALA H 365 -20.96 3.72 -4.93
C ALA H 365 -19.68 3.46 -5.71
N LYS H 366 -18.73 4.40 -5.63
CA LYS H 366 -17.45 4.28 -6.31
C LYS H 366 -16.48 3.41 -5.53
N LEU H 367 -16.15 2.24 -6.07
CA LEU H 367 -15.17 1.35 -5.46
C LEU H 367 -13.79 1.93 -5.72
N LEU H 368 -13.09 2.31 -4.65
CA LEU H 368 -11.77 2.95 -4.78
C LEU H 368 -10.59 2.02 -4.50
N CYS H 369 -10.82 0.96 -3.73
CA CYS H 369 -9.82 -0.10 -3.51
C CYS H 369 -10.46 -1.32 -2.84
N GLY H 370 -9.72 -2.43 -2.83
CA GLY H 370 -10.25 -3.73 -2.36
C GLY H 370 -11.51 -4.18 -3.09
N GLY H 371 -12.42 -4.79 -2.35
CA GLY H 371 -13.68 -5.26 -2.90
C GLY H 371 -13.78 -6.75 -3.05
N GLY H 372 -12.66 -7.45 -2.85
CA GLY H 372 -12.62 -8.90 -2.96
C GLY H 372 -11.96 -9.62 -1.79
N ILE H 373 -11.87 -10.94 -1.96
CA ILE H 373 -11.27 -11.83 -0.97
C ILE H 373 -9.75 -11.65 -0.99
N ALA H 374 -9.11 -11.74 0.17
CA ALA H 374 -7.67 -11.42 0.30
C ALA H 374 -6.74 -12.64 0.39
N ALA H 375 -7.31 -13.84 0.49
CA ALA H 375 -6.52 -15.06 0.62
C ALA H 375 -7.38 -16.24 0.23
N ASP H 376 -6.74 -17.37 0.00
CA ASP H 376 -7.43 -18.56 -0.49
C ASP H 376 -7.88 -19.49 0.63
N ARG H 377 -7.26 -19.35 1.79
CA ARG H 377 -7.64 -20.09 2.99
C ARG H 377 -7.92 -19.08 4.10
N GLY H 378 -9.00 -19.30 4.85
CA GLY H 378 -9.38 -18.39 5.94
C GLY H 378 -10.28 -17.27 5.45
N TYR H 379 -10.87 -16.51 6.38
CA TYR H 379 -11.88 -15.53 6.00
C TYR H 379 -11.32 -14.12 5.85
N PHE H 380 -10.35 -13.97 4.97
CA PHE H 380 -9.63 -12.70 4.79
C PHE H 380 -10.23 -11.83 3.68
N ILE H 381 -10.55 -10.59 4.02
CA ILE H 381 -11.20 -9.66 3.09
C ILE H 381 -10.32 -8.43 2.88
N GLN H 382 -10.18 -8.01 1.63
CA GLN H 382 -9.38 -6.84 1.30
C GLN H 382 -9.98 -5.57 1.91
N PRO H 383 -9.12 -4.73 2.52
CA PRO H 383 -9.59 -3.42 2.99
C PRO H 383 -10.21 -2.65 1.81
N THR H 384 -11.50 -2.38 1.92
CA THR H 384 -12.29 -1.83 0.83
C THR H 384 -12.77 -0.44 1.19
N VAL H 385 -12.73 0.47 0.21
CA VAL H 385 -13.18 1.84 0.39
C VAL H 385 -14.16 2.21 -0.72
N PHE H 386 -15.33 2.67 -0.31
CA PHE H 386 -16.31 3.23 -1.23
C PHE H 386 -16.34 4.75 -1.09
N GLY H 387 -16.33 5.44 -2.23
CA GLY H 387 -16.41 6.89 -2.26
C GLY H 387 -17.74 7.32 -2.84
N ASP H 388 -18.07 8.61 -2.69
CA ASP H 388 -19.32 9.17 -3.22
C ASP H 388 -20.59 8.48 -2.70
N VAL H 389 -20.51 8.02 -1.45
CA VAL H 389 -21.62 7.32 -0.82
C VAL H 389 -22.73 8.33 -0.50
N GLN H 390 -23.97 7.93 -0.76
CA GLN H 390 -25.16 8.75 -0.54
C GLN H 390 -25.95 8.13 0.60
N ASP H 391 -26.64 8.98 1.37
CA ASP H 391 -27.36 8.58 2.58
C ASP H 391 -28.32 7.41 2.41
N GLY H 392 -28.93 7.34 1.23
CA GLY H 392 -29.94 6.34 0.90
C GLY H 392 -29.39 4.97 0.53
N MET H 393 -28.09 4.87 0.30
CA MET H 393 -27.47 3.57 -0.04
C MET H 393 -27.47 2.60 1.13
N THR H 394 -27.67 1.32 0.83
CA THR H 394 -27.64 0.25 1.84
C THR H 394 -26.37 0.27 2.70
N ILE H 395 -25.22 0.48 2.06
CA ILE H 395 -23.95 0.52 2.77
C ILE H 395 -23.80 1.79 3.63
N ALA H 396 -24.63 2.80 3.36
CA ALA H 396 -24.69 4.01 4.20
C ALA H 396 -25.62 3.81 5.41
N LYS H 397 -26.42 2.74 5.38
CA LYS H 397 -27.50 2.55 6.35
C LYS H 397 -27.29 1.35 7.30
N GLU H 398 -26.86 0.21 6.75
CA GLU H 398 -26.76 -1.01 7.53
C GLU H 398 -25.36 -1.28 8.07
N GLU H 399 -25.32 -1.83 9.29
CA GLU H 399 -24.07 -2.21 9.91
C GLU H 399 -23.46 -3.36 9.10
N ILE H 400 -22.28 -3.09 8.55
CA ILE H 400 -21.56 -4.05 7.72
C ILE H 400 -20.72 -5.02 8.55
N PHE H 401 -20.06 -4.48 9.59
CA PHE H 401 -19.21 -5.24 10.52
C PHE H 401 -17.99 -5.87 9.85
N GLY H 402 -17.43 -5.12 8.90
CA GLY H 402 -16.24 -5.57 8.19
C GLY H 402 -15.45 -4.39 7.64
N PRO H 403 -14.29 -4.69 7.01
CA PRO H 403 -13.39 -3.65 6.52
C PRO H 403 -13.90 -2.98 5.24
N VAL H 404 -15.07 -2.33 5.35
CA VAL H 404 -15.71 -1.61 4.25
C VAL H 404 -15.98 -0.17 4.71
N MET H 405 -15.28 0.77 4.09
CA MET H 405 -15.34 2.18 4.46
C MET H 405 -16.26 2.96 3.51
N GLN H 406 -17.12 3.79 4.09
CA GLN H 406 -17.98 4.69 3.33
C GLN H 406 -17.50 6.12 3.52
N ILE H 407 -17.19 6.80 2.41
CA ILE H 407 -16.85 8.21 2.45
C ILE H 407 -17.93 9.01 1.74
N LEU H 408 -18.51 9.96 2.49
CA LEU H 408 -19.60 10.81 2.02
C LEU H 408 -19.13 12.27 1.99
N LYS H 409 -19.70 13.08 1.09
CA LYS H 409 -19.30 14.48 0.95
C LYS H 409 -20.38 15.39 1.54
N PHE H 410 -19.98 16.46 2.23
CA PHE H 410 -20.95 17.43 2.72
C PHE H 410 -20.45 18.87 2.58
N LYS H 411 -21.37 19.83 2.63
CA LYS H 411 -21.00 21.23 2.53
C LYS H 411 -20.95 21.96 3.90
N THR H 412 -22.06 21.91 4.65
CA THR H 412 -22.21 22.75 5.84
C THR H 412 -22.32 21.94 7.13
N ILE H 413 -22.01 22.63 8.23
CA ILE H 413 -22.05 22.01 9.55
C ILE H 413 -23.50 21.71 9.96
N GLU H 414 -24.43 22.58 9.57
CA GLU H 414 -25.85 22.33 9.83
C GLU H 414 -26.35 21.12 9.03
N GLU H 415 -25.92 21.02 7.77
CA GLU H 415 -26.29 19.87 6.95
C GLU H 415 -25.79 18.57 7.57
N VAL H 416 -24.53 18.55 7.99
CA VAL H 416 -23.92 17.30 8.43
C VAL H 416 -24.52 16.79 9.74
N VAL H 417 -24.90 17.72 10.63
CA VAL H 417 -25.65 17.37 11.85
C VAL H 417 -26.87 16.54 11.54
N GLY H 418 -27.70 17.07 10.63
CA GLY H 418 -28.94 16.42 10.22
C GLY H 418 -28.71 15.03 9.64
N ARG H 419 -27.71 14.91 8.78
CA ARG H 419 -27.42 13.65 8.09
C ARG H 419 -26.83 12.61 9.03
N ALA H 420 -25.89 13.07 9.86
CA ALA H 420 -25.33 12.24 10.92
C ALA H 420 -26.41 11.70 11.85
N ASN H 421 -27.36 12.55 12.24
CA ASN H 421 -28.43 12.15 13.18
C ASN H 421 -29.57 11.34 12.53
N ASN H 422 -29.62 11.35 11.21
CA ASN H 422 -30.69 10.65 10.50
C ASN H 422 -30.40 9.15 10.44
N SER H 423 -30.57 8.52 11.59
CA SER H 423 -30.20 7.13 11.74
C SER H 423 -31.00 6.60 12.90
N THR H 424 -31.42 5.34 12.85
CA THR H 424 -32.01 4.75 14.06
C THR H 424 -30.94 4.30 15.05
N TYR H 425 -29.67 4.34 14.63
CA TYR H 425 -28.54 4.02 15.51
C TYR H 425 -28.03 5.31 16.17
N GLY H 426 -27.33 5.17 17.29
CA GLY H 426 -26.78 6.32 18.00
C GLY H 426 -25.68 5.92 18.97
N LEU H 427 -24.83 4.99 18.58
CA LEU H 427 -23.86 4.44 19.55
C LEU H 427 -22.70 5.42 19.80
N ALA H 428 -22.12 5.92 18.73
CA ALA H 428 -20.99 6.82 18.83
C ALA H 428 -20.99 7.78 17.66
N ALA H 429 -20.10 8.78 17.72
CA ALA H 429 -19.86 9.75 16.64
C ALA H 429 -18.49 10.38 16.90
N ALA H 430 -17.94 11.03 15.87
CA ALA H 430 -16.74 11.84 16.05
C ALA H 430 -16.72 13.11 15.20
N VAL H 431 -15.95 14.08 15.68
CA VAL H 431 -15.74 15.36 15.02
C VAL H 431 -14.23 15.60 15.00
N PHE H 432 -13.71 15.86 13.79
CA PHE H 432 -12.33 16.36 13.63
C PHE H 432 -12.36 17.81 13.13
N THR H 433 -11.81 18.72 13.94
CA THR H 433 -11.80 20.18 13.68
C THR H 433 -10.78 20.84 14.60
N LYS H 434 -10.18 21.96 14.18
CA LYS H 434 -9.36 22.77 15.07
C LYS H 434 -10.15 23.79 15.91
N ASP H 435 -11.44 23.95 15.58
CA ASP H 435 -12.25 25.08 16.03
C ASP H 435 -13.05 24.74 17.31
N LEU H 436 -12.83 25.55 18.34
CA LEU H 436 -13.55 25.40 19.61
C LEU H 436 -15.07 25.37 19.44
N ASP H 437 -15.64 26.38 18.77
CA ASP H 437 -17.10 26.48 18.64
C ASP H 437 -17.66 25.35 17.76
N LYS H 438 -16.94 24.97 16.72
CA LYS H 438 -17.39 23.86 15.88
C LYS H 438 -17.47 22.57 16.68
N ALA H 439 -16.46 22.32 17.51
CA ALA H 439 -16.43 21.13 18.39
C ALA H 439 -17.59 21.08 19.40
N ASN H 440 -17.85 22.21 20.05
CA ASN H 440 -18.91 22.33 21.06
C ASN H 440 -20.30 22.25 20.40
N TYR H 441 -20.44 22.91 19.25
CA TYR H 441 -21.67 22.83 18.45
C TYR H 441 -21.98 21.37 18.12
N LEU H 442 -20.99 20.67 17.57
CA LEU H 442 -21.21 19.32 17.08
C LEU H 442 -21.40 18.30 18.21
N SER H 443 -20.55 18.35 19.24
CA SER H 443 -20.64 17.37 20.32
C SER H 443 -21.97 17.51 21.07
N GLN H 444 -22.49 18.72 21.17
CA GLN H 444 -23.84 18.89 21.77
C GLN H 444 -24.95 18.33 20.87
N ALA H 445 -24.87 18.62 19.57
CA ALA H 445 -25.93 18.33 18.59
C ALA H 445 -26.03 16.85 18.17
N LEU H 446 -24.91 16.15 18.16
CA LEU H 446 -24.90 14.76 17.70
C LEU H 446 -25.65 13.88 18.69
N GLN H 447 -26.49 12.99 18.15
CA GLN H 447 -27.37 12.15 18.95
C GLN H 447 -26.72 10.78 19.13
N ALA H 448 -25.68 10.75 19.97
CA ALA H 448 -24.88 9.54 20.17
C ALA H 448 -24.38 9.44 21.61
N GLY H 449 -24.18 8.20 22.09
CA GLY H 449 -23.73 7.94 23.45
C GLY H 449 -22.30 8.43 23.72
N THR H 450 -21.42 8.32 22.72
CA THR H 450 -20.06 8.86 22.81
C THR H 450 -19.75 9.72 21.59
N VAL H 451 -19.27 10.94 21.84
CA VAL H 451 -18.74 11.82 20.84
C VAL H 451 -17.25 12.01 21.10
N TRP H 452 -16.44 11.52 20.17
CA TRP H 452 -15.00 11.70 20.23
C TRP H 452 -14.64 12.95 19.47
N VAL H 453 -13.73 13.74 20.03
CA VAL H 453 -13.27 14.95 19.35
C VAL H 453 -11.78 14.82 18.99
N ASN H 454 -11.48 14.88 17.69
CA ASN H 454 -10.11 14.69 17.17
C ASN H 454 -9.45 13.37 17.62
N CYS H 455 -10.26 12.34 17.83
CA CYS H 455 -9.78 11.00 18.21
C CYS H 455 -10.89 9.99 17.90
N TYR H 456 -10.63 8.70 18.15
CA TYR H 456 -11.64 7.67 17.89
C TYR H 456 -11.37 6.45 18.71
N ASP H 457 -12.43 5.70 19.03
CA ASP H 457 -12.28 4.47 19.79
C ASP H 457 -11.41 4.70 21.03
N VAL H 458 -11.57 5.85 21.67
CA VAL H 458 -10.88 6.09 22.93
C VAL H 458 -11.76 5.59 24.05
N PHE H 459 -11.38 4.44 24.58
CA PHE H 459 -12.15 3.84 25.64
C PHE H 459 -11.34 3.91 26.91
N GLY H 460 -11.99 4.33 27.97
CA GLY H 460 -11.38 4.28 29.27
C GLY H 460 -12.37 3.62 30.19
N ALA H 461 -11.84 2.79 31.09
CA ALA H 461 -12.67 2.18 32.15
C ALA H 461 -13.46 3.25 32.90
N GLN H 462 -12.90 4.44 33.00
CA GLN H 462 -13.47 5.55 33.74
C GLN H 462 -14.71 6.16 33.09
N SER H 463 -14.84 6.06 31.77
CA SER H 463 -15.88 6.81 31.04
C SER H 463 -16.95 5.91 30.48
N PRO H 464 -18.23 6.27 30.69
CA PRO H 464 -19.28 5.36 30.27
C PRO H 464 -19.41 5.24 28.76
N PHE H 465 -19.97 4.12 28.33
CA PHE H 465 -20.17 3.82 26.93
C PHE H 465 -21.54 3.17 26.76
N GLY H 466 -22.30 3.63 25.78
CA GLY H 466 -23.59 3.01 25.48
C GLY H 466 -24.37 3.76 24.43
N GLY H 467 -25.43 3.15 23.92
CA GLY H 467 -26.17 3.73 22.78
C GLY H 467 -27.30 4.71 23.08
N TYR H 468 -27.55 5.59 22.12
CA TYR H 468 -28.81 6.32 21.99
C TYR H 468 -29.67 5.50 21.03
N LYS H 469 -30.97 5.78 21.01
CA LYS H 469 -31.88 5.18 20.03
C LYS H 469 -31.81 3.65 20.02
N MET H 470 -31.69 3.03 18.84
CA MET H 470 -31.70 1.57 18.75
C MET H 470 -30.30 0.93 18.83
N SER H 471 -29.31 1.72 19.27
CA SER H 471 -28.00 1.17 19.60
C SER H 471 -27.95 0.62 21.04
N GLY H 472 -29.06 0.68 21.76
CA GLY H 472 -29.14 0.10 23.10
C GLY H 472 -29.60 1.07 24.18
N SER H 473 -29.62 0.55 25.42
CA SER H 473 -29.95 1.36 26.59
C SER H 473 -29.06 0.98 27.77
N GLY H 474 -28.84 1.96 28.64
CA GLY H 474 -27.96 1.76 29.76
C GLY H 474 -26.53 2.04 29.39
N ARG H 475 -25.66 2.10 30.38
CA ARG H 475 -24.27 2.42 30.12
C ARG H 475 -23.35 1.44 30.82
N GLU H 476 -22.25 1.12 30.14
CA GLU H 476 -21.18 0.31 30.69
C GLU H 476 -19.99 1.20 30.92
N LEU H 477 -19.10 0.74 31.80
CA LEU H 477 -17.90 1.45 32.23
C LEU H 477 -18.23 2.68 33.10
N GLY H 478 -17.21 3.16 33.80
CA GLY H 478 -17.39 4.26 34.74
C GLY H 478 -18.26 3.95 35.94
N GLU H 479 -18.59 4.99 36.71
CA GLU H 479 -19.50 4.84 37.84
C GLU H 479 -20.89 4.38 37.34
N TYR H 480 -21.27 4.85 36.16
CA TYR H 480 -22.56 4.55 35.54
C TYR H 480 -22.77 3.05 35.29
N GLY H 481 -21.68 2.33 35.00
CA GLY H 481 -21.69 0.89 34.82
C GLY H 481 -22.22 0.09 35.98
N LEU H 482 -22.28 0.74 37.16
CA LEU H 482 -22.76 0.08 38.38
C LEU H 482 -24.29 0.22 38.62
N GLN H 483 -24.91 1.19 37.94
N GLN H 483 -24.93 1.19 37.99
CA GLN H 483 -26.34 1.50 38.13
CA GLN H 483 -26.36 1.43 38.21
C GLN H 483 -27.27 0.31 37.81
C GLN H 483 -27.19 0.18 37.90
N ALA H 484 -26.94 -0.44 36.75
CA ALA H 484 -27.74 -1.61 36.33
C ALA H 484 -27.56 -2.85 37.20
N TYR H 485 -26.54 -2.82 38.06
CA TYR H 485 -26.17 -3.94 38.92
C TYR H 485 -26.50 -3.67 40.39
N THR H 486 -27.31 -2.63 40.62
CA THR H 486 -27.72 -2.16 41.94
C THR H 486 -29.23 -2.17 42.02
N GLU H 487 -29.74 -2.70 43.12
CA GLU H 487 -31.16 -2.58 43.43
C GLU H 487 -31.24 -1.66 44.65
N VAL H 488 -32.08 -0.63 44.56
CA VAL H 488 -32.12 0.38 45.64
C VAL H 488 -33.21 0.04 46.64
N LYS H 489 -32.85 0.01 47.92
CA LYS H 489 -33.84 -0.20 48.99
C LYS H 489 -33.87 1.02 49.89
N THR H 490 -35.06 1.59 50.08
CA THR H 490 -35.25 2.70 51.02
C THR H 490 -35.64 2.12 52.36
N VAL H 491 -34.92 2.52 53.41
CA VAL H 491 -35.32 2.14 54.79
C VAL H 491 -35.72 3.45 55.48
N THR H 492 -36.96 3.49 56.00
CA THR H 492 -37.50 4.69 56.62
C THR H 492 -37.98 4.32 58.02
N VAL H 493 -37.32 4.94 59.01
CA VAL H 493 -37.44 4.57 60.41
C VAL H 493 -38.06 5.72 61.22
N LYS H 494 -39.13 5.43 61.96
CA LYS H 494 -39.70 6.37 62.94
C LYS H 494 -38.67 6.69 64.03
N VAL H 495 -38.42 7.98 64.26
CA VAL H 495 -37.53 8.43 65.34
C VAL H 495 -38.26 9.30 66.38
N PRO H 496 -37.78 9.32 67.64
CA PRO H 496 -38.44 10.20 68.61
C PRO H 496 -38.62 11.66 68.18
N GLN H 497 -37.56 12.28 67.66
CA GLN H 497 -37.65 13.66 67.27
C GLN H 497 -36.52 13.99 66.32
N LYS H 498 -36.90 14.22 65.07
CA LYS H 498 -35.94 14.55 64.02
C LYS H 498 -35.42 15.99 64.17
N ASN H 499 -34.09 16.12 64.09
CA ASN H 499 -33.41 17.42 64.06
C ASN H 499 -32.46 17.50 62.87
N SER H 500 -32.16 18.71 62.42
CA SER H 500 -31.13 18.90 61.36
C SER H 500 -29.77 18.37 61.80
#